data_9OSY
#
_entry.id   9OSY
#
_cell.length_a   1.00
_cell.length_b   1.00
_cell.length_c   1.00
_cell.angle_alpha   90.00
_cell.angle_beta   90.00
_cell.angle_gamma   90.00
#
_symmetry.space_group_name_H-M   'P 1'
#
loop_
_entity.id
_entity.type
_entity.pdbx_description
1 polymer 'DNA polymerase theta'
2 non-polymer (2P)-N-[5-(cyclopropylethynyl)-1,3,4-thiadiazol-2-yl]-2-[2-(difluoromethyl)-5-methoxypyridin-4-yl]-4-[(4-hydroxyoxan-4-yl)ethynyl]benzamide
#
_entity_poly.entity_id   1
_entity_poly.type   'polypeptide(L)'
_entity_poly.pdbx_seq_one_letter_code
;MNLLRRSGKRRRSESGSDSFSGSGGDSSASPQFLSGSVLSPPPGLGRCLKAAAAGECKPTVPDYERDKLLLANWGLPKAV
LEKYHSFGVKKMFEWQAECLLLGQVLEGKNLVYSAPTSAGKTLVAELLILKRVLEMRKKALFILPFVSVAKEKKYYLQSL
FQEVGIKVDGYMGSTSPSRHFSSLDIAVCTIERANGLINRLIEENKMDLLGMVVVDELHMLGDSHRGYLLELLLTKICYI
TRKSASCQADLASSLSNAVQIVGMSATLPNLELVASWLNAELYHTDFRPVPLLESVKVGNSIYDSSMKLVREFEPMLQVK
GDEDHVVSLCYETICDNHSVLLFCPSKKWCEKLADIIAREFYNLHHQAEGLVKPSECPPVILEQKELLEVMDQLRRLPSG
LDSVLQKTVPWGVAFHHAGLTFEERDIIEGAFRQGLIRVLAATSTLSSGVNLPARRVIIRTPIFGGRPLDILTYKQMVGR
AGRKGVDTVGESILICKNSEKSKGIALLQGSLKPVRSCLQRREGEEVTGSMIRAILEIIVGGVASTSQDMHTYAACTFLA
ASMKEGKQGIQRNQESVQLGAIEACVMWLLENEFIQSTEASDGTEGKVYHPTHLGSATLSSSLSPADTLDIFADLQRAMK
GFVLENDLHILYLVTPMFEDWTTIDWYRFFCLWEKLPTSMKRVAELVGVEEGFLARCVKGKVVARTERQHRQMAIHKRFF
TSLVLLDLISEVPLREINQKYGCNRGQIQSLQQSAAVYAGMITVFSNRLGWHNMELLLSQFQKRLTFGIQRELCDLVRVS
LLNAQRARVLYASGFHTVADLARANIVEVEVILKNAVPFKSARKAVDEEEEAVEERRNMRTIWVTGRKGLTEREAAALIV
EEARMILQQDLVEMGVQWNPCALL
;
_entity_poly.pdbx_strand_id   A,B,C,D
#
# COMPACT_ATOMS: atom_id res chain seq x y z
N GLY A 108 61.95 16.73 1.55
CA GLY A 108 60.50 16.72 1.48
C GLY A 108 59.96 17.62 0.39
N LYS A 109 60.67 17.65 -0.75
CA LYS A 109 60.31 18.49 -1.88
C LYS A 109 59.55 17.72 -2.96
N ASN A 110 58.75 16.74 -2.59
CA ASN A 110 58.03 15.92 -3.55
C ASN A 110 59.00 15.21 -4.49
N LEU A 111 58.47 14.33 -5.33
CA LEU A 111 59.30 13.60 -6.28
C LEU A 111 58.39 12.91 -7.29
N VAL A 112 58.85 12.81 -8.53
CA VAL A 112 58.14 12.09 -9.57
C VAL A 112 59.17 11.43 -10.47
N TYR A 113 59.23 10.10 -10.45
CA TYR A 113 60.23 9.36 -11.20
C TYR A 113 59.55 8.21 -11.93
N SER A 114 60.17 7.81 -13.04
CA SER A 114 59.66 6.73 -13.86
C SER A 114 60.79 5.77 -14.18
N ALA A 115 60.44 4.51 -14.38
CA ALA A 115 61.42 3.46 -14.69
C ALA A 115 60.69 2.19 -15.09
N PRO A 116 61.30 1.33 -15.90
CA PRO A 116 60.63 0.08 -16.27
C PRO A 116 60.44 -0.83 -15.08
N THR A 117 59.32 -1.55 -15.07
CA THR A 117 59.09 -2.53 -14.03
C THR A 117 60.04 -3.71 -14.16
N SER A 118 60.18 -4.47 -13.08
CA SER A 118 61.12 -5.58 -13.02
C SER A 118 62.56 -5.07 -12.86
N ALA A 119 62.71 -3.85 -12.32
CA ALA A 119 64.03 -3.27 -12.09
C ALA A 119 64.16 -2.71 -10.68
N GLY A 120 63.38 -3.22 -9.73
CA GLY A 120 63.42 -2.71 -8.38
C GLY A 120 63.09 -1.24 -8.30
N LYS A 121 62.09 -0.79 -9.06
CA LYS A 121 61.76 0.62 -9.13
C LYS A 121 61.02 1.12 -7.90
N THR A 122 60.48 0.22 -7.07
CA THR A 122 59.79 0.62 -5.86
C THR A 122 60.71 0.73 -4.65
N LEU A 123 61.99 0.34 -4.80
CA LEU A 123 62.90 0.38 -3.66
C LEU A 123 63.11 1.80 -3.17
N VAL A 124 63.24 2.76 -4.10
CA VAL A 124 63.41 4.15 -3.70
C VAL A 124 62.19 4.62 -2.92
N ALA A 125 60.99 4.22 -3.37
CA ALA A 125 59.78 4.59 -2.66
C ALA A 125 59.77 4.01 -1.25
N GLU A 126 60.10 2.72 -1.11
CA GLU A 126 60.13 2.13 0.23
C GLU A 126 61.12 2.85 1.12
N LEU A 127 62.29 3.18 0.58
CA LEU A 127 63.27 3.92 1.36
C LEU A 127 62.73 5.26 1.80
N LEU A 128 62.05 5.98 0.89
CA LEU A 128 61.53 7.29 1.25
C LEU A 128 60.47 7.21 2.34
N ILE A 129 59.56 6.24 2.23
CA ILE A 129 58.56 6.06 3.29
C ILE A 129 59.23 5.70 4.60
N LEU A 130 60.22 4.80 4.56
CA LEU A 130 60.91 4.45 5.81
C LEU A 130 61.51 5.69 6.46
N LYS A 131 62.27 6.47 5.69
CA LYS A 131 62.93 7.64 6.25
C LYS A 131 61.92 8.65 6.78
N ARG A 132 60.88 8.94 5.99
CA ARG A 132 59.90 9.95 6.42
C ARG A 132 59.16 9.50 7.66
N VAL A 133 58.68 8.25 7.69
CA VAL A 133 57.92 7.77 8.84
C VAL A 133 58.80 7.72 10.08
N LEU A 134 60.07 7.37 9.91
CA LEU A 134 60.95 7.29 11.08
C LEU A 134 61.37 8.66 11.58
N GLU A 135 61.56 9.63 10.69
CA GLU A 135 62.01 10.96 11.12
C GLU A 135 60.84 11.80 11.62
N MET A 136 59.86 12.08 10.74
CA MET A 136 58.77 12.97 11.09
C MET A 136 57.70 12.30 11.95
N ARG A 137 57.72 10.97 12.07
CA ARG A 137 56.71 10.25 12.83
C ARG A 137 55.31 10.59 12.33
N LYS A 138 55.16 10.71 11.01
CA LYS A 138 53.91 11.07 10.38
C LYS A 138 53.45 9.93 9.47
N LYS A 139 52.15 9.88 9.23
CA LYS A 139 51.58 8.82 8.42
C LYS A 139 52.12 8.91 6.99
N ALA A 140 51.83 7.88 6.20
CA ALA A 140 52.26 7.84 4.81
C ALA A 140 51.33 6.92 4.05
N LEU A 141 50.52 7.49 3.16
CA LEU A 141 49.68 6.69 2.28
C LEU A 141 50.52 6.07 1.18
N PHE A 142 50.01 4.96 0.62
CA PHE A 142 50.64 4.27 -0.50
C PHE A 142 49.52 3.87 -1.44
N ILE A 143 49.28 4.67 -2.48
CA ILE A 143 48.15 4.47 -3.37
C ILE A 143 48.53 3.48 -4.45
N LEU A 144 47.82 2.36 -4.50
CA LEU A 144 47.96 1.37 -5.54
C LEU A 144 46.69 1.34 -6.39
N PRO A 145 46.79 1.01 -7.68
CA PRO A 145 45.59 1.10 -8.52
C PRO A 145 44.57 0.01 -8.25
N PHE A 146 44.99 -1.22 -8.00
CA PHE A 146 44.10 -2.36 -7.92
C PHE A 146 44.21 -3.04 -6.56
N VAL A 147 43.15 -3.76 -6.21
CA VAL A 147 43.05 -4.36 -4.87
C VAL A 147 44.07 -5.48 -4.70
N SER A 148 44.32 -6.26 -5.76
CA SER A 148 45.24 -7.38 -5.64
C SER A 148 46.67 -6.90 -5.40
N VAL A 149 47.14 -5.97 -6.22
CA VAL A 149 48.47 -5.42 -6.03
C VAL A 149 48.54 -4.65 -4.73
N ALA A 150 47.43 -4.01 -4.34
CA ALA A 150 47.41 -3.31 -3.05
C ALA A 150 47.61 -4.28 -1.90
N LYS A 151 46.92 -5.42 -1.93
CA LYS A 151 47.11 -6.43 -0.88
C LYS A 151 48.53 -6.95 -0.87
N GLU A 152 49.08 -7.23 -2.05
CA GLU A 152 50.45 -7.73 -2.13
C GLU A 152 51.43 -6.74 -1.54
N LYS A 153 51.28 -5.46 -1.88
CA LYS A 153 52.15 -4.42 -1.34
C LYS A 153 51.97 -4.28 0.16
N LYS A 154 50.73 -4.37 0.64
CA LYS A 154 50.48 -4.27 2.08
C LYS A 154 51.21 -5.38 2.82
N TYR A 155 51.11 -6.61 2.31
CA TYR A 155 51.80 -7.73 2.97
C TYR A 155 53.31 -7.57 2.89
N TYR A 156 53.82 -7.11 1.74
CA TYR A 156 55.26 -6.90 1.62
C TYR A 156 55.75 -5.87 2.62
N LEU A 157 55.04 -4.74 2.73
CA LEU A 157 55.45 -3.69 3.67
C LEU A 157 55.33 -4.18 5.10
N GLN A 158 54.28 -4.94 5.41
CA GLN A 158 54.15 -5.50 6.76
C GLN A 158 55.35 -6.38 7.08
N SER A 159 55.71 -7.28 6.17
CA SER A 159 56.86 -8.16 6.42
C SER A 159 58.13 -7.36 6.58
N LEU A 160 58.32 -6.33 5.74
CA LEU A 160 59.57 -5.58 5.73
C LEU A 160 59.71 -4.64 6.92
N PHE A 161 58.60 -4.16 7.49
CA PHE A 161 58.66 -3.15 8.54
C PHE A 161 58.09 -3.63 9.87
N GLN A 162 57.75 -4.92 10.01
CA GLN A 162 57.27 -5.39 11.30
C GLN A 162 58.35 -5.30 12.38
N GLU A 163 59.62 -5.34 12.01
CA GLU A 163 60.71 -5.34 12.96
C GLU A 163 61.13 -3.93 13.40
N VAL A 164 60.55 -2.88 12.81
CA VAL A 164 60.88 -1.51 13.15
C VAL A 164 59.69 -0.81 13.81
N GLY A 165 58.73 -1.58 14.33
CA GLY A 165 57.60 -0.98 15.01
C GLY A 165 56.77 -0.05 14.14
N ILE A 166 56.58 -0.42 12.88
CA ILE A 166 55.77 0.37 11.94
C ILE A 166 54.54 -0.46 11.61
N LYS A 167 53.37 0.09 11.92
CA LYS A 167 52.11 -0.60 11.64
C LYS A 167 51.67 -0.29 10.22
N VAL A 168 51.45 -1.34 9.43
CA VAL A 168 51.02 -1.21 8.05
C VAL A 168 49.69 -1.93 7.91
N ASP A 169 48.66 -1.20 7.48
CA ASP A 169 47.33 -1.77 7.28
C ASP A 169 46.58 -0.85 6.34
N GLY A 170 46.14 -1.39 5.20
CA GLY A 170 45.61 -0.59 4.13
C GLY A 170 44.10 -0.60 4.03
N TYR A 171 43.58 0.41 3.33
CA TYR A 171 42.17 0.56 3.02
C TYR A 171 41.99 0.19 1.55
N MET A 172 41.65 -1.07 1.28
CA MET A 172 41.46 -1.54 -0.08
C MET A 172 40.23 -2.43 -0.17
N GLY A 173 39.65 -2.48 -1.36
CA GLY A 173 38.47 -3.32 -1.56
C GLY A 173 37.36 -2.95 -0.61
N SER A 174 36.74 -3.97 -0.03
CA SER A 174 35.71 -3.78 0.98
C SER A 174 36.27 -3.83 2.40
N THR A 175 37.58 -3.98 2.55
CA THR A 175 38.19 -4.11 3.86
C THR A 175 38.70 -2.76 4.37
N SER A 176 38.88 -2.68 5.68
CA SER A 176 39.45 -1.51 6.33
C SER A 176 40.22 -2.00 7.54
N PRO A 177 41.23 -1.26 7.99
CA PRO A 177 41.99 -1.71 9.17
C PRO A 177 41.09 -1.82 10.39
N SER A 178 41.37 -2.84 11.21
CA SER A 178 40.63 -3.07 12.43
C SER A 178 40.99 -2.09 13.53
N ARG A 179 42.01 -1.26 13.32
CA ARG A 179 42.48 -0.32 14.32
C ARG A 179 42.34 1.11 13.80
N HIS A 180 42.27 2.04 14.73
CA HIS A 180 42.07 3.44 14.37
C HIS A 180 43.21 3.93 13.48
N PHE A 181 42.88 4.83 12.56
CA PHE A 181 43.89 5.37 11.65
C PHE A 181 45.01 6.05 12.43
N SER A 182 44.73 6.51 13.65
CA SER A 182 45.78 7.13 14.45
C SER A 182 46.92 6.17 14.73
N SER A 183 46.60 4.91 15.04
CA SER A 183 47.64 3.93 15.32
C SER A 183 48.44 3.56 14.08
N LEU A 184 47.87 3.74 12.89
CA LEU A 184 48.55 3.36 11.66
C LEU A 184 49.79 4.21 11.44
N ASP A 185 50.77 3.63 10.76
CA ASP A 185 51.97 4.34 10.34
C ASP A 185 52.10 4.41 8.82
N ILE A 186 51.66 3.38 8.11
CA ILE A 186 51.57 3.39 6.66
C ILE A 186 50.22 2.81 6.28
N ALA A 187 49.50 3.49 5.38
CA ALA A 187 48.21 3.03 4.89
C ALA A 187 48.34 2.72 3.41
N VAL A 188 48.27 1.44 3.07
CA VAL A 188 48.38 1.01 1.66
C VAL A 188 46.95 0.92 1.14
N CYS A 189 46.44 2.04 0.64
CA CYS A 189 45.07 2.13 0.18
C CYS A 189 45.01 2.17 -1.34
N THR A 190 43.80 2.02 -1.86
CA THR A 190 43.53 2.11 -3.29
C THR A 190 43.17 3.55 -3.65
N ILE A 191 43.06 3.81 -4.95
CA ILE A 191 42.84 5.17 -5.42
C ILE A 191 41.54 5.72 -4.83
N GLU A 192 40.45 4.97 -4.96
CA GLU A 192 39.16 5.47 -4.48
C GLU A 192 39.18 5.63 -2.96
N ARG A 193 39.72 4.64 -2.26
CA ARG A 193 39.75 4.69 -0.81
C ARG A 193 40.80 5.67 -0.29
N ALA A 194 41.85 5.94 -1.06
CA ALA A 194 42.77 7.00 -0.69
C ALA A 194 42.12 8.36 -0.85
N ASN A 195 41.34 8.55 -1.91
CA ASN A 195 40.57 9.79 -2.03
C ASN A 195 39.60 9.95 -0.88
N GLY A 196 38.91 8.87 -0.50
CA GLY A 196 38.03 8.94 0.65
C GLY A 196 38.78 9.24 1.94
N LEU A 197 39.97 8.67 2.10
CA LEU A 197 40.78 8.94 3.28
C LEU A 197 41.16 10.41 3.35
N ILE A 198 41.58 10.99 2.23
CA ILE A 198 41.96 12.40 2.22
C ILE A 198 40.73 13.27 2.47
N ASN A 199 39.59 12.91 1.91
CA ASN A 199 38.37 13.67 2.18
C ASN A 199 38.02 13.64 3.66
N ARG A 200 38.14 12.47 4.30
CA ARG A 200 37.84 12.39 5.73
C ARG A 200 38.85 13.18 6.55
N LEU A 201 40.13 13.12 6.18
CA LEU A 201 41.14 13.89 6.89
C LEU A 201 40.85 15.39 6.78
N ILE A 202 40.47 15.85 5.59
CA ILE A 202 40.10 17.25 5.41
C ILE A 202 38.88 17.60 6.26
N GLU A 203 37.88 16.71 6.25
CA GLU A 203 36.66 16.97 7.02
C GLU A 203 36.96 17.08 8.50
N GLU A 204 37.83 16.23 9.03
CA GLU A 204 38.15 16.21 10.45
C GLU A 204 39.28 17.18 10.81
N ASN A 205 39.76 17.96 9.84
CA ASN A 205 40.77 18.98 10.10
C ASN A 205 42.00 18.38 10.77
N LYS A 206 42.38 17.19 10.33
CA LYS A 206 43.59 16.53 10.79
C LYS A 206 44.46 16.12 9.62
N MET A 207 44.49 16.96 8.59
CA MET A 207 45.32 16.69 7.42
C MET A 207 46.80 16.69 7.79
N ASP A 208 47.16 17.36 8.89
CA ASP A 208 48.56 17.48 9.27
C ASP A 208 49.16 16.17 9.74
N LEU A 209 48.34 15.15 10.00
CA LEU A 209 48.89 13.84 10.36
C LEU A 209 49.65 13.20 9.21
N LEU A 210 49.40 13.65 7.98
CA LEU A 210 49.98 13.02 6.79
C LEU A 210 51.38 13.55 6.54
N GLY A 211 52.30 12.63 6.26
CA GLY A 211 53.68 12.98 6.02
C GLY A 211 54.09 12.80 4.58
N MET A 212 53.45 11.85 3.89
CA MET A 212 53.76 11.61 2.48
C MET A 212 52.63 10.81 1.85
N VAL A 213 52.50 10.96 0.54
CA VAL A 213 51.51 10.23 -0.25
C VAL A 213 52.25 9.64 -1.45
N VAL A 214 52.67 8.39 -1.33
CA VAL A 214 53.37 7.71 -2.42
C VAL A 214 52.33 7.12 -3.37
N VAL A 215 52.42 7.49 -4.64
CA VAL A 215 51.49 7.04 -5.66
C VAL A 215 52.24 6.14 -6.63
N ASP A 216 51.76 4.92 -6.80
CA ASP A 216 52.33 3.97 -7.75
C ASP A 216 51.46 3.91 -8.99
N GLU A 217 52.10 3.61 -10.12
CA GLU A 217 51.41 3.56 -11.42
C GLU A 217 50.65 4.85 -11.68
N LEU A 218 51.41 5.96 -11.75
CA LEU A 218 50.83 7.28 -11.97
C LEU A 218 50.28 7.45 -13.37
N HIS A 219 50.64 6.58 -14.31
CA HIS A 219 50.11 6.69 -15.66
C HIS A 219 48.60 6.52 -15.71
N MET A 220 48.00 5.93 -14.67
CA MET A 220 46.55 5.81 -14.62
C MET A 220 45.87 7.16 -14.50
N LEU A 221 46.63 8.22 -14.21
CA LEU A 221 46.05 9.56 -14.17
C LEU A 221 45.34 9.90 -15.47
N GLY A 222 45.81 9.35 -16.59
CA GLY A 222 45.22 9.63 -17.88
C GLY A 222 43.89 8.94 -18.08
N ASP A 223 43.65 8.47 -19.30
CA ASP A 223 42.38 7.82 -19.63
C ASP A 223 42.09 6.67 -18.68
N SER A 224 41.04 6.79 -17.88
CA SER A 224 40.62 5.76 -16.94
C SER A 224 39.40 6.27 -16.19
N HIS A 225 38.63 5.34 -15.64
CA HIS A 225 37.49 5.67 -14.80
C HIS A 225 37.86 5.93 -13.35
N ARG A 226 39.11 5.64 -12.96
CA ARG A 226 39.59 5.90 -11.62
C ARG A 226 40.76 6.87 -11.56
N GLY A 227 41.31 7.27 -12.71
CA GLY A 227 42.42 8.22 -12.70
C GLY A 227 42.01 9.60 -12.22
N TYR A 228 40.78 10.03 -12.53
CA TYR A 228 40.34 11.35 -12.08
C TYR A 228 40.29 11.43 -10.56
N LEU A 229 40.02 10.30 -9.89
CA LEU A 229 40.11 10.29 -8.43
C LEU A 229 41.54 10.57 -7.99
N LEU A 230 42.52 9.99 -8.68
CA LEU A 230 43.92 10.28 -8.37
C LEU A 230 44.23 11.75 -8.59
N GLU A 231 43.73 12.31 -9.69
CA GLU A 231 43.98 13.73 -9.97
C GLU A 231 43.38 14.61 -8.88
N LEU A 232 42.14 14.33 -8.48
CA LEU A 232 41.51 15.11 -7.41
C LEU A 232 42.27 14.96 -6.11
N LEU A 233 42.69 13.75 -5.77
CA LEU A 233 43.45 13.51 -4.56
C LEU A 233 44.73 14.36 -4.55
N LEU A 234 45.53 14.26 -5.62
CA LEU A 234 46.78 15.00 -5.66
C LEU A 234 46.54 16.50 -5.69
N THR A 235 45.47 16.95 -6.37
CA THR A 235 45.15 18.36 -6.39
C THR A 235 44.82 18.87 -5.00
N LYS A 236 44.05 18.10 -4.23
CA LYS A 236 43.76 18.50 -2.85
C LYS A 236 45.04 18.56 -2.03
N ILE A 237 45.92 17.57 -2.19
CA ILE A 237 47.18 17.60 -1.46
C ILE A 237 47.93 18.89 -1.77
N CYS A 238 48.05 19.21 -3.06
CA CYS A 238 48.81 20.40 -3.47
C CYS A 238 48.16 21.67 -2.94
N TYR A 239 46.84 21.78 -3.07
CA TYR A 239 46.14 22.99 -2.63
C TYR A 239 46.31 23.19 -1.13
N ILE A 240 46.09 22.15 -0.33
CA ILE A 240 46.21 22.29 1.11
C ILE A 240 47.66 22.63 1.48
N THR A 241 48.62 21.97 0.83
CA THR A 241 50.02 22.23 1.14
C THR A 241 50.39 23.68 0.86
N ARG A 242 49.93 24.22 -0.28
CA ARG A 242 50.33 25.58 -0.66
C ARG A 242 49.61 26.61 0.20
N LYS A 243 48.32 26.40 0.47
CA LYS A 243 47.57 27.36 1.28
C LYS A 243 48.12 27.42 2.70
N SER A 244 48.56 26.29 3.24
CA SER A 244 49.10 26.22 4.59
C SER A 244 50.43 25.49 4.53
N ALA A 245 51.52 26.24 4.68
CA ALA A 245 52.86 25.65 4.63
C ALA A 245 53.29 25.14 6.01
N SER A 256 57.57 23.32 3.37
CA SER A 256 58.92 22.81 3.16
C SER A 256 58.96 21.31 3.40
N ASN A 257 58.33 20.86 4.48
CA ASN A 257 58.28 19.45 4.86
C ASN A 257 56.87 19.07 5.28
N ALA A 258 55.87 19.55 4.54
CA ALA A 258 54.47 19.36 4.94
C ALA A 258 53.96 17.99 4.51
N VAL A 259 53.97 17.73 3.20
CA VAL A 259 53.46 16.47 2.65
C VAL A 259 54.23 16.18 1.37
N GLN A 260 55.04 15.14 1.38
CA GLN A 260 55.82 14.76 0.21
C GLN A 260 54.98 13.84 -0.69
N ILE A 261 55.18 13.98 -1.99
CA ILE A 261 54.50 13.16 -2.99
C ILE A 261 55.55 12.48 -3.84
N VAL A 262 55.46 11.16 -3.93
CA VAL A 262 56.35 10.35 -4.77
C VAL A 262 55.51 9.70 -5.85
N GLY A 263 56.02 9.69 -7.07
CA GLY A 263 55.28 9.13 -8.19
C GLY A 263 56.02 7.99 -8.88
N MET A 264 55.27 7.17 -9.61
CA MET A 264 55.85 6.06 -10.35
C MET A 264 55.03 5.83 -11.61
N SER A 265 55.70 5.33 -12.65
CA SER A 265 55.00 4.99 -13.88
C SER A 265 55.96 4.35 -14.88
N ALA A 266 55.44 3.92 -16.02
CA ALA A 266 56.27 3.48 -17.13
C ALA A 266 56.79 4.71 -17.86
N THR A 267 57.35 4.53 -19.06
CA THR A 267 57.84 5.67 -19.83
C THR A 267 56.68 6.60 -20.17
N LEU A 268 56.66 7.79 -19.57
CA LEU A 268 55.58 8.74 -19.77
C LEU A 268 56.03 9.86 -20.70
N PRO A 269 55.33 10.09 -21.82
CA PRO A 269 55.76 11.16 -22.73
C PRO A 269 55.80 12.53 -22.07
N ASN A 270 54.91 12.80 -21.12
CA ASN A 270 54.83 14.09 -20.44
C ASN A 270 55.05 13.91 -18.94
N LEU A 271 56.05 13.12 -18.57
CA LEU A 271 56.40 12.97 -17.17
C LEU A 271 56.85 14.28 -16.56
N GLU A 272 57.60 15.08 -17.32
CA GLU A 272 58.01 16.40 -16.85
C GLU A 272 56.80 17.29 -16.58
N LEU A 273 55.74 17.15 -17.38
CA LEU A 273 54.52 17.90 -17.12
C LEU A 273 53.93 17.52 -15.77
N VAL A 274 53.92 16.22 -15.47
CA VAL A 274 53.40 15.78 -14.17
C VAL A 274 54.25 16.33 -13.04
N ALA A 275 55.58 16.29 -13.20
CA ALA A 275 56.46 16.82 -12.16
C ALA A 275 56.22 18.31 -11.96
N SER A 276 56.04 19.06 -13.05
CA SER A 276 55.75 20.49 -12.93
C SER A 276 54.42 20.72 -12.23
N TRP A 277 53.42 19.91 -12.56
CA TRP A 277 52.11 20.04 -11.92
C TRP A 277 52.23 19.81 -10.42
N LEU A 278 52.99 18.79 -10.02
CA LEU A 278 53.20 18.49 -8.61
C LEU A 278 54.36 19.27 -8.02
N ASN A 279 55.05 20.08 -8.81
CA ASN A 279 56.21 20.84 -8.33
C ASN A 279 57.23 19.90 -7.68
N ALA A 280 57.60 18.86 -8.43
CA ALA A 280 58.46 17.80 -7.93
C ALA A 280 59.62 17.58 -8.88
N GLU A 281 60.57 16.75 -8.44
CA GLU A 281 61.74 16.43 -9.25
C GLU A 281 61.32 15.55 -10.43
N LEU A 282 62.29 15.19 -11.25
CA LEU A 282 62.06 14.36 -12.43
C LEU A 282 63.22 13.40 -12.59
N TYR A 283 62.92 12.10 -12.69
CA TYR A 283 63.94 11.09 -12.95
C TYR A 283 63.34 10.04 -13.86
N HIS A 284 63.87 9.91 -15.06
CA HIS A 284 63.42 8.94 -16.05
C HIS A 284 64.61 8.13 -16.51
N THR A 285 64.51 6.81 -16.41
CA THR A 285 65.60 5.93 -16.81
C THR A 285 65.02 4.66 -17.40
N ASP A 286 65.61 4.22 -18.51
CA ASP A 286 65.26 2.94 -19.14
C ASP A 286 66.39 1.97 -18.83
N PHE A 287 66.31 1.34 -17.66
CA PHE A 287 67.31 0.35 -17.25
C PHE A 287 66.59 -0.81 -16.57
N ARG A 288 66.84 -2.01 -17.08
CA ARG A 288 66.32 -3.23 -16.51
C ARG A 288 67.44 -4.27 -16.47
N PRO A 289 67.58 -5.02 -15.37
CA PRO A 289 68.67 -6.00 -15.31
C PRO A 289 68.61 -7.05 -16.40
N VAL A 290 67.41 -7.40 -16.87
CA VAL A 290 67.24 -8.42 -17.90
C VAL A 290 66.82 -7.73 -19.19
N PRO A 291 67.76 -7.17 -19.96
CA PRO A 291 67.37 -6.41 -21.16
C PRO A 291 66.40 -7.18 -22.03
N LEU A 292 65.25 -6.58 -22.29
CA LEU A 292 64.20 -7.24 -23.06
C LEU A 292 64.54 -7.22 -24.55
N LEU A 293 64.24 -8.33 -25.23
CA LEU A 293 64.47 -8.48 -26.66
C LEU A 293 63.14 -8.76 -27.33
N GLU A 294 62.43 -7.70 -27.71
CA GLU A 294 61.20 -7.85 -28.48
C GLU A 294 61.53 -8.41 -29.85
N SER A 295 60.69 -9.33 -30.33
CA SER A 295 60.90 -9.92 -31.65
C SER A 295 59.56 -10.43 -32.17
N VAL A 296 59.15 -9.91 -33.32
CA VAL A 296 57.93 -10.36 -33.98
C VAL A 296 58.30 -11.28 -35.12
N LYS A 297 57.64 -12.43 -35.21
CA LYS A 297 57.89 -13.42 -36.25
C LYS A 297 56.56 -13.88 -36.83
N VAL A 298 56.60 -14.27 -38.10
CA VAL A 298 55.41 -14.74 -38.81
C VAL A 298 55.80 -15.74 -39.87
N ASP A 324 53.26 -24.94 -38.88
CA ASP A 324 54.34 -25.86 -38.57
C ASP A 324 55.29 -25.25 -37.54
N HIS A 325 56.16 -26.09 -36.97
CA HIS A 325 57.20 -25.71 -36.03
C HIS A 325 56.64 -25.31 -34.66
N VAL A 326 55.32 -25.27 -34.49
CA VAL A 326 54.76 -24.86 -33.21
C VAL A 326 55.08 -25.88 -32.12
N VAL A 327 54.93 -27.16 -32.42
CA VAL A 327 55.26 -28.20 -31.45
C VAL A 327 56.74 -28.15 -31.11
N SER A 328 57.58 -28.01 -32.13
CA SER A 328 59.02 -27.92 -31.88
C SER A 328 59.35 -26.69 -31.04
N LEU A 329 58.70 -25.55 -31.32
CA LEU A 329 58.95 -24.35 -30.54
C LEU A 329 58.53 -24.54 -29.09
N CYS A 330 57.37 -25.14 -28.84
CA CYS A 330 56.95 -25.40 -27.48
C CYS A 330 57.92 -26.34 -26.76
N TYR A 331 58.36 -27.39 -27.45
CA TYR A 331 59.28 -28.36 -26.84
C TYR A 331 60.61 -27.71 -26.49
N GLU A 332 61.15 -26.89 -27.41
CA GLU A 332 62.44 -26.26 -27.15
C GLU A 332 62.33 -25.16 -26.10
N THR A 333 61.17 -24.49 -26.03
CA THR A 333 60.98 -23.48 -24.98
C THR A 333 60.87 -24.11 -23.61
N ILE A 334 60.09 -25.18 -23.48
CA ILE A 334 59.91 -25.81 -22.18
C ILE A 334 61.19 -26.54 -21.76
N CYS A 335 61.88 -27.17 -22.71
CA CYS A 335 63.09 -27.93 -22.38
C CYS A 335 64.17 -27.06 -21.78
N ASP A 336 64.11 -25.74 -21.98
CA ASP A 336 65.10 -24.83 -21.43
C ASP A 336 64.96 -24.62 -19.93
N ASN A 337 63.92 -25.20 -19.30
CA ASN A 337 63.72 -25.08 -17.85
C ASN A 337 63.27 -23.67 -17.47
N HIS A 338 62.44 -23.06 -18.31
CA HIS A 338 61.94 -21.71 -18.08
C HIS A 338 60.43 -21.69 -18.24
N SER A 339 59.79 -20.76 -17.54
CA SER A 339 58.34 -20.63 -17.61
C SER A 339 57.93 -19.79 -18.81
N VAL A 340 56.64 -19.86 -19.14
CA VAL A 340 56.08 -19.13 -20.28
C VAL A 340 54.73 -18.55 -19.86
N LEU A 341 54.48 -17.32 -20.28
CA LEU A 341 53.24 -16.62 -19.96
C LEU A 341 52.58 -16.18 -21.26
N LEU A 342 51.43 -16.77 -21.56
CA LEU A 342 50.67 -16.44 -22.75
C LEU A 342 49.55 -15.46 -22.40
N PHE A 343 49.25 -14.55 -23.32
CA PHE A 343 48.21 -13.55 -23.15
C PHE A 343 47.20 -13.69 -24.28
N CYS A 344 46.04 -14.24 -23.97
CA CYS A 344 45.00 -14.47 -24.97
C CYS A 344 43.84 -13.51 -24.75
N PRO A 345 43.11 -13.15 -25.81
CA PRO A 345 42.09 -12.10 -25.65
C PRO A 345 40.85 -12.58 -24.93
N SER A 346 40.36 -13.78 -25.23
CA SER A 346 39.09 -14.26 -24.70
C SER A 346 39.33 -15.20 -23.52
N LYS A 347 38.38 -15.20 -22.59
CA LYS A 347 38.41 -16.17 -21.49
C LYS A 347 38.31 -17.59 -22.02
N LYS A 348 37.34 -17.84 -22.90
CA LYS A 348 37.16 -19.18 -23.46
C LYS A 348 38.38 -19.61 -24.27
N TRP A 349 38.94 -18.69 -25.05
CA TRP A 349 40.11 -19.04 -25.85
C TRP A 349 41.32 -19.30 -24.97
N CYS A 350 41.47 -18.55 -23.88
CA CYS A 350 42.53 -18.85 -22.93
C CYS A 350 42.38 -20.24 -22.36
N GLU A 351 41.16 -20.58 -21.91
CA GLU A 351 40.92 -21.92 -21.37
C GLU A 351 41.25 -22.98 -22.41
N LYS A 352 40.77 -22.81 -23.64
CA LYS A 352 40.96 -23.83 -24.66
C LYS A 352 42.43 -23.97 -25.03
N LEU A 353 43.15 -22.85 -25.13
CA LEU A 353 44.57 -22.91 -25.47
C LEU A 353 45.36 -23.61 -24.37
N ALA A 354 45.07 -23.32 -23.11
CA ALA A 354 45.70 -24.06 -22.03
C ALA A 354 45.37 -25.55 -22.15
N ASP A 355 44.14 -25.87 -22.52
CA ASP A 355 43.74 -27.26 -22.66
C ASP A 355 44.56 -27.97 -23.74
N ILE A 356 44.71 -27.34 -24.91
CA ILE A 356 45.46 -27.98 -25.99
C ILE A 356 46.93 -28.09 -25.62
N ILE A 357 47.49 -27.09 -24.92
CA ILE A 357 48.90 -27.20 -24.54
C ILE A 357 49.10 -28.35 -23.56
N ALA A 358 48.20 -28.50 -22.59
CA ALA A 358 48.29 -29.62 -21.66
C ALA A 358 48.14 -30.94 -22.40
N ARG A 359 47.22 -31.00 -23.36
CA ARG A 359 47.03 -32.21 -24.15
C ARG A 359 48.30 -32.56 -24.91
N GLU A 360 48.95 -31.57 -25.52
CA GLU A 360 50.16 -31.83 -26.29
C GLU A 360 51.30 -32.29 -25.38
N PHE A 361 51.42 -31.69 -24.19
CA PHE A 361 52.42 -32.15 -23.24
C PHE A 361 52.15 -33.60 -22.82
N TYR A 362 50.88 -33.95 -22.62
CA TYR A 362 50.56 -35.33 -22.27
C TYR A 362 50.91 -36.28 -23.39
N ASN A 363 50.55 -35.94 -24.63
CA ASN A 363 50.87 -36.81 -25.76
C ASN A 363 52.37 -36.99 -25.93
N LEU A 364 53.13 -35.90 -25.77
CA LEU A 364 54.57 -35.98 -25.95
C LEU A 364 55.28 -36.57 -24.75
N HIS A 365 54.56 -36.85 -23.66
CA HIS A 365 55.16 -37.49 -22.49
C HIS A 365 55.29 -39.00 -22.72
N GLU A 383 58.01 -30.31 -10.08
CA GLU A 383 58.09 -31.54 -9.29
C GLU A 383 56.69 -32.11 -9.05
N GLN A 384 56.58 -33.43 -9.12
CA GLN A 384 55.28 -34.08 -8.99
C GLN A 384 54.69 -33.87 -7.60
N LYS A 385 55.52 -33.95 -6.56
CA LYS A 385 55.01 -33.76 -5.20
C LYS A 385 54.45 -32.36 -5.01
N GLU A 386 55.18 -31.35 -5.48
CA GLU A 386 54.71 -29.97 -5.31
C GLU A 386 53.49 -29.69 -6.18
N LEU A 387 53.45 -30.27 -7.38
CA LEU A 387 52.27 -30.11 -8.22
C LEU A 387 51.05 -30.77 -7.58
N LEU A 388 51.24 -31.94 -6.95
CA LEU A 388 50.14 -32.57 -6.22
C LEU A 388 49.71 -31.71 -5.04
N GLU A 389 50.68 -31.06 -4.36
CA GLU A 389 50.33 -30.15 -3.29
C GLU A 389 49.47 -29.00 -3.81
N VAL A 390 49.83 -28.43 -4.95
CA VAL A 390 49.03 -27.36 -5.55
C VAL A 390 47.65 -27.87 -5.91
N MET A 391 47.58 -29.09 -6.48
CA MET A 391 46.30 -29.66 -6.86
C MET A 391 45.41 -29.83 -5.64
N ASP A 392 45.96 -30.33 -4.53
CA ASP A 392 45.19 -30.51 -3.31
C ASP A 392 44.75 -29.16 -2.75
N GLN A 393 45.62 -28.15 -2.81
CA GLN A 393 45.23 -26.81 -2.37
C GLN A 393 44.03 -26.31 -3.17
N LEU A 394 44.06 -26.51 -4.49
CA LEU A 394 42.94 -26.11 -5.32
C LEU A 394 41.69 -26.93 -5.00
N ARG A 395 41.87 -28.18 -4.58
CA ARG A 395 40.73 -29.07 -4.39
C ARG A 395 39.78 -28.55 -3.31
N ARG A 396 40.33 -28.23 -2.13
CA ARG A 396 39.49 -27.88 -0.98
C ARG A 396 39.22 -26.38 -0.98
N LEU A 397 38.48 -25.93 -1.96
CA LEU A 397 38.05 -24.55 -2.07
C LEU A 397 36.52 -24.53 -2.16
N PRO A 398 35.89 -23.41 -1.76
CA PRO A 398 34.43 -23.37 -1.82
C PRO A 398 33.87 -23.63 -3.20
N SER A 399 34.58 -23.20 -4.24
CA SER A 399 34.17 -23.47 -5.62
C SER A 399 34.70 -24.80 -6.13
N GLY A 400 35.37 -25.57 -5.30
CA GLY A 400 35.89 -26.85 -5.74
C GLY A 400 37.02 -26.67 -6.74
N LEU A 401 37.14 -27.64 -7.64
CA LEU A 401 38.18 -27.66 -8.65
C LEU A 401 37.55 -27.71 -10.04
N ASP A 402 38.13 -26.94 -10.95
CA ASP A 402 37.64 -26.90 -12.33
C ASP A 402 38.16 -28.11 -13.09
N SER A 403 37.26 -28.78 -13.81
CA SER A 403 37.65 -30.00 -14.54
C SER A 403 38.72 -29.71 -15.58
N VAL A 404 38.54 -28.63 -16.35
CA VAL A 404 39.56 -28.24 -17.31
C VAL A 404 40.86 -27.92 -16.58
N LEU A 405 40.76 -27.17 -15.47
CA LEU A 405 41.94 -26.92 -14.65
C LEU A 405 42.48 -28.21 -14.05
N GLN A 406 41.58 -29.14 -13.74
CA GLN A 406 42.03 -30.43 -13.19
C GLN A 406 42.92 -31.17 -14.18
N LYS A 407 42.52 -31.20 -15.46
CA LYS A 407 43.29 -31.93 -16.44
C LYS A 407 44.43 -31.12 -17.04
N THR A 408 44.48 -29.81 -16.78
CA THR A 408 45.58 -28.98 -17.25
C THR A 408 46.69 -28.80 -16.22
N VAL A 409 46.35 -28.68 -14.94
CA VAL A 409 47.36 -28.35 -13.92
C VAL A 409 48.45 -29.41 -13.82
N PRO A 410 48.15 -30.71 -13.76
CA PRO A 410 49.19 -31.69 -13.42
C PRO A 410 50.22 -31.90 -14.52
N TRP A 411 50.17 -31.08 -15.58
CA TRP A 411 51.16 -31.11 -16.65
C TRP A 411 52.00 -29.84 -16.69
N GLY A 412 51.99 -29.06 -15.62
CA GLY A 412 52.73 -27.81 -15.61
C GLY A 412 52.10 -26.71 -16.43
N VAL A 413 50.84 -26.86 -16.81
CA VAL A 413 50.12 -25.90 -17.64
C VAL A 413 48.86 -25.48 -16.90
N ALA A 414 48.50 -24.21 -17.02
CA ALA A 414 47.29 -23.73 -16.37
C ALA A 414 46.81 -22.46 -17.06
N PHE A 415 45.63 -22.00 -16.64
CA PHE A 415 45.02 -20.79 -17.17
C PHE A 415 44.61 -19.88 -16.03
N HIS A 416 44.47 -18.59 -16.36
CA HIS A 416 44.25 -17.54 -15.37
C HIS A 416 43.39 -16.47 -16.00
N HIS A 417 42.16 -16.33 -15.53
CA HIS A 417 41.25 -15.33 -16.08
C HIS A 417 40.31 -14.86 -14.98
N ALA A 418 39.54 -13.81 -15.30
CA ALA A 418 38.58 -13.26 -14.36
C ALA A 418 37.46 -14.23 -14.02
N GLY A 419 37.29 -15.30 -14.79
CA GLY A 419 36.28 -16.29 -14.47
C GLY A 419 36.58 -17.02 -13.17
N LEU A 420 37.85 -17.26 -12.88
CA LEU A 420 38.22 -17.95 -11.66
C LEU A 420 37.86 -17.12 -10.45
N THR A 421 38.05 -17.71 -9.27
CA THR A 421 37.88 -17.00 -8.01
C THR A 421 39.21 -16.40 -7.58
N PHE A 422 39.14 -15.42 -6.68
CA PHE A 422 40.35 -14.76 -6.22
C PHE A 422 41.32 -15.78 -5.62
N GLU A 423 40.79 -16.78 -4.90
CA GLU A 423 41.66 -17.79 -4.30
C GLU A 423 42.31 -18.67 -5.36
N GLU A 424 41.56 -19.07 -6.38
CA GLU A 424 42.15 -19.86 -7.46
C GLU A 424 43.22 -19.07 -8.21
N ARG A 425 42.94 -17.79 -8.49
CA ARG A 425 43.94 -16.96 -9.13
C ARG A 425 45.18 -16.83 -8.27
N ASP A 426 45.01 -16.67 -6.95
CA ASP A 426 46.15 -16.56 -6.06
C ASP A 426 46.97 -17.85 -6.05
N ILE A 427 46.29 -19.00 -6.01
CA ILE A 427 46.99 -20.28 -6.01
C ILE A 427 47.79 -20.44 -7.30
N ILE A 428 47.17 -20.12 -8.43
CA ILE A 428 47.84 -20.28 -9.72
C ILE A 428 49.03 -19.34 -9.82
N GLU A 429 48.86 -18.09 -9.38
CA GLU A 429 49.97 -17.14 -9.43
C GLU A 429 51.12 -17.59 -8.54
N GLY A 430 50.81 -18.08 -7.34
CA GLY A 430 51.86 -18.57 -6.47
C GLY A 430 52.58 -19.77 -7.05
N ALA A 431 51.83 -20.70 -7.64
CA ALA A 431 52.45 -21.87 -8.25
C ALA A 431 53.37 -21.45 -9.41
N PHE A 432 52.91 -20.51 -10.24
CA PHE A 432 53.75 -20.03 -11.32
C PHE A 432 55.01 -19.35 -10.80
N ARG A 433 54.87 -18.55 -9.75
CA ARG A 433 56.02 -17.83 -9.21
C ARG A 433 57.10 -18.80 -8.74
N GLN A 434 56.70 -19.87 -8.06
CA GLN A 434 57.65 -20.86 -7.58
C GLN A 434 58.21 -21.74 -8.69
N GLY A 435 57.67 -21.64 -9.90
CA GLY A 435 58.10 -22.48 -11.00
C GLY A 435 57.34 -23.78 -11.15
N LEU A 436 56.39 -24.06 -10.25
CA LEU A 436 55.62 -25.30 -10.35
C LEU A 436 54.82 -25.33 -11.65
N ILE A 437 54.23 -24.21 -12.03
CA ILE A 437 53.53 -24.07 -13.30
C ILE A 437 54.52 -23.52 -14.31
N ARG A 438 54.69 -24.24 -15.43
CA ARG A 438 55.63 -23.81 -16.45
C ARG A 438 54.98 -22.92 -17.51
N VAL A 439 53.73 -23.19 -17.85
CA VAL A 439 53.01 -22.42 -18.86
C VAL A 439 51.71 -21.91 -18.23
N LEU A 440 51.47 -20.60 -18.35
CA LEU A 440 50.28 -19.98 -17.80
C LEU A 440 49.63 -19.13 -18.88
N ALA A 441 48.43 -19.51 -19.28
CA ALA A 441 47.65 -18.73 -20.25
C ALA A 441 46.76 -17.78 -19.46
N ALA A 442 47.16 -16.51 -19.39
CA ALA A 442 46.43 -15.48 -18.67
C ALA A 442 45.61 -14.64 -19.64
N THR A 443 45.01 -13.57 -19.13
CA THR A 443 44.26 -12.63 -19.95
C THR A 443 44.80 -11.22 -19.77
N SER A 444 44.12 -10.23 -20.33
CA SER A 444 44.56 -8.85 -20.21
C SER A 444 44.56 -8.37 -18.77
N THR A 445 43.72 -8.95 -17.91
CA THR A 445 43.63 -8.48 -16.53
C THR A 445 44.96 -8.69 -15.80
N LEU A 446 45.59 -9.85 -15.99
CA LEU A 446 46.85 -10.12 -15.32
C LEU A 446 47.96 -9.16 -15.74
N SER A 447 47.82 -8.50 -16.89
CA SER A 447 48.87 -7.61 -17.36
C SER A 447 49.15 -6.51 -16.35
N SER A 448 48.09 -5.96 -15.75
CA SER A 448 48.20 -4.89 -14.76
C SER A 448 48.04 -5.40 -13.34
N GLY A 449 48.24 -6.69 -13.10
CA GLY A 449 48.05 -7.30 -11.81
C GLY A 449 49.33 -7.42 -11.02
N VAL A 450 49.44 -8.53 -10.28
CA VAL A 450 50.60 -8.73 -9.41
C VAL A 450 51.87 -8.86 -10.24
N ASN A 451 53.01 -8.72 -9.56
CA ASN A 451 54.31 -8.87 -10.20
C ASN A 451 54.56 -10.36 -10.45
N LEU A 452 54.42 -10.78 -11.70
CA LEU A 452 54.55 -12.19 -12.09
C LEU A 452 55.51 -12.27 -13.28
N PRO A 453 56.82 -12.20 -13.02
CA PRO A 453 57.77 -12.27 -14.13
C PRO A 453 57.78 -13.63 -14.80
N ALA A 454 58.11 -13.63 -16.10
CA ALA A 454 58.24 -14.85 -16.86
C ALA A 454 59.42 -14.71 -17.81
N ARG A 455 60.08 -15.84 -18.08
CA ARG A 455 61.21 -15.80 -19.01
C ARG A 455 60.77 -15.44 -20.42
N ARG A 456 59.66 -16.02 -20.88
CA ARG A 456 59.14 -15.77 -22.21
C ARG A 456 57.68 -15.41 -22.10
N VAL A 457 57.31 -14.27 -22.67
CA VAL A 457 55.92 -13.86 -22.80
C VAL A 457 55.51 -14.03 -24.25
N ILE A 458 54.29 -14.49 -24.47
CA ILE A 458 53.72 -14.65 -25.80
C ILE A 458 52.37 -13.95 -25.82
N ILE A 459 52.07 -13.27 -26.92
CA ILE A 459 50.81 -12.57 -27.10
C ILE A 459 50.06 -13.24 -28.23
N ARG A 460 48.83 -13.68 -27.95
CA ARG A 460 48.05 -14.40 -28.96
C ARG A 460 47.85 -13.56 -30.22
N THR A 461 47.15 -12.43 -30.09
CA THR A 461 46.89 -11.59 -31.24
C THR A 461 46.65 -10.17 -30.79
N PRO A 462 47.09 -9.16 -31.54
CA PRO A 462 46.87 -7.77 -31.12
C PRO A 462 45.40 -7.41 -31.05
N ILE A 463 44.54 -8.19 -31.69
CA ILE A 463 43.11 -7.96 -31.64
C ILE A 463 42.59 -8.44 -30.30
N PHE A 464 42.24 -7.51 -29.43
CA PHE A 464 41.69 -7.82 -28.11
C PHE A 464 40.30 -7.21 -28.02
N GLY A 465 39.28 -8.06 -27.91
CA GLY A 465 37.92 -7.57 -27.84
C GLY A 465 37.49 -6.83 -29.08
N GLY A 466 37.87 -7.33 -30.25
CA GLY A 466 37.50 -6.67 -31.49
C GLY A 466 38.14 -5.30 -31.66
N ARG A 467 39.41 -5.17 -31.32
CA ARG A 467 40.12 -3.91 -31.48
C ARG A 467 41.61 -4.11 -31.25
N PRO A 468 42.48 -3.31 -31.86
CA PRO A 468 43.92 -3.47 -31.61
C PRO A 468 44.24 -3.39 -30.13
N LEU A 469 45.21 -4.19 -29.70
CA LEU A 469 45.63 -4.20 -28.32
C LEU A 469 46.19 -2.83 -27.92
N ASP A 470 45.87 -2.41 -26.69
CA ASP A 470 46.30 -1.10 -26.23
C ASP A 470 47.82 -1.05 -26.10
N ILE A 471 48.37 0.15 -26.31
CA ILE A 471 49.82 0.32 -26.24
C ILE A 471 50.30 0.20 -24.80
N LEU A 472 49.57 0.82 -23.86
CA LEU A 472 49.94 0.68 -22.45
C LEU A 472 49.81 -0.78 -22.00
N THR A 473 48.74 -1.45 -22.42
CA THR A 473 48.56 -2.85 -22.06
C THR A 473 49.69 -3.70 -22.62
N TYR A 474 50.06 -3.46 -23.89
CA TYR A 474 51.16 -4.22 -24.48
C TYR A 474 52.47 -3.95 -23.74
N LYS A 475 52.72 -2.70 -23.37
CA LYS A 475 53.95 -2.37 -22.66
C LYS A 475 54.02 -3.09 -21.33
N GLN A 476 52.93 -3.09 -20.57
CA GLN A 476 52.94 -3.78 -19.29
C GLN A 476 52.89 -5.29 -19.45
N MET A 477 52.48 -5.80 -20.61
CA MET A 477 52.65 -7.24 -20.89
C MET A 477 54.11 -7.58 -21.09
N VAL A 478 54.80 -6.85 -21.98
CA VAL A 478 56.20 -7.16 -22.24
C VAL A 478 57.05 -6.90 -21.00
N GLY A 479 56.63 -5.96 -20.15
CA GLY A 479 57.37 -5.72 -18.92
C GLY A 479 57.51 -6.95 -18.04
N ARG A 480 56.68 -7.96 -18.26
CA ARG A 480 56.73 -9.20 -17.50
C ARG A 480 57.61 -10.26 -18.16
N ALA A 481 58.59 -9.84 -18.95
CA ALA A 481 59.49 -10.76 -19.64
C ALA A 481 60.89 -10.56 -19.08
N GLY A 482 61.34 -11.48 -18.23
CA GLY A 482 62.65 -11.42 -17.64
C GLY A 482 62.63 -11.53 -16.12
N ARG A 483 63.39 -12.47 -15.58
CA ARG A 483 63.51 -12.66 -14.14
C ARG A 483 64.83 -12.09 -13.66
N LYS A 484 64.77 -11.18 -12.70
CA LYS A 484 65.97 -10.51 -12.17
C LYS A 484 66.57 -11.39 -11.08
N GLY A 485 67.77 -11.91 -11.35
CA GLY A 485 68.48 -12.70 -10.36
C GLY A 485 68.78 -14.11 -10.83
N VAL A 486 67.92 -14.66 -11.67
CA VAL A 486 68.08 -16.03 -12.17
C VAL A 486 68.13 -16.11 -13.68
N ASP A 487 67.56 -15.14 -14.41
CA ASP A 487 67.52 -15.17 -15.85
C ASP A 487 68.43 -14.08 -16.42
N THR A 488 68.94 -14.32 -17.63
CA THR A 488 69.85 -13.39 -18.29
C THR A 488 69.14 -12.44 -19.25
N VAL A 489 68.26 -12.96 -20.10
CA VAL A 489 67.56 -12.15 -21.08
C VAL A 489 66.07 -12.52 -21.05
N GLY A 490 65.27 -11.65 -21.65
CA GLY A 490 63.84 -11.88 -21.74
C GLY A 490 63.35 -11.73 -23.17
N GLU A 491 62.32 -12.49 -23.49
CA GLU A 491 61.73 -12.49 -24.82
C GLU A 491 60.23 -12.27 -24.72
N SER A 492 59.70 -11.48 -25.66
CA SER A 492 58.26 -11.20 -25.75
C SER A 492 57.85 -11.35 -27.21
N ILE A 493 57.28 -12.50 -27.53
CA ILE A 493 56.87 -12.82 -28.89
C ILE A 493 55.43 -12.38 -29.10
N LEU A 494 55.16 -11.79 -30.26
CA LEU A 494 53.82 -11.37 -30.68
C LEU A 494 53.57 -12.01 -32.03
N ILE A 495 52.89 -13.15 -32.05
CA ILE A 495 52.63 -13.84 -33.31
C ILE A 495 51.67 -12.99 -34.12
N CYS A 496 51.88 -12.96 -35.44
CA CYS A 496 51.09 -12.12 -36.32
C CYS A 496 50.67 -12.92 -37.55
N LYS A 497 49.70 -12.38 -38.26
CA LYS A 497 49.18 -12.96 -39.49
C LYS A 497 49.38 -11.96 -40.63
N ASN A 498 48.98 -12.36 -41.83
CA ASN A 498 49.13 -11.49 -42.99
C ASN A 498 48.36 -10.18 -42.79
N SER A 499 47.11 -10.28 -42.33
CA SER A 499 46.31 -9.09 -42.09
C SER A 499 46.72 -8.36 -40.81
N GLU A 500 47.20 -9.10 -39.81
CA GLU A 500 47.58 -8.52 -38.53
C GLU A 500 49.02 -8.03 -38.51
N LYS A 501 49.78 -8.20 -39.60
CA LYS A 501 51.17 -7.78 -39.61
C LYS A 501 51.29 -6.28 -39.40
N SER A 502 50.44 -5.49 -40.04
CA SER A 502 50.51 -4.04 -39.88
C SER A 502 50.23 -3.62 -38.45
N LYS A 503 49.17 -4.18 -37.85
CA LYS A 503 48.85 -3.83 -36.48
C LYS A 503 49.97 -4.25 -35.53
N GLY A 504 50.53 -5.43 -35.75
CA GLY A 504 51.63 -5.87 -34.90
C GLY A 504 52.84 -4.95 -35.03
N ILE A 505 53.20 -4.58 -36.25
CA ILE A 505 54.35 -3.69 -36.44
C ILE A 505 54.07 -2.35 -35.77
N ALA A 506 52.84 -1.86 -35.87
CA ALA A 506 52.49 -0.61 -35.21
C ALA A 506 52.65 -0.72 -33.70
N LEU A 507 52.24 -1.86 -33.13
CA LEU A 507 52.34 -2.02 -31.68
C LEU A 507 53.79 -2.17 -31.21
N LEU A 508 54.63 -2.85 -32.01
CA LEU A 508 56.04 -2.99 -31.64
C LEU A 508 56.71 -1.62 -31.48
N GLN A 509 56.41 -0.68 -32.35
CA GLN A 509 56.98 0.66 -32.29
C GLN A 509 56.00 1.63 -31.64
N GLY A 510 56.56 2.71 -31.08
CA GLY A 510 55.75 3.76 -30.49
C GLY A 510 55.53 3.61 -29.00
N SER A 511 55.65 4.72 -28.27
CA SER A 511 55.42 4.72 -26.84
C SER A 511 53.94 4.97 -26.55
N LEU A 512 53.57 4.86 -25.28
CA LEU A 512 52.18 5.06 -24.88
C LEU A 512 51.76 6.52 -25.09
N LYS A 513 50.47 6.71 -25.27
CA LYS A 513 49.94 8.04 -25.57
C LYS A 513 50.04 8.94 -24.34
N PRO A 514 49.95 10.25 -24.54
CA PRO A 514 50.07 11.18 -23.41
C PRO A 514 48.88 11.07 -22.48
N VAL A 515 49.11 11.48 -21.22
CA VAL A 515 48.10 11.37 -20.19
C VAL A 515 47.12 12.53 -20.31
N ARG A 516 45.83 12.21 -20.40
CA ARG A 516 44.78 13.20 -20.40
C ARG A 516 44.46 13.58 -18.96
N SER A 517 43.35 14.31 -18.76
CA SER A 517 42.91 14.69 -17.43
C SER A 517 41.51 14.21 -17.08
N CYS A 518 40.67 13.92 -18.08
CA CYS A 518 39.30 13.49 -17.82
C CYS A 518 38.54 14.50 -16.97
N LEU A 519 38.79 15.78 -17.22
CA LEU A 519 38.13 16.86 -16.51
C LEU A 519 37.76 17.99 -17.47
N VAL A 527 30.30 20.40 -16.05
CA VAL A 527 29.28 19.49 -16.56
C VAL A 527 29.71 18.05 -16.32
N THR A 528 31.01 17.78 -16.45
CA THR A 528 31.52 16.44 -16.20
C THR A 528 31.37 16.06 -14.74
N GLY A 529 30.99 14.81 -14.50
CA GLY A 529 30.81 14.36 -13.13
C GLY A 529 32.06 14.50 -12.30
N SER A 530 33.23 14.38 -12.92
CA SER A 530 34.48 14.56 -12.18
C SER A 530 34.59 15.97 -11.62
N MET A 531 34.22 16.98 -12.42
CA MET A 531 34.31 18.36 -11.94
C MET A 531 33.27 18.63 -10.86
N ILE A 532 32.06 18.08 -10.99
CA ILE A 532 31.08 18.20 -9.93
C ILE A 532 31.61 17.60 -8.64
N ARG A 533 32.22 16.42 -8.75
CA ARG A 533 32.80 15.78 -7.58
C ARG A 533 33.87 16.65 -6.95
N ALA A 534 34.79 17.18 -7.76
CA ALA A 534 35.87 17.98 -7.21
C ALA A 534 35.35 19.23 -6.52
N ILE A 535 34.38 19.90 -7.13
CA ILE A 535 33.81 21.11 -6.53
C ILE A 535 33.12 20.76 -5.22
N LEU A 536 32.36 19.67 -5.20
CA LEU A 536 31.72 19.25 -3.96
C LEU A 536 32.77 18.96 -2.89
N GLU A 537 33.84 18.26 -3.25
CA GLU A 537 34.85 17.92 -2.26
C GLU A 537 35.45 19.18 -1.66
N ILE A 538 35.82 20.15 -2.49
CA ILE A 538 36.45 21.34 -1.95
C ILE A 538 35.47 22.16 -1.11
N ILE A 539 34.24 22.35 -1.60
CA ILE A 539 33.29 23.19 -0.88
C ILE A 539 32.89 22.55 0.44
N VAL A 540 32.50 21.27 0.41
CA VAL A 540 32.06 20.59 1.62
C VAL A 540 33.21 20.43 2.60
N GLY A 541 34.43 20.20 2.12
CA GLY A 541 35.57 20.10 3.00
C GLY A 541 35.95 21.39 3.69
N GLY A 542 35.35 22.51 3.29
CA GLY A 542 35.65 23.78 3.90
C GLY A 542 36.97 24.39 3.48
N VAL A 543 37.50 23.97 2.32
CA VAL A 543 38.79 24.49 1.84
C VAL A 543 38.62 25.49 0.71
N ALA A 544 37.45 25.56 0.08
CA ALA A 544 37.19 26.57 -0.94
C ALA A 544 35.70 26.90 -0.90
N SER A 545 35.36 27.93 -0.13
CA SER A 545 33.97 28.34 0.07
C SER A 545 33.56 29.53 -0.79
N THR A 546 34.52 30.22 -1.41
CA THR A 546 34.24 31.38 -2.22
C THR A 546 34.83 31.19 -3.61
N SER A 547 34.15 31.77 -4.61
CA SER A 547 34.62 31.66 -5.99
C SER A 547 35.99 32.27 -6.18
N GLN A 548 36.42 33.16 -5.27
CA GLN A 548 37.71 33.81 -5.42
C GLN A 548 38.86 32.80 -5.38
N ASP A 549 38.77 31.85 -4.45
CA ASP A 549 39.83 30.84 -4.29
C ASP A 549 39.55 29.56 -5.05
N MET A 550 38.29 29.24 -5.32
CA MET A 550 37.97 28.03 -6.06
C MET A 550 38.66 28.02 -7.42
N HIS A 551 38.76 29.19 -8.07
CA HIS A 551 39.53 29.28 -9.30
C HIS A 551 41.00 28.95 -9.06
N THR A 552 41.51 29.24 -7.86
CA THR A 552 42.87 28.81 -7.52
C THR A 552 42.97 27.30 -7.52
N TYR A 553 41.96 26.61 -6.96
CA TYR A 553 41.95 25.16 -7.01
C TYR A 553 41.93 24.68 -8.45
N ALA A 554 41.10 25.31 -9.29
CA ALA A 554 41.11 24.97 -10.71
C ALA A 554 42.50 25.11 -11.30
N ALA A 555 43.21 26.18 -10.95
CA ALA A 555 44.58 26.37 -11.40
C ALA A 555 45.48 25.24 -10.93
N CYS A 556 45.23 24.72 -9.71
CA CYS A 556 46.06 23.65 -9.17
C CYS A 556 45.86 22.32 -9.88
N THR A 557 44.77 22.16 -10.62
CA THR A 557 44.47 20.87 -11.24
C THR A 557 45.49 20.54 -12.33
N PHE A 558 45.55 19.26 -12.68
CA PHE A 558 46.38 18.84 -13.80
C PHE A 558 45.82 19.35 -15.12
N LEU A 559 44.50 19.55 -15.20
CA LEU A 559 43.91 20.11 -16.42
C LEU A 559 44.48 21.50 -16.68
N ALA A 560 44.58 22.33 -15.64
CA ALA A 560 45.15 23.65 -15.80
C ALA A 560 46.63 23.57 -16.17
N ALA A 561 47.39 22.74 -15.45
CA ALA A 561 48.82 22.62 -15.71
C ALA A 561 49.10 22.06 -17.09
N SER A 562 48.15 21.34 -17.69
CA SER A 562 48.34 20.77 -19.02
C SER A 562 47.98 21.79 -20.09
N GLY A 580 36.18 27.46 -17.37
CA GLY A 580 35.03 28.12 -16.81
C GLY A 580 33.90 27.17 -16.48
N ALA A 581 34.21 25.88 -16.40
CA ALA A 581 33.22 24.87 -16.07
C ALA A 581 32.81 24.92 -14.59
N ILE A 582 33.54 25.65 -13.76
CA ILE A 582 33.22 25.72 -12.34
C ILE A 582 31.84 26.33 -12.13
N GLU A 583 31.55 27.43 -12.84
CA GLU A 583 30.26 28.10 -12.67
C GLU A 583 29.11 27.16 -13.01
N ALA A 584 29.27 26.38 -14.08
CA ALA A 584 28.24 25.39 -14.42
C ALA A 584 28.10 24.35 -13.33
N CYS A 585 29.22 23.87 -12.79
CA CYS A 585 29.18 22.83 -11.77
C CYS A 585 28.63 23.36 -10.45
N VAL A 586 29.01 24.57 -10.06
CA VAL A 586 28.52 25.15 -8.81
C VAL A 586 27.01 25.33 -8.88
N MET A 587 26.51 25.79 -10.02
CA MET A 587 25.06 25.89 -10.20
C MET A 587 24.41 24.51 -10.12
N TRP A 588 25.04 23.51 -10.75
CA TRP A 588 24.51 22.16 -10.68
C TRP A 588 24.36 21.70 -9.24
N LEU A 589 25.28 22.09 -8.37
CA LEU A 589 25.20 21.68 -6.97
C LEU A 589 24.14 22.49 -6.23
N LEU A 590 23.96 23.76 -6.59
CA LEU A 590 22.90 24.55 -5.98
C LEU A 590 21.54 24.15 -6.50
N GLU A 591 21.44 23.82 -7.79
CA GLU A 591 20.18 23.36 -8.35
C GLU A 591 19.68 22.12 -7.62
N ASN A 592 20.58 21.19 -7.30
CA ASN A 592 20.24 19.93 -6.68
C ASN A 592 20.38 19.97 -5.16
N GLU A 593 20.59 21.15 -4.59
CA GLU A 593 20.62 21.34 -3.13
C GLU A 593 21.80 20.60 -2.49
N PHE A 594 22.88 20.44 -3.23
CA PHE A 594 24.10 19.90 -2.62
C PHE A 594 24.82 20.95 -1.77
N ILE A 595 24.75 22.22 -2.16
CA ILE A 595 25.34 23.31 -1.41
C ILE A 595 24.33 24.46 -1.33
N GLN A 596 24.58 25.36 -0.39
CA GLN A 596 23.75 26.54 -0.19
C GLN A 596 24.62 27.79 -0.32
N SER A 597 24.10 28.80 -1.01
CA SER A 597 24.81 30.05 -1.21
C SER A 597 24.42 31.06 -0.14
N THR A 598 25.36 31.94 0.19
CA THR A 598 25.12 33.00 1.17
C THR A 598 25.91 34.25 0.81
N LYS A 607 29.80 36.32 -1.06
CA LYS A 607 29.14 35.13 -1.60
C LYS A 607 29.89 33.87 -1.16
N VAL A 608 29.46 33.29 -0.05
CA VAL A 608 30.09 32.12 0.54
C VAL A 608 29.19 30.92 0.29
N TYR A 609 29.81 29.76 0.04
CA TYR A 609 29.10 28.52 -0.22
C TYR A 609 29.26 27.55 0.95
N HIS A 610 28.23 26.74 1.17
CA HIS A 610 28.21 25.80 2.27
C HIS A 610 27.42 24.57 1.84
N PRO A 611 27.64 23.42 2.49
CA PRO A 611 26.78 22.25 2.27
C PRO A 611 25.60 22.22 3.22
N THR A 612 24.51 21.59 2.78
CA THR A 612 23.29 21.61 3.58
C THR A 612 23.17 20.36 4.46
N HIS A 613 22.80 19.23 3.86
CA HIS A 613 22.91 17.94 4.53
C HIS A 613 23.40 16.89 3.54
N LEU A 614 22.91 16.99 2.30
CA LEU A 614 23.28 16.05 1.25
C LEU A 614 24.68 16.31 0.72
N GLY A 615 25.15 17.55 0.83
CA GLY A 615 26.54 17.83 0.50
C GLY A 615 27.50 17.19 1.48
N SER A 616 27.17 17.24 2.77
CA SER A 616 28.02 16.62 3.77
C SER A 616 27.85 15.11 3.78
N ALA A 617 26.64 14.62 3.54
CA ALA A 617 26.42 13.18 3.49
C ALA A 617 26.94 12.57 2.21
N THR A 618 27.00 13.35 1.12
CA THR A 618 27.51 12.83 -0.14
C THR A 618 29.03 12.75 -0.13
N LEU A 619 29.70 13.70 0.51
CA LEU A 619 31.16 13.67 0.57
C LEU A 619 31.65 12.58 1.52
N SER A 620 31.00 12.44 2.67
CA SER A 620 31.46 11.47 3.66
C SER A 620 31.33 10.05 3.14
N SER A 621 30.23 9.76 2.42
CA SER A 621 30.03 8.43 1.87
C SER A 621 30.91 8.14 0.67
N SER A 622 31.59 9.15 0.13
CA SER A 622 32.38 8.99 -1.09
C SER A 622 31.54 8.47 -2.24
N LEU A 623 30.28 8.91 -2.29
CA LEU A 623 29.40 8.61 -3.41
C LEU A 623 29.48 9.73 -4.45
N SER A 624 29.40 9.34 -5.71
CA SER A 624 29.40 10.33 -6.77
C SER A 624 28.14 11.19 -6.65
N PRO A 625 28.24 12.52 -6.75
CA PRO A 625 27.04 13.34 -6.59
C PRO A 625 25.96 13.03 -7.61
N ALA A 626 26.33 12.52 -8.79
CA ALA A 626 25.34 12.19 -9.80
C ALA A 626 24.42 11.08 -9.33
N ASP A 627 24.99 10.02 -8.76
CA ASP A 627 24.19 8.89 -8.28
C ASP A 627 23.61 9.12 -6.90
N THR A 628 24.09 10.12 -6.16
CA THR A 628 23.58 10.34 -4.82
C THR A 628 22.13 10.80 -4.83
N LEU A 629 21.69 11.47 -5.89
CA LEU A 629 20.29 11.86 -5.97
C LEU A 629 19.39 10.64 -6.08
N ASP A 630 19.75 9.69 -6.95
CA ASP A 630 18.99 8.45 -7.06
C ASP A 630 19.05 7.66 -5.77
N ILE A 631 20.21 7.64 -5.11
CA ILE A 631 20.34 6.91 -3.86
C ILE A 631 19.44 7.54 -2.80
N PHE A 632 19.43 8.86 -2.71
CA PHE A 632 18.57 9.55 -1.77
C PHE A 632 17.11 9.23 -2.04
N ALA A 633 16.70 9.30 -3.31
CA ALA A 633 15.31 9.03 -3.65
C ALA A 633 14.91 7.60 -3.31
N ASP A 634 15.81 6.64 -3.56
CA ASP A 634 15.48 5.24 -3.31
C ASP A 634 15.46 4.92 -1.82
N LEU A 635 16.45 5.42 -1.06
CA LEU A 635 16.46 5.17 0.37
C LEU A 635 15.27 5.82 1.05
N GLN A 636 14.94 7.05 0.67
CA GLN A 636 13.80 7.73 1.28
C GLN A 636 12.50 6.97 1.01
N ARG A 637 12.35 6.46 -0.21
CA ARG A 637 11.16 5.69 -0.54
C ARG A 637 11.10 4.39 0.25
N ALA A 638 12.27 3.78 0.49
CA ALA A 638 12.29 2.52 1.23
C ALA A 638 11.83 2.69 2.67
N MET A 639 12.27 3.76 3.33
CA MET A 639 11.92 3.92 4.74
C MET A 639 10.42 4.09 4.95
N LYS A 640 9.67 4.44 3.91
CA LYS A 640 8.23 4.57 4.06
C LYS A 640 7.53 3.20 4.07
N GLY A 641 8.09 2.23 3.37
CA GLY A 641 7.42 0.95 3.19
C GLY A 641 8.33 -0.26 3.34
N PHE A 642 9.33 -0.18 4.21
CA PHE A 642 10.34 -1.22 4.27
C PHE A 642 9.74 -2.57 4.63
N VAL A 643 10.31 -3.63 4.04
CA VAL A 643 9.91 -5.01 4.28
C VAL A 643 11.01 -5.66 5.10
N LEU A 644 10.70 -6.02 6.34
CA LEU A 644 11.66 -6.66 7.23
C LEU A 644 11.50 -8.18 7.26
N GLU A 645 10.61 -8.74 6.44
CA GLU A 645 10.42 -10.19 6.44
C GLU A 645 11.72 -10.92 6.15
N ASN A 646 12.47 -10.43 5.17
CA ASN A 646 13.69 -11.10 4.72
C ASN A 646 14.77 -10.04 4.53
N ASP A 647 15.92 -10.48 4.03
CA ASP A 647 17.07 -9.62 3.80
C ASP A 647 17.09 -9.02 2.40
N LEU A 648 16.05 -9.25 1.61
CA LEU A 648 16.11 -8.88 0.19
C LEU A 648 15.93 -7.37 0.00
N HIS A 649 15.07 -6.73 0.80
CA HIS A 649 14.86 -5.30 0.61
C HIS A 649 16.07 -4.49 1.05
N ILE A 650 16.79 -4.97 2.05
CA ILE A 650 18.05 -4.33 2.42
C ILE A 650 19.08 -4.56 1.32
N LEU A 651 19.08 -5.75 0.73
CA LEU A 651 20.03 -6.04 -0.33
C LEU A 651 19.77 -5.20 -1.56
N TYR A 652 18.51 -4.96 -1.89
CA TYR A 652 18.21 -4.16 -3.08
C TYR A 652 18.76 -2.74 -2.95
N LEU A 653 18.87 -2.24 -1.73
CA LEU A 653 19.35 -0.88 -1.51
C LEU A 653 20.87 -0.79 -1.42
N VAL A 654 21.56 -1.92 -1.30
CA VAL A 654 23.02 -1.96 -1.28
C VAL A 654 23.56 -2.70 -2.49
N THR A 655 22.74 -2.87 -3.53
CA THR A 655 23.16 -3.55 -4.74
C THR A 655 23.69 -2.52 -5.73
N PRO A 656 24.96 -2.58 -6.13
CA PRO A 656 25.48 -1.56 -7.05
C PRO A 656 25.24 -1.94 -8.50
N MET A 657 24.72 -1.00 -9.29
CA MET A 657 24.50 -1.19 -10.72
C MET A 657 25.29 -0.17 -11.51
N PHE A 658 26.52 0.10 -11.07
CA PHE A 658 27.41 1.00 -11.78
C PHE A 658 28.11 0.33 -12.96
N GLU A 659 28.03 -1.00 -13.07
CA GLU A 659 28.62 -1.71 -14.20
C GLU A 659 27.86 -3.01 -14.40
N ASP A 660 28.00 -3.57 -15.59
CA ASP A 660 27.33 -4.81 -15.97
C ASP A 660 28.24 -5.98 -15.60
N TRP A 661 28.03 -6.53 -14.41
CA TRP A 661 28.89 -7.61 -13.94
C TRP A 661 28.65 -8.89 -14.72
N THR A 662 27.44 -9.11 -15.25
CA THR A 662 27.16 -10.30 -16.02
C THR A 662 26.02 -10.02 -16.99
N THR A 663 25.91 -10.87 -18.00
CA THR A 663 24.81 -10.82 -18.94
C THR A 663 23.66 -11.67 -18.41
N ILE A 664 22.55 -11.02 -18.09
CA ILE A 664 21.45 -11.69 -17.40
C ILE A 664 20.73 -12.60 -18.38
N ASP A 665 20.54 -13.86 -17.99
CA ASP A 665 19.74 -14.81 -18.76
C ASP A 665 18.29 -14.66 -18.32
N TRP A 666 17.46 -14.04 -19.18
CA TRP A 666 16.13 -13.62 -18.76
C TRP A 666 15.15 -14.78 -18.64
N TYR A 667 15.36 -15.89 -19.34
CA TYR A 667 14.48 -17.03 -19.17
C TYR A 667 14.63 -17.63 -17.78
N ARG A 668 15.88 -17.81 -17.33
CA ARG A 668 16.10 -18.32 -15.98
C ARG A 668 15.59 -17.33 -14.95
N PHE A 669 15.77 -16.02 -15.19
CA PHE A 669 15.27 -15.03 -14.26
C PHE A 669 13.76 -15.11 -14.15
N PHE A 670 13.06 -15.29 -15.27
CA PHE A 670 11.60 -15.40 -15.22
C PHE A 670 11.18 -16.67 -14.49
N CYS A 671 11.89 -17.78 -14.71
CA CYS A 671 11.57 -19.01 -13.99
C CYS A 671 11.73 -18.81 -12.49
N LEU A 672 12.85 -18.21 -12.07
CA LEU A 672 13.07 -17.91 -10.66
C LEU A 672 11.98 -17.01 -10.13
N TRP A 673 11.58 -16.00 -10.93
CA TRP A 673 10.52 -15.09 -10.53
C TRP A 673 9.24 -15.84 -10.23
N GLU A 674 8.81 -16.69 -11.16
CA GLU A 674 7.57 -17.44 -10.93
C GLU A 674 7.71 -18.44 -9.79
N LYS A 675 8.94 -18.82 -9.43
CA LYS A 675 9.17 -19.70 -8.30
C LYS A 675 9.47 -18.96 -7.00
N LEU A 676 9.43 -17.62 -7.01
CA LEU A 676 9.80 -16.87 -5.81
C LEU A 676 8.72 -17.00 -4.74
N PRO A 677 9.08 -16.82 -3.47
CA PRO A 677 8.05 -16.74 -2.42
C PRO A 677 7.25 -15.46 -2.52
N THR A 678 6.23 -15.36 -1.67
CA THR A 678 5.44 -14.14 -1.61
C THR A 678 6.18 -13.03 -0.88
N SER A 679 6.97 -13.38 0.13
CA SER A 679 7.71 -12.37 0.88
C SER A 679 8.69 -11.62 -0.03
N MET A 680 9.37 -12.34 -0.91
CA MET A 680 10.29 -11.71 -1.84
C MET A 680 9.57 -10.99 -2.97
N LYS A 681 8.42 -11.51 -3.39
CA LYS A 681 7.65 -10.81 -4.42
C LYS A 681 7.08 -9.49 -3.90
N ARG A 682 6.80 -9.40 -2.59
CA ARG A 682 6.35 -8.13 -2.04
C ARG A 682 7.41 -7.05 -2.24
N VAL A 683 8.67 -7.35 -1.89
CA VAL A 683 9.73 -6.38 -2.10
C VAL A 683 9.96 -6.15 -3.59
N ALA A 684 9.79 -7.19 -4.40
CA ALA A 684 9.96 -7.02 -5.85
C ALA A 684 8.98 -5.98 -6.40
N GLU A 685 7.71 -6.09 -6.03
CA GLU A 685 6.74 -5.08 -6.45
C GLU A 685 7.03 -3.73 -5.81
N LEU A 686 7.49 -3.71 -4.56
CA LEU A 686 7.79 -2.43 -3.91
C LEU A 686 8.87 -1.67 -4.67
N VAL A 687 9.95 -2.36 -5.05
CA VAL A 687 11.07 -1.68 -5.68
C VAL A 687 10.70 -1.18 -7.08
N GLY A 688 9.91 -1.96 -7.82
CA GLY A 688 9.47 -1.54 -9.13
C GLY A 688 9.46 -2.64 -10.16
N VAL A 689 9.86 -3.84 -9.77
CA VAL A 689 9.90 -4.96 -10.72
C VAL A 689 8.47 -5.30 -11.14
N GLU A 690 8.26 -5.43 -12.44
CA GLU A 690 6.95 -5.74 -13.01
C GLU A 690 7.04 -7.02 -13.82
N GLU A 691 6.02 -7.87 -13.70
CA GLU A 691 5.99 -9.11 -14.47
C GLU A 691 5.88 -8.83 -15.97
N GLY A 692 5.30 -7.69 -16.34
CA GLY A 692 5.20 -7.35 -17.75
C GLY A 692 6.55 -7.19 -18.42
N PHE A 693 7.45 -6.47 -17.76
CA PHE A 693 8.80 -6.28 -18.32
C PHE A 693 9.55 -7.59 -18.38
N LEU A 694 9.43 -8.43 -17.34
CA LEU A 694 10.07 -9.73 -17.36
C LEU A 694 9.56 -10.59 -18.50
N ALA A 695 8.24 -10.55 -18.74
CA ALA A 695 7.67 -11.30 -19.86
C ALA A 695 8.16 -10.75 -21.19
N ARG A 696 8.27 -9.42 -21.31
CA ARG A 696 8.81 -8.84 -22.53
C ARG A 696 10.22 -9.34 -22.79
N CYS A 697 11.05 -9.41 -21.75
CA CYS A 697 12.43 -9.84 -21.93
C CYS A 697 12.55 -11.35 -22.15
N VAL A 698 11.62 -12.13 -21.60
CA VAL A 698 11.79 -13.59 -21.63
C VAL A 698 11.72 -14.10 -23.07
N LYS A 699 10.79 -13.58 -23.87
CA LYS A 699 10.63 -14.00 -25.26
C LYS A 699 11.17 -12.95 -26.23
N GLY A 700 10.69 -11.72 -26.15
CA GLY A 700 11.18 -10.69 -27.04
C GLY A 700 12.63 -10.33 -26.75
N LYS A 701 13.30 -9.83 -27.79
CA LYS A 701 14.67 -9.39 -27.63
C LYS A 701 14.77 -8.35 -26.51
N VAL A 702 15.99 -8.17 -26.01
CA VAL A 702 16.23 -7.22 -24.93
C VAL A 702 15.71 -5.85 -25.37
N VAL A 703 14.83 -5.26 -24.56
CA VAL A 703 14.21 -4.00 -24.95
C VAL A 703 15.26 -2.92 -25.11
N ALA A 704 15.10 -2.10 -26.16
CA ALA A 704 16.05 -1.04 -26.43
C ALA A 704 15.84 0.11 -25.44
N ARG A 705 16.87 0.40 -24.64
CA ARG A 705 16.81 1.49 -23.67
C ARG A 705 17.27 2.80 -24.31
N THR A 706 16.49 3.24 -25.30
CA THR A 706 16.86 4.45 -26.03
C THR A 706 16.48 5.72 -25.28
N GLU A 707 15.62 5.63 -24.27
CA GLU A 707 15.12 6.79 -23.56
C GLU A 707 15.65 6.82 -22.13
N ARG A 708 15.89 8.02 -21.63
CA ARG A 708 16.42 8.18 -20.27
C ARG A 708 15.44 7.67 -19.22
N GLN A 709 14.14 7.73 -19.51
CA GLN A 709 13.13 7.26 -18.57
C GLN A 709 13.17 5.75 -18.39
N HIS A 710 13.94 5.04 -19.23
CA HIS A 710 14.01 3.59 -19.19
C HIS A 710 15.07 3.08 -18.23
N ARG A 711 15.28 3.78 -17.12
CA ARG A 711 15.97 3.18 -15.98
C ARG A 711 15.18 2.03 -15.38
N GLN A 712 13.94 1.84 -15.83
CA GLN A 712 13.15 0.68 -15.41
C GLN A 712 13.83 -0.63 -15.78
N MET A 713 14.72 -0.61 -16.79
CA MET A 713 15.53 -1.79 -17.07
C MET A 713 16.56 -2.00 -15.97
N ALA A 714 17.13 -0.91 -15.44
CA ALA A 714 18.11 -1.04 -14.37
C ALA A 714 17.49 -1.62 -13.11
N ILE A 715 16.20 -1.40 -12.91
CA ILE A 715 15.52 -1.94 -11.72
C ILE A 715 15.52 -3.45 -11.76
N HIS A 716 15.25 -4.05 -12.92
CA HIS A 716 15.15 -5.49 -13.01
C HIS A 716 16.52 -6.15 -12.93
N LYS A 717 17.52 -5.55 -13.56
CA LYS A 717 18.89 -6.02 -13.38
C LYS A 717 19.31 -5.93 -11.92
N ARG A 718 18.93 -4.83 -11.25
CA ARG A 718 19.27 -4.68 -9.85
C ARG A 718 18.58 -5.73 -8.99
N PHE A 719 17.34 -6.09 -9.33
CA PHE A 719 16.65 -7.11 -8.56
C PHE A 719 17.26 -8.49 -8.78
N PHE A 720 17.65 -8.80 -10.02
CA PHE A 720 18.35 -10.05 -10.27
C PHE A 720 19.65 -10.10 -9.46
N THR A 721 20.39 -8.99 -9.47
CA THR A 721 21.64 -8.92 -8.71
C THR A 721 21.38 -9.06 -7.21
N SER A 722 20.28 -8.48 -6.72
CA SER A 722 19.96 -8.57 -5.31
C SER A 722 19.57 -9.99 -4.92
N LEU A 723 18.89 -10.71 -5.82
CA LEU A 723 18.64 -12.12 -5.57
C LEU A 723 19.94 -12.92 -5.51
N VAL A 724 20.87 -12.62 -6.42
CA VAL A 724 22.18 -13.27 -6.37
C VAL A 724 22.86 -12.99 -5.04
N LEU A 725 22.80 -11.73 -4.59
CA LEU A 725 23.44 -11.37 -3.33
C LEU A 725 22.76 -12.04 -2.14
N LEU A 726 21.44 -12.19 -2.18
CA LEU A 726 20.73 -12.89 -1.12
C LEU A 726 21.16 -14.34 -1.05
N ASP A 727 21.30 -14.99 -2.21
CA ASP A 727 21.82 -16.36 -2.22
C ASP A 727 23.26 -16.39 -1.71
N LEU A 728 24.05 -15.35 -2.01
CA LEU A 728 25.43 -15.30 -1.53
C LEU A 728 25.47 -15.24 0.00
N ILE A 729 24.79 -14.25 0.58
CA ILE A 729 24.84 -14.07 2.03
C ILE A 729 24.08 -15.16 2.76
N SER A 730 23.19 -15.87 2.07
CA SER A 730 22.58 -17.06 2.64
C SER A 730 23.57 -18.23 2.71
N GLU A 731 24.79 -18.04 2.21
CA GLU A 731 25.87 -19.00 2.38
C GLU A 731 25.66 -20.25 1.54
N VAL A 732 25.07 -20.08 0.35
CA VAL A 732 24.93 -21.19 -0.59
C VAL A 732 26.23 -21.29 -1.40
N PRO A 733 26.60 -22.47 -1.88
CA PRO A 733 27.88 -22.60 -2.59
C PRO A 733 27.89 -21.80 -3.89
N LEU A 734 29.09 -21.44 -4.33
CA LEU A 734 29.23 -20.65 -5.55
C LEU A 734 28.66 -21.42 -6.75
N ARG A 735 28.89 -22.73 -6.80
CA ARG A 735 28.39 -23.52 -7.93
C ARG A 735 26.86 -23.51 -7.97
N GLU A 736 26.21 -23.59 -6.81
CA GLU A 736 24.75 -23.54 -6.79
C GLU A 736 24.24 -22.22 -7.34
N ILE A 737 24.91 -21.11 -6.98
CA ILE A 737 24.53 -19.82 -7.53
C ILE A 737 24.74 -19.80 -9.03
N ASN A 738 25.86 -20.35 -9.49
CA ASN A 738 26.17 -20.32 -10.91
C ASN A 738 25.12 -21.08 -11.72
N GLN A 739 24.74 -22.27 -11.26
CA GLN A 739 23.71 -23.03 -11.94
C GLN A 739 22.36 -22.32 -11.86
N LYS A 740 22.03 -21.76 -10.69
CA LYS A 740 20.71 -21.15 -10.51
C LYS A 740 20.58 -19.85 -11.28
N TYR A 741 21.68 -19.10 -11.45
CA TYR A 741 21.62 -17.77 -12.04
C TYR A 741 22.41 -17.62 -13.33
N GLY A 742 23.39 -18.48 -13.59
CA GLY A 742 24.18 -18.40 -14.80
C GLY A 742 25.43 -17.55 -14.69
N CYS A 743 25.67 -16.92 -13.54
CA CYS A 743 26.85 -16.10 -13.33
C CYS A 743 27.97 -16.97 -12.77
N ASN A 744 29.14 -16.92 -13.40
CA ASN A 744 30.26 -17.73 -12.95
C ASN A 744 30.74 -17.25 -11.58
N ARG A 745 31.71 -17.99 -11.04
CA ARG A 745 32.17 -17.70 -9.68
C ARG A 745 33.00 -16.43 -9.62
N GLY A 746 33.78 -16.14 -10.67
CA GLY A 746 34.53 -14.89 -10.67
C GLY A 746 33.62 -13.68 -10.67
N GLN A 747 32.57 -13.70 -11.49
CA GLN A 747 31.60 -12.61 -11.50
C GLN A 747 30.88 -12.52 -10.17
N ILE A 748 30.57 -13.67 -9.56
CA ILE A 748 29.91 -13.66 -8.26
C ILE A 748 30.79 -12.97 -7.23
N GLN A 749 32.09 -13.27 -7.23
CA GLN A 749 32.99 -12.66 -6.25
C GLN A 749 33.17 -11.17 -6.53
N SER A 750 33.24 -10.78 -7.81
CA SER A 750 33.34 -9.37 -8.14
C SER A 750 32.11 -8.61 -7.65
N LEU A 751 30.93 -9.17 -7.90
CA LEU A 751 29.71 -8.56 -7.38
C LEU A 751 29.72 -8.53 -5.85
N GLN A 752 30.28 -9.57 -5.23
CA GLN A 752 30.38 -9.59 -3.78
C GLN A 752 31.17 -8.40 -3.27
N GLN A 753 32.36 -8.18 -3.84
CA GLN A 753 33.19 -7.06 -3.40
C GLN A 753 32.51 -5.73 -3.68
N SER A 754 31.91 -5.58 -4.87
CA SER A 754 31.24 -4.32 -5.20
C SER A 754 30.10 -4.05 -4.24
N ALA A 755 29.31 -5.07 -3.91
CA ALA A 755 28.18 -4.88 -3.01
C ALA A 755 28.65 -4.60 -1.59
N ALA A 756 29.76 -5.20 -1.17
CA ALA A 756 30.30 -4.88 0.16
C ALA A 756 30.72 -3.42 0.24
N VAL A 757 31.46 -2.94 -0.76
CA VAL A 757 31.89 -1.55 -0.75
C VAL A 757 30.69 -0.62 -0.81
N TYR A 758 29.72 -0.94 -1.65
CA TYR A 758 28.54 -0.09 -1.77
C TYR A 758 27.71 -0.09 -0.50
N ALA A 759 27.64 -1.23 0.19
CA ALA A 759 26.91 -1.29 1.45
C ALA A 759 27.59 -0.43 2.50
N GLY A 760 28.93 -0.47 2.57
CA GLY A 760 29.62 0.43 3.48
C GLY A 760 29.38 1.89 3.14
N MET A 761 29.44 2.23 1.86
CA MET A 761 29.22 3.61 1.45
C MET A 761 27.81 4.08 1.78
N ILE A 762 26.81 3.23 1.53
CA ILE A 762 25.43 3.58 1.83
C ILE A 762 25.22 3.69 3.33
N THR A 763 25.90 2.85 4.12
CA THR A 763 25.81 2.97 5.56
C THR A 763 26.34 4.30 6.04
N VAL A 764 27.48 4.74 5.49
CA VAL A 764 28.01 6.05 5.88
C VAL A 764 27.08 7.17 5.42
N PHE A 765 26.51 7.04 4.22
CA PHE A 765 25.55 8.02 3.73
C PHE A 765 24.37 8.15 4.69
N SER A 766 23.78 7.01 5.08
CA SER A 766 22.63 7.04 5.98
C SER A 766 23.02 7.57 7.35
N ASN A 767 24.20 7.22 7.84
CA ASN A 767 24.66 7.74 9.13
C ASN A 767 24.74 9.26 9.09
N ARG A 768 25.34 9.80 8.03
CA ARG A 768 25.52 11.25 7.97
C ARG A 768 24.19 11.97 7.71
N LEU A 769 23.26 11.32 7.03
CA LEU A 769 21.96 11.94 6.81
C LEU A 769 21.06 11.86 8.04
N GLY A 770 21.48 11.17 9.09
CA GLY A 770 20.66 11.04 10.27
C GLY A 770 19.59 9.98 10.19
N TRP A 771 19.76 8.98 9.32
CA TRP A 771 18.81 7.87 9.20
C TRP A 771 19.32 6.73 10.07
N HIS A 772 18.88 6.73 11.32
CA HIS A 772 19.45 5.80 12.31
C HIS A 772 18.97 4.38 12.07
N ASN A 773 17.70 4.18 11.75
CA ASN A 773 17.19 2.83 11.53
C ASN A 773 17.75 2.23 10.25
N MET A 774 17.82 3.02 9.18
CA MET A 774 18.42 2.53 7.95
C MET A 774 19.89 2.18 8.16
N GLU A 775 20.63 3.03 8.88
CA GLU A 775 22.03 2.74 9.17
C GLU A 775 22.15 1.47 10.01
N LEU A 776 21.26 1.29 10.99
CA LEU A 776 21.30 0.10 11.82
C LEU A 776 21.07 -1.15 11.00
N LEU A 777 20.11 -1.11 10.08
CA LEU A 777 19.85 -2.27 9.24
C LEU A 777 21.02 -2.55 8.29
N LEU A 778 21.63 -1.49 7.75
CA LEU A 778 22.69 -1.66 6.77
C LEU A 778 24.05 -1.96 7.38
N SER A 779 24.22 -1.74 8.68
CA SER A 779 25.54 -1.87 9.29
C SER A 779 26.06 -3.30 9.18
N GLN A 780 25.21 -4.28 9.45
CA GLN A 780 25.65 -5.67 9.41
C GLN A 780 26.06 -6.09 8.01
N PHE A 781 25.34 -5.63 6.99
CA PHE A 781 25.44 -6.22 5.66
C PHE A 781 26.82 -6.05 5.02
N GLN A 782 27.61 -5.07 5.44
CA GLN A 782 28.91 -4.88 4.81
C GLN A 782 29.80 -6.11 5.02
N LYS A 783 29.86 -6.60 6.26
CA LYS A 783 30.71 -7.76 6.54
C LYS A 783 30.12 -9.04 5.97
N ARG A 784 28.79 -9.19 6.06
CA ARG A 784 28.13 -10.36 5.49
C ARG A 784 28.40 -10.45 4.00
N LEU A 785 28.40 -9.31 3.31
CA LEU A 785 28.70 -9.31 1.88
C LEU A 785 30.19 -9.46 1.63
N THR A 786 31.04 -8.93 2.49
CA THR A 786 32.47 -9.11 2.31
C THR A 786 32.84 -10.59 2.36
N PHE A 787 32.25 -11.32 3.30
CA PHE A 787 32.58 -12.73 3.48
C PHE A 787 31.50 -13.68 2.95
N GLY A 788 30.30 -13.18 2.66
CA GLY A 788 29.23 -14.04 2.21
C GLY A 788 28.80 -15.02 3.28
N ILE A 789 28.61 -14.53 4.50
CA ILE A 789 28.31 -15.37 5.65
C ILE A 789 26.94 -15.02 6.22
N GLN A 790 26.55 -15.74 7.27
CA GLN A 790 25.32 -15.47 7.99
C GLN A 790 25.60 -14.58 9.19
N ARG A 791 24.53 -14.08 9.81
CA ARG A 791 24.69 -13.15 10.94
C ARG A 791 25.53 -13.77 12.03
N GLU A 792 25.45 -15.09 12.21
CA GLU A 792 26.13 -15.74 13.33
C GLU A 792 27.64 -15.72 13.15
N LEU A 793 28.11 -15.90 11.92
CA LEU A 793 29.55 -15.98 11.67
C LEU A 793 30.23 -14.63 11.61
N CYS A 794 29.48 -13.53 11.68
CA CYS A 794 30.09 -12.21 11.49
C CYS A 794 31.16 -11.94 12.54
N ASP A 795 30.88 -12.27 13.80
CA ASP A 795 31.88 -12.08 14.84
C ASP A 795 33.02 -13.08 14.69
N LEU A 796 32.70 -14.30 14.26
CA LEU A 796 33.71 -15.35 14.12
C LEU A 796 34.67 -15.12 12.96
N VAL A 797 34.34 -14.25 12.01
CA VAL A 797 35.23 -13.97 10.89
C VAL A 797 36.14 -12.77 11.16
N ARG A 798 36.04 -12.16 12.33
CA ARG A 798 36.98 -11.09 12.68
C ARG A 798 38.42 -11.58 12.69
N VAL A 799 38.63 -12.89 12.84
CA VAL A 799 39.96 -13.46 12.73
C VAL A 799 40.34 -13.48 11.26
N SER A 800 41.42 -12.79 10.90
CA SER A 800 41.82 -12.72 9.51
C SER A 800 42.04 -14.10 8.93
N LEU A 801 42.39 -15.07 9.76
CA LEU A 801 42.67 -16.43 9.33
C LEU A 801 41.43 -17.31 9.41
N LEU A 802 40.33 -16.87 8.80
CA LEU A 802 39.08 -17.63 8.85
C LEU A 802 38.23 -17.26 7.65
N ASN A 803 38.13 -18.18 6.69
CA ASN A 803 37.26 -18.01 5.55
C ASN A 803 35.80 -18.13 5.99
N ALA A 804 34.89 -17.99 5.02
CA ALA A 804 33.48 -18.25 5.30
C ALA A 804 33.23 -19.72 5.53
N GLN A 805 33.99 -20.59 4.85
CA GLN A 805 33.86 -22.03 5.08
C GLN A 805 34.56 -22.45 6.37
N ARG A 806 35.70 -21.84 6.68
CA ARG A 806 36.40 -22.18 7.91
C ARG A 806 35.68 -21.63 9.13
N ALA A 807 34.91 -20.56 8.96
CA ALA A 807 34.11 -20.06 10.07
C ALA A 807 32.92 -20.97 10.34
N ARG A 808 32.38 -21.60 9.30
CA ARG A 808 31.22 -22.47 9.50
C ARG A 808 31.61 -23.76 10.21
N VAL A 809 32.68 -24.41 9.76
CA VAL A 809 33.08 -25.68 10.37
C VAL A 809 33.47 -25.47 11.83
N LEU A 810 34.10 -24.34 12.13
CA LEU A 810 34.42 -24.03 13.52
C LEU A 810 33.17 -23.60 14.29
N TYR A 811 32.25 -22.89 13.64
CA TYR A 811 31.02 -22.50 14.30
C TYR A 811 30.14 -23.72 14.58
N ALA A 812 29.94 -24.57 13.56
CA ALA A 812 29.14 -25.76 13.76
C ALA A 812 29.68 -26.62 14.88
N SER A 813 31.00 -26.61 15.07
CA SER A 813 31.62 -27.37 16.15
C SER A 813 31.18 -26.84 17.51
N GLY A 814 31.14 -25.52 17.67
CA GLY A 814 30.78 -24.94 18.95
C GLY A 814 31.51 -23.65 19.27
N PHE A 815 32.48 -23.26 18.45
CA PHE A 815 33.19 -21.99 18.62
C PHE A 815 32.35 -20.90 17.95
N HIS A 816 31.51 -20.25 18.76
CA HIS A 816 30.59 -19.23 18.28
C HIS A 816 31.08 -17.82 18.51
N THR A 817 32.34 -17.65 18.91
CA THR A 817 32.86 -16.31 19.21
C THR A 817 34.37 -16.35 19.12
N VAL A 818 34.96 -15.17 18.88
CA VAL A 818 36.42 -15.07 18.87
C VAL A 818 36.98 -15.35 20.25
N ALA A 819 36.29 -14.91 21.29
CA ALA A 819 36.72 -15.20 22.64
C ALA A 819 36.72 -16.70 22.90
N ASP A 820 35.67 -17.40 22.46
CA ASP A 820 35.63 -18.85 22.60
C ASP A 820 36.79 -19.49 21.85
N LEU A 821 37.18 -18.90 20.71
CA LEU A 821 38.35 -19.40 19.99
C LEU A 821 39.62 -19.21 20.81
N ALA A 822 39.77 -18.06 21.47
CA ALA A 822 40.97 -17.82 22.27
C ALA A 822 41.13 -18.90 23.34
N ARG A 823 40.02 -19.46 23.81
CA ARG A 823 40.04 -20.51 24.82
C ARG A 823 39.84 -21.86 24.12
N ALA A 824 40.94 -22.39 23.58
CA ALA A 824 40.89 -23.66 22.88
C ALA A 824 42.31 -24.15 22.66
N ASN A 825 42.48 -25.47 22.68
CA ASN A 825 43.79 -26.07 22.43
C ASN A 825 44.02 -26.23 20.93
N ILE A 826 45.27 -26.13 20.53
CA ILE A 826 45.61 -26.18 19.11
C ILE A 826 45.20 -27.51 18.51
N VAL A 827 45.35 -28.60 19.26
CA VAL A 827 45.03 -29.93 18.73
C VAL A 827 43.55 -30.03 18.39
N GLU A 828 42.69 -29.44 19.23
CA GLU A 828 41.26 -29.48 18.98
C GLU A 828 40.91 -28.82 17.64
N VAL A 829 41.40 -27.59 17.45
CA VAL A 829 41.11 -26.88 16.21
C VAL A 829 41.74 -27.60 15.03
N GLU A 830 42.91 -28.21 15.22
CA GLU A 830 43.55 -28.95 14.13
C GLU A 830 42.71 -30.14 13.70
N VAL A 831 42.20 -30.91 14.66
CA VAL A 831 41.36 -32.05 14.30
C VAL A 831 40.06 -31.57 13.67
N ILE A 832 39.53 -30.43 14.12
CA ILE A 832 38.32 -29.89 13.51
C ILE A 832 38.59 -29.53 12.05
N LEU A 833 39.71 -28.87 11.78
CA LEU A 833 40.04 -28.48 10.42
C LEU A 833 40.29 -29.70 9.54
N LYS A 834 40.91 -30.74 10.10
CA LYS A 834 41.16 -31.96 9.33
C LYS A 834 39.86 -32.57 8.84
N ASN A 835 38.84 -32.61 9.70
CA ASN A 835 37.56 -33.20 9.35
C ASN A 835 36.69 -32.20 8.60
N ASN A 858 51.58 -31.64 7.82
CA ASN A 858 52.83 -31.49 7.07
C ASN A 858 52.55 -31.23 5.60
N MET A 859 51.28 -31.30 5.20
CA MET A 859 50.86 -31.02 3.83
C MET A 859 50.15 -29.68 3.81
N ARG A 860 50.60 -28.79 2.93
CA ARG A 860 50.04 -27.44 2.83
C ARG A 860 48.78 -27.52 1.97
N THR A 861 47.63 -27.70 2.63
CA THR A 861 46.37 -27.96 1.95
C THR A 861 45.38 -26.81 2.02
N ILE A 862 45.50 -25.90 2.99
CA ILE A 862 44.61 -24.75 3.09
C ILE A 862 45.33 -23.53 2.53
N TRP A 863 44.57 -22.66 1.88
CA TRP A 863 45.11 -21.44 1.28
C TRP A 863 44.55 -20.22 2.00
N VAL A 864 45.42 -19.26 2.28
CA VAL A 864 45.01 -17.99 2.88
C VAL A 864 45.83 -16.88 2.24
N THR A 865 45.24 -15.69 2.17
CA THR A 865 45.90 -14.58 1.48
C THR A 865 47.21 -14.22 2.16
N GLY A 866 48.25 -14.01 1.35
CA GLY A 866 49.55 -13.65 1.87
C GLY A 866 50.10 -14.69 2.83
N ARG A 867 50.03 -15.95 2.44
CA ARG A 867 50.35 -17.07 3.31
C ARG A 867 51.86 -17.35 3.30
N LYS A 868 52.22 -18.40 4.04
CA LYS A 868 53.60 -18.87 4.15
C LYS A 868 53.54 -20.39 4.14
N GLY A 869 54.58 -21.04 4.63
CA GLY A 869 54.58 -22.50 4.65
C GLY A 869 53.57 -23.01 5.64
N LEU A 870 52.29 -22.79 5.33
CA LEU A 870 51.19 -23.02 6.24
C LEU A 870 50.45 -24.30 5.87
N THR A 871 50.37 -25.22 6.83
CA THR A 871 49.52 -26.41 6.73
C THR A 871 48.48 -26.36 7.84
N GLU A 872 47.62 -27.37 7.88
CA GLU A 872 46.55 -27.40 8.87
C GLU A 872 47.07 -27.51 10.29
N ARG A 873 48.35 -27.89 10.47
CA ARG A 873 48.89 -28.00 11.82
C ARG A 873 49.07 -26.63 12.45
N GLU A 874 49.90 -25.77 11.86
CA GLU A 874 50.11 -24.44 12.41
C GLU A 874 49.01 -23.46 12.01
N ALA A 875 48.18 -23.81 11.03
CA ALA A 875 47.02 -22.96 10.74
C ALA A 875 46.10 -22.87 11.94
N ALA A 876 45.86 -23.99 12.61
CA ALA A 876 45.11 -23.96 13.85
C ALA A 876 45.83 -23.15 14.91
N ALA A 877 47.16 -23.25 14.95
CA ALA A 877 47.94 -22.51 15.94
C ALA A 877 47.79 -21.01 15.76
N LEU A 878 47.79 -20.54 14.50
CA LEU A 878 47.66 -19.11 14.26
C LEU A 878 46.24 -18.61 14.51
N ILE A 879 45.24 -19.48 14.31
CA ILE A 879 43.86 -19.07 14.54
C ILE A 879 43.66 -18.71 16.01
N VAL A 880 44.17 -19.54 16.91
CA VAL A 880 44.04 -19.24 18.33
C VAL A 880 44.95 -18.07 18.70
N GLU A 881 46.15 -18.01 18.11
CA GLU A 881 47.08 -16.94 18.44
C GLU A 881 46.51 -15.58 18.07
N GLU A 882 45.93 -15.47 16.86
CA GLU A 882 45.33 -14.21 16.45
C GLU A 882 44.03 -13.93 17.21
N ALA A 883 43.31 -14.99 17.60
CA ALA A 883 42.14 -14.81 18.43
C ALA A 883 42.51 -14.17 19.77
N ARG A 884 43.63 -14.61 20.35
CA ARG A 884 44.13 -13.97 21.57
C ARG A 884 44.51 -12.52 21.30
N MET A 885 45.15 -12.26 20.17
CA MET A 885 45.57 -10.90 19.86
C MET A 885 44.36 -9.97 19.72
N ILE A 886 43.27 -10.46 19.11
CA ILE A 886 42.09 -9.63 18.97
C ILE A 886 41.56 -9.22 20.33
N LEU A 887 41.51 -10.16 21.26
CA LEU A 887 41.09 -9.84 22.63
C LEU A 887 42.16 -9.02 23.33
N GLY B 108 18.12 -27.68 55.07
CA GLY B 108 17.65 -27.47 53.71
C GLY B 108 16.30 -28.09 53.44
N LYS B 109 15.44 -28.10 54.47
CA LYS B 109 14.12 -28.69 54.39
C LYS B 109 13.03 -27.65 54.14
N ASN B 110 13.34 -26.59 53.38
CA ASN B 110 12.37 -25.54 53.11
C ASN B 110 11.93 -24.88 54.41
N LEU B 111 11.13 -23.82 54.31
CA LEU B 111 10.62 -23.14 55.48
C LEU B 111 9.52 -22.18 55.04
N VAL B 112 8.52 -22.01 55.90
CA VAL B 112 7.46 -21.03 55.68
C VAL B 112 7.08 -20.48 57.05
N TYR B 113 7.37 -19.21 57.28
CA TYR B 113 7.11 -18.59 58.57
C TYR B 113 6.44 -17.24 58.34
N SER B 114 5.68 -16.81 59.36
CA SER B 114 4.95 -15.56 59.32
C SER B 114 5.21 -14.79 60.61
N ALA B 115 5.13 -13.47 60.51
CA ALA B 115 5.35 -12.60 61.65
C ALA B 115 4.96 -11.17 61.28
N PRO B 116 4.53 -10.35 62.23
CA PRO B 116 4.16 -8.97 61.90
C PRO B 116 5.36 -8.20 61.36
N THR B 117 5.11 -7.35 60.37
CA THR B 117 6.16 -6.51 59.84
C THR B 117 6.63 -5.53 60.91
N SER B 118 7.87 -5.06 60.77
CA SER B 118 8.56 -4.24 61.75
C SER B 118 9.07 -5.07 62.92
N ALA B 119 9.07 -6.39 62.80
CA ALA B 119 9.60 -7.28 63.83
C ALA B 119 10.87 -7.99 63.36
N GLY B 120 11.54 -7.44 62.34
CA GLY B 120 12.72 -8.09 61.81
C GLY B 120 12.44 -9.44 61.20
N LYS B 121 11.30 -9.59 60.52
CA LYS B 121 10.95 -10.88 59.94
C LYS B 121 11.96 -11.30 58.87
N THR B 122 12.66 -10.34 58.28
CA THR B 122 13.64 -10.66 57.25
C THR B 122 14.99 -11.08 57.81
N LEU B 123 15.20 -10.95 59.12
CA LEU B 123 16.51 -11.30 59.68
C LEU B 123 16.81 -12.78 59.49
N VAL B 124 15.84 -13.64 59.73
CA VAL B 124 16.06 -15.08 59.59
C VAL B 124 16.30 -15.42 58.13
N ALA B 125 15.61 -14.76 57.20
CA ALA B 125 15.83 -15.01 55.79
C ALA B 125 17.24 -14.59 55.37
N GLU B 126 17.70 -13.44 55.85
CA GLU B 126 19.08 -13.03 55.56
C GLU B 126 20.08 -14.03 56.14
N LEU B 127 19.84 -14.50 57.37
CA LEU B 127 20.75 -15.47 57.95
C LEU B 127 20.78 -16.75 57.12
N LEU B 128 19.61 -17.22 56.70
CA LEU B 128 19.55 -18.46 55.92
C LEU B 128 20.21 -18.30 54.56
N ILE B 129 19.98 -17.17 53.89
CA ILE B 129 20.59 -16.96 52.58
C ILE B 129 22.11 -16.87 52.72
N LEU B 130 22.59 -16.18 53.75
CA LEU B 130 24.03 -16.13 53.99
C LEU B 130 24.58 -17.54 54.22
N LYS B 131 23.92 -18.32 55.08
CA LYS B 131 24.43 -19.65 55.39
C LYS B 131 24.48 -20.52 54.14
N ARG B 132 23.39 -20.54 53.37
CA ARG B 132 23.33 -21.40 52.19
C ARG B 132 24.33 -20.96 51.14
N VAL B 133 24.44 -19.65 50.88
CA VAL B 133 25.37 -19.17 49.86
C VAL B 133 26.80 -19.45 50.26
N LEU B 134 27.11 -19.36 51.56
CA LEU B 134 28.48 -19.60 52.01
C LEU B 134 28.81 -21.09 52.03
N GLU B 135 27.84 -21.94 52.39
CA GLU B 135 28.10 -23.37 52.49
C GLU B 135 28.08 -24.04 51.12
N MET B 136 26.94 -24.00 50.43
CA MET B 136 26.80 -24.71 49.18
C MET B 136 27.42 -23.97 48.00
N ARG B 137 27.77 -22.70 48.16
CA ARG B 137 28.32 -21.89 47.08
C ARG B 137 27.37 -21.86 45.89
N LYS B 138 26.07 -21.88 46.16
CA LYS B 138 25.03 -21.87 45.13
C LYS B 138 24.32 -20.52 45.13
N LYS B 139 23.61 -20.25 44.03
CA LYS B 139 22.89 -19.00 43.90
C LYS B 139 21.73 -18.96 44.89
N ALA B 140 21.03 -17.83 44.90
CA ALA B 140 19.86 -17.67 45.76
C ALA B 140 19.02 -16.51 45.24
N LEU B 141 17.76 -16.78 44.95
CA LEU B 141 16.83 -15.74 44.51
C LEU B 141 16.13 -15.15 45.73
N PHE B 142 15.91 -13.84 45.71
CA PHE B 142 15.16 -13.14 46.75
C PHE B 142 14.00 -12.43 46.06
N ILE B 143 12.82 -13.03 46.12
CA ILE B 143 11.67 -12.55 45.37
C ILE B 143 10.91 -11.53 46.22
N LEU B 144 10.85 -10.29 45.73
CA LEU B 144 10.06 -9.24 46.33
C LEU B 144 8.89 -8.91 45.42
N PRO B 145 7.78 -8.42 45.97
CA PRO B 145 6.59 -8.21 45.13
C PRO B 145 6.68 -6.98 44.24
N PHE B 146 7.32 -5.91 44.70
CA PHE B 146 7.31 -4.64 44.01
C PHE B 146 8.73 -4.17 43.70
N VAL B 147 8.84 -3.30 42.70
CA VAL B 147 10.15 -2.86 42.22
C VAL B 147 10.83 -1.98 43.26
N SER B 148 10.07 -1.12 43.95
CA SER B 148 10.67 -0.22 44.92
C SER B 148 11.24 -0.98 46.10
N VAL B 149 10.44 -1.88 46.70
CA VAL B 149 10.92 -2.69 47.80
C VAL B 149 12.03 -3.62 47.33
N ALA B 150 11.94 -4.09 46.09
CA ALA B 150 13.01 -4.94 45.55
C ALA B 150 14.31 -4.16 45.48
N LYS B 151 14.27 -2.91 45.00
CA LYS B 151 15.47 -2.09 44.95
C LYS B 151 16.03 -1.84 46.34
N GLU B 152 15.16 -1.53 47.30
CA GLU B 152 15.61 -1.28 48.66
C GLU B 152 16.29 -2.52 49.24
N LYS B 153 15.68 -3.70 49.04
CA LYS B 153 16.26 -4.93 49.55
C LYS B 153 17.59 -5.23 48.85
N LYS B 154 17.67 -4.97 47.54
CA LYS B 154 18.91 -5.20 46.83
C LYS B 154 20.03 -4.35 47.39
N TYR B 155 19.75 -3.07 47.64
CA TYR B 155 20.77 -2.19 48.21
C TYR B 155 21.15 -2.62 49.62
N TYR B 156 20.16 -3.02 50.42
CA TYR B 156 20.47 -3.49 51.77
C TYR B 156 21.36 -4.72 51.74
N LEU B 157 21.03 -5.69 50.88
CA LEU B 157 21.84 -6.90 50.79
C LEU B 157 23.23 -6.59 50.27
N GLN B 158 23.34 -5.67 49.32
CA GLN B 158 24.65 -5.27 48.83
C GLN B 158 25.49 -4.69 49.97
N SER B 159 24.90 -3.75 50.73
CA SER B 159 25.65 -3.16 51.83
C SER B 159 26.06 -4.21 52.84
N LEU B 160 25.16 -5.14 53.15
CA LEU B 160 25.45 -6.17 54.15
C LEU B 160 26.54 -7.13 53.69
N PHE B 161 26.50 -7.58 52.45
CA PHE B 161 27.32 -8.70 51.99
C PHE B 161 28.46 -8.28 51.08
N GLN B 162 28.72 -6.97 50.92
CA GLN B 162 29.89 -6.56 50.13
C GLN B 162 31.19 -7.05 50.76
N GLU B 163 31.24 -7.13 52.09
CA GLU B 163 32.47 -7.48 52.80
C GLU B 163 32.72 -8.98 52.83
N VAL B 164 31.80 -9.81 52.32
CA VAL B 164 31.98 -11.26 52.33
C VAL B 164 32.09 -11.78 50.89
N GLY B 165 32.41 -10.90 49.96
CA GLY B 165 32.60 -11.33 48.58
C GLY B 165 31.37 -11.96 47.96
N ILE B 166 30.19 -11.44 48.28
CA ILE B 166 28.93 -11.93 47.72
C ILE B 166 28.39 -10.86 46.78
N LYS B 167 28.21 -11.21 45.52
CA LYS B 167 27.69 -10.28 44.54
C LYS B 167 26.16 -10.32 44.55
N VAL B 168 25.55 -9.16 44.81
CA VAL B 168 24.09 -9.05 44.85
C VAL B 168 23.67 -8.12 43.72
N ASP B 169 22.81 -8.61 42.84
CA ASP B 169 22.32 -7.82 41.71
C ASP B 169 20.98 -8.41 41.30
N GLY B 170 19.97 -7.57 41.15
CA GLY B 170 18.62 -8.03 40.97
C GLY B 170 18.06 -7.83 39.58
N TYR B 171 17.11 -8.69 39.22
CA TYR B 171 16.34 -8.58 37.99
C TYR B 171 14.98 -8.01 38.38
N MET B 172 14.84 -6.69 38.31
CA MET B 172 13.60 -6.04 38.70
C MET B 172 13.29 -4.90 37.74
N GLY B 173 12.01 -4.59 37.62
CA GLY B 173 11.59 -3.52 36.73
C GLY B 173 12.03 -3.80 35.31
N SER B 174 12.52 -2.75 34.65
CA SER B 174 13.08 -2.86 33.31
C SER B 174 14.58 -3.10 33.33
N THR B 175 15.19 -3.22 34.51
CA THR B 175 16.62 -3.36 34.63
C THR B 175 17.01 -4.83 34.72
N SER B 176 18.30 -5.09 34.51
CA SER B 176 18.87 -6.42 34.66
C SER B 176 20.35 -6.25 35.00
N PRO B 177 20.95 -7.21 35.70
CA PRO B 177 22.36 -7.06 36.07
C PRO B 177 23.25 -6.93 34.83
N SER B 178 24.27 -6.09 34.95
CA SER B 178 25.24 -5.90 33.89
C SER B 178 26.18 -7.10 33.73
N ARG B 179 26.14 -8.04 34.67
CA ARG B 179 27.00 -9.21 34.64
C ARG B 179 26.14 -10.47 34.53
N HIS B 180 26.73 -11.52 34.00
CA HIS B 180 25.99 -12.75 33.75
C HIS B 180 25.53 -13.38 35.07
N PHE B 181 24.41 -14.10 35.00
CA PHE B 181 23.86 -14.73 36.19
C PHE B 181 24.86 -15.67 36.85
N SER B 182 25.81 -16.19 36.07
CA SER B 182 26.81 -17.09 36.65
C SER B 182 27.63 -16.39 37.71
N SER B 183 28.00 -15.13 37.48
CA SER B 183 28.82 -14.40 38.44
C SER B 183 28.05 -14.00 39.69
N LEU B 184 26.72 -13.94 39.61
CA LEU B 184 25.92 -13.49 40.75
C LEU B 184 25.93 -14.54 41.86
N ASP B 185 25.76 -14.06 43.09
CA ASP B 185 25.59 -14.92 44.26
C ASP B 185 24.20 -14.82 44.86
N ILE B 186 23.58 -13.63 44.82
CA ILE B 186 22.19 -13.43 45.20
C ILE B 186 21.54 -12.60 44.13
N ALA B 187 20.35 -13.01 43.69
CA ALA B 187 19.57 -12.27 42.71
C ALA B 187 18.28 -11.81 43.37
N VAL B 188 18.15 -10.50 43.59
CA VAL B 188 16.96 -9.92 44.21
C VAL B 188 16.04 -9.52 43.06
N CYS B 189 15.16 -10.43 42.66
CA CYS B 189 14.28 -10.23 41.53
C CYS B 189 12.84 -10.04 42.02
N THR B 190 11.99 -9.62 41.08
CA THR B 190 10.56 -9.47 41.33
C THR B 190 9.86 -10.78 40.98
N ILE B 191 8.56 -10.86 41.32
CA ILE B 191 7.82 -12.10 41.12
C ILE B 191 7.87 -12.53 39.66
N GLU B 192 7.52 -11.61 38.75
CA GLU B 192 7.46 -11.97 37.34
C GLU B 192 8.85 -12.23 36.77
N ARG B 193 9.84 -11.44 37.18
CA ARG B 193 11.18 -11.63 36.66
C ARG B 193 11.85 -12.83 37.29
N ALA B 194 11.49 -13.17 38.53
CA ALA B 194 11.96 -14.43 39.11
C ALA B 194 11.33 -15.62 38.39
N ASN B 195 10.05 -15.52 38.02
CA ASN B 195 9.44 -16.57 37.23
C ASN B 195 10.15 -16.74 35.89
N GLY B 196 10.46 -15.62 35.23
CA GLY B 196 11.20 -15.70 33.98
C GLY B 196 12.59 -16.27 34.17
N LEU B 197 13.25 -15.92 35.28
CA LEU B 197 14.56 -16.46 35.57
C LEU B 197 14.51 -17.97 35.72
N ILE B 198 13.51 -18.46 36.46
CA ILE B 198 13.39 -19.90 36.65
C ILE B 198 13.03 -20.59 35.34
N ASN B 199 12.20 -19.95 34.52
CA ASN B 199 11.91 -20.52 33.20
C ASN B 199 13.17 -20.64 32.36
N ARG B 200 14.02 -19.61 32.38
CA ARG B 200 15.26 -19.66 31.60
C ARG B 200 16.21 -20.71 32.15
N LEU B 201 16.29 -20.83 33.49
CA LEU B 201 17.14 -21.86 34.08
C LEU B 201 16.65 -23.25 33.68
N ILE B 202 15.34 -23.47 33.68
CA ILE B 202 14.79 -24.75 33.24
C ILE B 202 15.11 -24.99 31.78
N GLU B 203 14.97 -23.95 30.95
CA GLU B 203 15.25 -24.09 29.53
C GLU B 203 16.71 -24.46 29.28
N GLU B 204 17.63 -23.85 30.03
CA GLU B 204 19.05 -24.11 29.88
C GLU B 204 19.52 -25.32 30.67
N ASN B 205 18.61 -26.03 31.34
CA ASN B 205 18.96 -27.22 32.11
C ASN B 205 20.05 -26.93 33.13
N LYS B 206 19.91 -25.81 33.84
CA LYS B 206 20.84 -25.43 34.89
C LYS B 206 20.11 -25.01 36.16
N MET B 207 18.95 -25.62 36.42
CA MET B 207 18.24 -25.35 37.66
C MET B 207 19.03 -25.81 38.88
N ASP B 208 19.97 -26.73 38.68
CA ASP B 208 20.83 -27.17 39.77
C ASP B 208 21.78 -26.07 40.24
N LEU B 209 21.89 -24.98 39.49
CA LEU B 209 22.73 -23.87 39.90
C LEU B 209 22.14 -23.14 41.11
N LEU B 210 20.82 -23.19 41.28
CA LEU B 210 20.18 -22.52 42.40
C LEU B 210 20.46 -23.24 43.71
N GLY B 211 20.41 -22.49 44.80
CA GLY B 211 20.61 -23.05 46.12
C GLY B 211 19.42 -22.83 47.02
N MET B 212 18.65 -21.77 46.75
CA MET B 212 17.44 -21.49 47.52
C MET B 212 16.65 -20.37 46.86
N VAL B 213 15.36 -20.27 47.17
CA VAL B 213 14.48 -19.25 46.60
C VAL B 213 13.71 -18.64 47.76
N VAL B 214 14.20 -17.51 48.26
CA VAL B 214 13.55 -16.83 49.37
C VAL B 214 12.44 -15.95 48.82
N VAL B 215 11.22 -16.15 49.33
CA VAL B 215 10.04 -15.42 48.88
C VAL B 215 9.54 -14.57 50.03
N ASP B 216 9.42 -13.27 49.81
CA ASP B 216 8.88 -12.33 50.78
C ASP B 216 7.45 -11.97 50.39
N GLU B 217 6.65 -11.66 51.40
CA GLU B 217 5.23 -11.31 51.20
C GLU B 217 4.52 -12.42 50.44
N LEU B 218 4.48 -13.60 51.07
CA LEU B 218 3.87 -14.77 50.45
C LEU B 218 2.36 -14.66 50.35
N HIS B 219 1.73 -13.78 51.14
CA HIS B 219 0.28 -13.64 51.08
C HIS B 219 -0.19 -13.17 49.71
N MET B 220 0.68 -12.57 48.90
CA MET B 220 0.29 -12.16 47.56
C MET B 220 -0.11 -13.34 46.70
N LEU B 221 0.14 -14.57 47.15
CA LEU B 221 -0.31 -15.76 46.44
C LEU B 221 -1.82 -15.78 46.23
N GLY B 222 -2.58 -15.10 47.09
CA GLY B 222 -4.02 -15.10 46.97
C GLY B 222 -4.51 -14.20 45.85
N ASP B 223 -5.64 -13.53 46.07
CA ASP B 223 -6.21 -12.67 45.04
C ASP B 223 -5.22 -11.60 44.61
N SER B 224 -4.77 -11.69 43.36
CA SER B 224 -3.81 -10.75 42.80
C SER B 224 -3.55 -11.12 41.36
N HIS B 225 -3.11 -10.14 40.58
CA HIS B 225 -2.75 -10.35 39.18
C HIS B 225 -1.32 -10.84 39.01
N ARG B 226 -0.54 -10.92 40.09
CA ARG B 226 0.83 -11.40 40.04
C ARG B 226 1.10 -12.56 41.00
N GLY B 227 0.16 -12.89 41.87
CA GLY B 227 0.37 -14.00 42.78
C GLY B 227 0.45 -15.34 42.05
N TYR B 228 -0.31 -15.49 40.97
CA TYR B 228 -0.28 -16.76 40.25
C TYR B 228 1.10 -17.04 39.67
N LEU B 229 1.83 -15.99 39.30
CA LEU B 229 3.21 -16.19 38.86
C LEU B 229 4.04 -16.79 39.97
N LEU B 230 3.88 -16.29 41.20
CA LEU B 230 4.55 -16.88 42.34
C LEU B 230 4.14 -18.34 42.52
N GLU B 231 2.86 -18.63 42.33
CA GLU B 231 2.38 -19.99 42.51
C GLU B 231 3.03 -20.94 41.50
N LEU B 232 3.04 -20.55 40.22
CA LEU B 232 3.69 -21.38 39.21
C LEU B 232 5.19 -21.51 39.47
N LEU B 233 5.82 -20.41 39.91
CA LEU B 233 7.24 -20.46 40.24
C LEU B 233 7.52 -21.52 41.29
N LEU B 234 6.81 -21.45 42.41
CA LEU B 234 7.04 -22.42 43.48
C LEU B 234 6.63 -23.83 43.06
N THR B 235 5.59 -23.94 42.22
CA THR B 235 5.19 -25.24 41.72
C THR B 235 6.30 -25.87 40.89
N LYS B 236 6.92 -25.09 40.01
CA LYS B 236 8.03 -25.61 39.23
C LYS B 236 9.19 -26.02 40.13
N ILE B 237 9.50 -25.19 41.13
CA ILE B 237 10.60 -25.54 42.02
C ILE B 237 10.34 -26.88 42.69
N CYS B 238 9.15 -27.04 43.29
CA CYS B 238 8.89 -28.26 44.05
C CYS B 238 8.75 -29.46 43.13
N TYR B 239 8.18 -29.27 41.94
CA TYR B 239 8.09 -30.38 40.99
C TYR B 239 9.47 -30.86 40.56
N ILE B 240 10.35 -29.93 40.19
CA ILE B 240 11.68 -30.35 39.76
C ILE B 240 12.45 -30.94 40.92
N THR B 241 12.14 -30.54 42.16
CA THR B 241 12.79 -31.16 43.30
C THR B 241 12.31 -32.60 43.50
N ARG B 242 10.99 -32.81 43.45
CA ARG B 242 10.46 -34.15 43.70
C ARG B 242 10.81 -35.12 42.57
N LYS B 243 10.81 -34.64 41.32
CA LYS B 243 11.10 -35.52 40.20
C LYS B 243 12.54 -36.02 40.26
N SER B 244 13.47 -35.16 40.64
CA SER B 244 14.89 -35.51 40.75
C SER B 244 15.40 -35.00 42.09
N ALA B 245 15.73 -35.94 42.99
CA ALA B 245 16.22 -35.59 44.32
C ALA B 245 17.73 -35.47 44.32
N SER B 256 14.75 -34.81 49.70
CA SER B 256 14.17 -33.59 49.14
C SER B 256 14.92 -32.36 49.66
N ASN B 257 16.24 -32.33 49.39
CA ASN B 257 17.11 -31.23 49.82
C ASN B 257 17.93 -30.80 48.60
N ALA B 258 17.32 -30.00 47.73
CA ALA B 258 18.03 -29.45 46.57
C ALA B 258 17.91 -27.93 46.47
N VAL B 259 16.74 -27.37 46.82
CA VAL B 259 16.52 -25.93 46.71
C VAL B 259 15.63 -25.51 47.87
N GLN B 260 16.21 -24.85 48.87
CA GLN B 260 15.45 -24.41 50.03
C GLN B 260 14.54 -23.25 49.67
N ILE B 261 13.34 -23.25 50.25
CA ILE B 261 12.35 -22.20 50.03
C ILE B 261 11.98 -21.61 51.38
N VAL B 262 11.99 -20.28 51.47
CA VAL B 262 11.59 -19.57 52.67
C VAL B 262 10.40 -18.68 52.32
N GLY B 263 9.61 -18.35 53.34
CA GLY B 263 8.42 -17.55 53.12
C GLY B 263 8.23 -16.52 54.22
N MET B 264 7.44 -15.50 53.90
CA MET B 264 7.09 -14.46 54.85
C MET B 264 5.70 -13.93 54.51
N SER B 265 4.98 -13.49 55.53
CA SER B 265 3.65 -12.93 55.32
C SER B 265 3.06 -12.38 56.61
N ALA B 266 1.86 -11.80 56.51
CA ALA B 266 1.10 -11.38 57.67
C ALA B 266 0.43 -12.62 58.28
N THR B 267 -0.60 -12.40 59.10
CA THR B 267 -1.29 -13.51 59.74
C THR B 267 -2.19 -14.23 58.74
N LEU B 268 -1.66 -15.30 58.13
CA LEU B 268 -2.43 -16.07 57.15
C LEU B 268 -3.31 -17.09 57.87
N PRO B 269 -4.63 -17.08 57.67
CA PRO B 269 -5.46 -18.10 58.32
C PRO B 269 -5.06 -19.52 57.95
N ASN B 270 -4.54 -19.74 56.75
CA ASN B 270 -4.17 -21.05 56.27
C ASN B 270 -2.68 -21.12 55.96
N LEU B 271 -1.85 -20.59 56.86
CA LEU B 271 -0.41 -20.68 56.69
C LEU B 271 0.06 -22.13 56.75
N GLU B 272 -0.55 -22.94 57.62
CA GLU B 272 -0.21 -24.35 57.69
C GLU B 272 -0.48 -25.05 56.37
N LEU B 273 -1.56 -24.65 55.68
CA LEU B 273 -1.84 -25.22 54.37
C LEU B 273 -0.73 -24.88 53.38
N VAL B 274 -0.24 -23.65 53.41
CA VAL B 274 0.85 -23.26 52.53
C VAL B 274 2.10 -24.08 52.84
N ALA B 275 2.42 -24.25 54.13
CA ALA B 275 3.58 -25.05 54.49
C ALA B 275 3.43 -26.49 54.02
N SER B 276 2.23 -27.05 54.15
CA SER B 276 1.99 -28.40 53.66
C SER B 276 2.16 -28.47 52.14
N TRP B 277 1.67 -27.46 51.43
CA TRP B 277 1.84 -27.44 49.98
C TRP B 277 3.33 -27.43 49.62
N LEU B 278 4.11 -26.61 50.30
CA LEU B 278 5.54 -26.52 50.06
C LEU B 278 6.33 -27.58 50.81
N ASN B 279 5.68 -28.41 51.61
CA ASN B 279 6.35 -29.41 52.42
C ASN B 279 7.47 -28.78 53.24
N ALA B 280 7.12 -27.73 53.98
CA ALA B 280 8.06 -26.92 54.71
C ALA B 280 7.62 -26.80 56.16
N GLU B 281 8.49 -26.20 56.98
CA GLU B 281 8.18 -25.98 58.38
C GLU B 281 7.13 -24.88 58.52
N LEU B 282 6.79 -24.56 59.77
CA LEU B 282 5.75 -23.57 60.06
C LEU B 282 6.11 -22.85 61.33
N TYR B 283 6.17 -21.52 61.27
CA TYR B 283 6.39 -20.68 62.44
C TYR B 283 5.51 -19.45 62.31
N HIS B 284 4.61 -19.25 63.28
CA HIS B 284 3.68 -18.13 63.27
C HIS B 284 3.71 -17.50 64.66
N THR B 285 4.25 -16.29 64.74
CA THR B 285 4.33 -15.57 66.01
C THR B 285 3.81 -14.15 65.82
N ASP B 286 3.08 -13.66 66.82
CA ASP B 286 2.61 -12.29 66.85
C ASP B 286 3.44 -11.57 67.91
N PHE B 287 4.61 -11.10 67.49
CA PHE B 287 5.53 -10.40 68.37
C PHE B 287 6.02 -9.14 67.67
N ARG B 288 5.91 -8.01 68.36
CA ARG B 288 6.34 -6.73 67.84
C ARG B 288 6.82 -5.90 69.02
N PRO B 289 8.04 -5.35 68.98
CA PRO B 289 8.53 -4.63 70.16
C PRO B 289 7.72 -3.40 70.51
N VAL B 290 6.95 -2.85 69.57
CA VAL B 290 6.14 -1.66 69.81
C VAL B 290 4.66 -2.05 69.70
N PRO B 291 4.06 -2.59 70.76
CA PRO B 291 2.68 -3.08 70.64
C PRO B 291 1.71 -1.99 70.24
N LEU B 292 0.69 -2.38 69.49
CA LEU B 292 -0.32 -1.47 68.98
C LEU B 292 -1.53 -1.48 69.90
N LEU B 293 -2.03 -0.30 70.25
CA LEU B 293 -3.14 -0.15 71.16
C LEU B 293 -4.41 0.27 70.42
N GLU B 294 -5.56 -0.01 71.03
CA GLU B 294 -6.85 0.30 70.45
C GLU B 294 -7.84 0.60 71.57
N SER B 295 -8.41 1.81 71.55
CA SER B 295 -9.42 2.19 72.53
C SER B 295 -10.10 3.49 72.12
N VAL B 296 -11.43 3.50 72.11
CA VAL B 296 -12.17 4.71 71.77
C VAL B 296 -12.21 5.64 72.99
N LYS B 297 -11.79 6.88 72.78
CA LYS B 297 -11.74 7.87 73.85
C LYS B 297 -12.22 9.21 73.32
N VAL B 298 -12.72 10.05 74.22
CA VAL B 298 -13.18 11.38 73.87
C VAL B 298 -12.00 12.34 73.77
N ASP B 324 -12.87 19.81 63.84
CA ASP B 324 -13.44 18.48 63.81
C ASP B 324 -12.68 17.55 64.74
N HIS B 325 -12.17 18.09 65.85
CA HIS B 325 -11.38 17.31 66.81
C HIS B 325 -10.12 16.74 66.17
N VAL B 326 -9.60 17.43 65.15
CA VAL B 326 -8.41 16.97 64.44
C VAL B 326 -7.28 17.97 64.63
N VAL B 327 -7.63 19.25 64.82
CA VAL B 327 -6.60 20.27 64.98
C VAL B 327 -5.84 20.05 66.29
N SER B 328 -6.57 19.84 67.38
CA SER B 328 -5.92 19.55 68.66
C SER B 328 -5.13 18.25 68.58
N LEU B 329 -5.67 17.26 67.88
CA LEU B 329 -4.96 16.00 67.71
C LEU B 329 -3.61 16.23 67.04
N CYS B 330 -3.60 16.98 65.93
CA CYS B 330 -2.35 17.27 65.24
C CYS B 330 -1.40 18.06 66.12
N TYR B 331 -1.92 19.06 66.84
CA TYR B 331 -1.07 19.89 67.68
C TYR B 331 -0.40 19.07 68.78
N GLU B 332 -1.17 18.21 69.45
CA GLU B 332 -0.60 17.41 70.52
C GLU B 332 0.31 16.31 70.00
N THR B 333 0.02 15.76 68.81
CA THR B 333 0.90 14.76 68.24
C THR B 333 2.23 15.36 67.81
N ILE B 334 2.21 16.60 67.31
CA ILE B 334 3.44 17.23 66.87
C ILE B 334 4.22 17.80 68.03
N CYS B 335 3.54 18.20 69.12
CA CYS B 335 4.25 18.76 70.26
C CYS B 335 5.20 17.76 70.87
N ASP B 336 4.81 16.48 70.94
CA ASP B 336 5.63 15.45 71.54
C ASP B 336 6.75 14.95 70.62
N ASN B 337 7.01 15.65 69.51
CA ASN B 337 8.17 15.36 68.66
C ASN B 337 8.08 13.96 68.05
N HIS B 338 7.00 13.72 67.33
CA HIS B 338 6.78 12.45 66.64
C HIS B 338 6.23 12.72 65.25
N SER B 339 6.48 11.77 64.34
CA SER B 339 6.00 11.86 62.97
C SER B 339 4.60 11.25 62.85
N VAL B 340 3.93 11.60 61.75
CA VAL B 340 2.56 11.14 61.51
C VAL B 340 2.43 10.75 60.04
N LEU B 341 1.75 9.63 59.79
CA LEU B 341 1.50 9.15 58.44
C LEU B 341 0.00 9.03 58.24
N LEU B 342 -0.54 9.82 57.33
CA LEU B 342 -1.96 9.79 57.00
C LEU B 342 -2.15 9.00 55.72
N PHE B 343 -3.24 8.24 55.66
CA PHE B 343 -3.60 7.46 54.49
C PHE B 343 -4.94 7.94 53.97
N CYS B 344 -4.98 8.35 52.70
CA CYS B 344 -6.16 8.96 52.12
C CYS B 344 -6.61 8.17 50.89
N PRO B 345 -7.91 8.19 50.58
CA PRO B 345 -8.42 7.30 49.52
C PRO B 345 -8.13 7.75 48.11
N SER B 346 -7.60 8.96 47.90
CA SER B 346 -7.38 9.47 46.55
C SER B 346 -6.11 10.32 46.52
N LYS B 347 -5.86 10.89 45.35
CA LYS B 347 -4.71 11.76 45.09
C LYS B 347 -5.01 13.22 45.38
N LYS B 348 -6.06 13.76 44.75
CA LYS B 348 -6.39 15.17 44.91
C LYS B 348 -6.70 15.49 46.36
N TRP B 349 -7.46 14.62 47.03
CA TRP B 349 -7.78 14.86 48.43
C TRP B 349 -6.56 14.70 49.31
N CYS B 350 -5.61 13.85 48.92
CA CYS B 350 -4.36 13.77 49.66
C CYS B 350 -3.59 15.08 49.58
N GLU B 351 -3.46 15.64 48.37
CA GLU B 351 -2.78 16.93 48.25
C GLU B 351 -3.54 18.02 49.01
N LYS B 352 -4.87 17.98 48.96
CA LYS B 352 -5.66 19.00 49.65
C LYS B 352 -5.47 18.93 51.16
N LEU B 353 -5.47 17.71 51.72
CA LEU B 353 -5.27 17.56 53.15
C LEU B 353 -3.86 18.00 53.55
N ALA B 354 -2.86 17.66 52.73
CA ALA B 354 -1.52 18.18 53.00
C ALA B 354 -1.52 19.70 52.99
N ASP B 355 -2.26 20.30 52.05
CA ASP B 355 -2.33 21.75 51.97
C ASP B 355 -2.92 22.35 53.24
N ILE B 356 -4.05 21.81 53.70
CA ILE B 356 -4.69 22.38 54.89
C ILE B 356 -3.81 22.18 56.12
N ILE B 357 -3.15 21.02 56.24
CA ILE B 357 -2.29 20.81 57.41
C ILE B 357 -1.12 21.79 57.40
N ALA B 358 -0.49 21.98 56.24
CA ALA B 358 0.62 22.93 56.16
C ALA B 358 0.13 24.34 56.46
N ARG B 359 -1.04 24.69 55.94
CA ARG B 359 -1.60 26.02 56.21
C ARG B 359 -1.85 26.22 57.68
N GLU B 360 -2.41 25.21 58.36
CA GLU B 360 -2.67 25.34 59.80
C GLU B 360 -1.37 25.46 60.58
N PHE B 361 -0.35 24.68 60.22
CA PHE B 361 0.94 24.83 60.90
C PHE B 361 1.51 26.22 60.68
N TYR B 362 1.37 26.78 59.48
CA TYR B 362 1.86 28.13 59.23
C TYR B 362 1.10 29.15 60.06
N ASN B 363 -0.23 29.05 60.10
CA ASN B 363 -1.03 30.01 60.87
C ASN B 363 -0.71 29.93 62.36
N LEU B 364 -0.47 28.72 62.87
CA LEU B 364 -0.18 28.54 64.29
C LEU B 364 1.29 28.73 64.62
N HIS B 365 2.01 29.47 63.79
CA HIS B 365 3.39 29.85 64.11
C HIS B 365 3.76 31.14 63.38
N GLU B 383 14.57 20.33 61.29
CA GLU B 383 15.57 21.39 61.27
C GLU B 383 15.49 22.17 59.96
N GLN B 384 15.65 23.50 60.07
CA GLN B 384 15.50 24.35 58.90
C GLN B 384 16.57 24.07 57.85
N LYS B 385 17.82 23.85 58.29
CA LYS B 385 18.89 23.58 57.33
C LYS B 385 18.62 22.29 56.55
N GLU B 386 18.22 21.22 57.25
CA GLU B 386 17.99 19.95 56.58
C GLU B 386 16.75 20.02 55.69
N LEU B 387 15.72 20.74 56.14
CA LEU B 387 14.54 20.92 55.30
C LEU B 387 14.89 21.72 54.04
N LEU B 388 15.75 22.72 54.16
CA LEU B 388 16.21 23.46 52.99
C LEU B 388 17.01 22.56 52.06
N GLU B 389 17.82 21.67 52.62
CA GLU B 389 18.55 20.71 51.79
C GLU B 389 17.58 19.82 51.02
N VAL B 390 16.53 19.34 51.69
CA VAL B 390 15.53 18.51 51.00
C VAL B 390 14.83 19.32 49.92
N MET B 391 14.51 20.59 50.21
CA MET B 391 13.83 21.42 49.24
C MET B 391 14.70 21.63 48.01
N ASP B 392 15.99 21.88 48.21
CA ASP B 392 16.91 22.03 47.09
C ASP B 392 17.04 20.74 46.31
N GLN B 393 17.08 19.60 47.00
CA GLN B 393 17.13 18.32 46.30
C GLN B 393 15.92 18.15 45.40
N LEU B 394 14.73 18.45 45.91
CA LEU B 394 13.54 18.40 45.08
C LEU B 394 13.61 19.42 43.94
N ARG B 395 14.31 20.53 44.16
CA ARG B 395 14.33 21.61 43.17
C ARG B 395 14.94 21.14 41.85
N ARG B 396 16.13 20.56 41.90
CA ARG B 396 16.83 20.17 40.68
C ARG B 396 16.42 18.74 40.35
N LEU B 397 15.31 18.62 39.63
CA LEU B 397 14.81 17.35 39.13
C LEU B 397 14.26 17.58 37.74
N PRO B 398 14.20 16.53 36.91
CA PRO B 398 13.67 16.73 35.55
C PRO B 398 12.26 17.30 35.53
N SER B 399 11.42 16.90 36.49
CA SER B 399 10.06 17.40 36.58
C SER B 399 9.95 18.67 37.42
N GLY B 400 11.06 19.19 37.90
CA GLY B 400 11.01 20.39 38.70
C GLY B 400 10.36 20.14 40.06
N LEU B 401 9.89 21.22 40.66
CA LEU B 401 9.31 21.18 41.99
C LEU B 401 7.81 21.46 41.91
N ASP B 402 7.04 20.67 42.65
CA ASP B 402 5.58 20.83 42.67
C ASP B 402 5.20 22.18 43.27
N SER B 403 4.24 22.85 42.62
CA SER B 403 3.81 24.16 43.09
C SER B 403 3.15 24.07 44.46
N VAL B 404 2.60 22.92 44.81
CA VAL B 404 1.97 22.74 46.11
C VAL B 404 2.95 22.15 47.13
N LEU B 405 3.76 21.18 46.69
CA LEU B 405 4.79 20.62 47.56
C LEU B 405 5.75 21.70 48.02
N GLN B 406 5.96 22.73 47.20
CA GLN B 406 6.92 23.77 47.55
C GLN B 406 6.49 24.52 48.80
N LYS B 407 5.19 24.80 48.92
CA LYS B 407 4.68 25.50 50.09
C LYS B 407 4.28 24.54 51.21
N THR B 408 4.14 23.24 50.92
CA THR B 408 3.82 22.29 51.98
C THR B 408 5.07 21.80 52.71
N VAL B 409 6.17 21.59 52.01
CA VAL B 409 7.37 20.98 52.57
C VAL B 409 7.97 21.83 53.70
N PRO B 410 8.21 23.12 53.50
CA PRO B 410 8.94 23.89 54.53
C PRO B 410 8.33 23.78 55.92
N TRP B 411 7.09 23.33 56.05
CA TRP B 411 6.42 23.20 57.34
C TRP B 411 6.41 21.76 57.85
N GLY B 412 7.34 20.93 57.37
CA GLY B 412 7.39 19.56 57.81
C GLY B 412 6.20 18.72 57.40
N VAL B 413 5.43 19.17 56.42
CA VAL B 413 4.26 18.47 55.91
C VAL B 413 4.47 18.20 54.43
N ALA B 414 4.08 17.02 53.97
CA ALA B 414 4.24 16.68 52.57
C ALA B 414 3.19 15.63 52.19
N PHE B 415 3.15 15.32 50.89
CA PHE B 415 2.24 14.32 50.37
C PHE B 415 3.00 13.35 49.47
N HIS B 416 2.42 12.17 49.29
CA HIS B 416 3.07 11.06 48.60
C HIS B 416 2.01 10.27 47.86
N HIS B 417 2.06 10.27 46.53
CA HIS B 417 1.08 9.54 45.75
C HIS B 417 1.71 9.09 44.44
N ALA B 418 0.99 8.24 43.71
CA ALA B 418 1.47 7.76 42.43
C ALA B 418 1.61 8.89 41.41
N GLY B 419 1.00 10.04 41.66
CA GLY B 419 1.15 11.15 40.73
C GLY B 419 2.57 11.66 40.66
N LEU B 420 3.29 11.63 41.78
CA LEU B 420 4.67 12.08 41.79
C LEU B 420 5.54 11.18 40.92
N THR B 421 6.79 11.57 40.77
CA THR B 421 7.78 10.75 40.09
C THR B 421 8.51 9.87 41.11
N PHE B 422 9.17 8.83 40.61
CA PHE B 422 9.87 7.91 41.50
C PHE B 422 10.91 8.65 42.33
N GLU B 423 11.57 9.65 41.74
CA GLU B 423 12.58 10.40 42.47
C GLU B 423 11.96 11.27 43.56
N GLU B 424 10.83 11.93 43.26
CA GLU B 424 10.17 12.73 44.28
C GLU B 424 9.67 11.85 45.43
N ARG B 425 9.10 10.69 45.10
CA ARG B 425 8.67 9.77 46.14
C ARG B 425 9.85 9.31 46.98
N ASP B 426 10.98 9.02 46.34
CA ASP B 426 12.18 8.60 47.07
C ASP B 426 12.65 9.72 48.00
N ILE B 427 12.66 10.96 47.52
CA ILE B 427 13.11 12.08 48.34
C ILE B 427 12.21 12.24 49.55
N ILE B 428 10.89 12.19 49.33
CA ILE B 428 9.95 12.37 50.43
C ILE B 428 10.09 11.24 51.44
N GLU B 429 10.21 10.00 50.96
CA GLU B 429 10.37 8.87 51.88
C GLU B 429 11.65 9.01 52.70
N GLY B 430 12.75 9.37 52.04
CA GLY B 430 14.00 9.54 52.76
C GLY B 430 13.91 10.64 53.80
N ALA B 431 13.30 11.77 53.44
CA ALA B 431 13.14 12.85 54.39
C ALA B 431 12.30 12.42 55.58
N PHE B 432 11.23 11.66 55.34
CA PHE B 432 10.42 11.17 56.44
C PHE B 432 11.22 10.24 57.35
N ARG B 433 11.99 9.32 56.76
CA ARG B 433 12.74 8.36 57.56
C ARG B 433 13.71 9.06 58.51
N GLN B 434 14.28 10.18 58.07
CA GLN B 434 15.21 10.94 58.90
C GLN B 434 14.51 11.84 59.90
N GLY B 435 13.19 11.95 59.85
CA GLY B 435 12.46 12.84 60.72
C GLY B 435 12.30 14.26 60.19
N LEU B 436 12.85 14.56 59.01
CA LEU B 436 12.70 15.90 58.45
C LEU B 436 11.23 16.22 58.22
N ILE B 437 10.47 15.28 57.66
CA ILE B 437 9.04 15.45 57.44
C ILE B 437 8.33 14.86 58.64
N ARG B 438 7.51 15.68 59.31
CA ARG B 438 6.77 15.22 60.47
C ARG B 438 5.40 14.68 60.12
N VAL B 439 4.80 15.14 59.03
CA VAL B 439 3.49 14.68 58.58
C VAL B 439 3.56 14.36 57.10
N LEU B 440 3.12 13.16 56.73
CA LEU B 440 3.12 12.74 55.33
C LEU B 440 1.76 12.16 55.00
N ALA B 441 1.07 12.77 54.05
CA ALA B 441 -0.21 12.26 53.56
C ALA B 441 0.07 11.39 52.35
N ALA B 442 0.04 10.08 52.53
CA ALA B 442 0.31 9.11 51.48
C ALA B 442 -1.00 8.53 50.96
N THR B 443 -0.91 7.52 50.11
CA THR B 443 -2.08 6.83 49.59
C THR B 443 -1.97 5.34 49.85
N SER B 444 -2.90 4.55 49.28
CA SER B 444 -2.88 3.11 49.48
C SER B 444 -1.63 2.46 48.91
N THR B 445 -1.00 3.07 47.89
CA THR B 445 0.18 2.47 47.28
C THR B 445 1.32 2.36 48.27
N LEU B 446 1.54 3.38 49.08
CA LEU B 446 2.60 3.33 50.07
C LEU B 446 2.37 2.25 51.12
N SER B 447 1.14 1.80 51.29
CA SER B 447 0.86 0.78 52.30
C SER B 447 1.69 -0.47 52.05
N SER B 448 1.81 -0.89 50.79
CA SER B 448 2.58 -2.07 50.42
C SER B 448 3.95 -1.72 49.85
N GLY B 449 4.47 -0.55 50.18
CA GLY B 449 5.74 -0.08 49.66
C GLY B 449 6.90 -0.34 50.60
N VAL B 450 7.84 0.61 50.60
CA VAL B 450 9.06 0.49 51.40
C VAL B 450 8.71 0.52 52.88
N ASN B 451 9.66 0.13 53.73
CA ASN B 451 9.46 0.16 55.17
C ASN B 451 9.58 1.59 55.67
N LEU B 452 8.43 2.18 56.04
CA LEU B 452 8.36 3.58 56.45
C LEU B 452 7.60 3.65 57.77
N PRO B 453 8.25 3.32 58.89
CA PRO B 453 7.56 3.37 60.17
C PRO B 453 7.18 4.79 60.57
N ALA B 454 6.07 4.90 61.29
CA ALA B 454 5.60 6.17 61.81
C ALA B 454 5.04 5.96 63.20
N ARG B 455 5.23 6.95 64.07
CA ARG B 455 4.74 6.84 65.44
C ARG B 455 3.22 6.71 65.46
N ARG B 456 2.53 7.53 64.67
CA ARG B 456 1.08 7.51 64.60
C ARG B 456 0.65 7.41 63.14
N VAL B 457 -0.23 6.46 62.86
CA VAL B 457 -0.84 6.33 61.55
C VAL B 457 -2.30 6.78 61.69
N ILE B 458 -2.82 7.39 60.64
CA ILE B 458 -4.21 7.84 60.60
C ILE B 458 -4.81 7.38 59.28
N ILE B 459 -6.06 6.94 59.34
CA ILE B 459 -6.80 6.52 58.14
C ILE B 459 -8.01 7.43 58.00
N ARG B 460 -8.10 8.12 56.87
CA ARG B 460 -9.12 9.14 56.68
C ARG B 460 -10.52 8.53 56.72
N THR B 461 -10.72 7.42 56.01
CA THR B 461 -12.05 6.84 55.93
C THR B 461 -11.95 5.43 55.37
N PRO B 462 -12.73 4.48 55.87
CA PRO B 462 -12.65 3.11 55.31
C PRO B 462 -13.06 3.03 53.86
N ILE B 463 -13.78 4.02 53.34
CA ILE B 463 -14.20 4.00 51.94
C ILE B 463 -13.00 4.41 51.09
N PHE B 464 -12.46 3.46 50.32
CA PHE B 464 -11.33 3.68 49.43
C PHE B 464 -11.80 3.34 48.02
N GLY B 465 -11.97 4.35 47.19
CA GLY B 465 -12.42 4.16 45.83
C GLY B 465 -13.82 3.58 45.75
N GLY B 466 -14.72 4.09 46.58
CA GLY B 466 -16.11 3.62 46.56
C GLY B 466 -16.26 2.18 47.03
N ARG B 467 -15.54 1.80 48.08
CA ARG B 467 -15.66 0.46 48.64
C ARG B 467 -14.93 0.41 49.98
N PRO B 468 -15.37 -0.44 50.91
CA PRO B 468 -14.66 -0.54 52.19
C PRO B 468 -13.19 -0.87 51.98
N LEU B 469 -12.35 -0.29 52.83
CA LEU B 469 -10.92 -0.54 52.74
C LEU B 469 -10.62 -2.02 52.91
N ASP B 470 -9.70 -2.53 52.09
CA ASP B 470 -9.36 -3.94 52.12
C ASP B 470 -8.77 -4.31 53.48
N ILE B 471 -9.03 -5.54 53.92
CA ILE B 471 -8.56 -5.96 55.23
C ILE B 471 -7.05 -6.14 55.21
N LEU B 472 -6.51 -6.78 54.18
CA LEU B 472 -5.06 -6.92 54.08
C LEU B 472 -4.40 -5.55 53.97
N THR B 473 -4.99 -4.65 53.17
CA THR B 473 -4.45 -3.31 53.04
C THR B 473 -4.46 -2.59 54.38
N TYR B 474 -5.56 -2.70 55.14
CA TYR B 474 -5.62 -2.06 56.44
C TYR B 474 -4.58 -2.64 57.39
N LYS B 475 -4.40 -3.96 57.38
CA LYS B 475 -3.41 -4.57 58.26
C LYS B 475 -2.01 -4.06 57.94
N GLN B 476 -1.67 -3.96 56.64
CA GLN B 476 -0.34 -3.47 56.30
C GLN B 476 -0.21 -1.96 56.50
N MET B 477 -1.32 -1.22 56.51
CA MET B 477 -1.27 0.18 56.93
C MET B 477 -0.93 0.30 58.41
N VAL B 478 -1.65 -0.43 59.27
CA VAL B 478 -1.41 -0.30 60.70
C VAL B 478 -0.07 -0.92 61.09
N GLY B 479 0.45 -1.83 60.27
CA GLY B 479 1.77 -2.39 60.55
C GLY B 479 2.86 -1.34 60.64
N ARG B 480 2.65 -0.17 60.04
CA ARG B 480 3.62 0.91 60.04
C ARG B 480 3.44 1.85 61.24
N ALA B 481 2.86 1.37 62.33
CA ALA B 481 2.63 2.17 63.53
C ALA B 481 3.57 1.66 64.62
N GLY B 482 4.69 2.38 64.80
CA GLY B 482 5.66 2.02 65.82
C GLY B 482 7.07 1.95 65.25
N ARG B 483 8.00 2.65 65.88
CA ARG B 483 9.40 2.64 65.47
C ARG B 483 10.18 1.74 66.42
N LYS B 484 10.85 0.74 65.86
CA LYS B 484 11.63 -0.21 66.66
C LYS B 484 12.97 0.40 67.00
N GLY B 485 13.20 0.67 68.28
CA GLY B 485 14.47 1.19 68.74
C GLY B 485 14.36 2.52 69.45
N VAL B 486 13.38 3.33 69.06
CA VAL B 486 13.19 4.65 69.65
C VAL B 486 11.81 4.88 70.21
N ASP B 487 10.80 4.09 69.83
CA ASP B 487 9.43 4.27 70.27
C ASP B 487 9.08 3.24 71.33
N THR B 488 8.08 3.56 72.13
CA THR B 488 7.54 2.64 73.14
C THR B 488 6.27 1.95 72.67
N VAL B 489 5.28 2.71 72.20
CA VAL B 489 4.04 2.16 71.68
C VAL B 489 3.66 2.93 70.42
N GLY B 490 2.84 2.28 69.58
CA GLY B 490 2.36 2.90 68.37
C GLY B 490 0.85 2.88 68.33
N GLU B 491 0.28 3.83 67.58
CA GLU B 491 -1.16 3.97 67.45
C GLU B 491 -1.55 4.16 66.00
N SER B 492 -2.71 3.61 65.65
CA SER B 492 -3.28 3.71 64.31
C SER B 492 -4.75 4.10 64.46
N ILE B 493 -5.04 5.38 64.28
CA ILE B 493 -6.39 5.91 64.42
C ILE B 493 -7.12 5.73 63.10
N LEU B 494 -8.39 5.33 63.21
CA LEU B 494 -9.28 5.14 62.05
C LEU B 494 -10.52 5.98 62.31
N ILE B 495 -10.48 7.24 61.88
CA ILE B 495 -11.61 8.13 62.08
C ILE B 495 -12.80 7.63 61.26
N CYS B 496 -13.97 7.64 61.87
CA CYS B 496 -15.20 7.13 61.26
C CYS B 496 -16.29 8.19 61.39
N LYS B 497 -17.48 7.84 60.92
CA LYS B 497 -18.65 8.71 60.98
C LYS B 497 -19.85 7.88 61.44
N ASN B 498 -21.00 8.56 61.57
CA ASN B 498 -22.21 7.86 61.99
C ASN B 498 -22.54 6.72 61.03
N SER B 499 -22.50 7.00 59.73
CA SER B 499 -22.77 5.96 58.74
C SER B 499 -21.60 5.00 58.57
N GLU B 500 -20.37 5.49 58.77
CA GLU B 500 -19.18 4.69 58.58
C GLU B 500 -18.75 3.95 59.84
N LYS B 501 -19.48 4.11 60.95
CA LYS B 501 -19.10 3.44 62.19
C LYS B 501 -19.14 1.92 62.03
N SER B 502 -20.18 1.41 61.36
CA SER B 502 -20.29 -0.04 61.18
C SER B 502 -19.11 -0.59 60.39
N LYS B 503 -18.76 0.06 59.28
CA LYS B 503 -17.65 -0.39 58.47
C LYS B 503 -16.33 -0.28 59.25
N GLY B 504 -16.18 0.80 60.03
CA GLY B 504 -14.96 0.95 60.80
C GLY B 504 -14.78 -0.14 61.83
N ILE B 505 -15.86 -0.46 62.56
CA ILE B 505 -15.76 -1.52 63.55
C ILE B 505 -15.56 -2.87 62.88
N ALA B 506 -16.16 -3.08 61.71
CA ALA B 506 -15.97 -4.33 60.98
C ALA B 506 -14.52 -4.49 60.56
N LEU B 507 -13.89 -3.42 60.09
CA LEU B 507 -12.50 -3.51 59.65
C LEU B 507 -11.55 -3.59 60.84
N LEU B 508 -11.92 -2.99 61.97
CA LEU B 508 -11.07 -3.07 63.16
C LEU B 508 -10.90 -4.51 63.62
N GLN B 509 -11.98 -5.28 63.61
CA GLN B 509 -11.96 -6.69 63.99
C GLN B 509 -11.85 -7.58 62.76
N GLY B 510 -11.34 -8.79 62.97
CA GLY B 510 -11.26 -9.77 61.91
C GLY B 510 -9.92 -9.79 61.20
N SER B 511 -9.44 -10.98 60.86
CA SER B 511 -8.19 -11.14 60.15
C SER B 511 -8.44 -11.16 58.64
N LEU B 512 -7.36 -11.21 57.87
CA LEU B 512 -7.48 -11.20 56.42
C LEU B 512 -8.11 -12.49 55.92
N LYS B 513 -8.70 -12.41 54.73
CA LYS B 513 -9.41 -13.54 54.16
C LYS B 513 -8.44 -14.65 53.78
N PRO B 514 -8.93 -15.87 53.59
CA PRO B 514 -8.05 -16.98 53.23
C PRO B 514 -7.43 -16.77 51.85
N VAL B 515 -6.23 -17.33 51.68
CA VAL B 515 -5.49 -17.16 50.45
C VAL B 515 -6.10 -18.04 49.36
N ARG B 516 -6.35 -17.44 48.19
CA ARG B 516 -6.89 -18.16 47.05
C ARG B 516 -5.75 -18.76 46.24
N SER B 517 -6.04 -19.23 45.03
CA SER B 517 -5.03 -19.81 44.16
C SER B 517 -5.06 -19.17 42.78
N CYS B 518 -6.19 -18.57 42.42
CA CYS B 518 -6.35 -17.89 41.12
C CYS B 518 -5.98 -18.82 39.97
N LEU B 519 -6.39 -20.08 40.08
CA LEU B 519 -6.18 -21.06 39.02
C LEU B 519 -7.47 -21.81 38.72
N VAL B 527 -8.96 -23.35 31.14
CA VAL B 527 -9.54 -22.21 30.44
C VAL B 527 -8.89 -20.93 30.93
N THR B 528 -8.53 -20.87 32.20
CA THR B 528 -7.89 -19.69 32.76
C THR B 528 -6.51 -19.50 32.16
N GLY B 529 -6.15 -18.23 31.92
CA GLY B 529 -4.86 -17.94 31.34
C GLY B 529 -3.70 -18.41 32.19
N SER B 530 -3.88 -18.41 33.51
CA SER B 530 -2.82 -18.89 34.39
C SER B 530 -2.52 -20.36 34.14
N MET B 531 -3.56 -21.18 33.96
CA MET B 531 -3.34 -22.60 33.70
C MET B 531 -2.71 -22.82 32.33
N ILE B 532 -3.11 -22.03 31.33
CA ILE B 532 -2.47 -22.12 30.02
C ILE B 532 -0.99 -21.80 30.15
N ARG B 533 -0.66 -20.75 30.90
CA ARG B 533 0.72 -20.38 31.10
C ARG B 533 1.50 -21.49 31.80
N ALA B 534 0.92 -22.07 32.85
CA ALA B 534 1.61 -23.13 33.57
C ALA B 534 1.87 -24.34 32.68
N ILE B 535 0.87 -24.74 31.91
CA ILE B 535 1.02 -25.90 31.04
C ILE B 535 2.08 -25.63 29.97
N LEU B 536 2.03 -24.44 29.37
CA LEU B 536 3.05 -24.08 28.39
C LEU B 536 4.44 -24.09 29.02
N GLU B 537 4.57 -23.54 30.22
CA GLU B 537 5.87 -23.50 30.87
C GLU B 537 6.42 -24.91 31.07
N ILE B 538 5.60 -25.81 31.59
CA ILE B 538 6.10 -27.16 31.86
C ILE B 538 6.42 -27.90 30.55
N ILE B 539 5.54 -27.79 29.55
CA ILE B 539 5.75 -28.55 28.32
C ILE B 539 6.96 -28.02 27.57
N VAL B 540 7.04 -26.70 27.38
CA VAL B 540 8.15 -26.12 26.63
C VAL B 540 9.45 -26.29 27.38
N GLY B 541 9.42 -26.20 28.71
CA GLY B 541 10.63 -26.41 29.49
C GLY B 541 11.17 -27.83 29.44
N GLY B 542 10.40 -28.76 28.90
CA GLY B 542 10.84 -30.14 28.83
C GLY B 542 10.75 -30.89 30.13
N VAL B 543 9.90 -30.47 31.04
CA VAL B 543 9.75 -31.11 32.34
C VAL B 543 8.47 -31.93 32.44
N ALA B 544 7.47 -31.68 31.60
CA ALA B 544 6.25 -32.48 31.57
C ALA B 544 5.76 -32.50 30.11
N SER B 545 6.14 -33.56 29.39
CA SER B 545 5.81 -33.69 27.98
C SER B 545 4.75 -34.74 27.70
N THR B 546 4.27 -35.47 28.71
CA THR B 546 3.23 -36.46 28.54
C THR B 546 2.14 -36.24 29.58
N SER B 547 0.90 -36.50 29.18
CA SER B 547 -0.24 -36.25 30.06
C SER B 547 -0.14 -37.04 31.35
N GLN B 548 0.64 -38.13 31.37
CA GLN B 548 0.74 -38.96 32.57
C GLN B 548 1.33 -38.18 33.74
N ASP B 549 2.35 -37.36 33.49
CA ASP B 549 3.02 -36.63 34.55
C ASP B 549 2.48 -35.23 34.77
N MET B 550 1.87 -34.61 33.75
CA MET B 550 1.32 -33.28 33.92
C MET B 550 0.28 -33.26 35.05
N HIS B 551 -0.43 -34.37 35.25
CA HIS B 551 -1.33 -34.46 36.39
C HIS B 551 -0.57 -34.45 37.71
N THR B 552 0.65 -34.99 37.72
CA THR B 552 1.49 -34.86 38.90
C THR B 552 1.81 -33.40 39.18
N TYR B 553 2.12 -32.63 38.12
CA TYR B 553 2.32 -31.19 38.30
C TYR B 553 1.07 -30.54 38.86
N ALA B 554 -0.10 -30.88 38.31
CA ALA B 554 -1.35 -30.34 38.84
C ALA B 554 -1.48 -30.64 40.31
N ALA B 555 -1.13 -31.86 40.72
CA ALA B 555 -1.16 -32.22 42.14
C ALA B 555 -0.19 -31.36 42.93
N CYS B 556 0.95 -31.00 42.34
CA CYS B 556 1.94 -30.18 43.04
C CYS B 556 1.49 -28.74 43.24
N THR B 557 0.47 -28.29 42.49
CA THR B 557 0.03 -26.91 42.60
C THR B 557 -0.59 -26.63 43.96
N PHE B 558 -0.66 -25.34 44.31
CA PHE B 558 -1.34 -24.95 45.54
C PHE B 558 -2.84 -25.13 45.43
N LEU B 559 -3.40 -25.06 44.21
CA LEU B 559 -4.82 -25.31 44.04
C LEU B 559 -5.17 -26.74 44.44
N ALA B 560 -4.35 -27.70 44.02
CA ALA B 560 -4.58 -29.09 44.40
C ALA B 560 -4.44 -29.28 45.92
N ALA B 561 -3.41 -28.68 46.50
CA ALA B 561 -3.18 -28.82 47.94
C ALA B 561 -4.25 -28.11 48.76
N SER B 562 -4.98 -27.18 48.17
CA SER B 562 -6.03 -26.46 48.89
C SER B 562 -7.34 -27.24 48.88
N GLY B 580 -9.69 -31.13 36.05
CA GLY B 580 -9.63 -31.61 34.68
C GLY B 580 -9.48 -30.50 33.67
N ALA B 581 -9.11 -29.31 34.14
CA ALA B 581 -8.92 -28.17 33.26
C ALA B 581 -7.67 -28.28 32.39
N ILE B 582 -6.79 -29.24 32.68
CA ILE B 582 -5.57 -29.39 31.89
C ILE B 582 -5.93 -29.76 30.45
N GLU B 583 -6.87 -30.68 30.27
CA GLU B 583 -7.23 -31.10 28.92
C GLU B 583 -7.73 -29.94 28.09
N ALA B 584 -8.52 -29.05 28.70
CA ALA B 584 -8.97 -27.86 27.99
C ALA B 584 -7.78 -26.99 27.60
N CYS B 585 -6.82 -26.83 28.50
CA CYS B 585 -5.67 -25.97 28.22
C CYS B 585 -4.74 -26.58 27.19
N VAL B 586 -4.52 -27.89 27.25
CA VAL B 586 -3.62 -28.54 26.31
C VAL B 586 -4.19 -28.44 24.89
N MET B 587 -5.49 -28.66 24.75
CA MET B 587 -6.12 -28.44 23.44
C MET B 587 -6.01 -26.98 23.02
N TRP B 588 -6.20 -26.06 23.97
CA TRP B 588 -6.04 -24.64 23.66
C TRP B 588 -4.67 -24.36 23.07
N LEU B 589 -3.63 -25.01 23.60
CA LEU B 589 -2.29 -24.80 23.08
C LEU B 589 -2.09 -25.48 21.73
N LEU B 590 -2.74 -26.63 21.52
CA LEU B 590 -2.65 -27.29 20.22
C LEU B 590 -3.50 -26.57 19.18
N GLU B 591 -4.69 -26.11 19.57
CA GLU B 591 -5.52 -25.34 18.64
C GLU B 591 -4.76 -24.14 18.10
N ASN B 592 -4.00 -23.46 18.96
CA ASN B 592 -3.29 -22.25 18.59
C ASN B 592 -1.84 -22.50 18.21
N GLU B 593 -1.45 -23.78 18.07
CA GLU B 593 -0.13 -24.15 17.56
C GLU B 593 0.99 -23.73 18.50
N PHE B 594 0.70 -23.66 19.81
CA PHE B 594 1.76 -23.43 20.77
C PHE B 594 2.58 -24.69 21.00
N ILE B 595 1.95 -25.86 20.92
CA ILE B 595 2.65 -27.14 21.05
C ILE B 595 2.16 -28.08 19.96
N GLN B 596 2.94 -29.14 19.73
CA GLN B 596 2.62 -30.16 18.75
C GLN B 596 2.61 -31.52 19.43
N SER B 597 1.54 -32.27 19.24
CA SER B 597 1.39 -33.59 19.83
C SER B 597 2.01 -34.65 18.93
N THR B 598 2.47 -35.73 19.56
CA THR B 598 3.06 -36.85 18.84
C THR B 598 2.79 -38.17 19.56
N LYS B 607 1.91 -40.80 23.48
CA LYS B 607 1.51 -39.43 23.19
C LYS B 607 2.39 -38.45 23.94
N VAL B 608 3.21 -37.70 23.20
CA VAL B 608 4.16 -36.76 23.76
C VAL B 608 3.92 -35.40 23.12
N TYR B 609 4.19 -34.34 23.89
CA TYR B 609 3.94 -32.97 23.45
C TYR B 609 5.25 -32.22 23.35
N HIS B 610 5.33 -31.31 22.37
CA HIS B 610 6.51 -30.49 22.13
C HIS B 610 6.07 -29.10 21.70
N PRO B 611 6.93 -28.10 21.84
CA PRO B 611 6.67 -26.78 21.26
C PRO B 611 7.18 -26.69 19.84
N THR B 612 6.54 -25.83 19.04
CA THR B 612 6.90 -25.73 17.62
C THR B 612 7.92 -24.61 17.37
N HIS B 613 7.47 -23.36 17.38
CA HIS B 613 8.36 -22.21 17.42
C HIS B 613 7.78 -21.15 18.35
N LEU B 614 6.46 -21.00 18.32
CA LEU B 614 5.78 -20.02 19.15
C LEU B 614 5.70 -20.47 20.60
N GLY B 615 5.72 -21.78 20.84
CA GLY B 615 5.81 -22.26 22.20
C GLY B 615 7.14 -21.95 22.85
N SER B 616 8.23 -22.10 22.08
CA SER B 616 9.54 -21.78 22.61
C SER B 616 9.78 -20.28 22.66
N ALA B 617 9.25 -19.54 21.67
CA ALA B 617 9.41 -18.09 21.66
C ALA B 617 8.51 -17.43 22.68
N THR B 618 7.36 -18.05 23.00
CA THR B 618 6.46 -17.48 23.99
C THR B 618 7.00 -17.69 25.41
N LEU B 619 7.59 -18.85 25.67
CA LEU B 619 8.15 -19.10 27.00
C LEU B 619 9.36 -18.22 27.27
N SER B 620 10.25 -18.09 26.30
CA SER B 620 11.48 -17.33 26.51
C SER B 620 11.18 -15.86 26.77
N SER B 621 10.24 -15.29 26.01
CA SER B 621 9.89 -13.89 26.18
C SER B 621 9.11 -13.62 27.46
N SER B 622 8.65 -14.66 28.14
CA SER B 622 7.81 -14.50 29.33
C SER B 622 6.56 -13.68 29.00
N LEU B 623 6.02 -13.90 27.80
CA LEU B 623 4.77 -13.30 27.39
C LEU B 623 3.63 -14.26 27.67
N SER B 624 2.49 -13.71 28.10
CA SER B 624 1.33 -14.55 28.33
C SER B 624 0.88 -15.16 27.02
N PRO B 625 0.60 -16.48 26.97
CA PRO B 625 0.20 -17.08 25.69
C PRO B 625 -1.04 -16.46 25.09
N ALA B 626 -1.92 -15.89 25.91
CA ALA B 626 -3.14 -15.27 25.38
C ALA B 626 -2.80 -14.08 24.50
N ASP B 627 -1.90 -13.22 24.95
CA ASP B 627 -1.51 -12.03 24.21
C ASP B 627 -0.45 -12.31 23.15
N THR B 628 0.21 -13.46 23.21
CA THR B 628 1.26 -13.75 22.25
C THR B 628 0.70 -13.95 20.84
N LEU B 629 -0.54 -14.41 20.72
CA LEU B 629 -1.14 -14.52 19.39
C LEU B 629 -1.31 -13.15 18.76
N ASP B 630 -1.83 -12.18 19.52
CA ASP B 630 -1.95 -10.82 19.00
C ASP B 630 -0.59 -10.23 18.70
N ILE B 631 0.41 -10.49 19.56
CA ILE B 631 1.74 -9.96 19.34
C ILE B 631 2.33 -10.55 18.05
N PHE B 632 2.17 -11.85 17.85
CA PHE B 632 2.64 -12.49 16.63
C PHE B 632 1.98 -11.88 15.40
N ALA B 633 0.66 -11.71 15.46
CA ALA B 633 -0.07 -11.17 14.32
C ALA B 633 0.38 -9.74 14.01
N ASP B 634 0.61 -8.93 15.06
CA ASP B 634 0.98 -7.54 14.83
C ASP B 634 2.42 -7.42 14.33
N LEU B 635 3.34 -8.17 14.92
CA LEU B 635 4.73 -8.12 14.47
C LEU B 635 4.85 -8.63 13.04
N GLN B 636 4.16 -9.73 12.71
CA GLN B 636 4.22 -10.24 11.35
C GLN B 636 3.71 -9.22 10.34
N ARG B 637 2.63 -8.52 10.68
CA ARG B 637 2.09 -7.49 9.78
C ARG B 637 3.06 -6.34 9.64
N ALA B 638 3.78 -6.00 10.71
CA ALA B 638 4.72 -4.88 10.66
C ALA B 638 5.88 -5.18 9.72
N MET B 639 6.38 -6.41 9.72
CA MET B 639 7.54 -6.75 8.91
C MET B 639 7.24 -6.77 7.42
N LYS B 640 6.04 -6.40 6.99
CA LYS B 640 5.71 -6.29 5.57
C LYS B 640 5.63 -4.86 5.09
N GLY B 641 5.33 -3.91 5.99
CA GLY B 641 5.19 -2.53 5.61
C GLY B 641 5.83 -1.55 6.57
N PHE B 642 6.95 -1.96 7.18
CA PHE B 642 7.53 -1.16 8.25
C PHE B 642 7.92 0.23 7.75
N VAL B 643 7.72 1.22 8.62
CA VAL B 643 8.07 2.61 8.34
C VAL B 643 9.31 2.95 9.17
N LEU B 644 10.43 3.20 8.48
CA LEU B 644 11.69 3.49 9.14
C LEU B 644 11.99 4.99 9.19
N GLU B 645 11.06 5.84 8.75
CA GLU B 645 11.30 7.27 8.79
C GLU B 645 11.56 7.75 10.22
N ASN B 646 10.78 7.23 11.17
CA ASN B 646 10.84 7.67 12.55
C ASN B 646 10.78 6.45 13.45
N ASP B 647 10.74 6.69 14.76
CA ASP B 647 10.67 5.62 15.75
C ASP B 647 9.25 5.25 16.14
N LEU B 648 8.23 5.86 15.51
CA LEU B 648 6.87 5.68 15.98
C LEU B 648 6.36 4.27 15.68
N HIS B 649 6.77 3.69 14.55
CA HIS B 649 6.29 2.35 14.22
C HIS B 649 6.95 1.29 15.09
N ILE B 650 8.21 1.51 15.47
CA ILE B 650 8.85 0.62 16.44
C ILE B 650 8.21 0.80 17.80
N LEU B 651 7.87 2.03 18.16
CA LEU B 651 7.24 2.28 19.45
C LEU B 651 5.85 1.65 19.54
N TYR B 652 5.10 1.69 18.44
CA TYR B 652 3.76 1.11 18.47
C TYR B 652 3.80 -0.38 18.75
N LEU B 653 4.90 -1.04 18.41
CA LEU B 653 5.02 -2.48 18.61
C LEU B 653 5.59 -2.85 19.97
N VAL B 654 6.06 -1.86 20.75
CA VAL B 654 6.59 -2.12 22.08
C VAL B 654 5.78 -1.32 23.09
N THR B 655 4.56 -0.94 22.71
CA THR B 655 3.68 -0.18 23.59
C THR B 655 2.74 -1.14 24.29
N PRO B 656 2.79 -1.28 25.62
CA PRO B 656 1.90 -2.23 26.28
C PRO B 656 0.54 -1.63 26.61
N MET B 657 -0.54 -2.34 26.28
CA MET B 657 -1.89 -1.92 26.59
C MET B 657 -2.57 -2.95 27.50
N PHE B 658 -1.82 -3.47 28.46
CA PHE B 658 -2.36 -4.42 29.42
C PHE B 658 -3.10 -3.75 30.56
N GLU B 659 -2.99 -2.43 30.70
CA GLU B 659 -3.71 -1.70 31.72
C GLU B 659 -3.93 -0.27 31.25
N ASP B 660 -4.91 0.40 31.88
CA ASP B 660 -5.26 1.77 31.54
C ASP B 660 -4.41 2.70 32.40
N TRP B 661 -3.25 3.09 31.86
CA TRP B 661 -2.33 3.94 32.61
C TRP B 661 -2.89 5.34 32.81
N THR B 662 -3.72 5.83 31.89
CA THR B 662 -4.29 7.16 32.04
C THR B 662 -5.61 7.22 31.28
N THR B 663 -6.44 8.18 31.65
CA THR B 663 -7.69 8.44 30.94
C THR B 663 -7.41 9.41 29.80
N ILE B 664 -7.59 8.95 28.57
CA ILE B 664 -7.19 9.71 27.39
C ILE B 664 -8.16 10.86 27.18
N ASP B 665 -7.63 12.06 27.04
CA ASP B 665 -8.43 13.24 26.69
C ASP B 665 -8.52 13.29 25.16
N TRP B 666 -9.70 12.97 24.63
CA TRP B 666 -9.81 12.75 23.19
C TRP B 666 -9.81 14.03 22.38
N TYR B 667 -10.23 15.15 22.95
CA TYR B 667 -10.13 16.42 22.21
C TYR B 667 -8.67 16.78 21.96
N ARG B 668 -7.84 16.68 22.99
CA ARG B 668 -6.42 16.96 22.83
C ARG B 668 -5.77 15.96 21.87
N PHE B 669 -6.18 14.69 21.95
CA PHE B 669 -5.63 13.70 21.03
C PHE B 669 -6.00 14.03 19.60
N PHE B 670 -7.24 14.45 19.35
CA PHE B 670 -7.64 14.81 18.00
C PHE B 670 -6.87 16.04 17.51
N CYS B 671 -6.67 17.03 18.38
CA CYS B 671 -5.86 18.18 17.98
C CYS B 671 -4.45 17.75 17.60
N LEU B 672 -3.81 16.94 18.45
CA LEU B 672 -2.47 16.45 18.15
C LEU B 672 -2.46 15.69 16.82
N TRP B 673 -3.50 14.89 16.59
CA TRP B 673 -3.62 14.18 15.32
C TRP B 673 -3.66 15.15 14.15
N GLU B 674 -4.42 16.23 14.30
CA GLU B 674 -4.49 17.23 13.25
C GLU B 674 -3.11 17.83 12.98
N LYS B 675 -2.34 18.09 14.03
CA LYS B 675 -1.01 18.69 13.87
C LYS B 675 0.08 17.67 13.57
N LEU B 676 -0.25 16.39 13.45
CA LEU B 676 0.78 15.38 13.25
C LEU B 676 1.43 15.54 11.87
N PRO B 677 2.71 15.20 11.73
CA PRO B 677 3.34 15.18 10.41
C PRO B 677 2.75 14.09 9.54
N THR B 678 3.22 14.05 8.29
CA THR B 678 2.80 13.00 7.38
C THR B 678 3.52 11.68 7.66
N SER B 679 4.77 11.75 8.12
CA SER B 679 5.51 10.52 8.41
C SER B 679 4.85 9.74 9.53
N MET B 680 4.40 10.43 10.59
CA MET B 680 3.72 9.74 11.69
C MET B 680 2.31 9.33 11.30
N LYS B 681 1.64 10.11 10.44
CA LYS B 681 0.31 9.72 10.00
C LYS B 681 0.37 8.47 9.12
N ARG B 682 1.48 8.27 8.40
CA ARG B 682 1.61 7.04 7.63
C ARG B 682 1.57 5.82 8.53
N VAL B 683 2.37 5.83 9.61
CA VAL B 683 2.34 4.71 10.53
C VAL B 683 0.99 4.63 11.24
N ALA B 684 0.36 5.77 11.50
CA ALA B 684 -0.95 5.77 12.14
C ALA B 684 -1.96 5.01 11.29
N GLU B 685 -2.00 5.29 9.99
CA GLU B 685 -2.89 4.55 9.10
C GLU B 685 -2.45 3.09 8.97
N LEU B 686 -1.14 2.83 8.97
CA LEU B 686 -0.67 1.46 8.85
C LEU B 686 -1.16 0.60 10.01
N VAL B 687 -1.06 1.11 11.24
CA VAL B 687 -1.41 0.31 12.41
C VAL B 687 -2.91 0.09 12.48
N GLY B 688 -3.71 1.09 12.12
CA GLY B 688 -5.15 0.94 12.11
C GLY B 688 -5.91 2.16 12.60
N VAL B 689 -5.19 3.19 13.03
CA VAL B 689 -5.85 4.40 13.51
C VAL B 689 -6.64 5.03 12.38
N GLU B 690 -7.87 5.44 12.68
CA GLU B 690 -8.78 6.03 11.70
C GLU B 690 -9.24 7.39 12.18
N GLU B 691 -9.43 8.31 11.22
CA GLU B 691 -9.97 9.62 11.57
C GLU B 691 -11.43 9.53 12.02
N GLY B 692 -12.17 8.55 11.50
CA GLY B 692 -13.57 8.43 11.88
C GLY B 692 -13.75 8.13 13.35
N PHE B 693 -12.96 7.19 13.88
CA PHE B 693 -13.06 6.84 15.30
C PHE B 693 -12.64 8.00 16.18
N LEU B 694 -11.57 8.70 15.81
CA LEU B 694 -11.14 9.85 16.58
C LEU B 694 -12.20 10.94 16.58
N ALA B 695 -12.83 11.17 15.43
CA ALA B 695 -13.92 12.15 15.36
C ALA B 695 -15.10 11.71 16.22
N ARG B 696 -15.41 10.42 16.21
CA ARG B 696 -16.49 9.91 17.06
C ARG B 696 -16.20 10.19 18.53
N CYS B 697 -14.95 9.97 18.95
CA CYS B 697 -14.60 10.16 20.35
C CYS B 697 -14.48 11.64 20.72
N VAL B 698 -14.12 12.50 19.76
CA VAL B 698 -13.83 13.88 20.10
C VAL B 698 -15.07 14.60 20.61
N LYS B 699 -16.21 14.39 19.96
CA LYS B 699 -17.46 15.02 20.34
C LYS B 699 -18.41 14.05 21.03
N GLY B 700 -18.73 12.93 20.39
CA GLY B 700 -19.60 11.96 21.01
C GLY B 700 -18.97 11.31 22.22
N LYS B 701 -19.82 10.80 23.09
CA LYS B 701 -19.34 10.11 24.29
C LYS B 701 -18.45 8.94 23.88
N VAL B 702 -17.63 8.48 24.84
CA VAL B 702 -16.72 7.38 24.58
C VAL B 702 -17.52 6.19 24.08
N VAL B 703 -17.12 5.64 22.93
CA VAL B 703 -17.88 4.57 22.31
C VAL B 703 -17.88 3.35 23.21
N ALA B 704 -19.06 2.71 23.32
CA ALA B 704 -19.21 1.53 24.16
C ALA B 704 -18.58 0.32 23.48
N ARG B 705 -17.55 -0.24 24.10
CA ARG B 705 -16.87 -1.42 23.57
C ARG B 705 -17.58 -2.69 24.05
N THR B 706 -18.84 -2.84 23.62
CA THR B 706 -19.64 -3.97 24.08
C THR B 706 -19.34 -5.24 23.30
N GLU B 707 -18.64 -5.13 22.17
CA GLU B 707 -18.37 -6.26 21.30
C GLU B 707 -16.87 -6.57 21.29
N ARG B 708 -16.55 -7.86 21.13
CA ARG B 708 -15.16 -8.29 21.13
C ARG B 708 -14.42 -7.78 19.90
N GLN B 709 -15.12 -7.57 18.78
CA GLN B 709 -14.50 -7.04 17.58
C GLN B 709 -14.10 -5.58 17.74
N HIS B 710 -14.37 -4.96 18.89
CA HIS B 710 -14.05 -3.56 19.12
C HIS B 710 -12.73 -3.38 19.85
N ARG B 711 -11.77 -4.27 19.58
CA ARG B 711 -10.38 -4.00 19.95
C ARG B 711 -9.81 -2.83 19.17
N GLN B 712 -10.53 -2.34 18.15
CA GLN B 712 -10.15 -1.15 17.43
C GLN B 712 -10.06 0.07 18.35
N MET B 713 -10.75 0.05 19.49
CA MET B 713 -10.55 1.09 20.50
C MET B 713 -9.16 0.97 21.11
N ALA B 714 -8.69 -0.26 21.33
CA ALA B 714 -7.36 -0.45 21.90
C ALA B 714 -6.28 0.04 20.95
N ILE B 715 -6.55 0.03 19.64
CA ILE B 715 -5.55 0.53 18.68
C ILE B 715 -5.31 2.02 18.88
N HIS B 716 -6.38 2.79 19.09
CA HIS B 716 -6.22 4.23 19.22
C HIS B 716 -5.60 4.61 20.55
N LYS B 717 -5.97 3.91 21.63
CA LYS B 717 -5.29 4.11 22.90
C LYS B 717 -3.81 3.76 22.78
N ARG B 718 -3.50 2.67 22.06
CA ARG B 718 -2.11 2.29 21.87
C ARG B 718 -1.35 3.32 21.07
N PHE B 719 -2.00 3.94 20.07
CA PHE B 719 -1.33 4.96 19.29
C PHE B 719 -1.09 6.23 20.11
N PHE B 720 -2.06 6.62 20.93
CA PHE B 720 -1.84 7.74 21.84
C PHE B 720 -0.68 7.45 22.78
N THR B 721 -0.64 6.24 23.33
CA THR B 721 0.47 5.86 24.20
C THR B 721 1.79 5.86 23.46
N SER B 722 1.79 5.43 22.20
CA SER B 722 3.03 5.39 21.42
C SER B 722 3.51 6.80 21.10
N LEU B 723 2.59 7.74 20.88
CA LEU B 723 3.00 9.14 20.72
C LEU B 723 3.61 9.66 22.01
N VAL B 724 3.00 9.33 23.16
CA VAL B 724 3.57 9.72 24.43
C VAL B 724 4.98 9.16 24.58
N LEU B 725 5.17 7.89 24.21
CA LEU B 725 6.48 7.26 24.32
C LEU B 725 7.48 7.89 23.36
N LEU B 726 7.03 8.28 22.17
CA LEU B 726 7.93 8.94 21.23
C LEU B 726 8.41 10.27 21.78
N ASP B 727 7.51 11.04 22.39
CA ASP B 727 7.94 12.27 23.03
C ASP B 727 8.80 12.00 24.26
N LEU B 728 8.58 10.87 24.92
CA LEU B 728 9.41 10.50 26.06
C LEU B 728 10.85 10.21 25.63
N ILE B 729 11.01 9.38 24.61
CA ILE B 729 12.36 9.01 24.17
C ILE B 729 13.00 10.10 23.32
N SER B 730 12.22 11.06 22.83
CA SER B 730 12.79 12.24 22.21
C SER B 730 13.38 13.20 23.24
N GLU B 731 13.30 12.86 24.52
CA GLU B 731 13.98 13.59 25.59
C GLU B 731 13.36 14.97 25.81
N VAL B 732 12.03 15.00 25.78
CA VAL B 732 11.29 16.23 26.10
C VAL B 732 10.93 16.19 27.58
N PRO B 733 10.80 17.34 28.25
CA PRO B 733 10.57 17.30 29.70
C PRO B 733 9.21 16.70 30.04
N LEU B 734 9.13 16.14 31.25
CA LEU B 734 7.89 15.52 31.70
C LEU B 734 6.75 16.54 31.70
N ARG B 735 7.04 17.78 32.08
CA ARG B 735 5.99 18.80 32.14
C ARG B 735 5.44 19.09 30.74
N GLU B 736 6.31 19.13 29.73
CA GLU B 736 5.85 19.37 28.37
C GLU B 736 4.93 18.24 27.90
N ILE B 737 5.28 17.00 28.23
CA ILE B 737 4.42 15.87 27.88
C ILE B 737 3.09 15.98 28.60
N ASN B 738 3.12 16.33 29.89
CA ASN B 738 1.89 16.45 30.66
C ASN B 738 0.97 17.50 30.06
N GLN B 739 1.52 18.67 29.71
CA GLN B 739 0.70 19.70 29.10
C GLN B 739 0.21 19.29 27.72
N LYS B 740 1.04 18.56 26.96
CA LYS B 740 0.68 18.20 25.60
C LYS B 740 -0.33 17.05 25.55
N TYR B 741 -0.30 16.16 26.55
CA TYR B 741 -1.11 14.96 26.52
C TYR B 741 -2.09 14.84 27.69
N GLY B 742 -1.82 15.47 28.83
CA GLY B 742 -2.68 15.39 29.99
C GLY B 742 -2.26 14.35 31.00
N CYS B 743 -1.36 13.44 30.64
CA CYS B 743 -0.88 12.45 31.59
C CYS B 743 0.14 13.08 32.54
N ASN B 744 -0.05 12.86 33.83
CA ASN B 744 0.87 13.41 34.81
C ASN B 744 2.23 12.71 34.71
N ARG B 745 3.19 13.21 35.50
CA ARG B 745 4.55 12.69 35.43
C ARG B 745 4.64 11.28 36.00
N GLY B 746 3.87 10.99 37.06
CA GLY B 746 3.87 9.64 37.60
C GLY B 746 3.37 8.62 36.61
N GLN B 747 2.26 8.95 35.93
CA GLN B 747 1.74 8.05 34.90
C GLN B 747 2.72 7.92 33.75
N ILE B 748 3.40 9.01 33.39
CA ILE B 748 4.39 8.95 32.33
C ILE B 748 5.51 7.98 32.70
N GLN B 749 5.99 8.06 33.94
CA GLN B 749 7.07 7.17 34.37
C GLN B 749 6.60 5.72 34.45
N SER B 750 5.37 5.50 34.91
CA SER B 750 4.85 4.13 34.95
C SER B 750 4.75 3.54 33.54
N LEU B 751 4.23 4.33 32.60
CA LEU B 751 4.20 3.88 31.21
C LEU B 751 5.61 3.65 30.68
N GLN B 752 6.56 4.49 31.11
CA GLN B 752 7.94 4.33 30.67
C GLN B 752 8.48 2.98 31.08
N GLN B 753 8.31 2.62 32.36
CA GLN B 753 8.80 1.34 32.84
C GLN B 753 8.09 0.19 32.16
N SER B 754 6.76 0.29 32.00
CA SER B 754 6.02 -0.78 31.35
C SER B 754 6.49 -0.97 29.91
N ALA B 755 6.71 0.12 29.19
CA ALA B 755 7.16 0.03 27.81
C ALA B 755 8.58 -0.51 27.72
N ALA B 756 9.44 -0.17 28.67
CA ALA B 756 10.78 -0.73 28.68
C ALA B 756 10.73 -2.25 28.86
N VAL B 757 9.96 -2.72 29.84
CA VAL B 757 9.86 -4.15 30.07
C VAL B 757 9.26 -4.85 28.85
N TYR B 758 8.22 -4.26 28.27
CA TYR B 758 7.57 -4.86 27.13
C TYR B 758 8.48 -4.87 25.91
N ALA B 759 9.31 -3.83 25.74
CA ALA B 759 10.26 -3.80 24.64
C ALA B 759 11.30 -4.90 24.80
N GLY B 760 11.80 -5.11 26.02
CA GLY B 760 12.72 -6.22 26.24
C GLY B 760 12.08 -7.56 25.95
N MET B 761 10.83 -7.74 26.41
CA MET B 761 10.13 -9.00 26.18
C MET B 761 9.91 -9.24 24.69
N ILE B 762 9.50 -8.21 23.96
CA ILE B 762 9.27 -8.35 22.54
C ILE B 762 10.58 -8.60 21.80
N THR B 763 11.67 -8.00 22.27
CA THR B 763 12.97 -8.28 21.65
C THR B 763 13.35 -9.74 21.82
N VAL B 764 13.13 -10.30 23.02
CA VAL B 764 13.42 -11.72 23.21
C VAL B 764 12.50 -12.58 22.36
N PHE B 765 11.23 -12.21 22.26
CA PHE B 765 10.29 -12.93 21.41
C PHE B 765 10.77 -12.97 19.97
N SER B 766 11.14 -11.80 19.43
CA SER B 766 11.60 -11.73 18.04
C SER B 766 12.89 -12.49 17.87
N ASN B 767 13.81 -12.42 18.83
CA ASN B 767 15.05 -13.17 18.75
C ASN B 767 14.78 -14.66 18.65
N ARG B 768 13.91 -15.18 19.51
CA ARG B 768 13.63 -16.61 19.50
C ARG B 768 12.87 -17.04 18.27
N LEU B 769 11.99 -16.17 17.74
CA LEU B 769 11.26 -16.52 16.53
C LEU B 769 12.15 -16.46 15.28
N GLY B 770 13.37 -15.95 15.39
CA GLY B 770 14.23 -15.83 14.24
C GLY B 770 14.01 -14.59 13.40
N TRP B 771 13.42 -13.54 13.98
CA TRP B 771 13.20 -12.28 13.27
C TRP B 771 14.38 -11.37 13.59
N HIS B 772 15.41 -11.43 12.74
CA HIS B 772 16.67 -10.76 13.05
C HIS B 772 16.57 -9.25 12.86
N ASN B 773 15.88 -8.80 11.82
CA ASN B 773 15.76 -7.36 11.59
C ASN B 773 14.86 -6.72 12.64
N MET B 774 13.75 -7.37 12.98
CA MET B 774 12.88 -6.85 14.03
C MET B 774 13.62 -6.79 15.36
N GLU B 775 14.37 -7.84 15.69
CA GLU B 775 15.15 -7.83 16.92
C GLU B 775 16.19 -6.74 16.90
N LEU B 776 16.85 -6.53 15.76
CA LEU B 776 17.85 -5.48 15.66
C LEU B 776 17.23 -4.11 15.89
N LEU B 777 16.06 -3.85 15.31
CA LEU B 777 15.42 -2.57 15.50
C LEU B 777 14.95 -2.40 16.94
N LEU B 778 14.46 -3.46 17.57
CA LEU B 778 13.91 -3.35 18.92
C LEU B 778 14.98 -3.39 20.00
N SER B 779 16.20 -3.81 19.69
CA SER B 779 17.21 -3.99 20.71
C SER B 779 17.54 -2.69 21.43
N GLN B 780 17.69 -1.60 20.67
CA GLN B 780 18.06 -0.32 21.28
C GLN B 780 16.96 0.20 22.19
N PHE B 781 15.70 -0.02 21.84
CA PHE B 781 14.61 0.74 22.44
C PHE B 781 14.39 0.42 23.91
N GLN B 782 14.83 -0.74 24.41
CA GLN B 782 14.59 -1.05 25.81
C GLN B 782 15.32 -0.05 26.72
N LYS B 783 16.58 0.23 26.41
CA LYS B 783 17.34 1.18 27.23
C LYS B 783 16.85 2.61 27.03
N ARG B 784 16.55 2.98 25.78
CA ARG B 784 16.02 4.32 25.52
C ARG B 784 14.73 4.55 26.30
N LEU B 785 13.89 3.52 26.41
CA LEU B 785 12.66 3.66 27.17
C LEU B 785 12.93 3.60 28.66
N THR B 786 13.90 2.79 29.10
CA THR B 786 14.23 2.74 30.52
C THR B 786 14.67 4.11 31.02
N PHE B 787 15.49 4.81 30.24
CA PHE B 787 16.03 6.11 30.65
C PHE B 787 15.37 7.28 29.96
N GLY B 788 14.60 7.05 28.89
CA GLY B 788 14.00 8.13 28.15
C GLY B 788 15.02 9.03 27.50
N ILE B 789 16.01 8.43 26.84
CA ILE B 789 17.14 9.17 26.27
C ILE B 789 17.16 8.99 24.75
N GLN B 790 18.14 9.62 24.11
CA GLN B 790 18.35 9.48 22.68
C GLN B 790 19.41 8.42 22.42
N ARG B 791 19.56 8.05 21.14
CA ARG B 791 20.50 6.99 20.79
C ARG B 791 21.90 7.29 21.27
N GLU B 792 22.27 8.58 21.30
CA GLU B 792 23.65 8.94 21.62
C GLU B 792 23.97 8.68 23.09
N LEU B 793 23.01 8.93 23.98
CA LEU B 793 23.25 8.78 25.41
C LEU B 793 23.17 7.34 25.89
N CYS B 794 22.80 6.40 25.02
CA CYS B 794 22.59 5.03 25.48
C CYS B 794 23.86 4.44 26.09
N ASP B 795 25.01 4.68 25.44
CA ASP B 795 26.27 4.19 25.99
C ASP B 795 26.70 4.99 27.22
N LEU B 796 26.30 6.25 27.32
CA LEU B 796 26.70 7.10 28.43
C LEU B 796 25.87 6.89 29.68
N VAL B 797 24.76 6.15 29.60
CA VAL B 797 23.92 5.88 30.75
C VAL B 797 24.25 4.52 31.37
N ARG B 798 25.25 3.81 30.84
CA ARG B 798 25.69 2.57 31.47
C ARG B 798 26.24 2.81 32.86
N VAL B 799 26.61 4.04 33.19
CA VAL B 799 27.05 4.38 34.53
C VAL B 799 25.81 4.56 35.40
N SER B 800 25.72 3.80 36.50
CA SER B 800 24.54 3.87 37.35
C SER B 800 24.31 5.28 37.88
N LEU B 801 25.37 6.07 38.01
CA LEU B 801 25.26 7.44 38.52
C LEU B 801 25.10 8.43 37.38
N LEU B 802 24.13 8.20 36.49
CA LEU B 802 23.91 9.11 35.38
C LEU B 802 22.45 9.05 34.97
N ASN B 803 21.69 10.08 35.31
CA ASN B 803 20.31 10.20 34.88
C ASN B 803 20.27 10.53 33.39
N ALA B 804 19.05 10.71 32.86
CA ALA B 804 18.91 11.18 31.49
C ALA B 804 19.31 12.65 31.39
N GLN B 805 19.09 13.43 32.46
CA GLN B 805 19.53 14.81 32.46
C GLN B 805 21.04 14.91 32.70
N ARG B 806 21.59 14.04 33.55
CA ARG B 806 23.02 14.04 33.78
C ARG B 806 23.78 13.45 32.61
N ALA B 807 23.20 12.49 31.90
CA ALA B 807 23.85 11.99 30.68
C ALA B 807 23.95 13.09 29.63
N ARG B 808 22.91 13.91 29.48
CA ARG B 808 22.96 14.99 28.51
C ARG B 808 23.96 16.06 28.93
N VAL B 809 23.99 16.40 30.22
CA VAL B 809 24.88 17.47 30.68
C VAL B 809 26.34 17.09 30.45
N LEU B 810 26.72 15.87 30.81
CA LEU B 810 28.04 15.37 30.49
C LEU B 810 28.24 15.19 28.99
N TYR B 811 27.20 14.74 28.28
CA TYR B 811 27.34 14.52 26.84
C TYR B 811 27.54 15.83 26.10
N ALA B 812 26.72 16.83 26.39
CA ALA B 812 26.85 18.11 25.71
C ALA B 812 28.23 18.71 25.95
N SER B 813 28.83 18.39 27.09
CA SER B 813 30.15 18.94 27.41
C SER B 813 31.24 18.33 26.53
N GLY B 814 31.09 17.05 26.17
CA GLY B 814 32.08 16.42 25.31
C GLY B 814 32.36 14.96 25.66
N PHE B 815 31.73 14.44 26.71
CA PHE B 815 31.90 13.05 27.11
C PHE B 815 30.85 12.21 26.38
N HIS B 816 31.26 11.56 25.31
CA HIS B 816 30.36 10.78 24.47
C HIS B 816 30.47 9.27 24.71
N THR B 817 31.20 8.86 25.75
CA THR B 817 31.43 7.45 25.99
C THR B 817 31.78 7.24 27.45
N VAL B 818 31.53 6.03 27.94
CA VAL B 818 31.93 5.69 29.31
C VAL B 818 33.45 5.71 29.43
N ALA B 819 34.15 5.28 28.37
CA ALA B 819 35.61 5.35 28.39
C ALA B 819 36.08 6.79 28.50
N ASP B 820 35.46 7.70 27.75
CA ASP B 820 35.84 9.11 27.85
C ASP B 820 35.56 9.65 29.25
N LEU B 821 34.46 9.21 29.87
CA LEU B 821 34.18 9.61 31.24
C LEU B 821 35.25 9.11 32.19
N ALA B 822 35.72 7.88 31.99
CA ALA B 822 36.78 7.34 32.85
C ALA B 822 38.04 8.17 32.75
N ARG B 823 38.40 8.62 31.55
CA ARG B 823 39.58 9.46 31.34
C ARG B 823 39.18 10.92 31.50
N ALA B 824 39.12 11.36 32.75
CA ALA B 824 38.74 12.73 33.06
C ALA B 824 39.02 12.99 34.53
N ASN B 825 39.48 14.21 34.83
CA ASN B 825 39.75 14.58 36.21
C ASN B 825 38.46 14.87 36.95
N ILE B 826 38.45 14.57 38.25
CA ILE B 826 37.23 14.70 39.05
C ILE B 826 36.76 16.14 39.07
N VAL B 827 37.70 17.09 39.14
CA VAL B 827 37.32 18.50 39.23
C VAL B 827 36.58 18.94 37.97
N GLU B 828 36.98 18.43 36.82
CA GLU B 828 36.30 18.79 35.57
C GLU B 828 34.84 18.39 35.62
N VAL B 829 34.55 17.13 35.94
CA VAL B 829 33.17 16.68 36.01
C VAL B 829 32.42 17.42 37.10
N GLU B 830 33.11 17.73 38.20
CA GLU B 830 32.48 18.48 39.29
C GLU B 830 31.99 19.83 38.81
N VAL B 831 32.85 20.58 38.13
CA VAL B 831 32.45 21.90 37.64
C VAL B 831 31.38 21.77 36.57
N ILE B 832 31.46 20.72 35.75
CA ILE B 832 30.45 20.51 34.71
C ILE B 832 29.08 20.29 35.34
N LEU B 833 29.02 19.45 36.39
CA LEU B 833 27.76 19.22 37.07
C LEU B 833 27.26 20.49 37.76
N LYS B 834 28.18 21.24 38.37
CA LYS B 834 27.77 22.45 39.09
C LYS B 834 27.08 23.44 38.17
N ASN B 835 27.41 23.43 36.88
CA ASN B 835 26.80 24.35 35.93
C ASN B 835 25.64 23.70 35.21
N ASN B 858 29.76 20.83 49.24
CA ASN B 858 29.53 20.24 50.56
C ASN B 858 28.04 20.22 50.89
N MET B 859 27.20 20.41 49.87
CA MET B 859 25.75 20.37 50.03
C MET B 859 25.19 19.25 49.17
N ARG B 860 24.38 18.39 49.78
CA ARG B 860 23.78 17.26 49.07
C ARG B 860 22.57 17.76 48.29
N THR B 861 22.73 17.88 46.97
CA THR B 861 21.68 18.47 46.14
C THR B 861 21.21 17.53 45.04
N ILE B 862 22.07 16.61 44.60
CA ILE B 862 21.69 15.63 43.59
C ILE B 862 21.15 14.40 44.30
N TRP B 863 20.28 13.66 43.58
CA TRP B 863 19.67 12.45 44.13
C TRP B 863 19.98 11.27 43.23
N VAL B 864 20.36 10.16 43.85
CA VAL B 864 20.52 8.88 43.16
C VAL B 864 19.88 7.80 44.02
N THR B 865 19.44 6.72 43.37
CA THR B 865 18.76 5.66 44.09
C THR B 865 19.72 4.98 45.06
N GLY B 866 19.22 4.69 46.26
CA GLY B 866 20.02 4.04 47.27
C GLY B 866 21.26 4.83 47.62
N ARG B 867 21.10 6.13 47.84
CA ARG B 867 22.21 7.03 48.02
C ARG B 867 22.66 7.07 49.48
N LYS B 868 23.65 7.91 49.74
CA LYS B 868 24.22 8.11 51.07
C LYS B 868 24.50 9.59 51.21
N GLY B 869 25.35 9.97 52.15
CA GLY B 869 25.65 11.38 52.32
C GLY B 869 26.43 11.88 51.12
N LEU B 870 25.75 11.92 49.97
CA LEU B 870 26.36 12.20 48.68
C LEU B 870 26.26 13.69 48.37
N THR B 871 27.40 14.35 48.23
CA THR B 871 27.46 15.72 47.76
C THR B 871 27.98 15.76 46.33
N GLU B 872 27.72 16.88 45.66
CA GLU B 872 28.16 17.03 44.28
C GLU B 872 29.67 16.92 44.14
N ARG B 873 30.42 17.34 45.16
CA ARG B 873 31.88 17.26 45.07
C ARG B 873 32.33 15.81 44.88
N GLU B 874 31.83 14.91 45.73
CA GLU B 874 32.21 13.51 45.64
C GLU B 874 31.27 12.69 44.77
N ALA B 875 30.17 13.27 44.31
CA ALA B 875 29.33 12.58 43.33
C ALA B 875 30.08 12.39 42.03
N ALA B 876 30.82 13.41 41.58
CA ALA B 876 31.63 13.27 40.39
C ALA B 876 32.74 12.24 40.59
N ALA B 877 33.17 12.04 41.84
CA ALA B 877 34.22 11.06 42.11
C ALA B 877 33.75 9.65 41.79
N LEU B 878 32.50 9.32 42.11
CA LEU B 878 31.99 7.98 41.82
C LEU B 878 31.66 7.80 40.35
N ILE B 879 31.35 8.89 39.65
CA ILE B 879 31.08 8.77 38.21
C ILE B 879 32.32 8.27 37.48
N VAL B 880 33.48 8.84 37.80
CA VAL B 880 34.72 8.35 37.19
C VAL B 880 35.12 7.00 37.77
N GLU B 881 34.87 6.80 39.07
CA GLU B 881 35.22 5.53 39.70
C GLU B 881 34.44 4.38 39.06
N GLU B 882 33.12 4.51 38.97
CA GLU B 882 32.32 3.47 38.36
C GLU B 882 32.55 3.40 36.85
N ALA B 883 32.92 4.52 36.23
CA ALA B 883 33.31 4.49 34.82
C ALA B 883 34.52 3.61 34.62
N ARG B 884 35.51 3.71 35.51
CA ARG B 884 36.66 2.81 35.45
C ARG B 884 36.24 1.36 35.69
N MET B 885 35.35 1.13 36.66
CA MET B 885 34.93 -0.23 36.96
C MET B 885 34.23 -0.87 35.77
N ILE B 886 33.46 -0.08 35.00
CA ILE B 886 32.80 -0.63 33.83
C ILE B 886 33.81 -1.14 32.83
N LEU B 887 34.88 -0.38 32.60
CA LEU B 887 35.96 -0.81 31.72
C LEU B 887 36.80 -1.89 32.41
N GLY C 108 -63.71 -5.78 2.86
CA GLY C 108 -62.40 -5.27 3.22
C GLY C 108 -62.15 -5.25 4.71
N LYS C 109 -62.84 -6.13 5.43
CA LYS C 109 -62.71 -6.26 6.87
C LYS C 109 -61.66 -7.29 7.27
N ASN C 110 -60.66 -7.51 6.42
CA ASN C 110 -59.60 -8.48 6.68
C ASN C 110 -60.16 -9.89 6.68
N LEU C 111 -59.29 -10.89 6.60
CA LEU C 111 -59.74 -12.28 6.52
C LEU C 111 -58.54 -13.19 6.69
N VAL C 112 -58.78 -14.37 7.25
CA VAL C 112 -57.75 -15.39 7.40
C VAL C 112 -58.44 -16.75 7.38
N TYR C 113 -57.80 -17.73 6.75
CA TYR C 113 -58.40 -19.04 6.61
C TYR C 113 -57.31 -20.07 6.41
N SER C 114 -57.69 -21.34 6.64
CA SER C 114 -56.79 -22.46 6.46
C SER C 114 -57.58 -23.64 5.93
N ALA C 115 -56.90 -24.54 5.22
CA ALA C 115 -57.53 -25.72 4.65
C ALA C 115 -56.47 -26.65 4.10
N PRO C 116 -56.72 -27.96 4.08
CA PRO C 116 -55.73 -28.87 3.49
C PRO C 116 -55.50 -28.56 2.02
N THR C 117 -54.24 -28.61 1.61
CA THR C 117 -53.92 -28.33 0.22
C THR C 117 -54.56 -29.37 -0.69
N SER C 118 -54.67 -29.02 -1.97
CA SER C 118 -55.36 -29.83 -2.97
C SER C 118 -56.87 -29.75 -2.85
N ALA C 119 -57.39 -28.69 -2.24
CA ALA C 119 -58.82 -28.46 -2.14
C ALA C 119 -59.23 -27.17 -2.84
N GLY C 120 -58.42 -26.68 -3.76
CA GLY C 120 -58.69 -25.40 -4.39
C GLY C 120 -58.71 -24.27 -3.40
N LYS C 121 -57.85 -24.34 -2.38
CA LYS C 121 -57.84 -23.30 -1.35
C LYS C 121 -57.46 -21.95 -1.93
N THR C 122 -56.55 -21.94 -2.91
CA THR C 122 -56.18 -20.69 -3.55
C THR C 122 -57.32 -20.05 -4.32
N LEU C 123 -58.41 -20.78 -4.58
CA LEU C 123 -59.52 -20.21 -5.31
C LEU C 123 -60.09 -19.00 -4.58
N VAL C 124 -60.24 -19.10 -3.27
CA VAL C 124 -60.78 -17.99 -2.49
C VAL C 124 -59.86 -16.78 -2.60
N ALA C 125 -58.55 -17.01 -2.50
CA ALA C 125 -57.60 -15.90 -2.61
C ALA C 125 -57.65 -15.27 -3.98
N GLU C 126 -57.75 -16.07 -5.04
CA GLU C 126 -57.86 -15.50 -6.38
C GLU C 126 -59.13 -14.67 -6.54
N LEU C 127 -60.25 -15.17 -6.03
CA LEU C 127 -61.49 -14.39 -6.12
C LEU C 127 -61.37 -13.08 -5.35
N LEU C 128 -60.79 -13.13 -4.15
CA LEU C 128 -60.64 -11.92 -3.36
C LEU C 128 -59.72 -10.92 -4.04
N ILE C 129 -58.60 -11.40 -4.60
CA ILE C 129 -57.71 -10.51 -5.33
C ILE C 129 -58.43 -9.89 -6.52
N LEU C 130 -59.20 -10.70 -7.26
CA LEU C 130 -59.91 -10.18 -8.41
C LEU C 130 -60.88 -9.08 -7.99
N LYS C 131 -61.69 -9.35 -6.96
CA LYS C 131 -62.69 -8.36 -6.55
C LYS C 131 -62.01 -7.09 -6.05
N ARG C 132 -60.94 -7.24 -5.24
CA ARG C 132 -60.26 -6.07 -4.71
C ARG C 132 -59.64 -5.24 -5.83
N VAL C 133 -58.95 -5.88 -6.77
CA VAL C 133 -58.30 -5.15 -7.84
C VAL C 133 -59.32 -4.46 -8.72
N LEU C 134 -60.46 -5.12 -8.98
CA LEU C 134 -61.44 -4.53 -9.88
C LEU C 134 -62.21 -3.40 -9.21
N GLU C 135 -62.55 -3.54 -7.92
CA GLU C 135 -63.32 -2.50 -7.25
C GLU C 135 -62.44 -1.37 -6.77
N MET C 136 -61.50 -1.66 -5.87
CA MET C 136 -60.67 -0.61 -5.30
C MET C 136 -59.65 -0.07 -6.30
N ARG C 137 -59.37 -0.82 -7.37
CA ARG C 137 -58.37 -0.41 -8.36
C ARG C 137 -57.00 -0.24 -7.71
N LYS C 138 -56.75 -0.97 -6.63
CA LYS C 138 -55.52 -0.91 -5.87
C LYS C 138 -54.68 -2.15 -6.13
N LYS C 139 -53.42 -2.07 -5.72
CA LYS C 139 -52.50 -3.18 -5.92
C LYS C 139 -52.89 -4.36 -5.03
N ALA C 140 -52.15 -5.46 -5.16
CA ALA C 140 -52.42 -6.65 -4.37
C ALA C 140 -51.15 -7.48 -4.32
N LEU C 141 -50.58 -7.64 -3.13
CA LEU C 141 -49.38 -8.43 -2.94
C LEU C 141 -49.75 -9.89 -2.72
N PHE C 142 -49.06 -10.78 -3.41
CA PHE C 142 -49.20 -12.23 -3.21
C PHE C 142 -47.83 -12.74 -2.79
N ILE C 143 -47.75 -13.29 -1.58
CA ILE C 143 -46.47 -13.59 -0.95
C ILE C 143 -46.33 -15.10 -0.79
N LEU C 144 -45.29 -15.66 -1.41
CA LEU C 144 -45.01 -17.08 -1.39
C LEU C 144 -43.70 -17.32 -0.65
N PRO C 145 -43.51 -18.50 -0.06
CA PRO C 145 -42.32 -18.70 0.78
C PRO C 145 -41.05 -18.94 -0.01
N PHE C 146 -41.13 -19.60 -1.16
CA PHE C 146 -39.96 -20.01 -1.92
C PHE C 146 -40.05 -19.47 -3.34
N VAL C 147 -38.88 -19.47 -4.01
CA VAL C 147 -38.80 -18.88 -5.35
C VAL C 147 -39.54 -19.73 -6.37
N SER C 148 -39.43 -21.05 -6.27
CA SER C 148 -40.05 -21.92 -7.27
C SER C 148 -41.57 -21.80 -7.24
N VAL C 149 -42.17 -21.92 -6.04
CA VAL C 149 -43.61 -21.73 -5.93
C VAL C 149 -43.98 -20.31 -6.31
N ALA C 150 -43.10 -19.35 -6.04
CA ALA C 150 -43.37 -17.97 -6.42
C ALA C 150 -43.51 -17.85 -7.94
N LYS C 151 -42.59 -18.46 -8.69
CA LYS C 151 -42.68 -18.41 -10.15
C LYS C 151 -43.91 -19.15 -10.65
N GLU C 152 -44.19 -20.32 -10.07
CA GLU C 152 -45.37 -21.07 -10.50
C GLU C 152 -46.64 -20.24 -10.31
N LYS C 153 -46.78 -19.62 -9.13
CA LYS C 153 -47.95 -18.80 -8.87
C LYS C 153 -47.99 -17.57 -9.77
N LYS C 154 -46.82 -16.98 -10.03
CA LYS C 154 -46.77 -15.83 -10.93
C LYS C 154 -47.32 -16.20 -12.31
N TYR C 155 -46.87 -17.33 -12.84
CA TYR C 155 -47.34 -17.75 -14.16
C TYR C 155 -48.82 -18.14 -14.13
N TYR C 156 -49.26 -18.79 -13.07
CA TYR C 156 -50.68 -19.13 -12.94
C TYR C 156 -51.54 -17.88 -12.96
N LEU C 157 -51.20 -16.90 -12.12
CA LEU C 157 -51.98 -15.67 -12.05
C LEU C 157 -51.90 -14.91 -13.36
N GLN C 158 -50.74 -14.92 -14.02
CA GLN C 158 -50.64 -14.30 -15.33
C GLN C 158 -51.62 -14.94 -16.30
N SER C 159 -51.57 -16.27 -16.42
CA SER C 159 -52.46 -16.95 -17.35
C SER C 159 -53.91 -16.66 -17.05
N LEU C 160 -54.27 -16.60 -15.76
CA LEU C 160 -55.66 -16.31 -15.41
C LEU C 160 -56.06 -14.88 -15.75
N PHE C 161 -55.19 -13.90 -15.48
CA PHE C 161 -55.60 -12.50 -15.49
C PHE C 161 -55.07 -11.68 -16.66
N GLN C 162 -54.51 -12.31 -17.69
CA GLN C 162 -54.20 -11.53 -18.89
C GLN C 162 -55.46 -10.92 -19.50
N GLU C 163 -56.54 -11.70 -19.57
CA GLU C 163 -57.72 -11.32 -20.33
C GLU C 163 -58.53 -10.19 -19.67
N VAL C 164 -58.21 -9.82 -18.44
CA VAL C 164 -58.93 -8.75 -17.75
C VAL C 164 -58.04 -7.52 -17.57
N GLY C 165 -56.99 -7.41 -18.36
CA GLY C 165 -56.14 -6.23 -18.29
C GLY C 165 -55.52 -6.01 -16.92
N ILE C 166 -55.16 -7.09 -16.24
CA ILE C 166 -54.56 -7.04 -14.91
C ILE C 166 -53.13 -7.52 -15.05
N LYS C 167 -52.18 -6.61 -14.83
CA LYS C 167 -50.77 -6.96 -14.97
C LYS C 167 -50.28 -7.68 -13.73
N VAL C 168 -49.52 -8.76 -13.94
CA VAL C 168 -48.99 -9.58 -12.85
C VAL C 168 -47.49 -9.72 -13.08
N ASP C 169 -46.71 -9.47 -12.02
CA ASP C 169 -45.26 -9.56 -12.11
C ASP C 169 -44.68 -9.62 -10.70
N GLY C 170 -43.69 -10.47 -10.48
CA GLY C 170 -43.25 -10.80 -9.14
C GLY C 170 -41.87 -10.28 -8.82
N TYR C 171 -41.70 -9.86 -7.56
CA TYR C 171 -40.38 -9.55 -6.99
C TYR C 171 -39.92 -10.80 -6.25
N MET C 172 -39.09 -11.61 -6.88
CA MET C 172 -38.68 -12.87 -6.28
C MET C 172 -37.26 -13.22 -6.73
N GLY C 173 -36.59 -14.04 -5.93
CA GLY C 173 -35.22 -14.42 -6.25
C GLY C 173 -34.35 -13.19 -6.41
N SER C 174 -33.56 -13.17 -7.48
CA SER C 174 -32.75 -12.02 -7.84
C SER C 174 -33.38 -11.17 -8.93
N THR C 175 -34.63 -11.46 -9.29
CA THR C 175 -35.31 -10.78 -10.39
C THR C 175 -36.14 -9.62 -9.86
N SER C 176 -36.87 -8.97 -10.76
CA SER C 176 -37.78 -7.89 -10.43
C SER C 176 -38.54 -7.50 -11.69
N PRO C 177 -39.74 -6.95 -11.57
CA PRO C 177 -40.48 -6.57 -12.77
C PRO C 177 -39.72 -5.54 -13.59
N SER C 178 -39.81 -5.65 -14.91
CA SER C 178 -39.16 -4.72 -15.81
C SER C 178 -39.85 -3.37 -15.87
N ARG C 179 -41.03 -3.24 -15.26
CA ARG C 179 -41.80 -2.01 -15.30
C ARG C 179 -41.96 -1.45 -13.89
N HIS C 180 -42.31 -0.17 -13.83
CA HIS C 180 -42.52 0.49 -12.55
C HIS C 180 -43.62 -0.21 -11.76
N PHE C 181 -43.47 -0.20 -10.44
CA PHE C 181 -44.48 -0.81 -9.57
C PHE C 181 -45.84 -0.16 -9.75
N SER C 182 -45.88 1.08 -10.25
CA SER C 182 -47.16 1.75 -10.45
C SER C 182 -48.04 0.99 -11.44
N SER C 183 -47.45 0.51 -12.54
CA SER C 183 -48.23 -0.15 -13.58
C SER C 183 -48.69 -1.54 -13.16
N LEU C 184 -48.04 -2.16 -12.18
CA LEU C 184 -48.43 -3.50 -11.76
C LEU C 184 -49.79 -3.46 -11.09
N ASP C 185 -50.56 -4.53 -11.28
CA ASP C 185 -51.85 -4.71 -10.61
C ASP C 185 -51.81 -5.74 -9.50
N ILE C 186 -50.91 -6.71 -9.55
CA ILE C 186 -50.68 -7.64 -8.46
C ILE C 186 -49.24 -8.12 -8.53
N ALA C 187 -48.53 -8.07 -7.41
CA ALA C 187 -47.13 -8.44 -7.34
C ALA C 187 -47.00 -9.75 -6.57
N VAL C 188 -46.45 -10.77 -7.22
CA VAL C 188 -46.26 -12.08 -6.59
C VAL C 188 -44.80 -12.11 -6.15
N CYS C 189 -44.57 -11.78 -4.88
CA CYS C 189 -43.22 -11.65 -4.34
C CYS C 189 -42.96 -12.72 -3.29
N THR C 190 -41.71 -12.80 -2.86
CA THR C 190 -41.27 -13.69 -1.80
C THR C 190 -41.28 -12.96 -0.46
N ILE C 191 -41.15 -13.71 0.62
CA ILE C 191 -41.33 -13.14 1.95
C ILE C 191 -40.34 -12.00 2.18
N GLU C 192 -39.05 -12.25 1.93
CA GLU C 192 -38.06 -11.21 2.19
C GLU C 192 -38.24 -10.02 1.24
N ARG C 193 -38.55 -10.29 -0.02
CA ARG C 193 -38.76 -9.22 -0.98
C ARG C 193 -40.11 -8.54 -0.79
N ALA C 194 -41.09 -9.22 -0.19
CA ALA C 194 -42.32 -8.55 0.22
C ALA C 194 -42.05 -7.61 1.38
N ASN C 195 -41.21 -8.03 2.33
CA ASN C 195 -40.81 -7.12 3.39
C ASN C 195 -40.07 -5.91 2.83
N GLY C 196 -39.19 -6.14 1.86
CA GLY C 196 -38.53 -5.02 1.21
C GLY C 196 -39.51 -4.12 0.48
N LEU C 197 -40.51 -4.70 -0.18
CA LEU C 197 -41.54 -3.93 -0.84
C LEU C 197 -42.27 -3.03 0.16
N ILE C 198 -42.65 -3.57 1.31
CA ILE C 198 -43.39 -2.78 2.28
C ILE C 198 -42.50 -1.71 2.89
N ASN C 199 -41.22 -2.02 3.13
CA ASN C 199 -40.31 -0.99 3.62
C ASN C 199 -40.19 0.15 2.61
N ARG C 200 -40.05 -0.19 1.32
CA ARG C 200 -39.94 0.86 0.32
C ARG C 200 -41.23 1.66 0.21
N LEU C 201 -42.38 0.99 0.29
CA LEU C 201 -43.65 1.69 0.21
C LEU C 201 -43.81 2.64 1.38
N ILE C 202 -43.42 2.22 2.57
CA ILE C 202 -43.46 3.10 3.74
C ILE C 202 -42.52 4.27 3.55
N GLU C 203 -41.30 4.01 3.05
CA GLU C 203 -40.33 5.08 2.86
C GLU C 203 -40.86 6.12 1.88
N GLU C 204 -41.56 5.68 0.84
CA GLU C 204 -42.05 6.59 -0.19
C GLU C 204 -43.43 7.17 0.14
N ASN C 205 -43.99 6.86 1.31
CA ASN C 205 -45.28 7.40 1.73
C ASN C 205 -46.36 7.13 0.67
N LYS C 206 -46.32 5.93 0.10
CA LYS C 206 -47.30 5.51 -0.90
C LYS C 206 -47.94 4.18 -0.49
N MET C 207 -48.21 4.04 0.81
CA MET C 207 -48.87 2.84 1.31
C MET C 207 -50.31 2.74 0.82
N ASP C 208 -50.98 3.89 0.64
CA ASP C 208 -52.37 3.88 0.20
C ASP C 208 -52.54 3.22 -1.16
N LEU C 209 -51.47 3.12 -1.94
CA LEU C 209 -51.57 2.45 -3.24
C LEU C 209 -51.87 0.97 -3.09
N LEU C 210 -51.61 0.39 -1.92
CA LEU C 210 -51.84 -1.03 -1.70
C LEU C 210 -53.29 -1.30 -1.34
N GLY C 211 -53.86 -2.34 -1.93
CA GLY C 211 -55.24 -2.69 -1.72
C GLY C 211 -55.45 -3.88 -0.80
N MET C 212 -54.58 -4.87 -0.92
CA MET C 212 -54.68 -6.06 -0.07
C MET C 212 -53.39 -6.86 -0.22
N VAL C 213 -53.18 -7.78 0.72
CA VAL C 213 -51.95 -8.54 0.83
C VAL C 213 -52.29 -9.99 1.14
N VAL C 214 -52.21 -10.86 0.14
CA VAL C 214 -52.43 -12.28 0.35
C VAL C 214 -51.11 -12.94 0.75
N VAL C 215 -51.15 -13.73 1.82
CA VAL C 215 -49.98 -14.44 2.32
C VAL C 215 -50.29 -15.93 2.30
N ASP C 216 -49.45 -16.69 1.60
CA ASP C 216 -49.61 -18.13 1.49
C ASP C 216 -48.64 -18.82 2.45
N GLU C 217 -49.07 -19.97 2.98
CA GLU C 217 -48.27 -20.74 3.93
C GLU C 217 -47.95 -19.89 5.15
N LEU C 218 -49.01 -19.43 5.81
CA LEU C 218 -48.85 -18.56 6.97
C LEU C 218 -48.18 -19.25 8.14
N HIS C 219 -48.20 -20.60 8.18
CA HIS C 219 -47.52 -21.31 9.24
C HIS C 219 -46.02 -21.08 9.23
N MET C 220 -45.46 -20.61 8.11
CA MET C 220 -44.06 -20.21 8.08
C MET C 220 -43.79 -19.08 9.06
N LEU C 221 -44.83 -18.35 9.47
CA LEU C 221 -44.65 -17.22 10.37
C LEU C 221 -44.02 -17.62 11.69
N GLY C 222 -44.10 -18.91 12.05
CA GLY C 222 -43.49 -19.36 13.29
C GLY C 222 -42.00 -19.52 13.17
N ASP C 223 -41.45 -20.57 13.78
CA ASP C 223 -40.01 -20.80 13.75
C ASP C 223 -39.53 -21.03 12.33
N SER C 224 -38.67 -20.15 11.84
CA SER C 224 -38.10 -20.28 10.50
C SER C 224 -37.04 -19.20 10.33
N HIS C 225 -36.30 -19.29 9.23
CA HIS C 225 -35.33 -18.28 8.88
C HIS C 225 -35.98 -17.00 8.33
N ARG C 226 -37.21 -17.11 7.82
CA ARG C 226 -37.90 -15.97 7.24
C ARG C 226 -39.25 -15.73 7.89
N GLY C 227 -39.62 -16.51 8.90
CA GLY C 227 -40.91 -16.30 9.56
C GLY C 227 -41.00 -14.94 10.20
N TYR C 228 -39.92 -14.47 10.82
CA TYR C 228 -39.96 -13.16 11.45
C TYR C 228 -40.12 -12.06 10.43
N LEU C 229 -39.62 -12.26 9.20
CA LEU C 229 -39.86 -11.28 8.14
C LEU C 229 -41.36 -11.17 7.85
N LEU C 230 -42.04 -12.31 7.76
CA LEU C 230 -43.49 -12.29 7.57
C LEU C 230 -44.19 -11.62 8.73
N GLU C 231 -43.75 -11.91 9.95
CA GLU C 231 -44.35 -11.28 11.12
C GLU C 231 -44.20 -9.77 11.07
N LEU C 232 -42.99 -9.28 10.79
CA LEU C 232 -42.76 -7.84 10.74
C LEU C 232 -43.57 -7.21 9.61
N LEU C 233 -43.61 -7.85 8.45
CA LEU C 233 -44.42 -7.34 7.35
C LEU C 233 -45.87 -7.15 7.77
N LEU C 234 -46.48 -8.20 8.32
CA LEU C 234 -47.88 -8.11 8.70
C LEU C 234 -48.08 -7.09 9.82
N THR C 235 -47.12 -6.99 10.73
CA THR C 235 -47.21 -6.01 11.80
C THR C 235 -47.22 -4.59 11.24
N LYS C 236 -46.34 -4.30 10.28
CA LYS C 236 -46.33 -2.98 9.67
C LYS C 236 -47.66 -2.71 8.96
N ILE C 237 -48.18 -3.70 8.23
CA ILE C 237 -49.43 -3.49 7.53
C ILE C 237 -50.53 -3.12 8.51
N CYS C 238 -50.68 -3.92 9.57
CA CYS C 238 -51.79 -3.70 10.50
C CYS C 238 -51.61 -2.40 11.28
N TYR C 239 -50.37 -2.09 11.67
CA TYR C 239 -50.10 -0.83 12.37
C TYR C 239 -50.47 0.37 11.50
N ILE C 240 -49.97 0.40 10.26
CA ILE C 240 -50.23 1.56 9.41
C ILE C 240 -51.72 1.66 9.10
N THR C 241 -52.41 0.53 8.98
CA THR C 241 -53.86 0.59 8.81
C THR C 241 -54.52 1.19 10.05
N ARG C 242 -54.08 0.80 11.24
CA ARG C 242 -54.71 1.30 12.46
C ARG C 242 -54.49 2.81 12.61
N LYS C 243 -53.29 3.30 12.30
CA LYS C 243 -52.98 4.70 12.57
C LYS C 243 -53.89 5.63 11.76
N SER C 244 -54.09 5.32 10.48
CA SER C 244 -54.90 6.16 9.60
C SER C 244 -56.04 5.31 9.04
N ALA C 245 -57.26 5.82 9.14
CA ALA C 245 -58.44 5.12 8.65
C ALA C 245 -58.92 5.73 7.34
N SER C 256 -59.64 0.96 9.36
CA SER C 256 -60.96 0.36 9.23
C SER C 256 -61.04 -0.50 7.97
N ASN C 257 -61.11 0.15 6.81
CA ASN C 257 -61.17 -0.53 5.51
C ASN C 257 -60.17 0.16 4.57
N ALA C 258 -58.89 -0.19 4.71
CA ALA C 258 -57.87 0.37 3.84
C ALA C 258 -57.02 -0.68 3.15
N VAL C 259 -56.68 -1.78 3.83
CA VAL C 259 -55.82 -2.80 3.25
C VAL C 259 -56.19 -4.18 3.83
N GLN C 260 -56.76 -5.04 2.99
CA GLN C 260 -57.13 -6.37 3.44
C GLN C 260 -55.92 -7.27 3.49
N ILE C 261 -55.97 -8.25 4.39
CA ILE C 261 -54.95 -9.29 4.50
C ILE C 261 -55.66 -10.63 4.46
N VAL C 262 -55.16 -11.53 3.61
CA VAL C 262 -55.70 -12.88 3.49
C VAL C 262 -54.57 -13.87 3.75
N GLY C 263 -54.82 -14.81 4.65
CA GLY C 263 -53.81 -15.76 5.04
C GLY C 263 -54.24 -17.17 4.70
N MET C 264 -53.25 -17.99 4.34
CA MET C 264 -53.47 -19.38 3.99
C MET C 264 -52.45 -20.25 4.72
N SER C 265 -52.89 -21.44 5.13
CA SER C 265 -52.00 -22.36 5.82
C SER C 265 -52.68 -23.71 6.05
N ALA C 266 -51.95 -24.67 6.62
CA ALA C 266 -52.52 -25.94 7.02
C ALA C 266 -53.36 -25.72 8.27
N THR C 267 -53.77 -26.81 8.93
CA THR C 267 -54.58 -26.68 10.13
C THR C 267 -53.74 -26.11 11.28
N LEU C 268 -53.96 -24.83 11.59
CA LEU C 268 -53.18 -24.15 12.61
C LEU C 268 -53.92 -24.23 13.95
N PRO C 269 -53.33 -24.80 15.00
CA PRO C 269 -53.98 -24.73 16.32
C PRO C 269 -54.18 -23.31 16.80
N ASN C 270 -53.34 -22.37 16.34
CA ASN C 270 -53.43 -20.97 16.71
C ASN C 270 -54.02 -20.12 15.58
N LEU C 271 -54.83 -20.74 14.72
CA LEU C 271 -55.44 -19.99 13.64
C LEU C 271 -56.35 -18.88 14.17
N GLU C 272 -57.14 -19.19 15.19
CA GLU C 272 -57.95 -18.16 15.83
C GLU C 272 -57.08 -17.08 16.45
N LEU C 273 -55.94 -17.48 17.01
CA LEU C 273 -55.02 -16.49 17.57
C LEU C 273 -54.49 -15.56 16.47
N VAL C 274 -54.14 -16.13 15.31
CA VAL C 274 -53.67 -15.30 14.20
C VAL C 274 -54.76 -14.35 13.73
N ALA C 275 -56.00 -14.86 13.63
CA ALA C 275 -57.10 -13.99 13.21
C ALA C 275 -57.31 -12.85 14.21
N SER C 276 -57.24 -13.15 15.50
CA SER C 276 -57.36 -12.12 16.51
C SER C 276 -56.23 -11.11 16.40
N TRP C 277 -55.01 -11.59 16.15
CA TRP C 277 -53.88 -10.69 15.95
C TRP C 277 -54.18 -9.73 14.80
N LEU C 278 -54.65 -10.26 13.68
CA LEU C 278 -54.86 -9.47 12.47
C LEU C 278 -56.25 -8.82 12.43
N ASN C 279 -57.04 -8.96 13.48
CA ASN C 279 -58.40 -8.41 13.50
C ASN C 279 -59.18 -8.86 12.27
N ALA C 280 -59.07 -10.16 11.98
CA ALA C 280 -59.61 -10.74 10.76
C ALA C 280 -60.59 -11.86 11.13
N GLU C 281 -61.40 -12.24 10.14
CA GLU C 281 -62.32 -13.34 10.31
C GLU C 281 -61.54 -14.66 10.34
N LEU C 282 -62.28 -15.76 10.48
CA LEU C 282 -61.68 -17.08 10.59
C LEU C 282 -62.49 -18.08 9.79
N TYR C 283 -61.79 -18.98 9.11
CA TYR C 283 -62.46 -20.06 8.37
C TYR C 283 -61.47 -21.21 8.24
N HIS C 284 -61.78 -22.32 8.90
CA HIS C 284 -60.96 -23.52 8.86
C HIS C 284 -61.84 -24.72 8.57
N THR C 285 -61.39 -25.59 7.66
CA THR C 285 -62.14 -26.77 7.31
C THR C 285 -61.18 -27.82 6.75
N ASP C 286 -61.29 -29.03 7.27
CA ASP C 286 -60.44 -30.15 6.86
C ASP C 286 -61.26 -31.01 5.88
N PHE C 287 -61.41 -30.51 4.66
CA PHE C 287 -62.16 -31.21 3.62
C PHE C 287 -61.32 -31.24 2.35
N ARG C 288 -61.25 -32.40 1.72
CA ARG C 288 -60.53 -32.58 0.47
C ARG C 288 -61.37 -33.43 -0.47
N PRO C 289 -61.23 -33.23 -1.78
CA PRO C 289 -62.01 -34.03 -2.73
C PRO C 289 -61.54 -35.47 -2.83
N VAL C 290 -60.29 -35.74 -2.47
CA VAL C 290 -59.72 -37.08 -2.52
C VAL C 290 -59.32 -37.48 -1.11
N PRO C 291 -60.18 -38.22 -0.40
CA PRO C 291 -59.86 -38.55 0.99
C PRO C 291 -58.56 -39.34 1.09
N LEU C 292 -57.78 -39.03 2.13
CA LEU C 292 -56.52 -39.69 2.38
C LEU C 292 -56.72 -40.77 3.44
N LEU C 293 -56.35 -42.01 3.09
CA LEU C 293 -56.49 -43.15 3.97
C LEU C 293 -55.11 -43.69 4.32
N GLU C 294 -54.86 -43.88 5.60
CA GLU C 294 -53.57 -44.39 6.07
C GLU C 294 -53.78 -45.12 7.39
N SER C 295 -53.73 -46.44 7.35
CA SER C 295 -53.88 -47.25 8.55
C SER C 295 -53.11 -48.54 8.34
N VAL C 296 -52.78 -49.20 9.45
CA VAL C 296 -52.03 -50.44 9.46
C VAL C 296 -53.01 -51.60 9.42
N LYS C 297 -52.86 -52.49 8.44
CA LYS C 297 -53.71 -53.64 8.28
C LYS C 297 -53.02 -54.89 8.80
N VAL C 298 -53.83 -55.82 9.32
CA VAL C 298 -53.31 -57.09 9.82
C VAL C 298 -54.30 -58.21 9.55
N ASP C 324 -36.99 -53.83 2.76
CA ASP C 324 -37.82 -52.66 2.50
C ASP C 324 -39.23 -53.06 2.11
N HIS C 325 -39.33 -54.06 1.21
CA HIS C 325 -40.62 -54.53 0.72
C HIS C 325 -41.34 -53.44 -0.07
N VAL C 326 -40.63 -52.87 -1.04
CA VAL C 326 -41.20 -51.87 -1.94
C VAL C 326 -41.44 -52.39 -3.34
N VAL C 327 -40.88 -53.56 -3.69
CA VAL C 327 -40.99 -54.05 -5.06
C VAL C 327 -42.44 -54.30 -5.43
N SER C 328 -43.10 -55.19 -4.67
CA SER C 328 -44.48 -55.54 -4.99
C SER C 328 -45.40 -54.34 -4.84
N LEU C 329 -45.15 -53.50 -3.85
CA LEU C 329 -45.99 -52.32 -3.64
C LEU C 329 -45.93 -51.39 -4.85
N CYS C 330 -44.72 -51.06 -5.31
CA CYS C 330 -44.59 -50.20 -6.48
C CYS C 330 -45.16 -50.88 -7.72
N TYR C 331 -44.96 -52.19 -7.85
CA TYR C 331 -45.49 -52.89 -9.02
C TYR C 331 -47.01 -52.79 -9.06
N GLU C 332 -47.66 -53.02 -7.91
CA GLU C 332 -49.12 -52.90 -7.86
C GLU C 332 -49.55 -51.47 -8.14
N THR C 333 -48.84 -50.49 -7.59
CA THR C 333 -49.23 -49.09 -7.80
C THR C 333 -49.16 -48.71 -9.27
N ILE C 334 -48.06 -49.07 -9.95
CA ILE C 334 -47.91 -48.73 -11.35
C ILE C 334 -48.90 -49.52 -12.20
N CYS C 335 -49.14 -50.78 -11.84
CA CYS C 335 -50.06 -51.61 -12.61
C CYS C 335 -51.47 -51.02 -12.66
N ASP C 336 -51.82 -50.17 -11.70
CA ASP C 336 -53.11 -49.49 -11.70
C ASP C 336 -53.07 -48.21 -12.54
N ASN C 337 -52.01 -47.99 -13.31
CA ASN C 337 -51.87 -46.77 -14.13
C ASN C 337 -51.70 -45.54 -13.26
N HIS C 338 -50.89 -45.66 -12.21
CA HIS C 338 -50.68 -44.59 -11.24
C HIS C 338 -49.18 -44.40 -11.04
N SER C 339 -48.78 -43.16 -10.78
CA SER C 339 -47.37 -42.84 -10.61
C SER C 339 -46.99 -42.87 -9.13
N VAL C 340 -45.68 -42.82 -8.87
CA VAL C 340 -45.15 -43.00 -7.52
C VAL C 340 -44.18 -41.87 -7.19
N LEU C 341 -44.39 -41.26 -6.03
CA LEU C 341 -43.54 -40.16 -5.54
C LEU C 341 -42.85 -40.66 -4.27
N LEU C 342 -41.57 -40.97 -4.36
CA LEU C 342 -40.81 -41.44 -3.22
C LEU C 342 -40.02 -40.29 -2.61
N PHE C 343 -39.92 -40.28 -1.29
CA PHE C 343 -39.20 -39.24 -0.56
C PHE C 343 -38.09 -39.89 0.27
N CYS C 344 -36.85 -39.42 0.07
CA CYS C 344 -35.68 -40.01 0.68
C CYS C 344 -34.85 -38.90 1.33
N PRO C 345 -34.31 -39.12 2.54
CA PRO C 345 -33.62 -38.02 3.22
C PRO C 345 -32.37 -37.54 2.50
N SER C 346 -31.45 -38.47 2.23
CA SER C 346 -30.20 -38.09 1.61
C SER C 346 -30.36 -37.90 0.12
N LYS C 347 -29.35 -37.27 -0.49
CA LYS C 347 -29.34 -36.98 -1.91
C LYS C 347 -28.75 -38.15 -2.71
N LYS C 348 -27.58 -38.62 -2.28
CA LYS C 348 -27.00 -39.81 -2.88
C LYS C 348 -27.89 -41.02 -2.66
N TRP C 349 -28.46 -41.17 -1.47
CA TRP C 349 -29.39 -42.26 -1.21
C TRP C 349 -30.58 -42.17 -2.16
N CYS C 350 -31.11 -40.97 -2.35
CA CYS C 350 -32.25 -40.79 -3.24
C CYS C 350 -31.92 -41.24 -4.66
N GLU C 351 -30.81 -40.74 -5.21
CA GLU C 351 -30.48 -41.08 -6.58
C GLU C 351 -30.13 -42.56 -6.73
N LYS C 352 -29.50 -43.14 -5.72
CA LYS C 352 -29.20 -44.57 -5.74
C LYS C 352 -30.48 -45.41 -5.73
N LEU C 353 -31.46 -45.03 -4.91
CA LEU C 353 -32.72 -45.74 -4.89
C LEU C 353 -33.44 -45.61 -6.22
N ALA C 354 -33.38 -44.43 -6.83
CA ALA C 354 -33.96 -44.25 -8.16
C ALA C 354 -33.28 -45.18 -9.15
N ASP C 355 -31.95 -45.28 -9.10
CA ASP C 355 -31.24 -46.18 -10.01
C ASP C 355 -31.68 -47.61 -9.82
N ILE C 356 -31.80 -48.05 -8.57
CA ILE C 356 -32.15 -49.45 -8.31
C ILE C 356 -33.57 -49.75 -8.78
N ILE C 357 -34.51 -48.84 -8.53
CA ILE C 357 -35.89 -49.10 -8.96
C ILE C 357 -35.98 -49.09 -10.48
N ALA C 358 -35.19 -48.21 -11.13
CA ALA C 358 -35.14 -48.23 -12.59
C ALA C 358 -34.59 -49.56 -13.10
N ARG C 359 -33.57 -50.08 -12.43
CA ARG C 359 -33.04 -51.40 -12.81
C ARG C 359 -34.09 -52.48 -12.64
N GLU C 360 -34.85 -52.43 -11.55
CA GLU C 360 -35.93 -53.39 -11.34
C GLU C 360 -36.93 -53.33 -12.49
N PHE C 361 -37.37 -52.13 -12.86
CA PHE C 361 -38.32 -52.00 -13.94
C PHE C 361 -37.74 -52.50 -15.26
N TYR C 362 -36.48 -52.18 -15.52
CA TYR C 362 -35.84 -52.61 -16.76
C TYR C 362 -35.79 -54.13 -16.86
N ASN C 363 -35.44 -54.79 -15.75
CA ASN C 363 -35.31 -56.24 -15.77
C ASN C 363 -36.68 -56.91 -15.84
N LEU C 364 -37.55 -56.62 -14.86
CA LEU C 364 -38.82 -57.33 -14.77
C LEU C 364 -39.77 -56.91 -15.90
N HIS C 365 -40.14 -55.64 -15.93
CA HIS C 365 -41.08 -55.16 -16.93
C HIS C 365 -40.40 -54.96 -18.28
N GLU C 383 -45.86 -42.61 -22.45
CA GLU C 383 -45.66 -42.81 -23.88
C GLU C 383 -44.18 -42.75 -24.22
N GLN C 384 -43.77 -43.48 -25.27
CA GLN C 384 -42.36 -43.48 -25.66
C GLN C 384 -41.99 -42.19 -26.40
N LYS C 385 -42.89 -41.68 -27.25
CA LYS C 385 -42.60 -40.45 -27.98
C LYS C 385 -42.37 -39.28 -27.02
N GLU C 386 -43.28 -39.10 -26.06
CA GLU C 386 -43.16 -37.98 -25.14
C GLU C 386 -41.96 -38.15 -24.21
N LEU C 387 -41.66 -39.38 -23.80
CA LEU C 387 -40.47 -39.60 -22.98
C LEU C 387 -39.20 -39.30 -23.77
N LEU C 388 -39.19 -39.62 -25.06
CA LEU C 388 -38.07 -39.24 -25.91
C LEU C 388 -37.95 -37.73 -26.02
N GLU C 389 -39.09 -37.04 -26.11
CA GLU C 389 -39.07 -35.58 -26.08
C GLU C 389 -38.44 -35.06 -24.80
N VAL C 390 -38.82 -35.66 -23.67
CA VAL C 390 -38.25 -35.25 -22.38
C VAL C 390 -36.74 -35.46 -22.37
N MET C 391 -36.30 -36.63 -22.83
CA MET C 391 -34.87 -36.92 -22.91
C MET C 391 -34.15 -35.86 -23.76
N ASP C 392 -34.72 -35.56 -24.92
CA ASP C 392 -34.10 -34.61 -25.83
C ASP C 392 -33.99 -33.22 -25.18
N GLN C 393 -35.08 -32.74 -24.59
CA GLN C 393 -35.03 -31.41 -24.00
C GLN C 393 -34.10 -31.37 -22.80
N LEU C 394 -33.90 -32.51 -22.14
CA LEU C 394 -32.93 -32.56 -21.05
C LEU C 394 -31.51 -32.58 -21.57
N ARG C 395 -31.31 -33.11 -22.78
CA ARG C 395 -29.96 -33.16 -23.35
C ARG C 395 -29.40 -31.77 -23.58
N ARG C 396 -30.16 -30.90 -24.25
CA ARG C 396 -29.67 -29.57 -24.64
C ARG C 396 -29.81 -28.63 -23.45
N LEU C 397 -28.96 -28.85 -22.47
CA LEU C 397 -28.85 -28.01 -21.28
C LEU C 397 -27.39 -27.65 -21.06
N PRO C 398 -27.12 -26.52 -20.40
CA PRO C 398 -25.72 -26.12 -20.20
C PRO C 398 -24.89 -27.15 -19.44
N SER C 399 -25.49 -27.85 -18.49
CA SER C 399 -24.75 -28.82 -17.69
C SER C 399 -24.78 -30.22 -18.27
N GLY C 400 -25.56 -30.46 -19.32
CA GLY C 400 -25.61 -31.76 -19.96
C GLY C 400 -26.48 -32.75 -19.20
N LEU C 401 -26.81 -33.84 -19.89
CA LEU C 401 -27.63 -34.89 -19.30
C LEU C 401 -26.80 -35.70 -18.32
N ASP C 402 -27.26 -35.77 -17.07
CA ASP C 402 -26.56 -36.56 -16.06
C ASP C 402 -26.60 -38.04 -16.42
N SER C 403 -25.49 -38.73 -16.18
CA SER C 403 -25.38 -40.14 -16.60
C SER C 403 -26.40 -41.01 -15.89
N VAL C 404 -26.46 -40.92 -14.56
CA VAL C 404 -27.43 -41.72 -13.82
C VAL C 404 -28.84 -41.34 -14.24
N LEU C 405 -29.10 -40.05 -14.44
CA LEU C 405 -30.38 -39.64 -14.98
C LEU C 405 -30.58 -40.19 -16.39
N GLN C 406 -29.50 -40.31 -17.16
CA GLN C 406 -29.63 -40.86 -18.50
C GLN C 406 -30.11 -42.30 -18.46
N LYS C 407 -29.53 -43.11 -17.57
CA LYS C 407 -29.91 -44.52 -17.49
C LYS C 407 -31.21 -44.72 -16.72
N THR C 408 -31.67 -43.71 -15.98
CA THR C 408 -32.87 -43.86 -15.17
C THR C 408 -34.12 -43.31 -15.87
N VAL C 409 -33.98 -42.26 -16.68
CA VAL C 409 -35.16 -41.60 -17.24
C VAL C 409 -35.98 -42.51 -18.13
N PRO C 410 -35.40 -43.32 -19.02
CA PRO C 410 -36.22 -44.03 -20.01
C PRO C 410 -37.31 -44.90 -19.42
N TRP C 411 -37.18 -45.34 -18.18
CA TRP C 411 -38.12 -46.27 -17.56
C TRP C 411 -39.12 -45.55 -16.65
N GLY C 412 -39.44 -44.30 -16.96
CA GLY C 412 -40.32 -43.55 -16.09
C GLY C 412 -39.79 -43.37 -14.69
N VAL C 413 -38.48 -43.48 -14.52
CA VAL C 413 -37.83 -43.34 -13.22
C VAL C 413 -36.88 -42.16 -13.30
N ALA C 414 -36.83 -41.38 -12.22
CA ALA C 414 -35.88 -40.27 -12.14
C ALA C 414 -35.73 -39.85 -10.69
N PHE C 415 -34.77 -38.95 -10.45
CA PHE C 415 -34.52 -38.43 -9.13
C PHE C 415 -34.42 -36.91 -9.18
N HIS C 416 -34.74 -36.28 -8.05
CA HIS C 416 -34.88 -34.84 -7.93
C HIS C 416 -34.31 -34.43 -6.58
N HIS C 417 -33.12 -33.82 -6.60
CA HIS C 417 -32.48 -33.37 -5.37
C HIS C 417 -31.85 -32.01 -5.63
N ALA C 418 -31.40 -31.38 -4.53
CA ALA C 418 -30.83 -30.03 -4.60
C ALA C 418 -29.47 -30.00 -5.25
N GLY C 419 -28.98 -31.12 -5.80
CA GLY C 419 -27.71 -31.11 -6.49
C GLY C 419 -27.85 -30.92 -7.99
N LEU C 420 -29.06 -31.06 -8.51
CA LEU C 420 -29.33 -30.78 -9.91
C LEU C 420 -29.32 -29.26 -10.13
N THR C 421 -29.62 -28.85 -11.35
CA THR C 421 -29.81 -27.45 -11.68
C THR C 421 -31.31 -27.15 -11.77
N PHE C 422 -31.64 -25.88 -11.63
CA PHE C 422 -33.05 -25.49 -11.62
C PHE C 422 -33.77 -25.98 -12.87
N GLU C 423 -33.08 -25.96 -14.02
CA GLU C 423 -33.69 -26.41 -15.26
C GLU C 423 -33.94 -27.92 -15.23
N GLU C 424 -32.99 -28.70 -14.70
CA GLU C 424 -33.19 -30.14 -14.62
C GLU C 424 -34.35 -30.47 -13.67
N ARG C 425 -34.41 -29.77 -12.53
CA ARG C 425 -35.53 -29.97 -11.63
C ARG C 425 -36.85 -29.64 -12.31
N ASP C 426 -36.88 -28.54 -13.06
CA ASP C 426 -38.10 -28.16 -13.76
C ASP C 426 -38.50 -29.20 -14.78
N ILE C 427 -37.53 -29.76 -15.52
CA ILE C 427 -37.83 -30.79 -16.50
C ILE C 427 -38.42 -32.02 -15.82
N ILE C 428 -37.80 -32.46 -14.73
CA ILE C 428 -38.28 -33.66 -14.04
C ILE C 428 -39.69 -33.42 -13.49
N GLU C 429 -39.91 -32.26 -12.87
CA GLU C 429 -41.22 -31.96 -12.33
C GLU C 429 -42.28 -31.92 -13.43
N GLY C 430 -41.97 -31.27 -14.55
CA GLY C 430 -42.91 -31.22 -15.65
C GLY C 430 -43.21 -32.59 -16.22
N ALA C 431 -42.19 -33.44 -16.32
CA ALA C 431 -42.42 -34.79 -16.82
C ALA C 431 -43.35 -35.56 -15.89
N PHE C 432 -43.17 -35.41 -14.58
CA PHE C 432 -44.06 -36.08 -13.64
C PHE C 432 -45.49 -35.54 -13.72
N ARG C 433 -45.65 -34.22 -13.67
CA ARG C 433 -47.01 -33.67 -13.63
C ARG C 433 -47.85 -34.18 -14.78
N GLN C 434 -47.25 -34.33 -15.96
CA GLN C 434 -47.97 -34.85 -17.11
C GLN C 434 -47.95 -36.37 -17.17
N GLY C 435 -47.32 -37.04 -16.20
CA GLY C 435 -47.34 -38.48 -16.11
C GLY C 435 -46.24 -39.21 -16.84
N LEU C 436 -45.35 -38.50 -17.51
CA LEU C 436 -44.32 -39.15 -18.31
C LEU C 436 -43.30 -39.87 -17.44
N ILE C 437 -43.23 -39.51 -16.16
CA ILE C 437 -42.37 -40.18 -15.19
C ILE C 437 -43.27 -40.89 -14.20
N ARG C 438 -43.06 -42.20 -14.04
CA ARG C 438 -43.89 -42.99 -13.14
C ARG C 438 -43.28 -43.15 -11.76
N VAL C 439 -42.00 -42.83 -11.59
CA VAL C 439 -41.34 -42.89 -10.30
C VAL C 439 -40.39 -41.70 -10.19
N LEU C 440 -40.57 -40.92 -9.12
CA LEU C 440 -39.68 -39.79 -8.85
C LEU C 440 -39.17 -39.91 -7.41
N ALA C 441 -37.87 -40.09 -7.26
CA ALA C 441 -37.22 -40.09 -5.95
C ALA C 441 -36.81 -38.66 -5.64
N ALA C 442 -37.59 -37.98 -4.82
CA ALA C 442 -37.33 -36.60 -4.44
C ALA C 442 -36.56 -36.58 -3.11
N THR C 443 -36.48 -35.41 -2.50
CA THR C 443 -35.86 -35.23 -1.20
C THR C 443 -36.77 -34.35 -0.36
N SER C 444 -36.27 -33.91 0.79
CA SER C 444 -37.09 -33.11 1.71
C SER C 444 -37.53 -31.79 1.07
N THR C 445 -36.69 -31.21 0.21
CA THR C 445 -37.00 -29.90 -0.35
C THR C 445 -38.27 -29.93 -1.19
N LEU C 446 -38.46 -30.98 -1.99
CA LEU C 446 -39.64 -31.05 -2.84
C LEU C 446 -40.93 -31.09 -2.05
N SER C 447 -40.90 -31.48 -0.78
CA SER C 447 -42.11 -31.46 0.03
C SER C 447 -42.72 -30.07 0.05
N SER C 448 -41.88 -29.04 0.11
CA SER C 448 -42.32 -27.65 0.10
C SER C 448 -42.20 -27.02 -1.29
N GLY C 449 -42.06 -27.83 -2.33
CA GLY C 449 -41.92 -27.32 -3.68
C GLY C 449 -43.27 -27.05 -4.32
N VAL C 450 -43.27 -27.05 -5.65
CA VAL C 450 -44.49 -26.74 -6.38
C VAL C 450 -45.52 -27.85 -6.15
N ASN C 451 -46.80 -27.50 -6.36
CA ASN C 451 -47.87 -28.47 -6.25
C ASN C 451 -47.61 -29.62 -7.22
N LEU C 452 -47.31 -30.80 -6.68
CA LEU C 452 -46.90 -31.96 -7.48
C LEU C 452 -47.69 -33.17 -7.01
N PRO C 453 -49.00 -33.19 -7.25
CA PRO C 453 -49.81 -34.30 -6.76
C PRO C 453 -49.40 -35.62 -7.41
N ALA C 454 -49.45 -36.68 -6.61
CA ALA C 454 -49.16 -38.03 -7.07
C ALA C 454 -50.13 -38.99 -6.39
N ARG C 455 -50.54 -40.04 -7.11
CA ARG C 455 -51.53 -40.95 -6.56
C ARG C 455 -51.01 -41.63 -5.31
N ARG C 456 -49.75 -42.05 -5.33
CA ARG C 456 -49.15 -42.76 -4.20
C ARG C 456 -47.82 -42.13 -3.84
N VAL C 457 -47.64 -41.85 -2.55
CA VAL C 457 -46.40 -41.30 -2.02
C VAL C 457 -45.82 -42.30 -1.04
N ILE C 458 -44.51 -42.50 -1.13
CA ILE C 458 -43.78 -43.35 -0.20
C ILE C 458 -42.78 -42.48 0.54
N ILE C 459 -42.68 -42.66 1.85
CA ILE C 459 -41.70 -41.96 2.67
C ILE C 459 -40.65 -42.99 3.10
N ARG C 460 -39.38 -42.66 2.86
CA ARG C 460 -38.32 -43.64 3.08
C ARG C 460 -38.20 -44.01 4.56
N THR C 461 -38.22 -43.02 5.44
CA THR C 461 -38.04 -43.28 6.87
C THR C 461 -38.28 -42.01 7.67
N PRO C 462 -38.76 -42.11 8.92
CA PRO C 462 -38.92 -40.90 9.73
C PRO C 462 -37.62 -40.15 9.98
N ILE C 463 -36.48 -40.85 9.97
CA ILE C 463 -35.21 -40.20 10.26
C ILE C 463 -34.73 -39.45 9.03
N PHE C 464 -34.49 -38.15 9.19
CA PHE C 464 -34.06 -37.27 8.10
C PHE C 464 -32.93 -36.40 8.63
N GLY C 465 -31.71 -36.68 8.19
CA GLY C 465 -30.55 -35.93 8.65
C GLY C 465 -30.29 -36.09 10.13
N GLY C 466 -30.37 -37.33 10.63
CA GLY C 466 -30.09 -37.59 12.04
C GLY C 466 -31.08 -36.98 13.00
N ARG C 467 -32.38 -37.08 12.70
CA ARG C 467 -33.42 -36.57 13.58
C ARG C 467 -34.77 -37.01 13.03
N PRO C 468 -35.80 -37.05 13.87
CA PRO C 468 -37.13 -37.44 13.37
C PRO C 468 -37.67 -36.44 12.37
N LEU C 469 -38.51 -36.93 11.47
CA LEU C 469 -39.16 -36.07 10.49
C LEU C 469 -39.98 -34.99 11.20
N ASP C 470 -39.82 -33.76 10.75
CA ASP C 470 -40.62 -32.67 11.28
C ASP C 470 -42.10 -32.94 10.99
N ILE C 471 -42.95 -32.68 11.98
CA ILE C 471 -44.37 -32.96 11.82
C ILE C 471 -44.95 -32.13 10.69
N LEU C 472 -44.50 -30.88 10.53
CA LEU C 472 -44.99 -30.04 9.45
C LEU C 472 -44.60 -30.61 8.09
N THR C 473 -43.38 -31.16 7.99
CA THR C 473 -42.94 -31.78 6.75
C THR C 473 -43.88 -32.91 6.35
N TYR C 474 -44.19 -33.79 7.29
CA TYR C 474 -45.10 -34.90 7.01
C TYR C 474 -46.50 -34.39 6.68
N LYS C 475 -46.95 -33.35 7.38
CA LYS C 475 -48.28 -32.81 7.14
C LYS C 475 -48.39 -32.24 5.72
N GLN C 476 -47.35 -31.55 5.25
CA GLN C 476 -47.39 -31.04 3.88
C GLN C 476 -47.11 -32.12 2.86
N MET C 477 -46.47 -33.23 3.26
CA MET C 477 -46.23 -34.32 2.33
C MET C 477 -47.50 -35.15 2.11
N VAL C 478 -48.31 -35.32 3.15
CA VAL C 478 -49.55 -36.10 2.99
C VAL C 478 -50.47 -35.43 1.99
N GLY C 479 -50.44 -34.10 1.92
CA GLY C 479 -51.27 -33.37 0.97
C GLY C 479 -50.93 -33.65 -0.49
N ARG C 480 -49.81 -34.34 -0.74
CA ARG C 480 -49.38 -34.68 -2.09
C ARG C 480 -49.76 -36.10 -2.48
N ALA C 481 -50.89 -36.60 -1.99
CA ALA C 481 -51.36 -37.96 -2.26
C ALA C 481 -52.79 -37.90 -2.77
N GLY C 482 -52.94 -37.85 -4.09
CA GLY C 482 -54.26 -37.83 -4.70
C GLY C 482 -54.46 -36.62 -5.59
N ARG C 483 -55.32 -36.77 -6.60
CA ARG C 483 -55.62 -35.70 -7.55
C ARG C 483 -57.09 -35.36 -7.49
N LYS C 484 -57.40 -34.07 -7.46
CA LYS C 484 -58.79 -33.59 -7.38
C LYS C 484 -59.34 -33.47 -8.79
N GLY C 485 -60.19 -34.44 -9.17
CA GLY C 485 -60.83 -34.41 -10.47
C GLY C 485 -60.69 -35.70 -11.24
N VAL C 486 -59.58 -36.41 -11.03
CA VAL C 486 -59.31 -37.65 -11.75
C VAL C 486 -59.13 -38.86 -10.84
N ASP C 487 -58.91 -38.66 -9.54
CA ASP C 487 -58.68 -39.75 -8.61
C ASP C 487 -59.74 -39.77 -7.52
N THR C 488 -60.04 -40.97 -7.02
CA THR C 488 -61.03 -41.13 -5.97
C THR C 488 -60.40 -41.18 -4.58
N VAL C 489 -59.22 -41.76 -4.44
CA VAL C 489 -58.53 -41.86 -3.16
C VAL C 489 -57.03 -41.85 -3.39
N GLY C 490 -56.30 -41.37 -2.39
CA GLY C 490 -54.86 -41.34 -2.44
C GLY C 490 -54.25 -41.99 -1.21
N GLU C 491 -52.99 -42.42 -1.36
CA GLU C 491 -52.31 -43.16 -0.31
C GLU C 491 -50.88 -42.65 -0.13
N SER C 492 -50.48 -42.52 1.13
CA SER C 492 -49.11 -42.18 1.50
C SER C 492 -48.66 -43.18 2.56
N ILE C 493 -47.56 -43.86 2.29
CA ILE C 493 -47.09 -44.98 3.11
C ILE C 493 -45.71 -44.62 3.67
N LEU C 494 -45.60 -44.62 5.00
CA LEU C 494 -44.36 -44.33 5.71
C LEU C 494 -43.82 -45.66 6.25
N ILE C 495 -42.84 -46.23 5.56
CA ILE C 495 -42.24 -47.48 6.02
C ILE C 495 -41.42 -47.21 7.28
N CYS C 496 -41.70 -47.96 8.33
CA CYS C 496 -41.07 -47.80 9.62
C CYS C 496 -40.24 -49.04 9.94
N LYS C 497 -39.68 -49.06 11.15
CA LYS C 497 -38.85 -50.17 11.61
C LYS C 497 -39.15 -50.44 13.07
N ASN C 498 -38.49 -51.45 13.62
CA ASN C 498 -38.72 -51.82 15.02
C ASN C 498 -38.39 -50.65 15.95
N SER C 499 -37.23 -50.02 15.74
CA SER C 499 -36.86 -48.86 16.54
C SER C 499 -37.63 -47.61 16.13
N GLU C 500 -38.05 -47.54 14.86
CA GLU C 500 -38.74 -46.38 14.33
C GLU C 500 -40.26 -46.48 14.43
N LYS C 501 -40.78 -47.56 15.00
CA LYS C 501 -42.24 -47.69 15.13
C LYS C 501 -42.81 -46.59 16.02
N SER C 502 -42.13 -46.29 17.14
CA SER C 502 -42.60 -45.24 18.02
C SER C 502 -42.62 -43.90 17.31
N LYS C 503 -41.55 -43.58 16.57
CA LYS C 503 -41.51 -42.33 15.84
C LYS C 503 -42.61 -42.28 14.78
N GLY C 504 -42.85 -43.40 14.09
CA GLY C 504 -43.90 -43.41 13.08
C GLY C 504 -45.27 -43.17 13.67
N ILE C 505 -45.59 -43.85 14.78
CA ILE C 505 -46.90 -43.66 15.40
C ILE C 505 -47.04 -42.25 15.95
N ALA C 506 -45.94 -41.69 16.49
CA ALA C 506 -46.00 -40.31 16.95
C ALA C 506 -46.25 -39.35 15.80
N LEU C 507 -45.63 -39.60 14.65
CA LEU C 507 -45.80 -38.72 13.50
C LEU C 507 -47.20 -38.85 12.90
N LEU C 508 -47.79 -40.05 13.00
CA LEU C 508 -49.15 -40.23 12.47
C LEU C 508 -50.14 -39.33 13.19
N GLN C 509 -50.03 -39.22 14.50
CA GLN C 509 -50.91 -38.38 15.30
C GLN C 509 -50.25 -37.04 15.60
N GLY C 510 -51.07 -36.09 16.04
CA GLY C 510 -50.58 -34.78 16.42
C GLY C 510 -50.49 -33.81 15.27
N SER C 511 -51.10 -32.64 15.42
CA SER C 511 -51.05 -31.60 14.40
C SER C 511 -49.71 -30.86 14.52
N LEU C 512 -49.54 -29.81 13.72
CA LEU C 512 -48.29 -29.06 13.74
C LEU C 512 -48.15 -28.29 15.05
N LYS C 513 -46.90 -27.98 15.40
CA LYS C 513 -46.61 -27.32 16.66
C LYS C 513 -47.13 -25.89 16.64
N PRO C 514 -47.33 -25.29 17.81
CA PRO C 514 -47.84 -23.91 17.85
C PRO C 514 -46.87 -22.94 17.21
N VAL C 515 -47.43 -21.87 16.65
CA VAL C 515 -46.63 -20.88 15.93
C VAL C 515 -45.90 -20.00 16.95
N ARG C 516 -44.58 -19.97 16.84
CA ARG C 516 -43.76 -19.10 17.68
C ARG C 516 -43.78 -17.70 17.09
N SER C 517 -42.88 -16.84 17.56
CA SER C 517 -42.78 -15.47 17.07
C SER C 517 -41.38 -15.10 16.60
N CYS C 518 -40.34 -15.52 17.31
CA CYS C 518 -38.96 -15.18 16.96
C CYS C 518 -38.73 -13.67 17.02
N LEU C 519 -39.11 -13.07 18.14
CA LEU C 519 -38.84 -11.66 18.39
C LEU C 519 -38.51 -11.45 19.86
N VAL C 527 -32.38 -7.20 21.52
CA VAL C 527 -31.20 -8.06 21.59
C VAL C 527 -31.20 -9.00 20.40
N THR C 528 -32.37 -9.53 20.05
CA THR C 528 -32.50 -10.38 18.89
C THR C 528 -32.43 -9.56 17.61
N GLY C 529 -31.72 -10.09 16.61
CA GLY C 529 -31.62 -9.38 15.34
C GLY C 529 -32.96 -9.04 14.75
N SER C 530 -33.97 -9.90 14.98
CA SER C 530 -35.31 -9.61 14.48
C SER C 530 -35.86 -8.33 15.11
N MET C 531 -35.67 -8.16 16.42
CA MET C 531 -36.17 -6.97 17.08
C MET C 531 -35.43 -5.72 16.63
N ILE C 532 -34.11 -5.82 16.43
CA ILE C 532 -33.37 -4.67 15.91
C ILE C 532 -33.87 -4.31 14.52
N ARG C 533 -34.10 -5.31 13.67
CA ARG C 533 -34.66 -5.04 12.36
C ARG C 533 -36.02 -4.36 12.47
N ALA C 534 -36.88 -4.85 13.36
CA ALA C 534 -38.20 -4.25 13.52
C ALA C 534 -38.10 -2.79 13.94
N ILE C 535 -37.26 -2.52 14.94
CA ILE C 535 -37.15 -1.17 15.48
C ILE C 535 -36.59 -0.23 14.42
N LEU C 536 -35.55 -0.66 13.72
CA LEU C 536 -34.99 0.18 12.65
C LEU C 536 -36.03 0.44 11.58
N GLU C 537 -36.75 -0.60 11.16
CA GLU C 537 -37.75 -0.44 10.11
C GLU C 537 -38.80 0.59 10.50
N ILE C 538 -39.33 0.47 11.73
CA ILE C 538 -40.38 1.41 12.15
C ILE C 538 -39.82 2.81 12.32
N ILE C 539 -38.60 2.94 12.83
CA ILE C 539 -38.05 4.27 13.09
C ILE C 539 -37.78 5.01 11.79
N VAL C 540 -36.91 4.45 10.95
CA VAL C 540 -36.59 5.15 9.70
C VAL C 540 -37.72 5.09 8.69
N GLY C 541 -38.74 4.26 8.93
CA GLY C 541 -39.92 4.34 8.12
C GLY C 541 -40.80 5.53 8.40
N GLY C 542 -40.49 6.30 9.45
CA GLY C 542 -41.26 7.47 9.80
C GLY C 542 -42.59 7.19 10.44
N VAL C 543 -42.80 5.98 10.96
CA VAL C 543 -44.09 5.60 11.53
C VAL C 543 -44.02 5.42 13.05
N ALA C 544 -42.84 5.17 13.62
CA ALA C 544 -42.67 5.13 15.07
C ALA C 544 -41.38 5.88 15.39
N SER C 545 -41.49 7.18 15.63
CA SER C 545 -40.35 8.04 15.90
C SER C 545 -40.20 8.34 17.39
N THR C 546 -41.29 8.58 18.10
CA THR C 546 -41.27 8.87 19.52
C THR C 546 -41.62 7.60 20.31
N SER C 547 -40.95 7.44 21.45
CA SER C 547 -41.14 6.24 22.24
C SER C 547 -42.59 6.07 22.69
N GLN C 548 -43.36 7.16 22.70
CA GLN C 548 -44.76 7.07 23.09
C GLN C 548 -45.51 6.11 22.19
N ASP C 549 -45.34 6.24 20.87
CA ASP C 549 -46.04 5.37 19.92
C ASP C 549 -45.22 4.16 19.51
N MET C 550 -43.94 4.09 19.88
CA MET C 550 -43.13 2.92 19.54
C MET C 550 -43.61 1.68 20.28
N HIS C 551 -44.13 1.85 21.50
CA HIS C 551 -44.68 0.72 22.24
C HIS C 551 -46.02 0.28 21.69
N THR C 552 -46.73 1.18 20.99
CA THR C 552 -47.93 0.77 20.28
C THR C 552 -47.62 -0.30 19.25
N TYR C 553 -46.50 -0.14 18.54
CA TYR C 553 -46.08 -1.15 17.57
C TYR C 553 -45.81 -2.48 18.27
N ALA C 554 -45.11 -2.45 19.40
CA ALA C 554 -44.85 -3.67 20.14
C ALA C 554 -46.15 -4.35 20.56
N ALA C 555 -47.11 -3.56 21.05
CA ALA C 555 -48.42 -4.12 21.37
C ALA C 555 -49.15 -4.63 20.14
N CYS C 556 -48.81 -4.12 18.95
CA CYS C 556 -49.48 -4.49 17.72
C CYS C 556 -48.88 -5.70 17.03
N THR C 557 -47.78 -6.24 17.55
CA THR C 557 -47.10 -7.36 16.92
C THR C 557 -47.69 -8.68 17.41
N PHE C 558 -47.21 -9.78 16.81
CA PHE C 558 -47.73 -11.10 17.14
C PHE C 558 -47.26 -11.56 18.52
N LEU C 559 -46.02 -11.24 18.89
CA LEU C 559 -45.55 -11.52 20.24
C LEU C 559 -46.51 -10.95 21.28
N ALA C 560 -46.85 -9.67 21.15
CA ALA C 560 -47.81 -9.07 22.07
C ALA C 560 -49.19 -9.70 21.91
N ALA C 561 -49.63 -9.90 20.67
CA ALA C 561 -50.94 -10.48 20.42
C ALA C 561 -51.01 -11.94 20.88
N SER C 562 -49.87 -12.59 21.08
CA SER C 562 -49.84 -13.97 21.54
C SER C 562 -49.75 -14.03 23.06
N GLY C 580 -40.20 -5.50 26.73
CA GLY C 580 -39.25 -4.55 27.25
C GLY C 580 -37.93 -4.55 26.51
N ALA C 581 -37.87 -5.29 25.41
CA ALA C 581 -36.66 -5.34 24.59
C ALA C 581 -36.53 -4.14 23.66
N ILE C 582 -37.56 -3.31 23.55
CA ILE C 582 -37.49 -2.13 22.69
C ILE C 582 -36.38 -1.20 23.15
N GLU C 583 -36.30 -0.94 24.45
CA GLU C 583 -35.27 -0.06 24.97
C GLU C 583 -33.87 -0.62 24.74
N ALA C 584 -33.71 -1.94 24.92
CA ALA C 584 -32.42 -2.55 24.68
C ALA C 584 -32.00 -2.42 23.22
N CYS C 585 -32.93 -2.68 22.29
CA CYS C 585 -32.61 -2.59 20.87
C CYS C 585 -32.47 -1.14 20.43
N VAL C 586 -33.28 -0.24 21.00
CA VAL C 586 -33.18 1.17 20.64
C VAL C 586 -31.80 1.70 21.00
N MET C 587 -31.28 1.34 22.17
CA MET C 587 -29.92 1.74 22.53
C MET C 587 -28.91 1.12 21.57
N TRP C 588 -29.08 -0.16 21.23
CA TRP C 588 -28.18 -0.82 20.30
C TRP C 588 -28.04 -0.02 19.01
N LEU C 589 -29.14 0.53 18.52
CA LEU C 589 -29.08 1.31 17.28
C LEU C 589 -28.42 2.66 17.50
N LEU C 590 -28.64 3.27 18.66
CA LEU C 590 -27.97 4.54 18.97
C LEU C 590 -26.47 4.34 19.15
N GLU C 591 -26.07 3.23 19.79
CA GLU C 591 -24.65 2.99 20.01
C GLU C 591 -23.90 2.84 18.70
N ASN C 592 -24.51 2.16 17.73
CA ASN C 592 -23.90 1.92 16.43
C ASN C 592 -24.25 3.00 15.40
N GLU C 593 -24.86 4.09 15.84
CA GLU C 593 -25.16 5.23 14.98
C GLU C 593 -26.10 4.85 13.83
N PHE C 594 -27.04 3.93 14.10
CA PHE C 594 -28.11 3.69 13.14
C PHE C 594 -29.16 4.80 13.22
N ILE C 595 -29.40 5.33 14.41
CA ILE C 595 -30.40 6.37 14.63
C ILE C 595 -29.81 7.45 15.53
N GLN C 596 -30.45 8.61 15.51
CA GLN C 596 -30.06 9.76 16.32
C GLN C 596 -31.25 10.22 17.14
N SER C 597 -30.99 10.68 18.36
CA SER C 597 -32.03 11.14 19.27
C SER C 597 -32.06 12.67 19.32
N THR C 598 -33.25 13.22 19.43
CA THR C 598 -33.43 14.67 19.52
C THR C 598 -34.56 15.00 20.50
N LYS C 607 -39.02 12.04 23.41
CA LYS C 607 -37.84 12.18 22.55
C LYS C 607 -38.10 11.56 21.19
N VAL C 608 -38.03 12.40 20.15
CA VAL C 608 -38.24 11.95 18.78
C VAL C 608 -36.96 11.29 18.27
N TYR C 609 -37.10 10.20 17.53
CA TYR C 609 -35.96 9.49 16.97
C TYR C 609 -35.91 9.67 15.46
N HIS C 610 -34.69 9.69 14.93
CA HIS C 610 -34.44 9.87 13.50
C HIS C 610 -33.30 8.98 13.07
N PRO C 611 -33.26 8.58 11.80
CA PRO C 611 -32.08 7.91 11.24
C PRO C 611 -31.16 8.92 10.57
N THR C 612 -29.85 8.63 10.60
CA THR C 612 -28.88 9.61 10.13
C THR C 612 -28.49 9.38 8.66
N HIS C 613 -27.68 8.36 8.42
CA HIS C 613 -27.36 7.96 7.05
C HIS C 613 -27.34 6.45 6.92
N LEU C 614 -26.83 5.77 7.95
CA LEU C 614 -26.70 4.32 7.92
C LEU C 614 -28.00 3.64 8.31
N GLY C 615 -28.88 4.33 9.04
CA GLY C 615 -30.21 3.80 9.26
C GLY C 615 -31.03 3.79 7.99
N SER C 616 -30.91 4.84 7.18
CA SER C 616 -31.66 4.90 5.93
C SER C 616 -31.03 4.01 4.87
N ALA C 617 -29.71 3.89 4.87
CA ALA C 617 -29.05 3.02 3.91
C ALA C 617 -29.26 1.55 4.25
N THR C 618 -29.40 1.23 5.53
CA THR C 618 -29.65 -0.15 5.93
C THR C 618 -31.09 -0.56 5.67
N LEU C 619 -32.04 0.34 5.90
CA LEU C 619 -33.45 0.02 5.69
C LEU C 619 -33.75 -0.13 4.20
N SER C 620 -33.21 0.76 3.37
CA SER C 620 -33.52 0.73 1.95
C SER C 620 -32.85 -0.45 1.25
N SER C 621 -31.68 -0.88 1.73
CA SER C 621 -30.98 -2.01 1.13
C SER C 621 -31.49 -3.34 1.64
N SER C 622 -32.40 -3.35 2.61
CA SER C 622 -32.93 -4.59 3.16
C SER C 622 -31.82 -5.49 3.68
N LEU C 623 -30.77 -4.87 4.21
CA LEU C 623 -29.71 -5.60 4.89
C LEU C 623 -29.99 -5.68 6.38
N SER C 624 -29.61 -6.79 6.98
CA SER C 624 -29.77 -6.94 8.42
C SER C 624 -28.85 -5.97 9.14
N PRO C 625 -29.32 -5.22 10.13
CA PRO C 625 -28.45 -4.26 10.81
C PRO C 625 -27.21 -4.89 11.42
N ALA C 626 -27.26 -6.16 11.81
CA ALA C 626 -26.09 -6.80 12.41
C ALA C 626 -24.95 -6.90 11.41
N ASP C 627 -25.24 -7.30 10.17
CA ASP C 627 -24.23 -7.45 9.14
C ASP C 627 -23.88 -6.15 8.44
N THR C 628 -24.69 -5.11 8.60
CA THR C 628 -24.42 -3.86 7.90
C THR C 628 -23.18 -3.17 8.46
N LEU C 629 -22.83 -3.39 9.72
CA LEU C 629 -21.59 -2.83 10.23
C LEU C 629 -20.39 -3.41 9.51
N ASP C 630 -20.37 -4.74 9.35
CA ASP C 630 -19.28 -5.38 8.61
C ASP C 630 -19.28 -4.94 7.15
N ILE C 631 -20.46 -4.82 6.54
CA ILE C 631 -20.53 -4.39 5.14
C ILE C 631 -20.01 -2.98 5.00
N PHE C 632 -20.38 -2.09 5.91
CA PHE C 632 -19.87 -0.71 5.90
C PHE C 632 -18.36 -0.70 6.03
N ALA C 633 -17.82 -1.48 6.98
CA ALA C 633 -16.38 -1.49 7.19
C ALA C 633 -15.65 -2.02 5.96
N ASP C 634 -16.20 -3.04 5.31
CA ASP C 634 -15.54 -3.62 4.15
C ASP C 634 -15.61 -2.70 2.94
N LEU C 635 -16.78 -2.13 2.67
CA LEU C 635 -16.92 -1.24 1.52
C LEU C 635 -16.08 0.01 1.69
N GLN C 636 -16.07 0.59 2.90
CA GLN C 636 -15.25 1.78 3.14
C GLN C 636 -13.77 1.48 2.95
N ARG C 637 -13.34 0.27 3.31
CA ARG C 637 -11.94 -0.10 3.14
C ARG C 637 -11.61 -0.34 1.68
N ALA C 638 -12.55 -0.90 0.91
CA ALA C 638 -12.30 -1.14 -0.51
C ALA C 638 -12.14 0.16 -1.28
N MET C 639 -12.96 1.17 -0.95
CA MET C 639 -12.92 2.43 -1.66
C MET C 639 -11.62 3.21 -1.47
N LYS C 640 -10.66 2.68 -0.71
CA LYS C 640 -9.37 3.31 -0.54
C LYS C 640 -8.25 2.63 -1.32
N GLY C 641 -8.41 1.35 -1.64
CA GLY C 641 -7.36 0.60 -2.34
C GLY C 641 -7.90 -0.29 -3.44
N PHE C 642 -8.98 0.12 -4.09
CA PHE C 642 -9.68 -0.77 -5.01
C PHE C 642 -8.78 -1.20 -6.16
N VAL C 643 -8.96 -2.43 -6.60
CA VAL C 643 -8.23 -3.01 -7.72
C VAL C 643 -9.19 -3.14 -8.89
N LEU C 644 -8.94 -2.39 -9.97
CA LEU C 644 -9.80 -2.39 -11.15
C LEU C 644 -9.26 -3.24 -12.28
N GLU C 645 -8.17 -3.98 -12.07
CA GLU C 645 -7.64 -4.81 -13.14
C GLU C 645 -8.65 -5.86 -13.57
N ASN C 646 -9.38 -6.43 -12.61
CA ASN C 646 -10.31 -7.51 -12.87
C ASN C 646 -11.56 -7.30 -12.03
N ASP C 647 -12.51 -8.23 -12.16
CA ASP C 647 -13.76 -8.15 -11.43
C ASP C 647 -13.70 -8.82 -10.07
N LEU C 648 -12.55 -9.36 -9.66
CA LEU C 648 -12.50 -10.16 -8.44
C LEU C 648 -12.75 -9.29 -7.20
N HIS C 649 -12.18 -8.09 -7.17
CA HIS C 649 -12.36 -7.24 -5.99
C HIS C 649 -13.80 -6.75 -5.88
N ILE C 650 -14.47 -6.52 -7.01
CA ILE C 650 -15.90 -6.22 -6.96
C ILE C 650 -16.66 -7.44 -6.51
N LEU C 651 -16.23 -8.63 -6.95
CA LEU C 651 -16.93 -9.86 -6.58
C LEU C 651 -16.77 -10.16 -5.09
N TYR C 652 -15.60 -9.86 -4.54
CA TYR C 652 -15.39 -10.13 -3.11
C TYR C 652 -16.35 -9.32 -2.25
N LEU C 653 -16.78 -8.16 -2.73
CA LEU C 653 -17.67 -7.30 -1.96
C LEU C 653 -19.13 -7.64 -2.14
N VAL C 654 -19.47 -8.44 -3.16
CA VAL C 654 -20.85 -8.83 -3.40
C VAL C 654 -20.99 -10.34 -3.21
N THR C 655 -20.04 -10.93 -2.48
CA THR C 655 -20.06 -12.36 -2.21
C THR C 655 -20.74 -12.62 -0.88
N PRO C 656 -21.87 -13.31 -0.84
CA PRO C 656 -22.58 -13.49 0.43
C PRO C 656 -22.07 -14.72 1.19
N MET C 657 -21.83 -14.53 2.48
CA MET C 657 -21.43 -15.62 3.37
C MET C 657 -22.40 -15.75 4.54
N PHE C 658 -23.68 -15.48 4.29
CA PHE C 658 -24.71 -15.65 5.32
C PHE C 658 -25.08 -17.11 5.53
N GLU C 659 -24.67 -18.02 4.63
CA GLU C 659 -24.95 -19.43 4.78
C GLU C 659 -23.84 -20.22 4.10
N ASP C 660 -23.72 -21.48 4.51
CA ASP C 660 -22.66 -22.36 4.01
C ASP C 660 -23.16 -23.09 2.78
N TRP C 661 -22.91 -22.48 1.60
CA TRP C 661 -23.41 -23.05 0.36
C TRP C 661 -22.78 -24.41 0.06
N THR C 662 -21.49 -24.56 0.31
CA THR C 662 -20.82 -25.83 0.04
C THR C 662 -19.66 -26.00 1.01
N THR C 663 -19.24 -27.24 1.18
CA THR C 663 -18.08 -27.55 2.00
C THR C 663 -16.81 -27.34 1.17
N ILE C 664 -15.99 -26.38 1.59
CA ILE C 664 -14.84 -25.92 0.81
C ILE C 664 -13.73 -26.94 0.94
N ASP C 665 -13.21 -27.39 -0.20
CA ASP C 665 -12.07 -28.29 -0.23
C ASP C 665 -10.80 -27.46 -0.24
N TRP C 666 -9.95 -27.66 0.77
CA TRP C 666 -8.84 -26.75 0.98
C TRP C 666 -7.61 -27.10 0.15
N TYR C 667 -7.42 -28.37 -0.20
CA TYR C 667 -6.31 -28.73 -1.08
C TYR C 667 -6.51 -28.13 -2.47
N ARG C 668 -7.72 -28.28 -3.02
CA ARG C 668 -8.02 -27.65 -4.30
C ARG C 668 -7.84 -26.15 -4.22
N PHE C 669 -8.30 -25.54 -3.12
CA PHE C 669 -8.18 -24.10 -2.98
C PHE C 669 -6.72 -23.67 -2.95
N PHE C 670 -5.87 -24.42 -2.25
CA PHE C 670 -4.46 -24.07 -2.20
C PHE C 670 -3.80 -24.24 -3.56
N CYS C 671 -4.18 -25.29 -4.30
CA CYS C 671 -3.64 -25.46 -5.65
C CYS C 671 -4.02 -24.28 -6.54
N LEU C 672 -5.30 -23.90 -6.52
CA LEU C 672 -5.74 -22.76 -7.31
C LEU C 672 -5.02 -21.49 -6.87
N TRP C 673 -4.82 -21.34 -5.56
CA TRP C 673 -4.08 -20.18 -5.04
C TRP C 673 -2.68 -20.14 -5.62
N GLU C 674 -2.01 -21.29 -5.68
CA GLU C 674 -0.70 -21.35 -6.31
C GLU C 674 -0.79 -20.94 -7.77
N LYS C 675 -1.85 -21.36 -8.47
CA LYS C 675 -1.97 -21.07 -9.89
C LYS C 675 -2.48 -19.67 -10.18
N LEU C 676 -2.85 -18.90 -9.16
CA LEU C 676 -3.50 -17.61 -9.40
C LEU C 676 -2.53 -16.64 -10.07
N PRO C 677 -3.03 -15.71 -10.89
CA PRO C 677 -2.16 -14.64 -11.42
C PRO C 677 -1.77 -13.66 -10.34
N THR C 678 -0.98 -12.65 -10.70
CA THR C 678 -0.62 -11.60 -9.75
C THR C 678 -1.78 -10.62 -9.53
N SER C 679 -2.59 -10.38 -10.56
CA SER C 679 -3.70 -9.44 -10.42
C SER C 679 -4.71 -9.92 -9.38
N MET C 680 -5.04 -11.21 -9.40
CA MET C 680 -5.97 -11.75 -8.41
C MET C 680 -5.31 -11.91 -7.04
N LYS C 681 -4.00 -12.16 -6.99
CA LYS C 681 -3.33 -12.25 -5.71
C LYS C 681 -3.24 -10.88 -5.03
N ARG C 682 -3.18 -9.81 -5.81
CA ARG C 682 -3.18 -8.48 -5.20
C ARG C 682 -4.47 -8.25 -4.42
N VAL C 683 -5.62 -8.54 -5.04
CA VAL C 683 -6.88 -8.40 -4.33
C VAL C 683 -6.96 -9.39 -3.18
N ALA C 684 -6.40 -10.59 -3.36
CA ALA C 684 -6.40 -11.55 -2.26
C ALA C 684 -5.70 -10.99 -1.03
N GLU C 685 -4.52 -10.40 -1.22
CA GLU C 685 -3.83 -9.76 -0.10
C GLU C 685 -4.60 -8.56 0.44
N LEU C 686 -5.21 -7.77 -0.45
CA LEU C 686 -5.94 -6.60 -0.01
C LEU C 686 -7.09 -6.98 0.91
N VAL C 687 -7.88 -7.98 0.52
CA VAL C 687 -9.07 -8.33 1.29
C VAL C 687 -8.70 -8.90 2.64
N GLY C 688 -7.62 -9.69 2.70
CA GLY C 688 -7.16 -10.24 3.96
C GLY C 688 -6.71 -11.68 3.88
N VAL C 689 -6.82 -12.29 2.70
CA VAL C 689 -6.44 -13.69 2.56
C VAL C 689 -4.94 -13.82 2.80
N GLU C 690 -4.57 -14.80 3.60
CA GLU C 690 -3.18 -15.06 3.98
C GLU C 690 -2.78 -16.46 3.54
N GLU C 691 -1.58 -16.57 2.99
CA GLU C 691 -1.10 -17.88 2.57
C GLU C 691 -0.83 -18.78 3.77
N GLY C 692 -0.51 -18.19 4.92
CA GLY C 692 -0.30 -19.00 6.12
C GLY C 692 -1.56 -19.74 6.54
N PHE C 693 -2.70 -19.07 6.48
CA PHE C 693 -3.96 -19.72 6.83
C PHE C 693 -4.30 -20.83 5.85
N LEU C 694 -4.05 -20.62 4.56
CA LEU C 694 -4.28 -21.68 3.58
C LEU C 694 -3.38 -22.86 3.84
N ALA C 695 -2.11 -22.60 4.21
CA ALA C 695 -1.20 -23.69 4.56
C ALA C 695 -1.70 -24.43 5.79
N ARG C 696 -2.22 -23.70 6.78
CA ARG C 696 -2.79 -24.33 7.96
C ARG C 696 -3.95 -25.24 7.58
N CYS C 697 -4.82 -24.78 6.68
CA CYS C 697 -6.04 -25.51 6.37
C CYS C 697 -5.79 -26.71 5.45
N VAL C 698 -4.80 -26.62 4.55
CA VAL C 698 -4.62 -27.69 3.57
C VAL C 698 -4.35 -29.01 4.26
N LYS C 699 -3.58 -28.99 5.35
CA LYS C 699 -3.21 -30.20 6.08
C LYS C 699 -3.91 -30.30 7.42
N GLY C 700 -3.77 -29.30 8.28
CA GLY C 700 -4.45 -29.32 9.55
C GLY C 700 -5.96 -29.26 9.40
N LYS C 701 -6.65 -29.86 10.37
CA LYS C 701 -8.10 -29.87 10.35
C LYS C 701 -8.63 -28.44 10.39
N VAL C 702 -9.87 -28.28 9.94
CA VAL C 702 -10.51 -26.96 9.90
C VAL C 702 -10.39 -26.34 11.29
N VAL C 703 -9.75 -25.16 11.35
CA VAL C 703 -9.51 -24.53 12.64
C VAL C 703 -10.83 -24.17 13.30
N ALA C 704 -10.87 -24.24 14.63
CA ALA C 704 -12.08 -23.97 15.37
C ALA C 704 -12.28 -22.45 15.51
N ARG C 705 -13.39 -21.97 14.96
CA ARG C 705 -13.73 -20.55 15.05
C ARG C 705 -14.41 -20.25 16.40
N THR C 706 -13.68 -20.59 17.47
CA THR C 706 -14.23 -20.45 18.82
C THR C 706 -14.38 -18.99 19.21
N GLU C 707 -13.46 -18.13 18.78
CA GLU C 707 -13.44 -16.74 19.19
C GLU C 707 -14.05 -15.86 18.11
N ARG C 708 -14.81 -14.85 18.55
CA ARG C 708 -15.46 -13.94 17.62
C ARG C 708 -14.45 -13.28 16.69
N GLN C 709 -13.25 -13.01 17.19
CA GLN C 709 -12.20 -12.38 16.38
C GLN C 709 -11.68 -13.28 15.28
N HIS C 710 -12.20 -14.51 15.15
CA HIS C 710 -11.79 -15.41 14.07
C HIS C 710 -12.73 -15.35 12.87
N ARG C 711 -13.27 -14.17 12.58
CA ARG C 711 -13.93 -13.94 11.30
C ARG C 711 -12.95 -13.99 10.13
N GLN C 712 -11.67 -14.24 10.39
CA GLN C 712 -10.69 -14.40 9.32
C GLN C 712 -10.72 -15.78 8.69
N MET C 713 -11.50 -16.71 9.24
CA MET C 713 -11.82 -17.93 8.50
C MET C 713 -12.85 -17.63 7.42
N ALA C 714 -13.81 -16.75 7.72
CA ALA C 714 -14.80 -16.36 6.73
C ALA C 714 -14.18 -15.62 5.55
N ILE C 715 -13.02 -14.99 5.75
CA ILE C 715 -12.38 -14.27 4.66
C ILE C 715 -11.93 -15.24 3.57
N HIS C 716 -11.35 -16.38 3.96
CA HIS C 716 -10.83 -17.32 2.97
C HIS C 716 -11.96 -18.07 2.28
N LYS C 717 -13.01 -18.41 3.02
CA LYS C 717 -14.21 -18.97 2.39
C LYS C 717 -14.81 -17.97 1.41
N ARG C 718 -14.85 -16.69 1.80
CA ARG C 718 -15.39 -15.67 0.91
C ARG C 718 -14.53 -15.52 -0.33
N PHE C 719 -13.21 -15.65 -0.20
CA PHE C 719 -12.35 -15.55 -1.38
C PHE C 719 -12.53 -16.76 -2.30
N PHE C 720 -12.64 -17.95 -1.73
CA PHE C 720 -12.97 -19.12 -2.56
C PHE C 720 -14.27 -18.89 -3.31
N THR C 721 -15.29 -18.42 -2.60
CA THR C 721 -16.58 -18.16 -3.22
C THR C 721 -16.47 -17.09 -4.31
N SER C 722 -15.63 -16.08 -4.08
CA SER C 722 -15.48 -15.01 -5.06
C SER C 722 -14.76 -15.52 -6.30
N LEU C 723 -13.81 -16.44 -6.14
CA LEU C 723 -13.19 -17.07 -7.29
C LEU C 723 -14.21 -17.89 -8.08
N VAL C 724 -15.06 -18.64 -7.37
CA VAL C 724 -16.11 -19.39 -8.04
C VAL C 724 -17.02 -18.44 -8.81
N LEU C 725 -17.38 -17.31 -8.20
CA LEU C 725 -18.24 -16.33 -8.85
C LEU C 725 -17.56 -15.70 -10.05
N LEU C 726 -16.25 -15.46 -9.97
CA LEU C 726 -15.52 -14.91 -11.11
C LEU C 726 -15.54 -15.88 -12.28
N ASP C 727 -15.33 -17.17 -12.00
CA ASP C 727 -15.44 -18.16 -13.06
C ASP C 727 -16.86 -18.21 -13.62
N LEU C 728 -17.87 -18.08 -12.75
CA LEU C 728 -19.25 -18.04 -13.18
C LEU C 728 -19.49 -16.90 -14.16
N ILE C 729 -19.25 -15.65 -13.72
CA ILE C 729 -19.52 -14.49 -14.57
C ILE C 729 -18.58 -14.41 -15.76
N SER C 730 -17.47 -15.15 -15.74
CA SER C 730 -16.62 -15.28 -16.90
C SER C 730 -17.19 -16.25 -17.93
N GLU C 731 -18.41 -16.75 -17.68
CA GLU C 731 -19.13 -17.56 -18.65
C GLU C 731 -18.38 -18.86 -18.98
N VAL C 732 -18.07 -19.62 -17.94
CA VAL C 732 -17.46 -20.93 -18.10
C VAL C 732 -18.49 -21.98 -17.71
N PRO C 733 -18.44 -23.20 -18.25
CA PRO C 733 -19.51 -24.16 -18.00
C PRO C 733 -19.61 -24.55 -16.55
N LEU C 734 -20.83 -24.90 -16.13
CA LEU C 734 -21.04 -25.34 -14.75
C LEU C 734 -20.21 -26.57 -14.43
N ARG C 735 -20.07 -27.49 -15.39
CA ARG C 735 -19.27 -28.69 -15.14
C ARG C 735 -17.81 -28.35 -14.94
N GLU C 736 -17.29 -27.39 -15.71
CA GLU C 736 -15.90 -26.97 -15.55
C GLU C 736 -15.65 -26.39 -14.16
N ILE C 737 -16.57 -25.57 -13.67
CA ILE C 737 -16.43 -25.02 -12.32
C ILE C 737 -16.54 -26.15 -11.30
N ASN C 738 -17.47 -27.07 -11.51
CA ASN C 738 -17.68 -28.16 -10.55
C ASN C 738 -16.42 -28.99 -10.41
N GLN C 739 -15.77 -29.31 -11.53
CA GLN C 739 -14.54 -30.10 -11.46
C GLN C 739 -13.39 -29.27 -10.88
N LYS C 740 -13.36 -27.98 -11.19
CA LYS C 740 -12.22 -27.15 -10.79
C LYS C 740 -12.26 -26.80 -9.30
N TYR C 741 -13.45 -26.73 -8.71
CA TYR C 741 -13.60 -26.35 -7.31
C TYR C 741 -14.22 -27.43 -6.43
N GLY C 742 -14.99 -28.35 -6.99
CA GLY C 742 -15.63 -29.39 -6.23
C GLY C 742 -17.05 -29.09 -5.79
N CYS C 743 -17.64 -28.01 -6.28
CA CYS C 743 -19.01 -27.65 -5.94
C CYS C 743 -19.94 -28.09 -7.07
N ASN C 744 -20.90 -28.94 -6.75
CA ASN C 744 -21.82 -29.42 -7.78
C ASN C 744 -22.57 -28.26 -8.42
N ARG C 745 -23.21 -28.55 -9.55
CA ARG C 745 -23.88 -27.50 -10.31
C ARG C 745 -25.03 -26.88 -9.54
N GLY C 746 -25.75 -27.67 -8.75
CA GLY C 746 -26.82 -27.11 -7.94
C GLY C 746 -26.32 -26.09 -6.93
N GLN C 747 -25.22 -26.39 -6.25
CA GLN C 747 -24.64 -25.44 -5.31
C GLN C 747 -24.11 -24.22 -6.04
N ILE C 748 -23.56 -24.39 -7.23
CA ILE C 748 -23.10 -23.24 -8.01
C ILE C 748 -24.28 -22.33 -8.34
N GLN C 749 -25.42 -22.90 -8.74
CA GLN C 749 -26.58 -22.09 -9.06
C GLN C 749 -27.13 -21.40 -7.82
N SER C 750 -27.14 -22.10 -6.68
CA SER C 750 -27.60 -21.48 -5.45
C SER C 750 -26.72 -20.30 -5.06
N LEU C 751 -25.40 -20.47 -5.15
CA LEU C 751 -24.49 -19.36 -4.91
C LEU C 751 -24.71 -18.25 -5.91
N GLN C 752 -25.04 -18.60 -7.16
CA GLN C 752 -25.33 -17.61 -8.17
C GLN C 752 -26.48 -16.72 -7.74
N GLN C 753 -27.59 -17.33 -7.33
CA GLN C 753 -28.76 -16.57 -6.90
C GLN C 753 -28.45 -15.73 -5.67
N SER C 754 -27.75 -16.33 -4.69
CA SER C 754 -27.43 -15.59 -3.48
C SER C 754 -26.56 -14.38 -3.79
N ALA C 755 -25.55 -14.55 -4.66
CA ALA C 755 -24.66 -13.46 -4.99
C ALA C 755 -25.39 -12.38 -5.80
N ALA C 756 -26.33 -12.78 -6.66
CA ALA C 756 -27.10 -11.78 -7.39
C ALA C 756 -27.93 -10.92 -6.43
N VAL C 757 -28.64 -11.57 -5.50
CA VAL C 757 -29.45 -10.81 -4.56
C VAL C 757 -28.56 -9.92 -3.69
N TYR C 758 -27.43 -10.45 -3.23
CA TYR C 758 -26.54 -9.67 -2.39
C TYR C 758 -25.92 -8.51 -3.15
N ALA C 759 -25.61 -8.70 -4.43
CA ALA C 759 -25.07 -7.61 -5.23
C ALA C 759 -26.11 -6.51 -5.40
N GLY C 760 -27.37 -6.87 -5.64
CA GLY C 760 -28.41 -5.86 -5.70
C GLY C 760 -28.56 -5.11 -4.38
N MET C 761 -28.54 -5.84 -3.27
CA MET C 761 -28.67 -5.22 -1.96
C MET C 761 -27.51 -4.27 -1.67
N ILE C 762 -26.28 -4.70 -2.00
CA ILE C 762 -25.12 -3.86 -1.77
C ILE C 762 -25.15 -2.64 -2.68
N THR C 763 -25.66 -2.79 -3.91
CA THR C 763 -25.80 -1.65 -4.79
C THR C 763 -26.76 -0.62 -4.21
N VAL C 764 -27.90 -1.08 -3.67
CA VAL C 764 -28.83 -0.13 -3.05
C VAL C 764 -28.21 0.52 -1.82
N PHE C 765 -27.48 -0.27 -1.03
CA PHE C 765 -26.79 0.28 0.13
C PHE C 765 -25.83 1.39 -0.27
N SER C 766 -25.00 1.14 -1.28
CA SER C 766 -24.04 2.14 -1.73
C SER C 766 -24.76 3.36 -2.32
N ASN C 767 -25.84 3.13 -3.06
CA ASN C 767 -26.61 4.25 -3.61
C ASN C 767 -27.11 5.15 -2.49
N ARG C 768 -27.71 4.56 -1.46
CA ARG C 768 -28.26 5.35 -0.37
C ARG C 768 -27.18 5.99 0.50
N LEU C 769 -25.99 5.41 0.54
CA LEU C 769 -24.91 6.01 1.31
C LEU C 769 -24.19 7.10 0.54
N GLY C 770 -24.54 7.34 -0.72
CA GLY C 770 -23.86 8.35 -1.50
C GLY C 770 -22.50 7.93 -2.02
N TRP C 771 -22.30 6.63 -2.26
CA TRP C 771 -21.06 6.11 -2.83
C TRP C 771 -21.32 5.86 -4.30
N HIS C 772 -21.11 6.90 -5.11
CA HIS C 772 -21.51 6.83 -6.51
C HIS C 772 -20.58 5.93 -7.32
N ASN C 773 -19.29 5.94 -7.03
CA ASN C 773 -18.37 5.07 -7.77
C ASN C 773 -18.59 3.61 -7.42
N MET C 774 -18.79 3.31 -6.14
CA MET C 774 -19.10 1.94 -5.74
C MET C 774 -20.40 1.46 -6.38
N GLU C 775 -21.43 2.30 -6.35
CA GLU C 775 -22.68 1.94 -6.97
C GLU C 775 -22.52 1.72 -8.47
N LEU C 776 -21.73 2.58 -9.13
CA LEU C 776 -21.52 2.43 -10.56
C LEU C 776 -20.83 1.12 -10.87
N LEU C 777 -19.82 0.75 -10.08
CA LEU C 777 -19.11 -0.50 -10.33
C LEU C 777 -19.99 -1.71 -10.03
N LEU C 778 -20.85 -1.63 -9.02
CA LEU C 778 -21.68 -2.75 -8.62
C LEU C 778 -22.98 -2.87 -9.40
N SER C 779 -23.35 -1.84 -10.18
CA SER C 779 -24.65 -1.86 -10.83
C SER C 779 -24.77 -3.01 -11.82
N GLN C 780 -23.74 -3.23 -12.63
CA GLN C 780 -23.80 -4.27 -13.65
C GLN C 780 -23.82 -5.67 -13.08
N PHE C 781 -23.20 -5.87 -11.91
CA PHE C 781 -22.90 -7.23 -11.46
C PHE C 781 -24.15 -8.01 -11.06
N GLN C 782 -25.24 -7.34 -10.71
CA GLN C 782 -26.43 -8.07 -10.33
C GLN C 782 -26.96 -8.90 -11.49
N LYS C 783 -27.04 -8.30 -12.67
CA LYS C 783 -27.54 -9.04 -13.84
C LYS C 783 -26.53 -10.08 -14.30
N ARG C 784 -25.24 -9.74 -14.30
CA ARG C 784 -24.22 -10.70 -14.71
C ARG C 784 -24.23 -11.92 -13.81
N LEU C 785 -24.47 -11.73 -12.52
CA LEU C 785 -24.57 -12.85 -11.60
C LEU C 785 -25.90 -13.59 -11.75
N THR C 786 -26.98 -12.86 -11.99
CA THR C 786 -28.27 -13.52 -12.20
C THR C 786 -28.19 -14.50 -13.37
N PHE C 787 -27.55 -14.08 -14.46
CA PHE C 787 -27.48 -14.90 -15.66
C PHE C 787 -26.12 -15.56 -15.87
N GLY C 788 -25.09 -15.15 -15.12
CA GLY C 788 -23.77 -15.71 -15.32
C GLY C 788 -23.19 -15.41 -16.68
N ILE C 789 -23.26 -14.16 -17.12
CA ILE C 789 -22.88 -13.77 -18.47
C ILE C 789 -21.77 -12.74 -18.42
N GLN C 790 -21.34 -12.28 -19.59
CA GLN C 790 -20.32 -11.25 -19.72
C GLN C 790 -21.00 -9.90 -19.94
N ARG C 791 -20.20 -8.83 -19.89
CA ARG C 791 -20.76 -7.49 -20.02
C ARG C 791 -21.53 -7.32 -21.32
N GLU C 792 -21.06 -7.97 -22.40
CA GLU C 792 -21.67 -7.76 -23.70
C GLU C 792 -23.09 -8.33 -23.75
N LEU C 793 -23.35 -9.41 -23.03
CA LEU C 793 -24.64 -10.09 -23.10
C LEU C 793 -25.70 -9.47 -22.21
N CYS C 794 -25.33 -8.49 -21.38
CA CYS C 794 -26.30 -7.96 -20.42
C CYS C 794 -27.51 -7.35 -21.13
N ASP C 795 -27.27 -6.60 -22.22
CA ASP C 795 -28.38 -6.01 -22.96
C ASP C 795 -29.20 -7.08 -23.65
N LEU C 796 -28.57 -8.15 -24.11
CA LEU C 796 -29.26 -9.18 -24.88
C LEU C 796 -30.09 -10.13 -24.01
N VAL C 797 -29.86 -10.15 -22.71
CA VAL C 797 -30.62 -11.02 -21.80
C VAL C 797 -31.85 -10.33 -21.25
N ARG C 798 -32.14 -9.10 -21.67
CA ARG C 798 -33.38 -8.45 -21.28
C ARG C 798 -34.59 -9.21 -21.78
N VAL C 799 -34.42 -10.06 -22.78
CA VAL C 799 -35.52 -10.89 -23.29
C VAL C 799 -35.72 -12.05 -22.35
N SER C 800 -36.93 -12.14 -21.77
CA SER C 800 -37.21 -13.20 -20.82
C SER C 800 -37.01 -14.58 -21.44
N LEU C 801 -37.11 -14.68 -22.77
CA LEU C 801 -37.02 -15.95 -23.46
C LEU C 801 -35.57 -16.34 -23.76
N LEU C 802 -34.59 -15.51 -23.43
CA LEU C 802 -33.21 -15.70 -23.85
C LEU C 802 -32.35 -16.05 -22.65
N ASN C 803 -31.66 -17.19 -22.75
CA ASN C 803 -30.85 -17.74 -21.68
C ASN C 803 -29.40 -17.26 -21.82
N ALA C 804 -28.57 -17.59 -20.83
CA ALA C 804 -27.15 -17.28 -20.91
C ALA C 804 -26.49 -18.03 -22.05
N GLN C 805 -26.88 -19.29 -22.27
CA GLN C 805 -26.35 -20.03 -23.41
C GLN C 805 -26.98 -19.56 -24.71
N ARG C 806 -28.29 -19.31 -24.70
CA ARG C 806 -28.95 -18.80 -25.90
C ARG C 806 -28.50 -17.39 -26.23
N ALA C 807 -28.29 -16.55 -25.21
CA ALA C 807 -27.84 -15.18 -25.46
C ALA C 807 -26.50 -15.15 -26.16
N ARG C 808 -25.73 -16.25 -26.11
CA ARG C 808 -24.42 -16.27 -26.73
C ARG C 808 -24.45 -16.74 -28.16
N VAL C 809 -25.35 -17.69 -28.49
CA VAL C 809 -25.44 -18.14 -29.88
C VAL C 809 -26.05 -17.06 -30.76
N LEU C 810 -27.07 -16.34 -30.26
CA LEU C 810 -27.54 -15.16 -30.96
C LEU C 810 -26.46 -14.08 -31.00
N TYR C 811 -25.73 -13.90 -29.91
CA TYR C 811 -24.70 -12.86 -29.90
C TYR C 811 -23.57 -13.19 -30.87
N ALA C 812 -23.10 -14.44 -30.87
CA ALA C 812 -22.06 -14.83 -31.81
C ALA C 812 -22.52 -14.66 -33.25
N SER C 813 -23.82 -14.86 -33.49
CA SER C 813 -24.36 -14.67 -34.84
C SER C 813 -24.22 -13.24 -35.31
N GLY C 814 -24.48 -12.27 -34.42
CA GLY C 814 -24.41 -10.88 -34.80
C GLY C 814 -25.44 -9.99 -34.13
N PHE C 815 -26.38 -10.59 -33.41
CA PHE C 815 -27.40 -9.84 -32.68
C PHE C 815 -26.81 -9.39 -31.34
N HIS C 816 -26.57 -8.09 -31.20
CA HIS C 816 -25.93 -7.54 -30.02
C HIS C 816 -26.86 -6.64 -29.20
N THR C 817 -28.17 -6.72 -29.44
CA THR C 817 -29.10 -5.85 -28.72
C THR C 817 -30.52 -6.37 -28.94
N VAL C 818 -31.41 -6.00 -28.01
CA VAL C 818 -32.81 -6.36 -28.15
C VAL C 818 -33.40 -5.74 -29.41
N ALA C 819 -33.00 -4.51 -29.72
CA ALA C 819 -33.49 -3.87 -30.94
C ALA C 819 -33.09 -4.65 -32.17
N ASP C 820 -31.84 -5.13 -32.23
CA ASP C 820 -31.40 -5.91 -33.37
C ASP C 820 -32.21 -7.21 -33.48
N LEU C 821 -32.52 -7.83 -32.34
CA LEU C 821 -33.36 -9.01 -32.35
C LEU C 821 -34.75 -8.70 -32.88
N ALA C 822 -35.31 -7.54 -32.50
CA ALA C 822 -36.65 -7.19 -32.94
C ALA C 822 -36.73 -7.08 -34.44
N ARG C 823 -35.73 -6.45 -35.07
CA ARG C 823 -35.69 -6.32 -36.53
C ARG C 823 -35.00 -7.56 -37.09
N ALA C 824 -35.80 -8.61 -37.26
CA ALA C 824 -35.32 -9.86 -37.82
C ALA C 824 -36.51 -10.70 -38.23
N ASN C 825 -36.24 -11.77 -38.98
CA ASN C 825 -37.28 -12.68 -39.43
C ASN C 825 -37.24 -13.96 -38.58
N ILE C 826 -38.42 -14.54 -38.38
CA ILE C 826 -38.54 -15.72 -37.53
C ILE C 826 -37.66 -16.85 -38.05
N VAL C 827 -37.60 -17.02 -39.37
CA VAL C 827 -36.89 -18.14 -39.94
C VAL C 827 -35.40 -18.05 -39.63
N GLU C 828 -34.84 -16.83 -39.67
CA GLU C 828 -33.41 -16.66 -39.41
C GLU C 828 -33.07 -17.08 -37.98
N VAL C 829 -33.80 -16.56 -37.00
CA VAL C 829 -33.55 -16.93 -35.61
C VAL C 829 -33.79 -18.42 -35.40
N GLU C 830 -34.79 -18.97 -36.06
CA GLU C 830 -35.09 -20.39 -35.92
C GLU C 830 -33.91 -21.24 -36.41
N VAL C 831 -33.38 -20.92 -37.58
CA VAL C 831 -32.26 -21.70 -38.10
C VAL C 831 -31.01 -21.51 -37.24
N ILE C 832 -30.84 -20.29 -36.70
CA ILE C 832 -29.69 -20.04 -35.83
C ILE C 832 -29.79 -20.87 -34.56
N LEU C 833 -30.97 -20.92 -33.95
CA LEU C 833 -31.17 -21.73 -32.75
C LEU C 833 -31.00 -23.21 -33.05
N LYS C 834 -31.55 -23.68 -34.19
CA LYS C 834 -31.48 -25.10 -34.50
C LYS C 834 -30.03 -25.56 -34.63
N ASN C 835 -29.14 -24.67 -35.06
CA ASN C 835 -27.74 -25.02 -35.26
C ASN C 835 -26.97 -24.96 -33.94
N ASN C 858 -41.68 -28.51 -34.56
CA ASN C 858 -42.86 -29.28 -34.21
C ASN C 858 -42.64 -30.07 -32.93
N MET C 859 -41.38 -30.38 -32.63
CA MET C 859 -41.02 -31.12 -31.44
C MET C 859 -40.49 -30.15 -30.39
N ARG C 860 -40.99 -30.28 -29.16
CA ARG C 860 -40.60 -29.39 -28.07
C ARG C 860 -39.24 -29.81 -27.53
N THR C 861 -38.25 -28.93 -27.69
CA THR C 861 -36.87 -29.23 -27.34
C THR C 861 -36.29 -28.27 -26.31
N ILE C 862 -36.60 -26.99 -26.40
CA ILE C 862 -36.07 -26.00 -25.46
C ILE C 862 -36.97 -25.96 -24.24
N TRP C 863 -36.42 -25.50 -23.12
CA TRP C 863 -37.18 -25.36 -21.89
C TRP C 863 -37.04 -23.93 -21.37
N VAL C 864 -38.18 -23.29 -21.13
CA VAL C 864 -38.24 -21.99 -20.48
C VAL C 864 -39.34 -22.04 -19.42
N THR C 865 -39.21 -21.19 -18.41
CA THR C 865 -40.15 -21.19 -17.30
C THR C 865 -41.53 -20.76 -17.77
N GLY C 866 -42.56 -21.41 -17.21
CA GLY C 866 -43.93 -21.07 -17.53
C GLY C 866 -44.24 -21.18 -19.01
N ARG C 867 -43.81 -22.28 -19.60
CA ARG C 867 -43.90 -22.45 -21.05
C ARG C 867 -45.24 -23.06 -21.44
N LYS C 868 -45.43 -23.24 -22.74
CA LYS C 868 -46.65 -23.80 -23.30
C LYS C 868 -46.23 -24.71 -24.45
N GLY C 869 -47.17 -25.07 -25.32
CA GLY C 869 -46.86 -25.95 -26.42
C GLY C 869 -45.95 -25.26 -27.41
N LEU C 870 -44.71 -25.05 -26.98
CA LEU C 870 -43.71 -24.27 -27.71
C LEU C 870 -42.73 -25.19 -28.42
N THR C 871 -42.31 -24.77 -29.61
CA THR C 871 -41.26 -25.45 -30.38
C THR C 871 -40.31 -24.39 -30.93
N GLU C 872 -39.22 -24.86 -31.54
CA GLU C 872 -38.24 -23.92 -32.10
C GLU C 872 -38.87 -22.96 -33.09
N ARG C 873 -39.92 -23.39 -33.80
CA ARG C 873 -40.61 -22.49 -34.71
C ARG C 873 -41.29 -21.35 -33.95
N GLU C 874 -42.02 -21.69 -32.90
CA GLU C 874 -42.69 -20.66 -32.10
C GLU C 874 -41.71 -19.95 -31.19
N ALA C 875 -40.68 -20.65 -30.72
CA ALA C 875 -39.72 -20.04 -29.81
C ALA C 875 -39.00 -18.87 -30.48
N ALA C 876 -38.56 -19.06 -31.74
CA ALA C 876 -37.95 -17.96 -32.47
C ALA C 876 -38.94 -16.84 -32.69
N ALA C 877 -40.19 -17.18 -33.03
CA ALA C 877 -41.22 -16.16 -33.23
C ALA C 877 -41.51 -15.40 -31.94
N LEU C 878 -41.54 -16.11 -30.82
CA LEU C 878 -41.84 -15.44 -29.55
C LEU C 878 -40.63 -14.68 -29.02
N ILE C 879 -39.44 -14.99 -29.52
CA ILE C 879 -38.26 -14.20 -29.16
C ILE C 879 -38.35 -12.82 -29.82
N VAL C 880 -38.69 -12.78 -31.10
CA VAL C 880 -38.81 -11.50 -31.78
C VAL C 880 -40.05 -10.76 -31.30
N GLU C 881 -41.14 -11.48 -31.05
CA GLU C 881 -42.36 -10.83 -30.56
C GLU C 881 -42.13 -10.16 -29.22
N GLU C 882 -41.43 -10.84 -28.30
CA GLU C 882 -41.13 -10.23 -27.01
C GLU C 882 -40.03 -9.20 -27.14
N ALA C 883 -39.24 -9.26 -28.20
CA ALA C 883 -38.25 -8.22 -28.46
C ALA C 883 -38.92 -6.95 -28.98
N ARG C 884 -40.02 -7.10 -29.72
CA ARG C 884 -40.75 -5.93 -30.21
C ARG C 884 -41.42 -5.19 -29.07
N MET C 885 -42.13 -5.90 -28.20
CA MET C 885 -42.88 -5.24 -27.13
C MET C 885 -41.96 -4.52 -26.16
N ILE C 886 -40.70 -4.92 -26.06
CA ILE C 886 -39.76 -4.22 -25.20
C ILE C 886 -39.56 -2.79 -25.69
N LEU C 887 -39.43 -2.61 -27.00
CA LEU C 887 -39.27 -1.29 -27.59
C LEU C 887 -40.60 -0.53 -27.57
N GLY D 108 -16.42 17.38 -59.64
CA GLY D 108 -15.87 16.61 -58.54
C GLY D 108 -14.38 16.39 -58.68
N LYS D 109 -13.69 17.35 -59.31
CA LYS D 109 -12.27 17.25 -59.57
C LYS D 109 -11.43 17.98 -58.52
N ASN D 110 -11.88 18.01 -57.27
CA ASN D 110 -11.18 18.72 -56.20
C ASN D 110 -11.08 20.20 -56.54
N LEU D 111 -10.65 21.00 -55.57
CA LEU D 111 -10.54 22.44 -55.78
C LEU D 111 -9.77 23.05 -54.61
N VAL D 112 -8.87 23.98 -54.92
CA VAL D 112 -8.17 24.76 -53.92
C VAL D 112 -8.14 26.20 -54.40
N TYR D 113 -8.80 27.09 -53.66
CA TYR D 113 -8.92 28.48 -54.04
C TYR D 113 -8.64 29.35 -52.84
N SER D 114 -8.18 30.58 -53.11
CA SER D 114 -7.88 31.55 -52.08
C SER D 114 -8.46 32.90 -52.49
N ALA D 115 -8.76 33.71 -51.48
CA ALA D 115 -9.31 35.05 -51.71
C ALA D 115 -9.29 35.82 -50.40
N PRO D 116 -9.15 37.15 -50.44
CA PRO D 116 -9.19 37.92 -49.20
C PRO D 116 -10.53 37.75 -48.50
N THR D 117 -10.48 37.57 -47.18
CA THR D 117 -11.70 37.43 -46.42
C THR D 117 -12.56 38.68 -46.56
N SER D 118 -13.82 38.57 -46.15
CA SER D 118 -14.81 39.62 -46.31
C SER D 118 -15.28 39.75 -47.76
N ALA D 119 -14.85 38.84 -48.63
CA ALA D 119 -15.29 38.81 -50.02
C ALA D 119 -16.26 37.67 -50.28
N GLY D 120 -16.86 37.12 -49.23
CA GLY D 120 -17.76 35.99 -49.40
C GLY D 120 -17.06 34.76 -49.95
N LYS D 121 -15.82 34.50 -49.51
CA LYS D 121 -15.07 33.37 -50.04
C LYS D 121 -15.70 32.04 -49.69
N THR D 122 -16.48 31.97 -48.60
CA THR D 122 -17.17 30.75 -48.23
C THR D 122 -18.41 30.50 -49.09
N LEU D 123 -18.82 31.46 -49.90
CA LEU D 123 -19.98 31.27 -50.77
C LEU D 123 -19.76 30.11 -51.73
N VAL D 124 -18.58 30.04 -52.34
CA VAL D 124 -18.29 28.96 -53.28
C VAL D 124 -18.36 27.62 -52.56
N ALA D 125 -17.81 27.55 -51.35
CA ALA D 125 -17.84 26.30 -50.60
C ALA D 125 -19.26 25.88 -50.25
N GLU D 126 -20.10 26.84 -49.85
CA GLU D 126 -21.48 26.47 -49.53
C GLU D 126 -22.21 25.94 -50.75
N LEU D 127 -22.05 26.60 -51.91
CA LEU D 127 -22.69 26.08 -53.11
C LEU D 127 -22.15 24.71 -53.48
N LEU D 128 -20.84 24.49 -53.34
CA LEU D 128 -20.28 23.19 -53.67
C LEU D 128 -20.83 22.11 -52.74
N ILE D 129 -20.95 22.41 -51.45
CA ILE D 129 -21.55 21.45 -50.52
C ILE D 129 -22.99 21.16 -50.92
N LEU D 130 -23.76 22.19 -51.24
CA LEU D 130 -25.13 21.98 -51.69
C LEU D 130 -25.17 21.02 -52.87
N LYS D 131 -24.40 21.34 -53.92
CA LYS D 131 -24.45 20.53 -55.13
C LYS D 131 -24.02 19.10 -54.87
N ARG D 132 -22.90 18.92 -54.17
CA ARG D 132 -22.37 17.58 -53.93
C ARG D 132 -23.34 16.75 -53.10
N VAL D 133 -23.84 17.30 -52.00
CA VAL D 133 -24.68 16.52 -51.10
C VAL D 133 -26.04 16.25 -51.75
N LEU D 134 -26.54 17.18 -52.57
CA LEU D 134 -27.82 16.96 -53.22
C LEU D 134 -27.72 15.96 -54.36
N GLU D 135 -26.61 15.97 -55.12
CA GLU D 135 -26.48 15.04 -56.23
C GLU D 135 -26.04 13.65 -55.75
N MET D 136 -24.86 13.56 -55.14
CA MET D 136 -24.32 12.27 -54.74
C MET D 136 -24.93 11.73 -53.46
N ARG D 137 -25.65 12.56 -52.69
CA ARG D 137 -26.24 12.13 -51.42
C ARG D 137 -25.18 11.59 -50.47
N LYS D 138 -24.00 12.19 -50.46
CA LYS D 138 -22.89 11.79 -49.63
C LYS D 138 -22.65 12.83 -48.54
N LYS D 139 -21.72 12.53 -47.64
CA LYS D 139 -21.44 13.40 -46.51
C LYS D 139 -20.44 14.48 -46.88
N ALA D 140 -20.42 15.53 -46.07
CA ALA D 140 -19.48 16.64 -46.23
C ALA D 140 -18.88 16.96 -44.87
N LEU D 141 -17.55 17.01 -44.79
CA LEU D 141 -16.87 17.45 -43.58
C LEU D 141 -16.40 18.87 -43.79
N PHE D 142 -16.90 19.80 -42.97
CA PHE D 142 -16.47 21.18 -43.00
C PHE D 142 -15.48 21.38 -41.84
N ILE D 143 -14.21 21.53 -42.18
CA ILE D 143 -13.13 21.61 -41.19
C ILE D 143 -12.80 23.06 -40.93
N LEU D 144 -12.98 23.49 -39.67
CA LEU D 144 -12.64 24.82 -39.24
C LEU D 144 -11.50 24.75 -38.22
N PRO D 145 -10.66 25.78 -38.13
CA PRO D 145 -9.48 25.67 -37.26
C PRO D 145 -9.80 25.71 -35.78
N PHE D 146 -10.71 26.60 -35.36
CA PHE D 146 -10.98 26.80 -33.94
C PHE D 146 -12.43 26.48 -33.62
N VAL D 147 -12.70 26.32 -32.33
CA VAL D 147 -14.03 25.91 -31.89
C VAL D 147 -15.05 27.01 -32.11
N SER D 148 -14.67 28.27 -31.84
CA SER D 148 -15.62 29.37 -31.97
C SER D 148 -16.10 29.52 -33.41
N VAL D 149 -15.16 29.57 -34.36
CA VAL D 149 -15.53 29.67 -35.76
C VAL D 149 -16.27 28.41 -36.19
N ALA D 150 -15.93 27.26 -35.61
CA ALA D 150 -16.63 26.03 -35.93
C ALA D 150 -18.11 26.13 -35.56
N LYS D 151 -18.40 26.62 -34.36
CA LYS D 151 -19.79 26.78 -33.94
C LYS D 151 -20.49 27.83 -34.78
N GLU D 152 -19.82 28.94 -35.07
CA GLU D 152 -20.42 29.96 -35.93
C GLU D 152 -20.82 29.38 -37.27
N LYS D 153 -19.90 28.64 -37.90
CA LYS D 153 -20.19 28.05 -39.21
C LYS D 153 -21.27 26.98 -39.12
N LYS D 154 -21.28 26.21 -38.03
CA LYS D 154 -22.31 25.19 -37.86
C LYS D 154 -23.69 25.84 -37.80
N TYR D 155 -23.82 26.93 -37.03
CA TYR D 155 -25.10 27.61 -36.94
C TYR D 155 -25.47 28.27 -38.27
N TYR D 156 -24.49 28.85 -38.96
CA TYR D 156 -24.77 29.45 -40.27
C TYR D 156 -25.29 28.40 -41.25
N LEU D 157 -24.62 27.24 -41.31
CA LEU D 157 -25.07 26.19 -42.22
C LEU D 157 -26.44 25.67 -41.82
N GLN D 158 -26.68 25.52 -40.52
CA GLN D 158 -28.00 25.08 -40.07
C GLN D 158 -29.07 26.06 -40.53
N SER D 159 -28.86 27.35 -40.31
CA SER D 159 -29.84 28.35 -40.72
C SER D 159 -30.05 28.32 -42.23
N LEU D 160 -28.95 28.26 -42.99
CA LEU D 160 -29.08 28.28 -44.44
C LEU D 160 -29.82 27.07 -44.98
N PHE D 161 -29.53 25.88 -44.46
CA PHE D 161 -30.00 24.65 -45.08
C PHE D 161 -31.11 23.94 -44.33
N GLN D 162 -31.67 24.53 -43.27
CA GLN D 162 -32.79 23.87 -42.60
C GLN D 162 -33.98 23.67 -43.53
N GLU D 163 -34.09 24.49 -44.56
CA GLU D 163 -35.25 24.47 -45.46
C GLU D 163 -35.15 23.39 -46.53
N VAL D 164 -34.05 22.65 -46.61
CA VAL D 164 -33.89 21.61 -47.63
C VAL D 164 -33.81 20.23 -46.97
N GLY D 165 -34.30 20.12 -45.74
CA GLY D 165 -34.41 18.82 -45.09
C GLY D 165 -33.08 18.11 -44.97
N ILE D 166 -32.06 18.83 -44.51
CA ILE D 166 -30.69 18.32 -44.45
C ILE D 166 -30.16 18.59 -43.04
N LYS D 167 -29.54 17.59 -42.44
CA LYS D 167 -29.00 17.74 -41.10
C LYS D 167 -27.58 18.32 -41.16
N VAL D 168 -27.25 19.10 -40.12
CA VAL D 168 -25.92 19.70 -39.99
C VAL D 168 -25.57 19.68 -38.50
N ASP D 169 -24.55 18.91 -38.13
CA ASP D 169 -24.13 18.79 -36.75
C ASP D 169 -22.64 18.49 -36.74
N GLY D 170 -21.90 19.17 -35.88
CA GLY D 170 -20.45 19.18 -35.94
C GLY D 170 -19.80 18.53 -34.74
N TYR D 171 -18.58 18.02 -34.96
CA TYR D 171 -17.73 17.46 -33.91
C TYR D 171 -16.65 18.50 -33.61
N MET D 172 -16.87 19.30 -32.57
CA MET D 172 -15.92 20.33 -32.18
C MET D 172 -15.82 20.40 -30.67
N GLY D 173 -14.67 20.89 -30.19
CA GLY D 173 -14.46 21.02 -28.77
C GLY D 173 -14.62 19.68 -28.06
N SER D 174 -15.32 19.70 -26.94
CA SER D 174 -15.64 18.49 -26.19
C SER D 174 -17.01 17.93 -26.56
N THR D 175 -17.69 18.51 -27.54
CA THR D 175 -19.04 18.09 -27.89
C THR D 175 -19.00 17.06 -29.00
N SER D 176 -20.19 16.61 -29.41
CA SER D 176 -20.35 15.66 -30.50
C SER D 176 -21.83 15.56 -30.82
N PRO D 177 -22.21 15.26 -32.06
CA PRO D 177 -23.63 15.21 -32.41
C PRO D 177 -24.36 14.19 -31.57
N SER D 178 -25.58 14.53 -31.18
CA SER D 178 -26.44 13.63 -30.41
C SER D 178 -26.98 12.48 -31.25
N ARG D 179 -26.82 12.53 -32.57
CA ARG D 179 -27.34 11.52 -33.47
C ARG D 179 -26.19 10.84 -34.20
N HIS D 180 -26.46 9.63 -34.68
CA HIS D 180 -25.43 8.85 -35.36
C HIS D 180 -24.91 9.60 -36.58
N PHE D 181 -23.62 9.37 -36.88
CA PHE D 181 -23.00 10.02 -38.04
C PHE D 181 -23.71 9.67 -39.33
N SER D 182 -24.43 8.54 -39.37
CA SER D 182 -25.12 8.15 -40.60
C SER D 182 -26.19 9.17 -40.98
N SER D 183 -26.94 9.67 -40.01
CA SER D 183 -28.01 10.61 -40.29
C SER D 183 -27.50 11.98 -40.73
N LEU D 184 -26.30 12.36 -40.29
CA LEU D 184 -25.76 13.66 -40.64
C LEU D 184 -25.48 13.74 -42.14
N ASP D 185 -25.67 14.93 -42.69
CA ASP D 185 -25.32 15.23 -44.08
C ASP D 185 -24.12 16.16 -44.19
N ILE D 186 -23.94 17.07 -43.24
CA ILE D 186 -22.75 17.91 -43.14
C ILE D 186 -22.25 17.84 -41.72
N ALA D 187 -20.95 17.61 -41.55
CA ALA D 187 -20.32 17.55 -40.23
C ALA D 187 -19.31 18.69 -40.16
N VAL D 188 -19.61 19.71 -39.37
CA VAL D 188 -18.74 20.87 -39.20
C VAL D 188 -17.85 20.57 -38.00
N CYS D 189 -16.71 19.94 -38.26
CA CYS D 189 -15.79 19.52 -37.21
C CYS D 189 -14.54 20.38 -37.23
N THR D 190 -13.72 20.18 -36.21
CA THR D 190 -12.43 20.87 -36.07
C THR D 190 -11.32 19.97 -36.60
N ILE D 191 -10.12 20.55 -36.74
CA ILE D 191 -9.02 19.84 -37.36
C ILE D 191 -8.73 18.53 -36.63
N GLU D 192 -8.59 18.60 -35.31
CA GLU D 192 -8.26 17.39 -34.55
C GLU D 192 -9.39 16.38 -34.65
N ARG D 193 -10.62 16.82 -34.47
CA ARG D 193 -11.76 15.93 -34.52
C ARG D 193 -12.10 15.50 -35.94
N ALA D 194 -11.74 16.30 -36.94
CA ALA D 194 -11.87 15.83 -38.32
C ALA D 194 -10.87 14.73 -38.61
N ASN D 195 -9.64 14.85 -38.10
CA ASN D 195 -8.68 13.76 -38.22
C ASN D 195 -9.19 12.51 -37.52
N GLY D 196 -9.76 12.67 -36.33
CA GLY D 196 -10.35 11.53 -35.66
C GLY D 196 -11.49 10.91 -36.45
N LEU D 197 -12.32 11.76 -37.06
CA LEU D 197 -13.41 11.26 -37.90
C LEU D 197 -12.87 10.44 -39.06
N ILE D 198 -11.83 10.95 -39.73
CA ILE D 198 -11.25 10.22 -40.86
C ILE D 198 -10.66 8.90 -40.39
N ASN D 199 -9.97 8.91 -39.26
CA ASN D 199 -9.40 7.66 -38.73
C ASN D 199 -10.49 6.66 -38.42
N ARG D 200 -11.59 7.09 -37.79
CA ARG D 200 -12.66 6.15 -37.48
C ARG D 200 -13.35 5.64 -38.73
N LEU D 201 -13.54 6.52 -39.73
CA LEU D 201 -14.13 6.07 -40.98
C LEU D 201 -13.24 5.02 -41.66
N ILE D 202 -11.93 5.24 -41.65
CA ILE D 202 -11.01 4.26 -42.22
C ILE D 202 -11.08 2.95 -41.44
N GLU D 203 -11.13 3.04 -40.11
CA GLU D 203 -11.20 1.83 -39.28
C GLU D 203 -12.46 1.04 -39.57
N GLU D 204 -13.59 1.72 -39.76
CA GLU D 204 -14.87 1.06 -39.98
C GLU D 204 -15.15 0.80 -41.46
N ASN D 205 -14.19 1.09 -42.34
CA ASN D 205 -14.32 0.79 -43.77
C ASN D 205 -15.59 1.41 -44.35
N LYS D 206 -15.83 2.67 -44.01
CA LYS D 206 -16.94 3.43 -44.56
C LYS D 206 -16.47 4.79 -45.04
N MET D 207 -15.30 4.81 -45.70
CA MET D 207 -14.84 6.04 -46.33
C MET D 207 -15.71 6.43 -47.52
N ASP D 208 -16.35 5.44 -48.17
CA ASP D 208 -17.20 5.73 -49.31
C ASP D 208 -18.42 6.56 -48.92
N LEU D 209 -18.76 6.60 -47.64
CA LEU D 209 -19.86 7.47 -47.21
C LEU D 209 -19.51 8.95 -47.40
N LEU D 210 -18.22 9.27 -47.46
CA LEU D 210 -17.80 10.66 -47.52
C LEU D 210 -17.87 11.17 -48.95
N GLY D 211 -18.48 12.33 -49.11
CA GLY D 211 -18.63 12.94 -50.42
C GLY D 211 -17.67 14.08 -50.66
N MET D 212 -17.41 14.88 -49.63
CA MET D 212 -16.49 16.00 -49.78
C MET D 212 -15.91 16.40 -48.44
N VAL D 213 -14.71 16.98 -48.49
CA VAL D 213 -14.03 17.48 -47.30
C VAL D 213 -13.64 18.93 -47.60
N VAL D 214 -14.50 19.86 -47.22
CA VAL D 214 -14.19 21.28 -47.35
C VAL D 214 -13.33 21.70 -46.18
N VAL D 215 -12.22 22.39 -46.48
CA VAL D 215 -11.26 22.83 -45.47
C VAL D 215 -11.16 24.35 -45.55
N ASP D 216 -11.38 25.01 -44.42
CA ASP D 216 -11.26 26.45 -44.32
C ASP D 216 -9.93 26.81 -43.67
N GLU D 217 -9.37 27.95 -44.08
CA GLU D 217 -8.07 28.40 -43.59
C GLU D 217 -7.01 27.32 -43.80
N LEU D 218 -6.79 26.98 -45.08
CA LEU D 218 -5.79 25.99 -45.44
C LEU D 218 -4.38 26.48 -45.12
N HIS D 219 -4.18 27.78 -44.94
CA HIS D 219 -2.85 28.30 -44.61
C HIS D 219 -2.33 27.75 -43.29
N MET D 220 -3.23 27.30 -42.39
CA MET D 220 -2.79 26.68 -41.16
C MET D 220 -2.02 25.39 -41.39
N LEU D 221 -2.09 24.83 -42.59
CA LEU D 221 -1.40 23.57 -42.87
C LEU D 221 0.10 23.70 -42.68
N GLY D 222 0.63 24.92 -42.74
CA GLY D 222 2.05 25.14 -42.58
C GLY D 222 2.50 25.07 -41.13
N ASP D 223 3.39 25.97 -40.74
CA ASP D 223 3.92 25.96 -39.39
C ASP D 223 2.81 26.16 -38.36
N SER D 224 2.52 25.12 -37.58
CA SER D 224 1.49 25.18 -36.56
C SER D 224 1.49 23.87 -35.79
N HIS D 225 0.89 23.90 -34.60
CA HIS D 225 0.76 22.72 -33.76
C HIS D 225 -0.42 21.84 -34.16
N ARG D 226 -1.29 22.31 -35.06
CA ARG D 226 -2.41 21.53 -35.54
C ARG D 226 -2.45 21.44 -37.06
N GLY D 227 -1.55 22.13 -37.76
CA GLY D 227 -1.54 22.03 -39.22
C GLY D 227 -1.17 20.65 -39.70
N TYR D 228 -0.30 19.95 -38.98
CA TYR D 228 0.09 18.62 -39.41
C TYR D 228 -1.08 17.64 -39.34
N LEU D 229 -2.03 17.86 -38.42
CA LEU D 229 -3.25 17.05 -38.44
C LEU D 229 -4.01 17.27 -39.74
N LEU D 230 -4.11 18.50 -40.20
CA LEU D 230 -4.75 18.78 -41.48
C LEU D 230 -3.99 18.10 -42.62
N GLU D 231 -2.66 18.16 -42.57
CA GLU D 231 -1.86 17.54 -43.62
C GLU D 231 -2.09 16.03 -43.67
N LEU D 232 -2.08 15.38 -42.50
CA LEU D 232 -2.35 13.95 -42.45
C LEU D 232 -3.76 13.62 -42.93
N LEU D 233 -4.75 14.40 -42.52
CA LEU D 233 -6.10 14.17 -42.99
C LEU D 233 -6.18 14.21 -44.51
N LEU D 234 -5.66 15.28 -45.11
CA LEU D 234 -5.71 15.42 -46.56
C LEU D 234 -4.91 14.33 -47.25
N THR D 235 -3.77 13.95 -46.66
CA THR D 235 -2.96 12.89 -47.25
C THR D 235 -3.70 11.57 -47.27
N LYS D 236 -4.41 11.24 -46.17
CA LYS D 236 -5.20 10.02 -46.16
C LYS D 236 -6.32 10.07 -47.18
N ILE D 237 -6.97 11.24 -47.32
CA ILE D 237 -8.02 11.36 -48.33
C ILE D 237 -7.44 11.07 -49.71
N CYS D 238 -6.31 11.69 -50.03
CA CYS D 238 -5.70 11.50 -51.35
C CYS D 238 -5.30 10.05 -51.56
N TYR D 239 -4.69 9.43 -50.55
CA TYR D 239 -4.26 8.04 -50.67
C TYR D 239 -5.43 7.11 -50.93
N ILE D 240 -6.47 7.22 -50.11
CA ILE D 240 -7.63 6.34 -50.27
C ILE D 240 -8.31 6.59 -51.61
N THR D 241 -8.37 7.84 -52.05
CA THR D 241 -8.97 8.13 -53.34
C THR D 241 -8.16 7.51 -54.47
N ARG D 242 -6.82 7.61 -54.42
CA ARG D 242 -6.01 7.07 -55.50
C ARG D 242 -6.07 5.55 -55.54
N LYS D 243 -6.08 4.89 -54.37
CA LYS D 243 -6.04 3.44 -54.37
C LYS D 243 -7.31 2.85 -54.96
N SER D 244 -8.48 3.41 -54.65
CA SER D 244 -9.75 2.92 -55.16
C SER D 244 -10.46 4.06 -55.89
N ALA D 245 -10.84 3.82 -57.13
CA ALA D 245 -11.53 4.83 -57.93
C ALA D 245 -13.01 4.52 -58.03
N SER D 256 -14.85 9.77 -61.61
CA SER D 256 -14.10 10.86 -60.99
C SER D 256 -14.99 11.67 -60.05
N ASN D 257 -15.75 10.95 -59.20
CA ASN D 257 -16.65 11.59 -58.25
C ASN D 257 -16.54 10.89 -56.90
N ALA D 258 -15.31 10.60 -56.47
CA ALA D 258 -15.12 9.85 -55.23
C ALA D 258 -15.20 10.75 -54.00
N VAL D 259 -14.28 11.70 -53.89
CA VAL D 259 -14.24 12.61 -52.74
C VAL D 259 -13.60 13.92 -53.20
N GLN D 260 -14.34 15.02 -53.05
CA GLN D 260 -13.88 16.34 -53.45
C GLN D 260 -13.30 17.07 -52.26
N ILE D 261 -12.24 17.82 -52.47
CA ILE D 261 -11.60 18.63 -51.44
C ILE D 261 -11.63 20.08 -51.88
N VAL D 262 -12.15 20.95 -51.01
CA VAL D 262 -12.21 22.39 -51.25
C VAL D 262 -11.37 23.07 -50.19
N GLY D 263 -10.51 23.99 -50.61
CA GLY D 263 -9.63 24.70 -49.71
C GLY D 263 -9.81 26.19 -49.80
N MET D 264 -9.61 26.86 -48.67
CA MET D 264 -9.71 28.31 -48.59
C MET D 264 -8.55 28.85 -47.78
N SER D 265 -8.10 30.05 -48.15
CA SER D 265 -7.00 30.70 -47.43
C SER D 265 -6.76 32.10 -47.96
N ALA D 266 -5.82 32.81 -47.36
CA ALA D 266 -5.39 34.11 -47.86
C ALA D 266 -4.43 33.90 -49.03
N THR D 267 -3.80 34.97 -49.49
CA THR D 267 -2.86 34.87 -50.60
C THR D 267 -1.69 33.98 -50.22
N LEU D 268 -1.60 32.80 -50.83
CA LEU D 268 -0.56 31.85 -50.53
C LEU D 268 0.51 31.89 -51.60
N PRO D 269 1.78 32.15 -51.26
CA PRO D 269 2.82 32.16 -52.30
C PRO D 269 2.92 30.85 -53.06
N ASN D 270 2.60 29.73 -52.42
CA ASN D 270 2.66 28.40 -53.04
C ASN D 270 1.29 27.75 -53.02
N LEU D 271 0.26 28.53 -53.37
CA LEU D 271 -1.08 27.97 -53.54
C LEU D 271 -1.11 26.94 -54.66
N GLU D 272 -0.43 27.24 -55.77
CA GLU D 272 -0.37 26.29 -56.87
C GLU D 272 0.30 24.99 -56.45
N LEU D 273 1.29 25.07 -55.56
CA LEU D 273 1.90 23.84 -55.06
C LEU D 273 0.90 23.01 -54.28
N VAL D 274 0.07 23.65 -53.45
CA VAL D 274 -0.95 22.92 -52.71
C VAL D 274 -1.95 22.29 -53.67
N ALA D 275 -2.36 23.04 -54.69
CA ALA D 275 -3.29 22.50 -55.67
C ALA D 275 -2.69 21.29 -56.38
N SER D 276 -1.42 21.36 -56.75
CA SER D 276 -0.75 20.23 -57.38
C SER D 276 -0.68 19.04 -56.42
N TRP D 277 -0.40 19.30 -55.15
CA TRP D 277 -0.39 18.23 -54.16
C TRP D 277 -1.73 17.52 -54.14
N LEU D 278 -2.81 18.29 -54.08
CA LEU D 278 -4.16 17.75 -53.99
C LEU D 278 -4.76 17.41 -55.34
N ASN D 279 -4.03 17.63 -56.43
CA ASN D 279 -4.53 17.38 -57.78
C ASN D 279 -5.85 18.13 -57.99
N ALA D 280 -5.81 19.42 -57.66
CA ALA D 280 -6.99 20.27 -57.68
C ALA D 280 -6.73 21.50 -58.53
N GLU D 281 -7.81 22.10 -59.01
CA GLU D 281 -7.69 23.35 -59.76
C GLU D 281 -7.21 24.46 -58.84
N LEU D 282 -6.95 25.63 -59.43
CA LEU D 282 -6.39 26.77 -58.72
C LEU D 282 -7.20 28.01 -59.05
N TYR D 283 -7.50 28.80 -58.03
CA TYR D 283 -8.25 30.04 -58.23
C TYR D 283 -7.88 30.99 -57.09
N HIS D 284 -7.18 32.07 -57.42
CA HIS D 284 -6.70 33.04 -56.44
C HIS D 284 -6.91 34.44 -57.00
N THR D 285 -7.75 35.23 -56.34
CA THR D 285 -8.01 36.61 -56.76
C THR D 285 -8.05 37.51 -55.53
N ASP D 286 -7.38 38.65 -55.63
CA ASP D 286 -7.31 39.64 -54.56
C ASP D 286 -8.39 40.68 -54.83
N PHE D 287 -9.65 40.29 -54.61
CA PHE D 287 -10.79 41.18 -54.82
C PHE D 287 -11.60 41.26 -53.53
N ARG D 288 -12.02 42.47 -53.18
CA ARG D 288 -12.82 42.71 -52.00
C ARG D 288 -13.75 43.88 -52.28
N PRO D 289 -15.02 43.80 -51.86
CA PRO D 289 -15.96 44.90 -52.17
C PRO D 289 -15.54 46.23 -51.57
N VAL D 290 -14.76 46.21 -50.49
CA VAL D 290 -14.29 47.43 -49.84
C VAL D 290 -12.78 47.52 -49.98
N PRO D 291 -12.26 48.30 -50.94
CA PRO D 291 -10.80 48.39 -51.08
C PRO D 291 -10.15 48.94 -49.82
N LEU D 292 -8.97 48.42 -49.50
CA LEU D 292 -8.23 48.83 -48.32
C LEU D 292 -7.10 49.77 -48.74
N LEU D 293 -7.11 50.98 -48.19
CA LEU D 293 -6.13 52.00 -48.53
C LEU D 293 -5.00 52.00 -47.53
N GLU D 294 -3.80 52.33 -48.01
CA GLU D 294 -2.61 52.33 -47.17
C GLU D 294 -1.70 53.47 -47.61
N SER D 295 -1.56 54.47 -46.74
CA SER D 295 -0.65 55.60 -47.00
C SER D 295 -0.20 56.11 -45.63
N VAL D 296 1.02 55.72 -45.23
CA VAL D 296 1.50 56.05 -43.89
C VAL D 296 1.53 57.55 -43.73
N LYS D 297 0.99 58.02 -42.60
CA LYS D 297 0.97 59.45 -42.27
C LYS D 297 1.29 59.58 -40.79
N VAL D 298 2.52 60.00 -40.48
CA VAL D 298 2.96 60.16 -39.11
C VAL D 298 2.54 61.54 -38.60
N ASP D 324 0.96 58.70 -28.54
CA ASP D 324 0.05 57.87 -29.33
C ASP D 324 -0.75 58.73 -30.29
N HIS D 325 -1.26 59.86 -29.81
CA HIS D 325 -2.06 60.78 -30.61
C HIS D 325 -3.27 60.06 -31.21
N VAL D 326 -4.05 59.42 -30.33
CA VAL D 326 -5.21 58.65 -30.74
C VAL D 326 -6.52 59.33 -30.40
N VAL D 327 -6.51 60.37 -29.57
CA VAL D 327 -7.77 60.99 -29.15
C VAL D 327 -8.49 61.60 -30.35
N SER D 328 -7.78 62.43 -31.11
CA SER D 328 -8.40 63.07 -32.27
C SER D 328 -8.79 62.04 -33.32
N LEU D 329 -7.94 61.03 -33.53
CA LEU D 329 -8.23 60.00 -34.52
C LEU D 329 -9.53 59.28 -34.17
N CYS D 330 -9.65 58.83 -32.92
CA CYS D 330 -10.86 58.13 -32.50
C CYS D 330 -12.06 59.07 -32.54
N TYR D 331 -11.87 60.34 -32.19
CA TYR D 331 -12.96 61.31 -32.23
C TYR D 331 -13.51 61.45 -33.65
N GLU D 332 -12.62 61.63 -34.62
CA GLU D 332 -13.06 61.81 -36.00
C GLU D 332 -13.61 60.52 -36.59
N THR D 333 -13.13 59.36 -36.10
CA THR D 333 -13.72 58.10 -36.54
C THR D 333 -15.13 57.93 -36.00
N ILE D 334 -15.35 58.25 -34.73
CA ILE D 334 -16.65 58.09 -34.12
C ILE D 334 -17.64 59.10 -34.69
N CYS D 335 -17.19 60.33 -34.94
CA CYS D 335 -18.08 61.34 -35.48
C CYS D 335 -18.65 60.94 -36.84
N ASP D 336 -18.00 60.03 -37.55
CA ASP D 336 -18.48 59.53 -38.83
C ASP D 336 -19.47 58.39 -38.68
N ASN D 337 -19.90 58.08 -37.47
CA ASN D 337 -20.89 57.02 -37.22
C ASN D 337 -20.33 55.63 -37.54
N HIS D 338 -19.09 55.40 -37.10
CA HIS D 338 -18.40 54.13 -37.36
C HIS D 338 -17.82 53.59 -36.06
N SER D 339 -17.70 52.27 -35.99
CA SER D 339 -17.15 51.60 -34.81
C SER D 339 -15.67 51.33 -35.00
N VAL D 340 -14.99 51.02 -33.90
CA VAL D 340 -13.54 50.88 -33.88
C VAL D 340 -13.16 49.57 -33.19
N LEU D 341 -12.22 48.84 -33.80
CA LEU D 341 -11.69 47.59 -33.26
C LEU D 341 -10.19 47.77 -33.12
N LEU D 342 -9.66 47.72 -31.91
CA LEU D 342 -8.25 47.98 -31.68
C LEU D 342 -7.62 46.81 -30.94
N PHE D 343 -6.54 46.27 -31.49
CA PHE D 343 -5.87 45.09 -30.98
C PHE D 343 -4.68 45.52 -30.13
N CYS D 344 -4.50 44.88 -28.98
CA CYS D 344 -3.39 45.19 -28.08
C CYS D 344 -2.57 43.95 -27.82
N PRO D 345 -1.29 44.11 -27.46
CA PRO D 345 -0.43 42.93 -27.27
C PRO D 345 -0.77 42.16 -26.01
N SER D 346 -0.97 42.86 -24.91
CA SER D 346 -1.25 42.23 -23.64
C SER D 346 -2.75 42.24 -23.35
N LYS D 347 -3.13 41.51 -22.31
CA LYS D 347 -4.52 41.43 -21.87
C LYS D 347 -4.83 42.53 -20.84
N LYS D 348 -3.94 42.70 -19.86
CA LYS D 348 -4.07 43.82 -18.94
C LYS D 348 -3.94 45.15 -19.67
N TRP D 349 -3.06 45.21 -20.68
CA TRP D 349 -2.91 46.44 -21.45
C TRP D 349 -4.20 46.74 -22.20
N CYS D 350 -4.83 45.71 -22.76
CA CYS D 350 -6.12 45.88 -23.42
C CYS D 350 -7.18 46.39 -22.45
N GLU D 351 -7.23 45.80 -21.26
CA GLU D 351 -8.18 46.25 -20.25
C GLU D 351 -7.97 47.72 -19.90
N LYS D 352 -6.70 48.10 -19.67
CA LYS D 352 -6.39 49.47 -19.32
C LYS D 352 -6.73 50.44 -20.44
N LEU D 353 -6.46 50.06 -21.69
CA LEU D 353 -6.77 50.94 -22.81
C LEU D 353 -8.26 51.10 -22.98
N ALA D 354 -9.04 50.02 -22.79
CA ALA D 354 -10.48 50.16 -22.82
C ALA D 354 -10.97 51.11 -21.74
N ASP D 355 -10.40 50.98 -20.54
CA ASP D 355 -10.78 51.89 -19.46
C ASP D 355 -10.46 53.33 -19.81
N ILE D 356 -9.28 53.58 -20.38
CA ILE D 356 -8.86 54.93 -20.71
C ILE D 356 -9.76 55.52 -21.80
N ILE D 357 -10.12 54.72 -22.80
CA ILE D 357 -10.99 55.20 -23.86
C ILE D 357 -12.37 55.50 -23.31
N ALA D 358 -12.86 54.67 -22.39
CA ALA D 358 -14.13 54.98 -21.73
C ALA D 358 -14.04 56.30 -20.97
N ARG D 359 -12.93 56.53 -20.29
CA ARG D 359 -12.74 57.80 -19.60
C ARG D 359 -12.77 58.97 -20.57
N GLU D 360 -12.08 58.84 -21.70
CA GLU D 360 -12.07 59.90 -22.70
C GLU D 360 -13.48 60.20 -23.19
N PHE D 361 -14.22 59.17 -23.58
CA PHE D 361 -15.56 59.39 -24.11
C PHE D 361 -16.49 59.97 -23.05
N TYR D 362 -16.38 59.50 -21.81
CA TYR D 362 -17.23 60.02 -20.75
C TYR D 362 -16.94 61.49 -20.47
N ASN D 363 -15.66 61.86 -20.45
CA ASN D 363 -15.31 63.25 -20.13
C ASN D 363 -15.63 64.18 -21.30
N LEU D 364 -14.99 63.94 -22.46
CA LEU D 364 -15.15 64.86 -23.58
C LEU D 364 -16.59 64.95 -24.03
N HIS D 365 -17.15 63.83 -24.50
CA HIS D 365 -18.53 63.80 -24.98
C HIS D 365 -19.50 63.53 -23.84
N GLU D 383 -27.26 52.83 -29.17
CA GLU D 383 -28.46 53.31 -28.51
C GLU D 383 -28.46 52.88 -27.04
N GLN D 384 -29.07 53.72 -26.19
CA GLN D 384 -29.05 53.46 -24.76
C GLN D 384 -29.87 52.23 -24.39
N LYS D 385 -31.01 52.03 -25.06
CA LYS D 385 -31.87 50.89 -24.73
C LYS D 385 -31.14 49.57 -24.99
N GLU D 386 -30.55 49.44 -26.19
CA GLU D 386 -29.84 48.20 -26.52
C GLU D 386 -28.60 48.02 -25.65
N LEU D 387 -27.92 49.13 -25.32
CA LEU D 387 -26.77 49.04 -24.42
C LEU D 387 -27.19 48.52 -23.05
N LEU D 388 -28.33 49.00 -22.54
CA LEU D 388 -28.84 48.49 -21.27
C LEU D 388 -29.22 47.02 -21.38
N GLU D 389 -29.78 46.63 -22.52
CA GLU D 389 -30.08 45.22 -22.73
C GLU D 389 -28.82 44.37 -22.66
N VAL D 390 -27.74 44.83 -23.30
CA VAL D 390 -26.47 44.10 -23.26
C VAL D 390 -25.93 44.07 -21.85
N MET D 391 -26.04 45.18 -21.13
CA MET D 391 -25.57 45.24 -19.75
C MET D 391 -26.28 44.20 -18.90
N ASP D 392 -27.61 44.13 -19.02
CA ASP D 392 -28.38 43.15 -18.27
C ASP D 392 -28.03 41.73 -18.68
N GLN D 393 -27.83 41.50 -19.98
CA GLN D 393 -27.40 40.19 -20.44
C GLN D 393 -26.11 39.77 -19.75
N LEU D 394 -25.15 40.68 -19.69
CA LEU D 394 -23.89 40.37 -19.02
C LEU D 394 -24.08 40.12 -17.53
N ARG D 395 -24.99 40.86 -16.88
CA ARG D 395 -25.16 40.71 -15.44
C ARG D 395 -25.52 39.28 -15.06
N ARG D 396 -26.53 38.71 -15.72
CA ARG D 396 -27.00 37.37 -15.37
C ARG D 396 -26.11 36.32 -16.05
N LEU D 397 -24.93 36.14 -15.47
CA LEU D 397 -23.98 35.14 -15.90
C LEU D 397 -23.37 34.47 -14.68
N PRO D 398 -22.90 33.23 -14.81
CA PRO D 398 -22.33 32.53 -13.65
C PRO D 398 -21.18 33.31 -13.02
N SER D 399 -20.36 33.94 -13.85
CA SER D 399 -19.19 34.67 -13.37
C SER D 399 -19.49 36.11 -13.01
N GLY D 400 -20.74 36.55 -13.13
CA GLY D 400 -21.08 37.92 -12.83
C GLY D 400 -20.60 38.87 -13.90
N LEU D 401 -20.48 40.13 -13.52
CA LEU D 401 -20.09 41.20 -14.43
C LEU D 401 -18.78 41.80 -13.96
N ASP D 402 -17.86 42.00 -14.90
CA ASP D 402 -16.57 42.60 -14.57
C ASP D 402 -16.74 44.07 -14.21
N SER D 403 -15.99 44.50 -13.19
CA SER D 403 -16.08 45.89 -12.75
C SER D 403 -15.60 46.84 -13.85
N VAL D 404 -14.43 46.58 -14.42
CA VAL D 404 -13.93 47.43 -15.49
C VAL D 404 -14.86 47.35 -16.69
N LEU D 405 -15.36 46.15 -17.00
CA LEU D 405 -16.37 46.01 -18.05
C LEU D 405 -17.63 46.78 -17.68
N GLN D 406 -17.96 46.83 -16.38
CA GLN D 406 -19.14 47.55 -15.95
C GLN D 406 -19.00 49.04 -16.24
N LYS D 407 -17.84 49.63 -15.90
CA LYS D 407 -17.68 51.07 -16.10
C LYS D 407 -17.33 51.42 -17.53
N THR D 408 -16.97 50.44 -18.37
CA THR D 408 -16.67 50.72 -19.78
C THR D 408 -17.87 50.51 -20.70
N VAL D 409 -18.70 49.49 -20.44
CA VAL D 409 -19.73 49.12 -21.39
C VAL D 409 -20.72 50.26 -21.66
N PRO D 410 -21.25 50.95 -20.63
CA PRO D 410 -22.31 51.93 -20.90
C PRO D 410 -21.94 52.99 -21.93
N TRP D 411 -20.66 53.11 -22.28
CA TRP D 411 -20.19 54.10 -23.23
C TRP D 411 -19.83 53.50 -24.59
N GLY D 412 -20.40 52.34 -24.90
CA GLY D 412 -20.10 51.69 -26.16
C GLY D 412 -18.67 51.29 -26.32
N VAL D 413 -17.93 51.14 -25.23
CA VAL D 413 -16.52 50.75 -25.26
C VAL D 413 -16.35 49.56 -24.32
N ALA D 414 -15.61 48.55 -24.77
CA ALA D 414 -15.41 47.37 -23.94
C ALA D 414 -14.11 46.69 -24.36
N PHE D 415 -13.82 45.57 -23.70
CA PHE D 415 -12.60 44.81 -23.95
C PHE D 415 -12.93 43.34 -24.11
N HIS D 416 -12.05 42.63 -24.80
CA HIS D 416 -12.27 41.23 -25.19
C HIS D 416 -10.93 40.53 -25.17
N HIS D 417 -10.69 39.72 -24.15
CA HIS D 417 -9.44 38.97 -24.03
C HIS D 417 -9.76 37.54 -23.59
N ALA D 418 -8.74 36.69 -23.65
CA ALA D 418 -8.88 35.30 -23.24
C ALA D 418 -9.21 35.16 -21.76
N GLY D 419 -9.02 36.20 -20.96
CA GLY D 419 -9.36 36.12 -19.55
C GLY D 419 -10.84 35.96 -19.31
N LEU D 420 -11.67 36.55 -20.18
CA LEU D 420 -13.10 36.46 -20.03
C LEU D 420 -13.55 35.00 -20.20
N THR D 421 -14.84 34.78 -19.98
CA THR D 421 -15.45 33.49 -20.26
C THR D 421 -16.03 33.49 -21.67
N PHE D 422 -16.31 32.29 -22.18
CA PHE D 422 -16.82 32.18 -23.54
C PHE D 422 -18.13 32.93 -23.71
N GLU D 423 -18.98 32.91 -22.67
CA GLU D 423 -20.25 33.63 -22.75
C GLU D 423 -20.04 35.13 -22.80
N GLU D 424 -19.13 35.65 -21.98
CA GLU D 424 -18.87 37.09 -22.01
C GLU D 424 -18.30 37.50 -23.36
N ARG D 425 -17.34 36.73 -23.88
CA ARG D 425 -16.79 37.04 -25.19
C ARG D 425 -17.85 37.02 -26.26
N ASP D 426 -18.76 36.03 -26.20
CA ASP D 426 -19.85 35.97 -27.16
C ASP D 426 -20.75 37.19 -27.04
N ILE D 427 -21.02 37.65 -25.82
CA ILE D 427 -21.86 38.83 -25.64
C ILE D 427 -21.21 40.05 -26.26
N ILE D 428 -19.91 40.26 -25.98
CA ILE D 428 -19.24 41.42 -26.56
C ILE D 428 -19.21 41.33 -28.08
N GLU D 429 -18.93 40.15 -28.62
CA GLU D 429 -18.89 40.02 -30.08
C GLU D 429 -20.24 40.32 -30.70
N GLY D 430 -21.30 39.72 -30.16
CA GLY D 430 -22.63 39.97 -30.69
C GLY D 430 -23.04 41.42 -30.58
N ALA D 431 -22.67 42.07 -29.48
CA ALA D 431 -22.95 43.50 -29.33
C ALA D 431 -22.21 44.30 -30.39
N PHE D 432 -20.95 43.96 -30.66
CA PHE D 432 -20.18 44.69 -31.67
C PHE D 432 -20.79 44.52 -33.05
N ARG D 433 -21.15 43.29 -33.43
CA ARG D 433 -21.65 43.09 -34.79
C ARG D 433 -22.83 43.99 -35.09
N GLN D 434 -23.62 44.33 -34.07
CA GLN D 434 -24.78 45.20 -34.27
C GLN D 434 -24.40 46.66 -34.30
N GLY D 435 -23.14 47.01 -34.07
CA GLY D 435 -22.73 48.38 -33.96
C GLY D 435 -23.00 49.01 -32.61
N LEU D 436 -23.54 48.25 -31.66
CA LEU D 436 -23.87 48.80 -30.35
C LEU D 436 -22.61 49.17 -29.59
N ILE D 437 -21.54 48.39 -29.73
CA ILE D 437 -20.24 48.73 -29.18
C ILE D 437 -19.48 49.54 -30.22
N ARG D 438 -19.09 50.75 -29.87
CA ARG D 438 -18.36 51.60 -30.79
C ARG D 438 -16.84 51.46 -30.67
N VAL D 439 -16.35 50.85 -29.59
CA VAL D 439 -14.93 50.61 -29.41
C VAL D 439 -14.75 49.28 -28.71
N LEU D 440 -13.92 48.42 -29.28
CA LEU D 440 -13.59 47.13 -28.66
C LEU D 440 -12.08 46.96 -28.66
N ALA D 441 -11.51 46.81 -27.46
CA ALA D 441 -10.09 46.50 -27.30
C ALA D 441 -9.95 44.98 -27.26
N ALA D 442 -9.50 44.40 -28.36
CA ALA D 442 -9.35 42.98 -28.50
C ALA D 442 -7.89 42.58 -28.25
N THR D 443 -7.57 41.31 -28.52
CA THR D 443 -6.21 40.81 -28.41
C THR D 443 -5.90 40.03 -29.69
N SER D 444 -4.75 39.35 -29.70
CA SER D 444 -4.34 38.62 -30.90
C SER D 444 -5.27 37.45 -31.21
N THR D 445 -5.91 36.86 -30.19
CA THR D 445 -6.77 35.71 -30.43
C THR D 445 -7.96 36.08 -31.31
N LEU D 446 -8.56 37.25 -31.09
CA LEU D 446 -9.70 37.66 -31.91
C LEU D 446 -9.34 37.80 -33.37
N SER D 447 -8.06 38.02 -33.68
CA SER D 447 -7.65 38.13 -35.08
C SER D 447 -8.04 36.89 -35.87
N SER D 448 -7.84 35.71 -35.27
CA SER D 448 -8.18 34.44 -35.90
C SER D 448 -9.52 33.90 -35.42
N GLY D 449 -10.39 34.77 -34.92
CA GLY D 449 -11.67 34.37 -34.40
C GLY D 449 -12.79 34.51 -35.40
N VAL D 450 -13.99 34.79 -34.90
CA VAL D 450 -15.16 34.89 -35.76
C VAL D 450 -15.06 36.10 -36.67
N ASN D 451 -15.86 36.08 -37.75
CA ASN D 451 -15.92 37.22 -38.66
C ASN D 451 -16.53 38.42 -37.93
N LEU D 452 -15.71 39.44 -37.71
CA LEU D 452 -16.12 40.60 -36.92
C LEU D 452 -15.58 41.86 -37.59
N PRO D 453 -16.29 42.39 -38.57
CA PRO D 453 -15.79 43.56 -39.29
C PRO D 453 -15.91 44.85 -38.49
N ALA D 454 -15.05 45.80 -38.83
CA ALA D 454 -15.04 47.11 -38.22
C ALA D 454 -14.46 48.11 -39.22
N ARG D 455 -15.08 49.30 -39.28
CA ARG D 455 -14.65 50.29 -40.25
C ARG D 455 -13.20 50.70 -40.01
N ARG D 456 -12.82 50.92 -38.76
CA ARG D 456 -11.46 51.32 -38.41
C ARG D 456 -10.86 50.27 -37.49
N VAL D 457 -9.75 49.69 -37.92
CA VAL D 457 -8.97 48.77 -37.11
C VAL D 457 -7.69 49.48 -36.70
N ILE D 458 -7.28 49.27 -35.45
CA ILE D 458 -6.09 49.89 -34.90
C ILE D 458 -5.19 48.78 -34.36
N ILE D 459 -3.90 48.87 -34.67
CA ILE D 459 -2.90 47.96 -34.12
C ILE D 459 -1.93 48.78 -33.31
N ARG D 460 -1.75 48.40 -32.05
CA ARG D 460 -1.06 49.27 -31.10
C ARG D 460 0.44 49.31 -31.32
N THR D 461 1.05 48.17 -31.69
CA THR D 461 2.49 48.16 -31.88
C THR D 461 2.89 46.92 -32.64
N PRO D 462 3.90 46.99 -33.51
CA PRO D 462 4.38 45.75 -34.16
C PRO D 462 4.92 44.73 -33.18
N ILE D 463 5.33 45.14 -31.99
CA ILE D 463 5.84 44.21 -31.00
C ILE D 463 4.67 43.59 -30.25
N PHE D 464 4.57 42.26 -30.33
CA PHE D 464 3.51 41.52 -29.63
C PHE D 464 4.17 40.36 -28.90
N GLY D 465 4.17 40.44 -27.56
CA GLY D 465 4.82 39.41 -26.77
C GLY D 465 6.31 39.33 -26.97
N GLY D 466 6.98 40.49 -27.00
CA GLY D 466 8.43 40.50 -27.13
C GLY D 466 8.94 39.95 -28.45
N ARG D 467 8.32 40.33 -29.55
CA ARG D 467 8.76 39.93 -30.87
C ARG D 467 7.91 40.65 -31.92
N PRO D 468 8.41 40.81 -33.13
CA PRO D 468 7.61 41.48 -34.17
C PRO D 468 6.32 40.72 -34.43
N LEU D 469 5.25 41.47 -34.68
CA LEU D 469 3.96 40.87 -34.93
C LEU D 469 4.01 40.05 -36.23
N ASP D 470 3.44 38.85 -36.17
CA ASP D 470 3.49 37.94 -37.32
C ASP D 470 2.80 38.56 -38.52
N ILE D 471 3.30 38.23 -39.71
CA ILE D 471 2.74 38.81 -40.92
C ILE D 471 1.35 38.24 -41.19
N LEU D 472 1.14 36.95 -40.90
CA LEU D 472 -0.19 36.37 -41.05
C LEU D 472 -1.18 37.03 -40.10
N THR D 473 -0.76 37.26 -38.85
CA THR D 473 -1.64 37.92 -37.89
C THR D 473 -2.00 39.33 -38.35
N TYR D 474 -1.02 40.09 -38.84
CA TYR D 474 -1.29 41.41 -39.36
C TYR D 474 -2.25 41.36 -40.54
N LYS D 475 -2.04 40.40 -41.45
CA LYS D 475 -2.90 40.31 -42.62
C LYS D 475 -4.34 40.01 -42.24
N GLN D 476 -4.53 39.05 -41.33
CA GLN D 476 -5.89 38.70 -40.92
C GLN D 476 -6.50 39.76 -40.00
N MET D 477 -5.69 40.60 -39.38
CA MET D 477 -6.22 41.75 -38.66
C MET D 477 -6.71 42.82 -39.62
N VAL D 478 -5.91 43.15 -40.63
CA VAL D 478 -6.31 44.18 -41.58
C VAL D 478 -7.48 43.71 -42.42
N GLY D 479 -7.61 42.40 -42.65
CA GLY D 479 -8.74 41.89 -43.40
C GLY D 479 -10.08 42.21 -42.77
N ARG D 480 -10.08 42.62 -41.49
CA ARG D 480 -11.30 42.99 -40.79
C ARG D 480 -11.55 44.50 -40.82
N ALA D 481 -11.09 45.17 -41.87
CA ALA D 481 -11.24 46.62 -42.03
C ALA D 481 -12.18 46.86 -43.21
N GLY D 482 -13.43 47.16 -42.89
CA GLY D 482 -14.44 47.44 -43.91
C GLY D 482 -15.62 46.50 -43.83
N ARG D 483 -16.80 47.01 -44.17
CA ARG D 483 -18.03 46.22 -44.18
C ARG D 483 -18.58 46.18 -45.59
N LYS D 484 -18.87 44.98 -46.07
CA LYS D 484 -19.40 44.79 -47.42
C LYS D 484 -20.90 45.05 -47.40
N GLY D 485 -21.33 46.09 -48.11
CA GLY D 485 -22.73 46.45 -48.24
C GLY D 485 -23.08 47.79 -47.63
N VAL D 486 -22.30 48.25 -46.66
CA VAL D 486 -22.56 49.52 -46.00
C VAL D 486 -21.38 50.48 -46.04
N ASP D 487 -20.16 50.00 -46.24
CA ASP D 487 -18.96 50.85 -46.25
C ASP D 487 -18.45 51.01 -47.67
N THR D 488 -17.76 52.14 -47.90
CA THR D 488 -17.08 52.39 -49.16
C THR D 488 -15.61 51.97 -49.12
N VAL D 489 -14.88 52.35 -48.08
CA VAL D 489 -13.49 51.97 -47.91
C VAL D 489 -13.21 51.83 -46.41
N GLY D 490 -12.59 50.71 -46.03
CA GLY D 490 -12.16 50.48 -44.68
C GLY D 490 -10.75 51.00 -44.47
N GLU D 491 -10.30 50.98 -43.21
CA GLU D 491 -9.00 51.51 -42.86
C GLU D 491 -8.44 50.76 -41.66
N SER D 492 -7.16 50.41 -41.73
CA SER D 492 -6.41 49.84 -40.63
C SER D 492 -5.14 50.64 -40.43
N ILE D 493 -4.89 51.05 -39.19
CA ILE D 493 -3.77 51.93 -38.86
C ILE D 493 -2.86 51.22 -37.87
N LEU D 494 -1.57 51.18 -38.18
CA LEU D 494 -0.54 50.58 -37.32
C LEU D 494 0.34 51.72 -36.82
N ILE D 495 0.11 52.15 -35.57
CA ILE D 495 0.92 53.21 -35.00
C ILE D 495 2.31 52.68 -34.69
N CYS D 496 3.33 53.37 -35.18
CA CYS D 496 4.71 52.94 -35.04
C CYS D 496 5.51 53.99 -34.27
N LYS D 497 6.82 53.78 -34.18
CA LYS D 497 7.71 54.67 -33.46
C LYS D 497 9.03 54.77 -34.23
N ASN D 498 9.94 55.58 -33.70
CA ASN D 498 11.24 55.75 -34.36
C ASN D 498 11.97 54.41 -34.48
N SER D 499 12.07 53.67 -33.38
CA SER D 499 12.72 52.36 -33.42
C SER D 499 11.86 51.33 -34.13
N GLU D 500 10.54 51.49 -34.07
CA GLU D 500 9.62 50.54 -34.68
C GLU D 500 9.25 50.90 -36.11
N LYS D 501 9.80 51.99 -36.66
CA LYS D 501 9.50 52.35 -38.04
C LYS D 501 9.95 51.26 -39.01
N SER D 502 11.14 50.71 -38.79
CA SER D 502 11.64 49.66 -39.66
C SER D 502 10.73 48.44 -39.62
N LYS D 503 10.32 48.03 -38.41
CA LYS D 503 9.43 46.88 -38.29
C LYS D 503 8.09 47.16 -38.95
N GLY D 504 7.57 48.38 -38.78
CA GLY D 504 6.30 48.71 -39.40
C GLY D 504 6.36 48.65 -40.91
N ILE D 505 7.40 49.24 -41.50
CA ILE D 505 7.52 49.23 -42.95
C ILE D 505 7.75 47.80 -43.45
N ALA D 506 8.50 47.00 -42.69
CA ALA D 506 8.71 45.61 -43.09
C ALA D 506 7.40 44.83 -43.07
N LEU D 507 6.57 45.05 -42.06
CA LEU D 507 5.29 44.35 -41.99
C LEU D 507 4.30 44.86 -43.02
N LEU D 508 4.42 46.12 -43.42
CA LEU D 508 3.55 46.65 -44.45
C LEU D 508 3.74 45.93 -45.77
N GLN D 509 4.99 45.64 -46.12
CA GLN D 509 5.32 44.93 -47.36
C GLN D 509 5.55 43.44 -47.07
N GLY D 510 5.48 42.65 -48.14
CA GLY D 510 5.76 41.24 -48.03
C GLY D 510 4.54 40.41 -47.68
N SER D 511 4.29 39.35 -48.44
CA SER D 511 3.18 38.45 -48.17
C SER D 511 3.57 37.45 -47.09
N LEU D 512 2.70 36.51 -46.79
CA LEU D 512 2.97 35.52 -45.77
C LEU D 512 4.06 34.55 -46.23
N LYS D 513 4.70 33.90 -45.27
CA LYS D 513 5.77 32.97 -45.56
C LYS D 513 5.21 31.71 -46.21
N PRO D 514 6.05 30.95 -46.91
CA PRO D 514 5.56 29.74 -47.58
C PRO D 514 5.11 28.69 -46.57
N VAL D 515 4.17 27.85 -46.99
CA VAL D 515 3.64 26.81 -46.13
C VAL D 515 4.66 25.69 -46.00
N ARG D 516 4.92 25.28 -44.77
CA ARG D 516 5.83 24.17 -44.49
C ARG D 516 5.06 22.86 -44.48
N SER D 517 5.70 21.80 -44.00
CA SER D 517 5.06 20.49 -43.89
C SER D 517 5.01 19.95 -42.47
N CYS D 518 5.93 20.34 -41.61
CA CYS D 518 5.95 19.89 -40.22
C CYS D 518 5.95 18.37 -40.14
N LEU D 519 6.68 17.74 -41.05
CA LEU D 519 6.80 16.29 -41.08
C LEU D 519 8.25 15.86 -41.25
N VAL D 527 11.10 10.19 -36.70
CA VAL D 527 11.58 10.75 -35.44
C VAL D 527 10.60 11.80 -34.92
N THR D 528 10.05 12.58 -35.84
CA THR D 528 9.05 13.57 -35.47
C THR D 528 7.75 12.88 -35.04
N GLY D 529 7.13 13.40 -33.99
CA GLY D 529 5.88 12.82 -33.52
C GLY D 529 4.82 12.79 -34.60
N SER D 530 4.82 13.77 -35.50
CA SER D 530 3.85 13.78 -36.59
C SER D 530 4.03 12.57 -37.49
N MET D 531 5.27 12.22 -37.80
CA MET D 531 5.52 11.07 -38.68
C MET D 531 5.13 9.76 -38.00
N ILE D 532 5.43 9.63 -36.70
CA ILE D 532 5.01 8.44 -35.96
C ILE D 532 3.48 8.34 -35.97
N ARG D 533 2.81 9.47 -35.74
CA ARG D 533 1.36 9.49 -35.79
C ARG D 533 0.86 9.01 -37.15
N ALA D 534 1.41 9.58 -38.24
CA ALA D 534 0.94 9.21 -39.57
C ALA D 534 1.18 7.73 -39.85
N ILE D 535 2.34 7.21 -39.47
CA ILE D 535 2.64 5.81 -39.71
C ILE D 535 1.66 4.92 -38.95
N LEU D 536 1.39 5.25 -37.68
CA LEU D 536 0.40 4.51 -36.92
C LEU D 536 -0.96 4.54 -37.62
N GLU D 537 -1.40 5.74 -38.01
CA GLU D 537 -2.70 5.88 -38.65
C GLU D 537 -2.80 4.96 -39.86
N ILE D 538 -1.80 4.98 -40.74
CA ILE D 538 -1.89 4.19 -41.96
C ILE D 538 -1.80 2.70 -41.64
N ILE D 539 -0.89 2.32 -40.74
CA ILE D 539 -0.67 0.89 -40.49
C ILE D 539 -1.90 0.26 -39.86
N VAL D 540 -2.43 0.85 -38.79
CA VAL D 540 -3.60 0.25 -38.12
C VAL D 540 -4.90 0.59 -38.83
N GLY D 541 -4.89 1.53 -39.77
CA GLY D 541 -6.06 1.73 -40.60
C GLY D 541 -6.25 0.67 -41.66
N GLY D 542 -5.29 -0.23 -41.82
CA GLY D 542 -5.39 -1.27 -42.82
C GLY D 542 -5.19 -0.80 -44.24
N VAL D 543 -4.55 0.36 -44.43
CA VAL D 543 -4.37 0.91 -45.75
C VAL D 543 -2.92 0.86 -46.22
N ALA D 544 -1.95 0.87 -45.31
CA ALA D 544 -0.54 0.70 -45.65
C ALA D 544 0.05 -0.30 -44.65
N SER D 545 -0.05 -1.58 -44.98
CA SER D 545 0.45 -2.66 -44.13
C SER D 545 1.85 -3.10 -44.52
N THR D 546 2.08 -3.35 -45.80
CA THR D 546 3.39 -3.74 -46.29
C THR D 546 4.21 -2.50 -46.65
N SER D 547 5.51 -2.58 -46.36
CA SER D 547 6.38 -1.44 -46.60
C SER D 547 6.45 -1.06 -48.07
N GLN D 548 6.06 -1.95 -48.98
CA GLN D 548 6.09 -1.64 -50.39
C GLN D 548 5.16 -0.47 -50.71
N ASP D 549 3.95 -0.49 -50.17
CA ASP D 549 2.97 0.58 -50.44
C ASP D 549 3.06 1.71 -49.43
N MET D 550 3.70 1.51 -48.29
CA MET D 550 3.81 2.58 -47.30
C MET D 550 4.64 3.75 -47.81
N HIS D 551 5.49 3.53 -48.81
CA HIS D 551 6.25 4.63 -49.39
C HIS D 551 5.38 5.45 -50.34
N THR D 552 4.36 4.84 -50.93
CA THR D 552 3.42 5.61 -51.73
C THR D 552 2.71 6.66 -50.88
N TYR D 553 2.40 6.33 -49.62
CA TYR D 553 1.82 7.33 -48.73
C TYR D 553 2.76 8.51 -48.53
N ALA D 554 4.03 8.21 -48.21
CA ALA D 554 5.01 9.29 -48.07
C ALA D 554 5.07 10.12 -49.34
N ALA D 555 4.98 9.48 -50.50
CA ALA D 555 4.93 10.22 -51.76
C ALA D 555 3.69 11.10 -51.84
N CYS D 556 2.58 10.67 -51.22
CA CYS D 556 1.34 11.43 -51.27
C CYS D 556 1.33 12.62 -50.32
N THR D 557 2.25 12.67 -49.36
CA THR D 557 2.25 13.74 -48.38
C THR D 557 2.61 15.07 -49.03
N PHE D 558 2.25 16.16 -48.35
CA PHE D 558 2.65 17.48 -48.80
C PHE D 558 4.15 17.68 -48.70
N LEU D 559 4.82 17.00 -47.76
CA LEU D 559 6.27 17.07 -47.69
C LEU D 559 6.91 16.55 -48.98
N ALA D 560 6.42 15.41 -49.48
CA ALA D 560 6.92 14.89 -50.75
C ALA D 560 6.55 15.81 -51.90
N ALA D 561 5.30 16.29 -51.93
CA ALA D 561 4.87 17.16 -53.01
C ALA D 561 5.62 18.49 -53.02
N SER D 562 6.22 18.87 -51.90
CA SER D 562 6.98 20.11 -51.83
C SER D 562 8.46 19.85 -52.11
N GLY D 580 13.23 9.20 -45.85
CA GLY D 580 13.74 7.98 -45.25
C GLY D 580 13.43 7.84 -43.78
N ALA D 581 12.59 8.74 -43.27
CA ALA D 581 12.17 8.69 -41.87
C ALA D 581 11.11 7.63 -41.60
N ILE D 582 10.54 7.03 -42.65
CA ILE D 582 9.52 5.99 -42.45
C ILE D 582 10.12 4.81 -41.71
N GLU D 583 11.32 4.36 -42.13
CA GLU D 583 11.95 3.22 -41.48
C GLU D 583 12.27 3.53 -40.02
N ALA D 584 12.74 4.75 -39.74
CA ALA D 584 13.04 5.12 -38.36
C ALA D 584 11.78 5.11 -37.50
N CYS D 585 10.69 5.66 -38.03
CA CYS D 585 9.44 5.71 -37.26
C CYS D 585 8.82 4.33 -37.12
N VAL D 586 8.90 3.50 -38.17
CA VAL D 586 8.35 2.16 -38.10
C VAL D 586 9.04 1.36 -37.01
N MET D 587 10.37 1.48 -36.91
CA MET D 587 11.09 0.80 -35.83
C MET D 587 10.64 1.34 -34.47
N TRP D 588 10.49 2.66 -34.35
CA TRP D 588 10.03 3.25 -33.10
C TRP D 588 8.72 2.65 -32.65
N LEU D 589 7.84 2.29 -33.59
CA LEU D 589 6.57 1.69 -33.21
C LEU D 589 6.72 0.23 -32.82
N LEU D 590 7.62 -0.50 -33.47
CA LEU D 590 7.86 -1.89 -33.06
C LEU D 590 8.60 -1.96 -31.74
N GLU D 591 9.52 -1.03 -31.49
CA GLU D 591 10.25 -1.03 -30.23
C GLU D 591 9.31 -0.85 -29.05
N ASN D 592 8.30 0.01 -29.20
CA ASN D 592 7.34 0.30 -28.15
C ASN D 592 6.09 -0.56 -28.26
N GLU D 593 6.10 -1.59 -29.11
CA GLU D 593 5.00 -2.54 -29.23
C GLU D 593 3.71 -1.87 -29.70
N PHE D 594 3.84 -0.83 -30.53
CA PHE D 594 2.65 -0.27 -31.17
C PHE D 594 2.19 -1.13 -32.34
N ILE D 595 3.11 -1.80 -33.03
CA ILE D 595 2.78 -2.67 -34.16
C ILE D 595 3.60 -3.94 -34.06
N GLN D 596 3.16 -4.96 -34.78
CA GLN D 596 3.83 -6.25 -34.86
C GLN D 596 4.17 -6.56 -36.32
N SER D 597 5.32 -7.19 -36.53
CA SER D 597 5.77 -7.55 -37.86
C SER D 597 5.56 -9.03 -38.13
N THR D 598 5.17 -9.36 -39.35
CA THR D 598 4.96 -10.74 -39.76
C THR D 598 5.46 -10.98 -41.17
N LYS D 607 7.91 -7.69 -43.36
CA LYS D 607 7.12 -7.85 -44.57
C LYS D 607 5.76 -7.15 -44.42
N VAL D 608 4.97 -7.61 -43.45
CA VAL D 608 3.63 -7.10 -43.21
C VAL D 608 3.55 -6.64 -41.76
N TYR D 609 3.00 -5.45 -41.54
CA TYR D 609 2.88 -4.86 -40.21
C TYR D 609 1.43 -4.84 -39.77
N HIS D 610 1.21 -5.06 -38.49
CA HIS D 610 -0.12 -5.05 -37.89
C HIS D 610 -0.03 -4.41 -36.51
N PRO D 611 -1.15 -3.88 -36.01
CA PRO D 611 -1.18 -3.39 -34.63
C PRO D 611 -1.62 -4.47 -33.67
N THR D 612 -1.14 -4.38 -32.43
CA THR D 612 -1.40 -5.45 -31.45
C THR D 612 -2.64 -5.15 -30.61
N HIS D 613 -2.49 -4.25 -29.64
CA HIS D 613 -3.64 -3.66 -28.95
C HIS D 613 -3.44 -2.21 -28.58
N LEU D 614 -2.20 -1.74 -28.42
CA LEU D 614 -1.93 -0.35 -28.12
C LEU D 614 -1.86 0.50 -29.39
N GLY D 615 -1.55 -0.13 -30.52
CA GLY D 615 -1.69 0.57 -31.79
C GLY D 615 -3.14 0.81 -32.15
N SER D 616 -4.00 -0.16 -31.90
CA SER D 616 -5.43 0.01 -32.19
C SER D 616 -6.10 0.88 -31.12
N ALA D 617 -5.65 0.77 -29.87
CA ALA D 617 -6.20 1.62 -28.82
C ALA D 617 -5.68 3.05 -28.92
N THR D 618 -4.46 3.22 -29.44
CA THR D 618 -3.90 4.56 -29.62
C THR D 618 -4.55 5.28 -30.79
N LEU D 619 -4.77 4.58 -31.90
CA LEU D 619 -5.34 5.23 -33.08
C LEU D 619 -6.82 5.53 -32.87
N SER D 620 -7.57 4.57 -32.31
CA SER D 620 -8.99 4.80 -32.07
C SER D 620 -9.23 5.83 -30.98
N SER D 621 -8.25 6.09 -30.12
CA SER D 621 -8.37 7.09 -29.08
C SER D 621 -7.94 8.47 -29.53
N SER D 622 -7.36 8.60 -30.72
CA SER D 622 -6.84 9.88 -31.20
C SER D 622 -5.85 10.49 -30.23
N LEU D 623 -5.10 9.63 -29.54
CA LEU D 623 -4.03 10.06 -28.67
C LEU D 623 -2.70 10.03 -29.41
N SER D 624 -1.85 10.99 -29.10
CA SER D 624 -0.52 11.02 -29.72
C SER D 624 0.27 9.80 -29.25
N PRO D 625 0.90 9.04 -30.15
CA PRO D 625 1.63 7.85 -29.71
C PRO D 625 2.72 8.13 -28.69
N ALA D 626 3.29 9.33 -28.72
CA ALA D 626 4.35 9.66 -27.76
C ALA D 626 3.82 9.67 -26.34
N ASP D 627 2.66 10.28 -26.12
CA ASP D 627 2.07 10.38 -24.78
C ASP D 627 1.29 9.13 -24.39
N THR D 628 0.99 8.24 -25.34
CA THR D 628 0.20 7.07 -25.00
C THR D 628 0.99 6.10 -24.13
N LEU D 629 2.32 6.09 -24.21
CA LEU D 629 3.09 5.26 -23.31
C LEU D 629 2.91 5.70 -21.87
N ASP D 630 3.01 7.01 -21.61
CA ASP D 630 2.78 7.51 -20.26
C ASP D 630 1.34 7.28 -19.82
N ILE D 631 0.39 7.45 -20.74
CA ILE D 631 -1.01 7.23 -20.38
C ILE D 631 -1.24 5.77 -20.01
N PHE D 632 -0.68 4.85 -20.78
CA PHE D 632 -0.77 3.42 -20.48
C PHE D 632 -0.17 3.13 -19.11
N ALA D 633 1.03 3.66 -18.86
CA ALA D 633 1.70 3.38 -17.59
C ALA D 633 0.88 3.92 -16.41
N ASP D 634 0.30 5.12 -16.56
CA ASP D 634 -0.45 5.72 -15.48
C ASP D 634 -1.77 5.01 -15.24
N LEU D 635 -2.50 4.69 -16.30
CA LEU D 635 -3.78 4.00 -16.14
C LEU D 635 -3.57 2.62 -15.56
N GLN D 636 -2.56 1.89 -16.04
CA GLN D 636 -2.31 0.56 -15.51
C GLN D 636 -1.96 0.61 -14.03
N ARG D 637 -1.18 1.62 -13.63
CA ARG D 637 -0.83 1.77 -12.22
C ARG D 637 -2.07 2.08 -11.39
N ALA D 638 -2.99 2.89 -11.92
CA ALA D 638 -4.18 3.27 -11.17
C ALA D 638 -5.06 2.07 -10.88
N MET D 639 -5.24 1.18 -11.86
CA MET D 639 -6.15 0.05 -11.68
C MET D 639 -5.69 -0.88 -10.57
N LYS D 640 -4.42 -0.81 -10.15
CA LYS D 640 -3.96 -1.67 -9.07
C LYS D 640 -4.32 -1.11 -7.70
N GLY D 641 -4.42 0.21 -7.58
CA GLY D 641 -4.62 0.84 -6.29
C GLY D 641 -5.62 1.97 -6.28
N PHE D 642 -6.67 1.87 -7.09
CA PHE D 642 -7.58 2.98 -7.27
C PHE D 642 -8.28 3.37 -5.97
N VAL D 643 -8.53 4.67 -5.83
CA VAL D 643 -9.23 5.22 -4.67
C VAL D 643 -10.61 5.69 -5.15
N LEU D 644 -11.67 5.06 -4.62
CA LEU D 644 -13.03 5.37 -5.02
C LEU D 644 -13.75 6.25 -4.00
N GLU D 645 -13.05 6.74 -2.97
CA GLU D 645 -13.72 7.60 -2.00
C GLU D 645 -14.28 8.86 -2.65
N ASN D 646 -13.53 9.45 -3.58
CA ASN D 646 -13.91 10.70 -4.22
C ASN D 646 -13.57 10.60 -5.70
N ASP D 647 -13.84 11.69 -6.42
CA ASP D 647 -13.56 11.76 -7.85
C ASP D 647 -12.15 12.23 -8.17
N LEU D 648 -11.31 12.49 -7.16
CA LEU D 648 -10.02 13.08 -7.44
C LEU D 648 -9.11 12.14 -8.21
N HIS D 649 -9.13 10.85 -7.87
CA HIS D 649 -8.24 9.91 -8.56
C HIS D 649 -8.68 9.72 -10.01
N ILE D 650 -9.99 9.72 -10.27
CA ILE D 650 -10.46 9.69 -11.65
C ILE D 650 -10.07 10.98 -12.36
N LEU D 651 -10.15 12.11 -11.65
CA LEU D 651 -9.80 13.39 -12.27
C LEU D 651 -8.32 13.46 -12.60
N TYR D 652 -7.46 12.89 -11.75
CA TYR D 652 -6.04 12.92 -12.03
C TYR D 652 -5.70 12.21 -13.32
N LEU D 653 -6.48 11.19 -13.68
CA LEU D 653 -6.19 10.42 -14.89
C LEU D 653 -6.77 11.06 -16.15
N VAL D 654 -7.67 12.02 -16.01
CA VAL D 654 -8.26 12.70 -17.16
C VAL D 654 -7.86 14.16 -17.15
N THR D 655 -6.76 14.47 -16.47
CA THR D 655 -6.27 15.84 -16.39
C THR D 655 -5.19 16.02 -17.45
N PRO D 656 -5.38 16.90 -18.44
CA PRO D 656 -4.37 17.06 -19.49
C PRO D 656 -3.32 18.09 -19.12
N MET D 657 -2.07 17.74 -19.37
CA MET D 657 -0.94 18.64 -19.14
C MET D 657 -0.12 18.78 -20.43
N PHE D 658 -0.81 18.81 -21.57
CA PHE D 658 -0.15 19.05 -22.85
C PHE D 658 0.20 20.51 -23.08
N GLU D 659 -0.33 21.41 -22.26
CA GLU D 659 -0.02 22.83 -22.36
C GLU D 659 -0.13 23.48 -20.98
N ASP D 660 0.52 24.62 -20.82
CA ASP D 660 0.55 25.33 -19.55
C ASP D 660 -0.64 26.29 -19.52
N TRP D 661 -1.73 25.85 -18.90
CA TRP D 661 -2.94 26.65 -18.88
C TRP D 661 -2.82 27.86 -17.96
N THR D 662 -2.08 27.74 -16.86
CA THR D 662 -1.91 28.86 -15.95
C THR D 662 -0.57 28.71 -15.24
N THR D 663 -0.08 29.84 -14.71
CA THR D 663 1.14 29.86 -13.91
C THR D 663 0.78 29.49 -12.48
N ILE D 664 1.12 28.26 -12.08
CA ILE D 664 0.66 27.74 -10.80
C ILE D 664 1.26 28.57 -9.67
N ASP D 665 0.41 28.99 -8.74
CA ASP D 665 0.85 29.71 -7.55
C ASP D 665 1.15 28.67 -6.48
N TRP D 666 2.40 28.63 -6.01
CA TRP D 666 2.84 27.51 -5.19
C TRP D 666 2.57 27.74 -3.70
N TYR D 667 2.53 28.99 -3.25
CA TYR D 667 2.17 29.25 -1.85
C TYR D 667 0.71 28.89 -1.61
N ARG D 668 -0.18 29.33 -2.50
CA ARG D 668 -1.58 28.95 -2.40
C ARG D 668 -1.74 27.44 -2.48
N PHE D 669 -0.99 26.80 -3.37
CA PHE D 669 -1.08 25.35 -3.51
C PHE D 669 -0.65 24.65 -2.23
N PHE D 670 0.42 25.14 -1.59
CA PHE D 670 0.86 24.53 -0.33
C PHE D 670 -0.17 24.74 0.76
N CYS D 671 -0.78 25.92 0.82
CA CYS D 671 -1.83 26.15 1.82
C CYS D 671 -3.00 25.21 1.60
N LEU D 672 -3.44 25.06 0.36
CA LEU D 672 -4.53 24.14 0.06
C LEU D 672 -4.15 22.71 0.42
N TRP D 673 -2.90 22.33 0.11
CA TRP D 673 -2.41 21.00 0.47
C TRP D 673 -2.49 20.78 1.98
N GLU D 674 -2.11 21.80 2.76
CA GLU D 674 -2.24 21.69 4.21
C GLU D 674 -3.70 21.50 4.60
N LYS D 675 -4.61 22.22 3.95
CA LYS D 675 -6.02 22.14 4.29
C LYS D 675 -6.72 20.91 3.70
N LEU D 676 -6.03 20.12 2.89
CA LEU D 676 -6.69 19.01 2.20
C LEU D 676 -7.17 17.96 3.20
N PRO D 677 -8.27 17.25 2.87
CA PRO D 677 -8.69 16.12 3.71
C PRO D 677 -7.73 14.94 3.59
N THR D 678 -8.04 13.83 4.27
CA THR D 678 -7.20 12.65 4.16
C THR D 678 -7.54 11.83 2.92
N SER D 679 -8.80 11.85 2.48
CA SER D 679 -9.18 11.10 1.29
C SER D 679 -8.45 11.63 0.06
N MET D 680 -8.35 12.95 -0.07
CA MET D 680 -7.64 13.52 -1.22
C MET D 680 -6.13 13.39 -1.06
N LYS D 681 -5.63 13.42 0.16
CA LYS D 681 -4.19 13.23 0.36
C LYS D 681 -3.77 11.79 0.05
N ARG D 682 -4.66 10.82 0.27
CA ARG D 682 -4.33 9.45 -0.11
C ARG D 682 -4.06 9.34 -1.61
N VAL D 683 -4.94 9.90 -2.42
CA VAL D 683 -4.72 9.89 -3.87
C VAL D 683 -3.50 10.73 -4.22
N ALA D 684 -3.27 11.82 -3.50
CA ALA D 684 -2.09 12.64 -3.76
C ALA D 684 -0.82 11.82 -3.61
N GLU D 685 -0.71 11.07 -2.51
CA GLU D 685 0.45 10.21 -2.33
C GLU D 685 0.48 9.08 -3.36
N LEU D 686 -0.69 8.55 -3.72
CA LEU D 686 -0.72 7.45 -4.69
C LEU D 686 -0.16 7.90 -6.04
N VAL D 687 -0.58 9.07 -6.52
CA VAL D 687 -0.18 9.51 -7.84
C VAL D 687 1.31 9.83 -7.88
N GLY D 688 1.84 10.41 -6.81
CA GLY D 688 3.25 10.71 -6.74
C GLY D 688 3.58 12.05 -6.12
N VAL D 689 2.55 12.81 -5.74
CA VAL D 689 2.78 14.12 -5.15
C VAL D 689 3.50 13.97 -3.82
N GLU D 690 4.56 14.74 -3.64
CA GLU D 690 5.40 14.70 -2.44
C GLU D 690 5.35 16.05 -1.76
N GLU D 691 5.24 16.04 -0.43
CA GLU D 691 5.25 17.28 0.32
C GLU D 691 6.61 17.97 0.25
N GLY D 692 7.68 17.19 0.06
CA GLY D 692 9.00 17.79 -0.07
C GLY D 692 9.12 18.70 -1.27
N PHE D 693 8.57 18.27 -2.41
CA PHE D 693 8.63 19.10 -3.61
C PHE D 693 7.81 20.37 -3.46
N LEU D 694 6.64 20.27 -2.82
CA LEU D 694 5.85 21.47 -2.57
C LEU D 694 6.57 22.41 -1.62
N ALA D 695 7.25 21.86 -0.61
CA ALA D 695 8.05 22.69 0.28
C ALA D 695 9.18 23.37 -0.47
N ARG D 696 9.81 22.65 -1.39
CA ARG D 696 10.84 23.26 -2.23
C ARG D 696 10.28 24.42 -3.04
N CYS D 697 9.09 24.23 -3.62
CA CYS D 697 8.54 25.22 -4.54
C CYS D 697 7.97 26.44 -3.82
N VAL D 698 7.44 26.27 -2.61
CA VAL D 698 6.77 27.39 -1.95
C VAL D 698 7.74 28.54 -1.74
N LYS D 699 8.99 28.23 -1.39
CA LYS D 699 10.01 29.25 -1.15
C LYS D 699 11.08 29.30 -2.23
N GLY D 700 11.73 28.17 -2.51
CA GLY D 700 12.73 28.15 -3.56
C GLY D 700 12.11 28.40 -4.92
N LYS D 701 12.89 29.03 -5.80
CA LYS D 701 12.41 29.30 -7.14
C LYS D 701 12.01 27.99 -7.83
N VAL D 702 11.22 28.13 -8.88
CA VAL D 702 10.75 26.98 -9.64
C VAL D 702 11.95 26.11 -10.01
N VAL D 703 11.92 24.84 -9.61
CA VAL D 703 13.04 23.96 -9.84
C VAL D 703 13.27 23.80 -11.34
N ALA D 704 14.54 23.82 -11.75
CA ALA D 704 14.87 23.71 -13.16
C ALA D 704 14.67 22.27 -13.65
N ARG D 705 13.73 22.09 -14.57
CA ARG D 705 13.44 20.78 -15.13
C ARG D 705 14.41 20.47 -16.28
N THR D 706 15.70 20.45 -15.95
CA THR D 706 16.73 20.25 -16.96
C THR D 706 16.80 18.79 -17.43
N GLU D 707 16.45 17.85 -16.56
CA GLU D 707 16.59 16.42 -16.87
C GLU D 707 15.24 15.84 -17.25
N ARG D 708 15.26 14.92 -18.22
CA ARG D 708 14.01 14.30 -18.66
C ARG D 708 13.32 13.56 -17.53
N GLN D 709 14.09 13.05 -16.56
CA GLN D 709 13.50 12.32 -15.44
C GLN D 709 12.74 13.23 -14.48
N HIS D 710 12.71 14.54 -14.73
CA HIS D 710 12.01 15.47 -13.86
C HIS D 710 10.59 15.75 -14.33
N ARG D 711 9.93 14.76 -14.94
CA ARG D 711 8.49 14.80 -15.07
C ARG D 711 7.80 14.84 -13.71
N GLN D 712 8.55 14.65 -12.62
CA GLN D 712 8.00 14.80 -11.28
C GLN D 712 7.45 16.21 -11.05
N MET D 713 7.94 17.20 -11.78
CA MET D 713 7.32 18.53 -11.72
C MET D 713 5.93 18.50 -12.34
N ALA D 714 5.77 17.76 -13.44
CA ALA D 714 4.46 17.67 -14.08
C ALA D 714 3.43 16.99 -13.18
N ILE D 715 3.87 16.14 -12.26
CA ILE D 715 2.92 15.46 -11.37
C ILE D 715 2.23 16.47 -10.46
N HIS D 716 2.98 17.42 -9.91
CA HIS D 716 2.39 18.37 -8.97
C HIS D 716 1.52 19.39 -9.69
N LYS D 717 1.93 19.83 -10.88
CA LYS D 717 1.07 20.67 -11.69
C LYS D 717 -0.21 19.92 -12.05
N ARG D 718 -0.10 18.64 -12.38
CA ARG D 718 -1.27 17.84 -12.70
C ARG D 718 -2.18 17.70 -11.50
N PHE D 719 -1.62 17.57 -10.30
CA PHE D 719 -2.46 17.45 -9.11
C PHE D 719 -3.16 18.78 -8.80
N PHE D 720 -2.46 19.90 -8.95
CA PHE D 720 -3.12 21.20 -8.81
C PHE D 720 -4.27 21.32 -9.80
N THR D 721 -4.03 20.93 -11.05
CA THR D 721 -5.07 20.99 -12.07
C THR D 721 -6.23 20.07 -11.73
N SER D 722 -5.94 18.89 -11.16
CA SER D 722 -6.99 17.95 -10.80
C SER D 722 -7.83 18.49 -9.65
N LEU D 723 -7.20 19.19 -8.70
CA LEU D 723 -7.97 19.85 -7.65
C LEU D 723 -8.88 20.92 -8.24
N VAL D 724 -8.35 21.71 -9.18
CA VAL D 724 -9.19 22.71 -9.83
C VAL D 724 -10.36 22.05 -10.54
N LEU D 725 -10.11 20.92 -11.21
CA LEU D 725 -11.17 20.22 -11.93
C LEU D 725 -12.19 19.63 -10.96
N LEU D 726 -11.74 19.16 -9.79
CA LEU D 726 -12.67 18.66 -8.78
C LEU D 726 -13.57 19.77 -8.28
N ASP D 727 -13.02 20.96 -8.07
CA ASP D 727 -13.85 22.10 -7.70
C ASP D 727 -14.83 22.43 -8.83
N LEU D 728 -14.38 22.35 -10.08
CA LEU D 728 -15.25 22.60 -11.23
C LEU D 728 -16.45 21.66 -11.22
N ILE D 729 -16.19 20.35 -11.14
CA ILE D 729 -17.28 19.37 -11.20
C ILE D 729 -18.05 19.28 -9.90
N SER D 730 -17.55 19.86 -8.82
CA SER D 730 -18.33 20.02 -7.60
C SER D 730 -19.29 21.20 -7.69
N GLU D 731 -19.33 21.88 -8.83
CA GLU D 731 -20.30 22.94 -9.10
C GLU D 731 -20.13 24.11 -8.14
N VAL D 732 -18.91 24.66 -8.13
CA VAL D 732 -18.62 25.86 -7.36
C VAL D 732 -18.43 27.01 -8.34
N PRO D 733 -18.71 28.25 -7.94
CA PRO D 733 -18.67 29.36 -8.91
C PRO D 733 -17.27 29.60 -9.44
N LEU D 734 -17.20 30.13 -10.67
CA LEU D 734 -15.91 30.41 -11.28
C LEU D 734 -15.10 31.39 -10.44
N ARG D 735 -15.76 32.38 -9.86
CA ARG D 735 -15.05 33.37 -9.04
C ARG D 735 -14.45 32.72 -7.81
N GLU D 736 -15.18 31.78 -7.20
CA GLU D 736 -14.67 31.11 -6.01
C GLU D 736 -13.42 30.30 -6.33
N ILE D 737 -13.40 29.61 -7.47
CA ILE D 737 -12.19 28.90 -7.89
C ILE D 737 -11.08 29.89 -8.18
N ASN D 738 -11.41 31.00 -8.84
CA ASN D 738 -10.39 31.97 -9.23
C ASN D 738 -9.69 32.52 -7.99
N GLN D 739 -10.45 32.86 -6.95
CA GLN D 739 -9.83 33.38 -5.74
C GLN D 739 -9.08 32.29 -4.99
N LYS D 740 -9.59 31.05 -5.02
CA LYS D 740 -9.01 29.97 -4.24
C LYS D 740 -7.73 29.42 -4.86
N TYR D 741 -7.59 29.48 -6.19
CA TYR D 741 -6.43 28.93 -6.87
C TYR D 741 -5.62 29.97 -7.63
N GLY D 742 -6.19 31.12 -7.96
CA GLY D 742 -5.49 32.14 -8.70
C GLY D 742 -5.62 32.04 -10.21
N CYS D 743 -6.44 31.11 -10.72
CA CYS D 743 -6.65 30.95 -12.14
C CYS D 743 -7.93 31.67 -12.54
N ASN D 744 -7.83 32.63 -13.45
CA ASN D 744 -9.00 33.40 -13.84
C ASN D 744 -10.04 32.49 -14.49
N ARG D 745 -11.22 33.06 -14.71
CA ARG D 745 -12.34 32.28 -15.24
C ARG D 745 -12.07 31.79 -16.66
N GLY D 746 -11.39 32.60 -17.47
CA GLY D 746 -11.07 32.16 -18.82
C GLY D 746 -10.17 30.93 -18.84
N GLN D 747 -9.11 30.95 -18.03
CA GLN D 747 -8.24 29.78 -17.93
C GLN D 747 -8.99 28.59 -17.35
N ILE D 748 -9.90 28.84 -16.41
CA ILE D 748 -10.69 27.76 -15.84
C ILE D 748 -11.53 27.08 -16.92
N GLN D 749 -12.17 27.89 -17.77
CA GLN D 749 -12.99 27.32 -18.84
C GLN D 749 -12.14 26.60 -19.88
N SER D 750 -10.97 27.14 -20.19
CA SER D 750 -10.08 26.47 -21.14
C SER D 750 -9.64 25.12 -20.60
N LEU D 751 -9.27 25.07 -19.31
CA LEU D 751 -8.93 23.80 -18.69
C LEU D 751 -10.14 22.86 -18.68
N GLN D 752 -11.32 23.41 -18.48
CA GLN D 752 -12.53 22.59 -18.53
C GLN D 752 -12.67 21.89 -19.88
N GLN D 753 -12.55 22.66 -20.97
CA GLN D 753 -12.70 22.07 -22.30
C GLN D 753 -11.60 21.04 -22.56
N SER D 754 -10.36 21.37 -22.19
CA SER D 754 -9.26 20.45 -22.40
C SER D 754 -9.48 19.14 -21.64
N ALA D 755 -9.93 19.25 -20.39
CA ALA D 755 -10.15 18.06 -19.57
C ALA D 755 -11.32 17.25 -20.09
N ALA D 756 -12.35 17.91 -20.61
CA ALA D 756 -13.46 17.16 -21.20
C ALA D 756 -13.00 16.36 -22.40
N VAL D 757 -12.25 17.00 -23.31
CA VAL D 757 -11.76 16.29 -24.49
C VAL D 757 -10.84 15.15 -24.08
N TYR D 758 -9.95 15.40 -23.12
CA TYR D 758 -9.01 14.37 -22.69
C TYR D 758 -9.73 13.23 -22.00
N ALA D 759 -10.79 13.52 -21.24
CA ALA D 759 -11.56 12.46 -20.60
C ALA D 759 -12.25 11.59 -21.64
N GLY D 760 -12.82 12.20 -22.69
CA GLY D 760 -13.39 11.41 -23.75
C GLY D 760 -12.36 10.54 -24.45
N MET D 761 -11.19 11.12 -24.72
CA MET D 761 -10.13 10.36 -25.39
C MET D 761 -9.65 9.20 -24.53
N ILE D 762 -9.48 9.43 -23.23
CA ILE D 762 -9.04 8.37 -22.32
C ILE D 762 -10.11 7.30 -22.20
N THR D 763 -11.38 7.70 -22.22
CA THR D 763 -12.46 6.72 -22.18
C THR D 763 -12.41 5.82 -23.40
N VAL D 764 -12.19 6.39 -24.58
CA VAL D 764 -12.08 5.57 -25.79
C VAL D 764 -10.86 4.68 -25.72
N PHE D 765 -9.74 5.21 -25.22
CA PHE D 765 -8.53 4.41 -25.04
C PHE D 765 -8.80 3.20 -24.16
N SER D 766 -9.42 3.42 -23.01
CA SER D 766 -9.72 2.32 -22.09
C SER D 766 -10.70 1.34 -22.70
N ASN D 767 -11.71 1.84 -23.41
CA ASN D 767 -12.68 0.96 -24.06
C ASN D 767 -11.99 0.05 -25.06
N ARG D 768 -11.10 0.60 -25.88
CA ARG D 768 -10.41 -0.20 -26.89
C ARG D 768 -9.35 -1.12 -26.28
N LEU D 769 -8.83 -0.78 -25.11
CA LEU D 769 -7.87 -1.65 -24.44
C LEU D 769 -8.53 -2.76 -23.64
N GLY D 770 -9.86 -2.78 -23.55
CA GLY D 770 -10.54 -3.78 -22.78
C GLY D 770 -10.50 -3.55 -21.28
N TRP D 771 -10.43 -2.29 -20.85
CA TRP D 771 -10.46 -1.94 -19.44
C TRP D 771 -11.88 -1.46 -19.12
N HIS D 772 -12.74 -2.42 -18.75
CA HIS D 772 -14.16 -2.12 -18.62
C HIS D 772 -14.47 -1.30 -17.38
N ASN D 773 -13.82 -1.59 -16.25
CA ASN D 773 -14.07 -0.81 -15.04
C ASN D 773 -13.54 0.61 -15.18
N MET D 774 -12.36 0.77 -15.76
CA MET D 774 -11.82 2.10 -16.00
C MET D 774 -12.72 2.88 -16.94
N GLU D 775 -13.18 2.25 -18.02
CA GLU D 775 -14.09 2.92 -18.95
C GLU D 775 -15.40 3.30 -18.26
N LEU D 776 -15.92 2.41 -17.41
CA LEU D 776 -17.15 2.72 -16.70
C LEU D 776 -16.98 3.91 -15.79
N LEU D 777 -15.86 3.97 -15.07
CA LEU D 777 -15.63 5.10 -14.18
C LEU D 777 -15.42 6.40 -14.95
N LEU D 778 -14.76 6.34 -16.10
CA LEU D 778 -14.45 7.54 -16.88
C LEU D 778 -15.59 7.98 -17.80
N SER D 779 -16.61 7.14 -18.00
CA SER D 779 -17.63 7.45 -18.99
C SER D 779 -18.42 8.71 -18.61
N GLN D 780 -18.83 8.80 -17.34
CA GLN D 780 -19.62 9.94 -16.91
C GLN D 780 -18.85 11.25 -16.98
N PHE D 781 -17.54 11.22 -16.79
CA PHE D 781 -16.80 12.44 -16.53
C PHE D 781 -16.72 13.37 -17.73
N GLN D 782 -16.81 12.86 -18.96
CA GLN D 782 -16.72 13.75 -20.11
C GLN D 782 -17.79 14.83 -20.03
N LYS D 783 -19.04 14.45 -19.78
CA LYS D 783 -20.12 15.42 -19.71
C LYS D 783 -19.99 16.32 -18.49
N ARG D 784 -19.55 15.76 -17.36
CA ARG D 784 -19.41 16.55 -16.15
C ARG D 784 -18.36 17.65 -16.32
N LEU D 785 -17.22 17.32 -16.94
CA LEU D 785 -16.26 18.36 -17.29
C LEU D 785 -16.84 19.32 -18.33
N THR D 786 -17.48 18.79 -19.37
CA THR D 786 -18.01 19.67 -20.42
C THR D 786 -18.89 20.76 -19.81
N PHE D 787 -19.78 20.39 -18.90
CA PHE D 787 -20.71 21.34 -18.31
C PHE D 787 -20.33 21.77 -16.89
N GLY D 788 -19.40 21.07 -16.24
CA GLY D 788 -19.05 21.41 -14.88
C GLY D 788 -20.20 21.23 -13.91
N ILE D 789 -20.90 20.10 -14.00
CA ILE D 789 -22.09 19.84 -13.21
C ILE D 789 -21.90 18.56 -12.41
N GLN D 790 -22.87 18.28 -11.54
CA GLN D 790 -22.84 17.10 -10.70
C GLN D 790 -23.52 15.95 -11.43
N ARG D 791 -23.42 14.75 -10.85
CA ARG D 791 -24.00 13.58 -11.49
C ARG D 791 -25.50 13.74 -11.71
N GLU D 792 -26.16 14.52 -10.86
CA GLU D 792 -27.61 14.66 -10.96
C GLU D 792 -28.02 15.34 -12.26
N LEU D 793 -27.27 16.37 -12.67
CA LEU D 793 -27.67 17.21 -13.79
C LEU D 793 -27.24 16.65 -15.13
N CYS D 794 -26.56 15.51 -15.18
CA CYS D 794 -26.05 15.00 -16.45
C CYS D 794 -27.20 14.70 -17.41
N ASP D 795 -28.29 14.13 -16.93
CA ASP D 795 -29.45 13.90 -17.78
C ASP D 795 -30.16 15.19 -18.14
N LEU D 796 -30.12 16.19 -17.26
CA LEU D 796 -30.84 17.44 -17.46
C LEU D 796 -30.09 18.43 -18.34
N VAL D 797 -28.84 18.13 -18.72
CA VAL D 797 -28.07 19.00 -19.60
C VAL D 797 -28.07 18.50 -21.04
N ARG D 798 -28.82 17.43 -21.32
CA ARG D 798 -28.98 16.99 -22.70
C ARG D 798 -29.74 17.99 -23.54
N VAL D 799 -30.41 18.96 -22.93
CA VAL D 799 -31.09 20.03 -23.65
C VAL D 799 -30.06 21.09 -23.98
N SER D 800 -29.92 21.40 -25.27
CA SER D 800 -28.94 22.40 -25.68
C SER D 800 -29.22 23.76 -25.04
N LEU D 801 -30.46 23.98 -24.60
CA LEU D 801 -30.86 25.27 -24.03
C LEU D 801 -30.59 25.37 -22.54
N LEU D 802 -30.12 24.29 -21.90
CA LEU D 802 -29.94 24.26 -20.46
C LEU D 802 -28.46 24.35 -20.11
N ASN D 803 -28.09 25.43 -19.43
CA ASN D 803 -26.73 25.63 -18.97
C ASN D 803 -26.48 24.78 -17.73
N ALA D 804 -25.31 24.97 -17.10
CA ALA D 804 -25.07 24.34 -15.81
C ALA D 804 -25.82 25.06 -14.70
N GLN D 805 -25.96 26.38 -14.81
CA GLN D 805 -26.75 27.12 -13.83
C GLN D 805 -28.24 26.91 -14.06
N ARG D 806 -28.67 26.91 -15.32
CA ARG D 806 -30.08 26.68 -15.62
C ARG D 806 -30.49 25.24 -15.35
N ALA D 807 -29.56 24.30 -15.42
CA ALA D 807 -29.88 22.92 -15.05
C ALA D 807 -30.18 22.80 -13.56
N ARG D 808 -29.48 23.58 -12.73
CA ARG D 808 -29.70 23.50 -11.29
C ARG D 808 -31.03 24.11 -10.89
N VAL D 809 -31.36 25.29 -11.41
CA VAL D 809 -32.60 25.95 -11.02
C VAL D 809 -33.80 25.12 -11.47
N LEU D 810 -33.77 24.58 -12.69
CA LEU D 810 -34.80 23.65 -13.11
C LEU D 810 -34.77 22.38 -12.28
N TYR D 811 -33.57 21.90 -11.94
CA TYR D 811 -33.46 20.70 -11.11
C TYR D 811 -33.98 20.96 -9.70
N ALA D 812 -33.63 22.11 -9.12
CA ALA D 812 -34.10 22.42 -7.78
C ALA D 812 -35.62 22.53 -7.76
N SER D 813 -36.21 23.13 -8.79
CA SER D 813 -37.65 23.30 -8.83
C SER D 813 -38.38 21.95 -8.79
N GLY D 814 -37.81 20.93 -9.44
CA GLY D 814 -38.39 19.60 -9.40
C GLY D 814 -38.26 18.81 -10.69
N PHE D 815 -37.70 19.42 -11.72
CA PHE D 815 -37.51 18.75 -13.01
C PHE D 815 -36.16 18.03 -12.99
N HIS D 816 -36.20 16.70 -12.90
CA HIS D 816 -35.00 15.88 -12.74
C HIS D 816 -34.68 15.05 -13.98
N THR D 817 -35.26 15.37 -15.13
CA THR D 817 -35.04 14.57 -16.32
C THR D 817 -35.62 15.29 -17.53
N VAL D 818 -35.08 14.97 -18.71
CA VAL D 818 -35.56 15.60 -19.94
C VAL D 818 -37.03 15.29 -20.16
N ALA D 819 -37.45 14.05 -19.87
CA ALA D 819 -38.86 13.70 -20.00
C ALA D 819 -39.73 14.55 -19.09
N ASP D 820 -39.28 14.79 -17.86
CA ASP D 820 -40.05 15.65 -16.95
C ASP D 820 -40.17 17.06 -17.50
N LEU D 821 -39.09 17.57 -18.11
CA LEU D 821 -39.17 18.87 -18.76
C LEU D 821 -40.17 18.84 -19.92
N ALA D 822 -40.21 17.72 -20.66
CA ALA D 822 -41.10 17.61 -21.80
C ALA D 822 -42.55 17.84 -21.39
N ARG D 823 -42.90 17.50 -20.15
CA ARG D 823 -44.28 17.65 -19.66
C ARG D 823 -44.30 18.83 -18.69
N ALA D 824 -44.62 20.01 -19.23
CA ALA D 824 -44.71 21.22 -18.43
C ALA D 824 -45.24 22.33 -19.32
N ASN D 825 -45.88 23.32 -18.68
CA ASN D 825 -46.40 24.46 -19.42
C ASN D 825 -45.34 25.53 -19.58
N ILE D 826 -45.42 26.27 -20.69
CA ILE D 826 -44.41 27.29 -20.97
C ILE D 826 -44.36 28.32 -19.85
N VAL D 827 -45.53 28.69 -19.32
CA VAL D 827 -45.59 29.74 -18.32
C VAL D 827 -44.88 29.32 -17.03
N GLU D 828 -44.98 28.04 -16.68
CA GLU D 828 -44.35 27.57 -15.45
C GLU D 828 -42.83 27.72 -15.53
N VAL D 829 -42.22 27.18 -16.59
CA VAL D 829 -40.78 27.32 -16.75
C VAL D 829 -40.40 28.78 -16.91
N GLU D 830 -41.27 29.58 -17.53
CA GLU D 830 -41.00 31.00 -17.70
C GLU D 830 -40.86 31.69 -16.34
N VAL D 831 -41.81 31.44 -15.43
CA VAL D 831 -41.74 32.06 -14.12
C VAL D 831 -40.57 31.49 -13.32
N ILE D 832 -40.27 30.19 -13.50
CA ILE D 832 -39.13 29.60 -12.81
C ILE D 832 -37.84 30.28 -13.23
N LEU D 833 -37.67 30.52 -14.53
CA LEU D 833 -36.48 31.19 -15.02
C LEU D 833 -36.43 32.64 -14.55
N LYS D 834 -37.57 33.34 -14.60
CA LYS D 834 -37.61 34.72 -14.13
C LYS D 834 -37.21 34.83 -12.67
N ASN D 835 -37.37 33.75 -11.91
CA ASN D 835 -37.05 33.75 -10.48
C ASN D 835 -35.69 33.10 -10.23
N ASN D 858 -40.05 40.46 -22.75
CA ASN D 858 -40.02 41.06 -24.07
C ASN D 858 -38.62 41.56 -24.43
N MET D 859 -37.81 41.82 -23.39
CA MET D 859 -36.43 42.24 -23.56
C MET D 859 -35.51 41.08 -23.24
N ARG D 860 -34.45 40.93 -24.03
CA ARG D 860 -33.62 39.73 -24.02
C ARG D 860 -32.61 39.79 -22.87
N THR D 861 -32.63 38.77 -22.01
CA THR D 861 -31.70 38.67 -20.88
C THR D 861 -30.81 37.44 -20.97
N ILE D 862 -31.37 36.25 -21.13
CA ILE D 862 -30.58 35.04 -21.16
C ILE D 862 -29.78 34.97 -22.46
N TRP D 863 -28.61 34.35 -22.39
CA TRP D 863 -27.74 34.20 -23.55
C TRP D 863 -27.52 32.74 -23.85
N VAL D 864 -27.62 32.38 -25.14
CA VAL D 864 -27.32 31.04 -25.61
C VAL D 864 -26.67 31.13 -26.98
N THR D 865 -25.81 30.16 -27.28
CA THR D 865 -25.06 30.19 -28.52
C THR D 865 -25.99 30.06 -29.72
N GLY D 866 -25.63 30.74 -30.82
CA GLY D 866 -26.41 30.68 -32.03
C GLY D 866 -27.84 31.10 -31.84
N ARG D 867 -28.03 32.22 -31.14
CA ARG D 867 -29.35 32.66 -30.72
C ARG D 867 -29.99 33.57 -31.77
N LYS D 868 -31.14 34.12 -31.40
CA LYS D 868 -31.89 35.06 -32.23
C LYS D 868 -32.59 36.03 -31.28
N GLY D 869 -33.62 36.71 -31.76
CA GLY D 869 -34.34 37.63 -30.90
C GLY D 869 -35.09 36.87 -29.82
N LEU D 870 -34.33 36.27 -28.92
CA LEU D 870 -34.85 35.41 -27.86
C LEU D 870 -35.05 36.20 -26.58
N THR D 871 -36.22 36.06 -25.98
CA THR D 871 -36.53 36.66 -24.70
C THR D 871 -36.84 35.55 -23.70
N GLU D 872 -36.99 35.93 -22.44
CA GLU D 872 -37.35 34.95 -21.41
C GLU D 872 -38.68 34.29 -21.73
N ARG D 873 -39.59 35.01 -22.38
CA ARG D 873 -40.90 34.46 -22.72
C ARG D 873 -40.75 33.23 -23.61
N GLU D 874 -40.06 33.38 -24.75
CA GLU D 874 -39.92 32.29 -25.70
C GLU D 874 -38.74 31.37 -25.38
N ALA D 875 -37.87 31.77 -24.45
CA ALA D 875 -36.76 30.89 -24.08
C ALA D 875 -37.28 29.61 -23.42
N ALA D 876 -38.27 29.74 -22.53
CA ALA D 876 -38.86 28.56 -21.92
C ALA D 876 -39.62 27.73 -22.95
N ALA D 877 -40.20 28.38 -23.96
CA ALA D 877 -40.92 27.64 -24.99
C ALA D 877 -39.98 26.74 -25.78
N LEU D 878 -38.76 27.20 -26.05
CA LEU D 878 -37.80 26.39 -26.78
C LEU D 878 -37.19 25.29 -25.92
N ILE D 879 -37.24 25.45 -24.58
CA ILE D 879 -36.74 24.39 -23.71
C ILE D 879 -37.65 23.17 -23.79
N VAL D 880 -38.96 23.38 -23.70
CA VAL D 880 -39.89 22.26 -23.78
C VAL D 880 -39.95 21.72 -25.20
N GLU D 881 -39.93 22.61 -26.19
CA GLU D 881 -40.00 22.16 -27.58
C GLU D 881 -38.81 21.27 -27.93
N GLU D 882 -37.60 21.69 -27.56
CA GLU D 882 -36.43 20.87 -27.82
C GLU D 882 -36.41 19.65 -26.91
N ALA D 883 -36.96 19.77 -25.70
CA ALA D 883 -37.08 18.62 -24.83
C ALA D 883 -38.00 17.58 -25.43
N ARG D 884 -39.10 18.02 -26.06
CA ARG D 884 -39.98 17.08 -26.73
C ARG D 884 -39.26 16.38 -27.88
N MET D 885 -38.49 17.14 -28.67
CA MET D 885 -37.80 16.55 -29.82
C MET D 885 -36.78 15.50 -29.37
N ILE D 886 -36.18 15.70 -28.20
CA ILE D 886 -35.21 14.73 -27.70
C ILE D 886 -35.87 13.38 -27.47
N LEU D 887 -37.11 13.37 -26.99
CA LEU D 887 -37.85 12.14 -26.79
C LEU D 887 -38.32 11.58 -28.13
#